data_5VT4
#
_entry.id   5VT4
#
_cell.length_a   113.851
_cell.length_b   113.851
_cell.length_c   312.490
_cell.angle_alpha   90.00
_cell.angle_beta   90.00
_cell.angle_gamma   90.00
#
_symmetry.space_group_name_H-M   'P 41'
#
loop_
_entity.id
_entity.type
_entity.pdbx_description
1 polymer 'Alpha-1,4-glucan:maltose-1-phosphate maltosyltransferase 1'
2 non-polymer '{[(2R,3R,4R,5R)-3-(alpha-D-glucopyranosyloxy)-4-hydroxy-2,5-bis(hydroxymethyl)pyrrolidin-1-yl]methyl}phosphonic acid'
3 water water
#
_entity_poly.entity_id   1
_entity_poly.type   'polypeptide(L)'
_entity_poly.pdbx_seq_one_letter_code
;MPATHHSSATSAERPTVVGRIPVLDVRPVVQRGRRPAKAVTGESFEVSATVFREGHDAVGANVVLRDPRGRPGPWTPMRE
LAPGTDRWGATVTAGETGTWSYTVEAWGDPVTTWRHHARIKIPAGLDTDLVLEEGARLYERAAADVPGREDRRELLAAVD
ALRDESRPAASRLAAALTPQVDAVLARHPLRDLVTSSDPLPLLVERERALYGAWYEFFPRSEGTPHTPHGTFRTAARRLP
AIAAMGFDVVYLPPIHPIGTTHRKGRNNTLSATGDDVGSPWAIGSPEGGHDSIHPALGTLDDFDHFVTEAGKLGLEIALD
FALQCSPDHPWVHKHPEWFHHRPDGTIAHAENPPKKYQDIYPIAFDADPDGLATETVRILRHWMDHGVRIFRVDNPHTKP
VAFWERVIADINGTDPDVIFLAEAFTRPAMMATLAQIGFQQSYTYFTWRNTKQELTEYLTELSGEAASYMRPNFFANTPD
ILHAYLQHGGRPAFEVRAVLAATLSPTWGIYSGYELCENTPLREGSEEYLDSEKYQLKPRDWTRAAREGTTIAPLVTRLN
TIRRENPALRQLRDLHFHPTDKEEVIAYSKRQGSNTVLVVVNLDPRHTQEATVSLDMPQLGLDWHESVPVRDELTGETYH
WGRANYVRLEPGRTPAHVCTVLR
;
_entity_poly.pdbx_strand_id   A,B,C,D
#
loop_
_chem_comp.id
_chem_comp.type
_chem_comp.name
_chem_comp.formula
9KJ D-saccharide '{[(2R,3R,4R,5R)-3-(alpha-D-glucopyranosyloxy)-4-hydroxy-2,5-bis(hydroxymethyl)pyrrolidin-1-yl]methyl}phosphonic acid' 'C13 H26 N O12 P'
#
# COMPACT_ATOMS: atom_id res chain seq x y z
N PRO A 15 16.91 -36.02 24.58
CA PRO A 15 16.04 -35.13 23.82
C PRO A 15 14.66 -35.75 23.63
N THR A 16 13.61 -34.94 23.75
CA THR A 16 12.25 -35.44 23.57
C THR A 16 11.77 -35.22 22.15
N VAL A 17 10.83 -36.03 21.72
CA VAL A 17 10.26 -35.91 20.39
C VAL A 17 9.31 -34.72 20.35
N VAL A 18 8.59 -34.50 21.45
CA VAL A 18 7.68 -33.37 21.56
C VAL A 18 8.42 -32.22 22.25
N GLY A 19 8.16 -31.00 21.80
CA GLY A 19 8.83 -29.83 22.34
C GLY A 19 8.11 -29.28 23.54
N ARG A 20 8.55 -28.11 24.02
CA ARG A 20 7.93 -27.54 25.19
C ARG A 20 6.46 -27.22 24.92
N ILE A 21 6.23 -26.63 23.76
CA ILE A 21 4.88 -26.39 23.27
C ILE A 21 4.68 -27.25 22.05
N PRO A 22 3.86 -28.30 22.18
CA PRO A 22 3.65 -29.27 21.11
C PRO A 22 3.27 -28.67 19.77
N VAL A 23 4.03 -29.04 18.74
CA VAL A 23 3.66 -28.71 17.37
C VAL A 23 3.82 -29.97 16.53
N LEU A 24 2.71 -30.49 16.02
CA LEU A 24 2.71 -31.84 15.47
C LEU A 24 2.05 -31.94 14.11
N ASP A 25 2.44 -32.96 13.36
CA ASP A 25 1.85 -33.29 12.06
C ASP A 25 1.70 -32.05 11.20
N VAL A 26 2.84 -31.40 10.94
CA VAL A 26 2.88 -30.25 10.06
C VAL A 26 2.59 -30.68 8.64
N ARG A 27 1.70 -29.96 7.97
CA ARG A 27 1.37 -30.24 6.59
C ARG A 27 1.49 -28.95 5.79
N PRO A 28 1.70 -29.05 4.46
CA PRO A 28 1.79 -30.25 3.63
C PRO A 28 3.06 -31.04 3.92
N VAL A 29 3.01 -32.33 3.65
CA VAL A 29 4.15 -33.21 3.84
C VAL A 29 4.14 -34.28 2.75
N VAL A 30 5.33 -34.63 2.27
CA VAL A 30 5.39 -35.62 1.21
C VAL A 30 6.34 -36.71 1.64
N GLN A 31 5.81 -37.93 1.67
CA GLN A 31 6.55 -39.11 2.07
C GLN A 31 7.32 -38.92 3.37
N ARG A 32 6.61 -38.48 4.41
CA ARG A 32 7.18 -38.31 5.73
C ARG A 32 8.41 -37.41 5.76
N GLY A 33 8.54 -36.53 4.77
CA GLY A 33 9.64 -35.59 4.73
C GLY A 33 10.82 -35.94 3.85
N ARG A 34 10.77 -37.11 3.20
CA ARG A 34 11.90 -37.53 2.38
C ARG A 34 11.88 -36.92 0.99
N ARG A 35 10.73 -36.37 0.59
CA ARG A 35 10.65 -35.60 -0.64
C ARG A 35 9.99 -34.25 -0.33
N PRO A 36 10.28 -33.23 -1.15
CA PRO A 36 9.72 -31.89 -0.95
C PRO A 36 8.28 -31.76 -1.40
N ALA A 37 7.51 -30.95 -0.69
CA ALA A 37 6.25 -30.42 -1.23
C ALA A 37 6.58 -29.43 -2.33
N LYS A 38 5.60 -29.13 -3.17
CA LYS A 38 5.87 -28.31 -4.34
C LYS A 38 5.05 -27.05 -4.37
N ALA A 39 5.60 -26.04 -5.03
CA ALA A 39 4.87 -24.83 -5.35
C ALA A 39 5.55 -24.19 -6.55
N VAL A 40 4.95 -23.13 -7.08
CA VAL A 40 5.62 -22.30 -8.07
C VAL A 40 5.66 -20.85 -7.61
N THR A 41 6.52 -20.07 -8.25
CA THR A 41 6.62 -18.64 -7.93
C THR A 41 5.29 -17.93 -7.90
N GLY A 42 5.01 -17.23 -6.82
CA GLY A 42 3.77 -16.48 -6.68
C GLY A 42 2.61 -17.30 -6.18
N GLU A 43 2.79 -18.60 -6.00
CA GLU A 43 1.68 -19.45 -5.61
C GLU A 43 1.48 -19.48 -4.10
N SER A 44 0.23 -19.34 -3.68
CA SER A 44 -0.13 -19.41 -2.28
C SER A 44 -0.66 -20.79 -1.93
N PHE A 45 -0.42 -21.21 -0.69
CA PHE A 45 -0.98 -22.45 -0.18
C PHE A 45 -0.99 -22.42 1.33
N GLU A 46 -1.73 -23.34 1.94
CA GLU A 46 -1.88 -23.35 3.39
C GLU A 46 -0.89 -24.28 4.07
N VAL A 47 -0.18 -23.76 5.06
CA VAL A 47 0.61 -24.58 5.95
C VAL A 47 -0.19 -24.78 7.23
N SER A 48 -0.23 -26.02 7.72
CA SER A 48 -1.05 -26.31 8.88
C SER A 48 -0.29 -27.21 9.85
N ALA A 49 -0.77 -27.24 11.07
CA ALA A 49 -0.15 -28.02 12.12
C ALA A 49 -1.15 -28.25 13.23
N THR A 50 -0.84 -29.23 14.07
CA THR A 50 -1.59 -29.47 15.30
C THR A 50 -0.86 -28.80 16.44
N VAL A 51 -1.53 -27.88 17.10
CA VAL A 51 -0.90 -27.03 18.12
C VAL A 51 -1.72 -26.92 19.38
N PHE A 52 -1.08 -27.16 20.51
CA PHE A 52 -1.71 -27.03 21.82
C PHE A 52 -0.68 -26.99 22.93
N ARG A 53 -1.12 -26.71 24.15
CA ARG A 53 -0.21 -26.76 25.29
C ARG A 53 -0.85 -27.40 26.50
N GLU A 54 -0.05 -27.63 27.52
CA GLU A 54 -0.56 -28.11 28.79
C GLU A 54 -1.30 -26.97 29.47
N GLY A 55 -2.23 -27.34 30.34
CA GLY A 55 -2.96 -26.33 31.06
C GLY A 55 -4.00 -25.68 30.18
N HIS A 56 -4.44 -24.51 30.60
CA HIS A 56 -5.60 -23.87 30.00
C HIS A 56 -5.30 -22.52 29.37
N ASP A 57 -4.03 -22.15 29.31
CA ASP A 57 -3.66 -20.86 28.73
C ASP A 57 -3.68 -20.90 27.22
N ALA A 58 -3.71 -19.72 26.61
CA ALA A 58 -3.87 -19.60 25.17
C ALA A 58 -2.56 -19.89 24.47
N VAL A 59 -2.64 -20.35 23.24
CA VAL A 59 -1.46 -20.49 22.40
C VAL A 59 -1.53 -19.64 21.14
N GLY A 60 -0.36 -19.41 20.56
CA GLY A 60 -0.26 -18.72 19.29
C GLY A 60 0.67 -19.54 18.42
N ALA A 61 0.62 -19.30 17.11
CA ALA A 61 1.50 -20.02 16.19
C ALA A 61 1.77 -19.19 14.94
N ASN A 62 2.88 -19.48 14.28
CA ASN A 62 3.23 -18.76 13.07
C ASN A 62 4.10 -19.62 12.14
N VAL A 63 4.05 -19.33 10.84
CA VAL A 63 4.84 -20.08 9.87
C VAL A 63 6.08 -19.31 9.48
N VAL A 64 7.22 -19.98 9.51
CA VAL A 64 8.49 -19.42 9.08
C VAL A 64 9.07 -20.02 7.79
N LEU A 65 9.00 -19.28 6.69
CA LEU A 65 9.51 -19.75 5.41
C LEU A 65 10.90 -19.22 5.14
N ARG A 66 11.85 -20.12 4.89
CA ARG A 66 13.21 -19.67 4.67
C ARG A 66 13.56 -19.94 3.20
N ASP A 67 14.15 -18.96 2.54
CA ASP A 67 14.43 -19.08 1.12
C ASP A 67 15.72 -19.89 0.88
N PRO A 68 16.14 -20.08 -0.38
CA PRO A 68 17.33 -20.94 -0.55
C PRO A 68 18.59 -20.40 0.12
N ARG A 69 18.61 -19.10 0.43
CA ARG A 69 19.73 -18.52 1.16
C ARG A 69 19.48 -18.40 2.67
N GLY A 70 18.38 -18.98 3.15
CA GLY A 70 18.13 -19.04 4.58
C GLY A 70 17.38 -17.85 5.16
N ARG A 71 16.98 -16.92 4.30
CA ARG A 71 16.27 -15.71 4.73
C ARG A 71 14.81 -15.99 5.05
N PRO A 72 14.38 -15.65 6.27
CA PRO A 72 12.99 -15.91 6.67
C PRO A 72 12.01 -14.98 5.96
N GLY A 73 10.79 -15.44 5.72
CA GLY A 73 9.80 -14.60 5.08
C GLY A 73 9.13 -13.72 6.10
N PRO A 74 8.02 -13.06 5.74
CA PRO A 74 7.50 -12.19 6.79
C PRO A 74 6.90 -12.99 7.93
N TRP A 75 6.71 -12.34 9.08
CA TRP A 75 6.00 -12.90 10.21
C TRP A 75 4.63 -13.35 9.71
N THR A 76 4.31 -14.63 9.85
CA THR A 76 3.11 -15.22 9.27
C THR A 76 2.31 -16.04 10.30
N PRO A 77 1.47 -15.36 11.10
CA PRO A 77 0.70 -15.98 12.19
C PRO A 77 -0.40 -16.91 11.71
N MET A 78 -0.58 -18.00 12.45
CA MET A 78 -1.64 -18.96 12.24
C MET A 78 -2.88 -18.74 13.09
N ARG A 79 -3.96 -19.41 12.71
CA ARG A 79 -5.23 -19.35 13.42
C ARG A 79 -5.78 -20.75 13.59
N GLU A 80 -6.58 -20.97 14.63
CA GLU A 80 -7.22 -22.27 14.76
C GLU A 80 -8.28 -22.37 13.68
N LEU A 81 -8.25 -23.43 12.89
CA LEU A 81 -9.10 -23.50 11.71
C LEU A 81 -10.54 -23.81 12.04
N ALA A 82 -10.74 -24.57 13.11
CA ALA A 82 -12.08 -24.88 13.59
C ALA A 82 -12.03 -25.05 15.10
N PRO A 83 -13.09 -24.61 15.80
CA PRO A 83 -13.13 -24.68 17.26
C PRO A 83 -12.93 -26.10 17.80
N GLY A 84 -12.13 -26.21 18.86
CA GLY A 84 -11.96 -27.47 19.56
C GLY A 84 -11.14 -28.54 18.86
N THR A 85 -10.56 -28.21 17.70
CA THR A 85 -9.84 -29.19 16.90
C THR A 85 -8.33 -29.16 17.09
N ASP A 86 -7.82 -28.04 17.59
CA ASP A 86 -6.39 -27.81 17.74
C ASP A 86 -5.62 -27.89 16.43
N ARG A 87 -6.31 -27.71 15.31
CA ARG A 87 -5.63 -27.61 14.02
C ARG A 87 -5.48 -26.15 13.62
N TRP A 88 -4.25 -25.73 13.39
CA TRP A 88 -3.97 -24.34 13.10
C TRP A 88 -3.42 -24.22 11.68
N GLY A 89 -3.64 -23.08 11.03
CA GLY A 89 -3.20 -22.90 9.67
C GLY A 89 -2.93 -21.47 9.26
N ALA A 90 -2.07 -21.30 8.26
CA ALA A 90 -1.86 -19.99 7.64
C ALA A 90 -1.50 -20.10 6.16
N THR A 91 -1.88 -19.09 5.38
CA THR A 91 -1.50 -19.04 3.97
C THR A 91 -0.10 -18.46 3.81
N VAL A 92 0.73 -19.12 3.02
CA VAL A 92 2.02 -18.57 2.66
C VAL A 92 2.12 -18.45 1.15
N THR A 93 3.09 -17.65 0.69
CA THR A 93 3.30 -17.43 -0.73
C THR A 93 4.76 -17.62 -1.10
N ALA A 94 5.00 -18.44 -2.11
CA ALA A 94 6.34 -18.77 -2.59
C ALA A 94 6.95 -17.62 -3.39
N GLY A 95 8.25 -17.40 -3.22
CA GLY A 95 8.95 -16.37 -3.95
C GLY A 95 9.80 -16.94 -5.08
N GLU A 96 11.09 -16.61 -5.08
CA GLU A 96 11.98 -17.05 -6.15
C GLU A 96 12.09 -18.57 -6.18
N THR A 97 12.43 -19.12 -7.34
CA THR A 97 12.56 -20.56 -7.50
C THR A 97 13.74 -21.07 -6.69
N GLY A 98 13.67 -22.34 -6.30
CA GLY A 98 14.77 -22.97 -5.59
C GLY A 98 14.24 -23.86 -4.48
N THR A 99 15.13 -24.31 -3.61
CA THR A 99 14.71 -25.16 -2.52
C THR A 99 14.55 -24.33 -1.25
N TRP A 100 13.32 -24.24 -0.78
CA TRP A 100 12.98 -23.51 0.42
C TRP A 100 12.77 -24.51 1.54
N SER A 101 12.53 -23.99 2.73
CA SER A 101 12.14 -24.82 3.86
C SER A 101 11.14 -24.04 4.67
N TYR A 102 10.29 -24.74 5.42
CA TYR A 102 9.37 -24.05 6.31
C TYR A 102 9.28 -24.75 7.65
N THR A 103 9.09 -23.97 8.70
CA THR A 103 8.90 -24.50 10.03
C THR A 103 7.68 -23.82 10.59
N VAL A 104 7.06 -24.47 11.56
CA VAL A 104 5.99 -23.85 12.31
C VAL A 104 6.48 -23.61 13.70
N GLU A 105 6.27 -22.40 14.18
CA GLU A 105 6.58 -22.05 15.55
C GLU A 105 5.33 -21.94 16.39
N ALA A 106 5.37 -22.56 17.58
CA ALA A 106 4.23 -22.55 18.48
C ALA A 106 4.69 -21.91 19.78
N TRP A 107 3.78 -21.24 20.47
CA TRP A 107 4.18 -20.52 21.68
C TRP A 107 3.01 -20.26 22.60
N GLY A 108 3.30 -20.07 23.88
CA GLY A 108 2.32 -19.56 24.81
C GLY A 108 1.99 -18.12 24.52
N ASP A 109 0.71 -17.78 24.61
CA ASP A 109 0.23 -16.43 24.36
C ASP A 109 -0.29 -15.81 25.65
N PRO A 110 0.61 -15.36 26.53
CA PRO A 110 0.20 -14.94 27.88
C PRO A 110 -0.69 -13.70 27.89
N VAL A 111 -0.53 -12.84 26.89
CA VAL A 111 -1.33 -11.63 26.82
C VAL A 111 -2.79 -11.94 26.53
N THR A 112 -3.05 -12.86 25.62
CA THR A 112 -4.41 -13.28 25.33
C THR A 112 -5.06 -13.86 26.58
N THR A 113 -4.29 -14.66 27.31
CA THR A 113 -4.74 -15.28 28.53
C THR A 113 -5.12 -14.21 29.55
N TRP A 114 -4.21 -13.25 29.72
CA TRP A 114 -4.43 -12.20 30.69
C TRP A 114 -5.65 -11.37 30.33
N ARG A 115 -5.80 -11.01 29.06
CA ARG A 115 -6.95 -10.24 28.65
C ARG A 115 -8.24 -10.99 28.95
N HIS A 116 -8.26 -12.29 28.68
CA HIS A 116 -9.44 -13.10 28.98
C HIS A 116 -9.83 -13.04 30.46
N HIS A 117 -8.86 -13.30 31.34
CA HIS A 117 -9.12 -13.25 32.77
C HIS A 117 -9.47 -11.85 33.27
N ALA A 118 -8.75 -10.86 32.77
CA ALA A 118 -8.95 -9.48 33.22
C ALA A 118 -10.30 -8.93 32.82
N ARG A 119 -10.75 -9.27 31.62
CA ARG A 119 -12.05 -8.81 31.12
C ARG A 119 -13.18 -9.30 31.99
N ILE A 120 -12.98 -10.42 32.66
CA ILE A 120 -13.99 -10.93 33.57
C ILE A 120 -13.80 -10.34 34.96
N LYS A 121 -12.57 -10.44 35.48
CA LYS A 121 -12.29 -10.08 36.86
C LYS A 121 -12.38 -8.59 37.22
N ILE A 122 -12.01 -7.69 36.31
CA ILE A 122 -11.99 -6.28 36.66
C ILE A 122 -13.37 -5.64 36.93
N PRO A 123 -14.35 -5.84 36.03
CA PRO A 123 -15.67 -5.29 36.43
C PRO A 123 -16.23 -5.95 37.68
N ALA A 124 -15.81 -7.18 37.93
CA ALA A 124 -16.26 -7.96 39.08
C ALA A 124 -15.53 -7.59 40.37
N GLY A 125 -14.43 -6.84 40.25
CA GLY A 125 -13.66 -6.42 41.41
C GLY A 125 -12.73 -7.42 42.10
N LEU A 126 -12.41 -8.51 41.42
CA LEU A 126 -11.56 -9.56 42.00
C LEU A 126 -10.07 -9.24 41.90
N ASP A 127 -9.48 -8.91 43.06
CA ASP A 127 -8.12 -8.41 43.23
C ASP A 127 -7.55 -7.70 42.01
N THR A 128 -8.14 -6.56 41.72
CA THR A 128 -7.91 -5.84 40.49
C THR A 128 -6.52 -5.21 40.44
N ASP A 129 -6.00 -4.76 41.58
CA ASP A 129 -4.66 -4.19 41.63
C ASP A 129 -3.65 -5.22 41.17
N LEU A 130 -3.83 -6.45 41.63
CA LEU A 130 -2.96 -7.56 41.30
C LEU A 130 -3.03 -7.89 39.81
N VAL A 131 -4.25 -7.98 39.28
CA VAL A 131 -4.47 -8.25 37.86
C VAL A 131 -3.86 -7.19 36.95
N LEU A 132 -3.96 -5.94 37.34
CA LEU A 132 -3.45 -4.85 36.51
C LEU A 132 -1.93 -4.84 36.53
N GLU A 133 -1.35 -5.16 37.69
CA GLU A 133 0.10 -5.28 37.79
C GLU A 133 0.65 -6.45 36.98
N GLU A 134 -0.08 -7.56 36.95
CA GLU A 134 0.34 -8.69 36.12
C GLU A 134 0.36 -8.26 34.66
N GLY A 135 -0.65 -7.49 34.26
CA GLY A 135 -0.71 -6.99 32.91
C GLY A 135 0.43 -6.05 32.59
N ALA A 136 0.73 -5.14 33.52
CA ALA A 136 1.81 -4.18 33.32
C ALA A 136 3.15 -4.88 33.11
N ARG A 137 3.41 -5.87 33.95
CA ARG A 137 4.67 -6.63 33.89
C ARG A 137 4.75 -7.41 32.60
N LEU A 138 3.60 -7.90 32.16
CA LEU A 138 3.50 -8.61 30.88
C LEU A 138 3.81 -7.70 29.70
N TYR A 139 3.21 -6.51 29.68
CA TYR A 139 3.41 -5.59 28.57
C TYR A 139 4.84 -5.07 28.57
N GLU A 140 5.46 -4.99 29.74
CA GLU A 140 6.88 -4.66 29.83
C GLU A 140 7.77 -5.70 29.15
N ARG A 141 7.47 -6.98 29.38
CA ARG A 141 8.16 -8.06 28.69
C ARG A 141 7.97 -7.96 27.18
N ALA A 142 6.72 -7.72 26.79
CA ALA A 142 6.36 -7.62 25.37
C ALA A 142 7.12 -6.46 24.75
N ALA A 143 7.24 -5.39 25.52
CA ALA A 143 7.90 -4.17 25.08
C ALA A 143 9.38 -4.39 24.83
N ALA A 144 10.01 -5.20 25.67
CA ALA A 144 11.44 -5.44 25.59
C ALA A 144 11.87 -6.02 24.24
N ASP A 145 11.00 -6.81 23.61
CA ASP A 145 11.37 -7.46 22.37
C ASP A 145 11.14 -6.57 21.14
N VAL A 146 10.13 -5.71 21.20
CA VAL A 146 9.81 -4.82 20.09
C VAL A 146 11.00 -3.94 19.70
N PRO A 147 11.38 -3.98 18.41
CA PRO A 147 12.51 -3.20 17.89
C PRO A 147 12.15 -1.73 17.65
N GLY A 148 10.96 -1.45 17.12
CA GLY A 148 10.54 -0.10 16.81
C GLY A 148 10.40 0.78 18.03
N ARG A 149 11.05 1.95 17.99
CA ARG A 149 11.01 2.91 19.09
C ARG A 149 9.62 3.44 19.44
N GLU A 150 8.83 3.81 18.44
CA GLU A 150 7.48 4.34 18.67
C GLU A 150 6.54 3.27 19.19
N ASP A 151 6.66 2.07 18.66
CA ASP A 151 5.87 0.94 19.11
C ASP A 151 6.23 0.63 20.55
N ARG A 152 7.51 0.83 20.85
CA ARG A 152 8.03 0.58 22.18
C ARG A 152 7.41 1.59 23.14
N ARG A 153 7.35 2.84 22.70
CA ARG A 153 6.83 3.91 23.54
C ARG A 153 5.32 3.72 23.77
N GLU A 154 4.63 3.19 22.77
CA GLU A 154 3.22 2.92 22.91
C GLU A 154 2.94 1.87 23.97
N LEU A 155 3.73 0.80 23.99
CA LEU A 155 3.56 -0.23 25.00
C LEU A 155 3.94 0.26 26.39
N LEU A 156 5.03 1.02 26.49
CA LEU A 156 5.47 1.49 27.79
C LEU A 156 4.48 2.50 28.34
N ALA A 157 3.78 3.19 27.44
CA ALA A 157 2.73 4.10 27.84
C ALA A 157 1.53 3.32 28.38
N ALA A 158 1.25 2.17 27.76
CA ALA A 158 0.18 1.30 28.22
C ALA A 158 0.53 0.73 29.59
N VAL A 159 1.81 0.40 29.76
CA VAL A 159 2.32 -0.07 31.05
C VAL A 159 2.08 0.95 32.14
N ASP A 160 2.42 2.20 31.85
CA ASP A 160 2.29 3.27 32.82
C ASP A 160 0.84 3.58 33.14
N ALA A 161 -0.02 3.51 32.14
CA ALA A 161 -1.44 3.69 32.42
C ALA A 161 -1.95 2.57 33.30
N LEU A 162 -1.51 1.34 33.02
CA LEU A 162 -1.84 0.21 33.87
C LEU A 162 -1.33 0.38 35.30
N ARG A 163 -0.18 1.02 35.44
CA ARG A 163 0.47 1.21 36.74
C ARG A 163 0.04 2.52 37.38
N ASP A 164 -1.23 2.87 37.30
CA ASP A 164 -1.66 4.16 37.80
C ASP A 164 -2.91 4.02 38.67
N GLU A 165 -2.69 3.87 39.97
CA GLU A 165 -3.75 3.61 40.93
C GLU A 165 -4.66 4.81 41.14
N SER A 166 -4.33 5.93 40.52
CA SER A 166 -5.15 7.13 40.63
C SER A 166 -6.30 7.10 39.63
N ARG A 167 -6.26 6.13 38.72
CA ARG A 167 -7.27 6.03 37.68
C ARG A 167 -8.22 4.89 38.02
N PRO A 168 -9.45 4.92 37.47
CA PRO A 168 -10.41 3.83 37.67
C PRO A 168 -9.90 2.49 37.12
N ALA A 169 -10.19 1.40 37.81
CA ALA A 169 -9.75 0.08 37.35
C ALA A 169 -10.16 -0.17 35.91
N ALA A 170 -11.42 0.13 35.59
CA ALA A 170 -11.95 -0.11 34.25
C ALA A 170 -11.21 0.72 33.23
N SER A 171 -10.77 1.90 33.66
CA SER A 171 -10.04 2.83 32.81
C SER A 171 -8.61 2.39 32.61
N ARG A 172 -7.99 1.88 33.68
CA ARG A 172 -6.65 1.34 33.60
C ARG A 172 -6.61 0.17 32.64
N LEU A 173 -7.63 -0.70 32.73
CA LEU A 173 -7.71 -1.85 31.86
C LEU A 173 -7.98 -1.42 30.43
N ALA A 174 -8.90 -0.48 30.27
CA ALA A 174 -9.28 0.00 28.94
C ALA A 174 -8.08 0.56 28.19
N ALA A 175 -7.18 1.19 28.94
CA ALA A 175 -5.94 1.75 28.39
C ALA A 175 -5.05 0.67 27.78
N ALA A 176 -5.26 -0.57 28.20
CA ALA A 176 -4.48 -1.71 27.74
C ALA A 176 -5.11 -2.39 26.52
N LEU A 177 -6.26 -1.88 26.12
CA LEU A 177 -7.06 -2.54 25.09
C LEU A 177 -7.35 -1.70 23.85
N THR A 178 -6.61 -0.62 23.65
CA THR A 178 -6.90 0.24 22.51
C THR A 178 -6.48 -0.48 21.22
N PRO A 179 -7.06 -0.06 20.08
CA PRO A 179 -6.68 -0.61 18.78
C PRO A 179 -5.23 -0.39 18.40
N GLN A 180 -4.67 0.76 18.75
CA GLN A 180 -3.24 1.02 18.53
C GLN A 180 -2.37 -0.02 19.20
N VAL A 181 -2.72 -0.35 20.43
CA VAL A 181 -2.00 -1.36 21.19
C VAL A 181 -2.25 -2.73 20.61
N ASP A 182 -3.51 -3.02 20.23
CA ASP A 182 -3.82 -4.29 19.61
C ASP A 182 -2.92 -4.49 18.40
N ALA A 183 -2.79 -3.42 17.61
CA ALA A 183 -2.02 -3.46 16.37
C ALA A 183 -0.54 -3.77 16.62
N VAL A 184 0.03 -3.18 17.66
CA VAL A 184 1.42 -3.44 18.01
C VAL A 184 1.62 -4.89 18.44
N LEU A 185 0.77 -5.39 19.32
CA LEU A 185 0.92 -6.74 19.83
C LEU A 185 0.57 -7.70 18.71
N ALA A 186 -0.25 -7.22 17.79
CA ALA A 186 -0.60 -8.01 16.64
C ALA A 186 0.62 -8.21 15.75
N ARG A 187 1.52 -7.25 15.74
CA ARG A 187 2.72 -7.38 14.91
C ARG A 187 3.87 -8.07 15.67
N HIS A 188 4.03 -7.73 16.95
CA HIS A 188 5.15 -8.24 17.74
C HIS A 188 4.64 -8.79 19.06
N PRO A 189 3.94 -9.93 19.02
CA PRO A 189 3.32 -10.50 20.22
C PRO A 189 4.33 -11.03 21.22
N LEU A 190 3.94 -11.09 22.49
CA LEU A 190 4.78 -11.72 23.50
C LEU A 190 4.56 -13.21 23.40
N ARG A 191 5.62 -13.92 23.05
CA ARG A 191 5.57 -15.36 22.84
C ARG A 191 6.30 -16.10 23.94
N ASP A 192 5.60 -16.95 24.66
CA ASP A 192 6.25 -17.76 25.69
C ASP A 192 6.72 -19.10 25.13
N LEU A 193 7.91 -19.51 25.56
CA LEU A 193 8.37 -20.89 25.39
C LEU A 193 8.34 -21.34 23.95
N VAL A 194 8.81 -20.48 23.05
CA VAL A 194 8.75 -20.74 21.63
C VAL A 194 9.38 -22.08 21.29
N THR A 195 8.61 -22.88 20.55
CA THR A 195 8.94 -24.25 20.23
C THR A 195 8.75 -24.41 18.75
N SER A 196 9.72 -25.04 18.10
CA SER A 196 9.71 -25.13 16.65
C SER A 196 9.55 -26.57 16.15
N SER A 197 8.88 -26.71 15.01
CA SER A 197 8.83 -27.96 14.29
C SER A 197 10.16 -28.20 13.60
N ASP A 198 10.40 -29.43 13.17
CA ASP A 198 11.55 -29.66 12.31
C ASP A 198 11.21 -29.13 10.92
N PRO A 199 12.20 -28.56 10.22
CA PRO A 199 11.96 -27.94 8.91
C PRO A 199 11.47 -28.94 7.87
N LEU A 200 10.57 -28.53 6.98
CA LEU A 200 10.20 -29.35 5.83
C LEU A 200 10.61 -28.67 4.53
N PRO A 201 10.99 -29.48 3.52
CA PRO A 201 11.48 -28.88 2.27
C PRO A 201 10.34 -28.48 1.36
N LEU A 202 10.50 -27.35 0.69
CA LEU A 202 9.55 -26.89 -0.31
C LEU A 202 10.30 -26.57 -1.60
N LEU A 203 9.88 -27.19 -2.69
CA LEU A 203 10.49 -26.95 -3.99
C LEU A 203 9.68 -25.96 -4.80
N VAL A 204 10.26 -24.79 -5.03
CA VAL A 204 9.59 -23.77 -5.80
C VAL A 204 10.15 -23.77 -7.20
N GLU A 205 9.25 -23.91 -8.16
CA GLU A 205 9.64 -24.03 -9.55
C GLU A 205 9.00 -22.90 -10.31
N ARG A 206 9.32 -22.78 -11.59
CA ARG A 206 8.88 -21.62 -12.35
C ARG A 206 7.40 -21.68 -12.68
N GLU A 207 6.85 -20.52 -13.04
CA GLU A 207 5.43 -20.34 -13.30
C GLU A 207 4.84 -21.41 -14.23
N ARG A 208 5.57 -21.72 -15.29
CA ARG A 208 5.07 -22.61 -16.33
C ARG A 208 4.85 -24.03 -15.85
N ALA A 209 5.48 -24.38 -14.74
CA ALA A 209 5.29 -25.71 -14.17
C ALA A 209 3.84 -25.91 -13.74
N LEU A 210 3.19 -24.83 -13.29
CA LEU A 210 1.80 -24.91 -12.86
C LEU A 210 0.83 -24.39 -13.91
N TYR A 211 1.26 -23.36 -14.63
CA TYR A 211 0.33 -22.60 -15.46
C TYR A 211 0.81 -22.56 -16.92
N GLY A 212 -0.07 -22.91 -17.84
CA GLY A 212 0.23 -22.81 -19.24
C GLY A 212 -0.76 -23.56 -20.10
N ALA A 213 -0.84 -23.16 -21.37
CA ALA A 213 -1.74 -23.78 -22.32
C ALA A 213 -0.93 -24.53 -23.36
N TRP A 214 -1.29 -25.79 -23.58
CA TRP A 214 -0.53 -26.68 -24.44
C TRP A 214 -1.26 -27.05 -25.73
N TYR A 215 -0.50 -27.20 -26.81
CA TYR A 215 -1.08 -27.59 -28.09
C TYR A 215 -0.23 -28.71 -28.69
N GLU A 216 -0.84 -29.86 -28.94
CA GLU A 216 -0.12 -30.98 -29.54
C GLU A 216 -0.41 -31.08 -31.04
N PHE A 217 0.61 -31.15 -31.88
CA PHE A 217 0.36 -31.39 -33.29
C PHE A 217 1.53 -32.14 -33.92
N PHE A 218 1.28 -32.75 -35.07
CA PHE A 218 2.30 -33.53 -35.77
C PHE A 218 2.89 -32.70 -36.88
N PRO A 219 4.17 -32.34 -36.76
CA PRO A 219 4.87 -31.56 -37.78
C PRO A 219 4.77 -32.18 -39.18
N ARG A 220 4.81 -33.51 -39.26
CA ARG A 220 4.78 -34.20 -40.55
C ARG A 220 3.47 -33.98 -41.30
N SER A 221 2.40 -33.67 -40.59
CA SER A 221 1.13 -33.46 -41.27
C SER A 221 1.07 -32.09 -41.95
N GLU A 222 1.93 -31.17 -41.55
CA GLU A 222 1.90 -29.82 -42.10
C GLU A 222 2.90 -29.71 -43.24
N GLY A 223 2.60 -30.40 -44.33
CA GLY A 223 3.50 -30.43 -45.46
C GLY A 223 2.88 -29.55 -46.52
N THR A 224 3.17 -29.87 -47.77
CA THR A 224 2.77 -29.04 -48.89
C THR A 224 2.19 -29.92 -49.97
N PRO A 225 1.41 -29.32 -50.89
CA PRO A 225 0.91 -30.05 -52.05
C PRO A 225 2.05 -30.75 -52.77
N HIS A 226 3.18 -30.06 -52.91
CA HIS A 226 4.31 -30.59 -53.65
C HIS A 226 5.16 -31.53 -52.79
N THR A 227 5.09 -31.37 -51.47
CA THR A 227 5.83 -32.21 -50.54
C THR A 227 4.94 -32.58 -49.35
N PRO A 228 4.17 -33.67 -49.47
CA PRO A 228 3.18 -34.01 -48.44
C PRO A 228 3.73 -34.21 -47.02
N HIS A 229 4.91 -34.79 -46.88
CA HIS A 229 5.48 -34.98 -45.55
C HIS A 229 6.11 -33.68 -45.08
N GLY A 230 5.52 -33.09 -44.05
CA GLY A 230 6.01 -31.83 -43.54
C GLY A 230 7.43 -31.86 -43.02
N THR A 231 8.08 -30.69 -43.08
CA THR A 231 9.40 -30.51 -42.49
C THR A 231 9.26 -29.53 -41.35
N PHE A 232 10.31 -29.37 -40.55
CA PHE A 232 10.29 -28.34 -39.53
C PHE A 232 10.12 -26.95 -40.13
N ARG A 233 10.63 -26.77 -41.34
CA ARG A 233 10.51 -25.48 -42.00
C ARG A 233 9.08 -25.22 -42.48
N THR A 234 8.42 -26.27 -42.96
CA THR A 234 7.02 -26.10 -43.37
C THR A 234 6.10 -26.02 -42.16
N ALA A 235 6.38 -26.84 -41.16
CA ALA A 235 5.58 -26.91 -39.94
C ALA A 235 5.61 -25.63 -39.13
N ALA A 236 6.72 -24.91 -39.22
CA ALA A 236 6.90 -23.63 -38.56
C ALA A 236 5.86 -22.61 -38.99
N ARG A 237 5.31 -22.79 -40.18
CA ARG A 237 4.29 -21.87 -40.66
C ARG A 237 2.94 -22.08 -39.99
N ARG A 238 2.80 -23.19 -39.28
CA ARG A 238 1.58 -23.45 -38.50
C ARG A 238 1.60 -22.72 -37.15
N LEU A 239 2.80 -22.38 -36.69
CA LEU A 239 2.99 -21.85 -35.34
C LEU A 239 2.30 -20.50 -35.08
N PRO A 240 2.29 -19.57 -36.05
CA PRO A 240 1.59 -18.32 -35.78
C PRO A 240 0.14 -18.51 -35.36
N ALA A 241 -0.57 -19.42 -36.03
CA ALA A 241 -1.95 -19.67 -35.68
C ALA A 241 -2.09 -20.24 -34.28
N ILE A 242 -1.14 -21.09 -33.90
CA ILE A 242 -1.13 -21.66 -32.56
C ILE A 242 -0.91 -20.59 -31.50
N ALA A 243 0.05 -19.71 -31.72
CA ALA A 243 0.29 -18.60 -30.81
C ALA A 243 -0.93 -17.70 -30.74
N ALA A 244 -1.58 -17.51 -31.88
CA ALA A 244 -2.76 -16.66 -31.96
C ALA A 244 -3.94 -17.23 -31.17
N MET A 245 -3.97 -18.56 -31.03
CA MET A 245 -4.98 -19.20 -30.19
C MET A 245 -4.69 -19.05 -28.71
N GLY A 246 -3.53 -18.50 -28.38
CA GLY A 246 -3.18 -18.22 -27.00
C GLY A 246 -2.45 -19.33 -26.26
N PHE A 247 -1.87 -20.27 -26.99
CA PHE A 247 -1.11 -21.34 -26.35
C PHE A 247 0.29 -20.88 -26.02
N ASP A 248 0.90 -21.53 -25.04
CA ASP A 248 2.21 -21.15 -24.51
C ASP A 248 3.25 -22.21 -24.77
N VAL A 249 2.78 -23.44 -24.95
CA VAL A 249 3.66 -24.59 -25.11
C VAL A 249 3.18 -25.42 -26.28
N VAL A 250 4.11 -25.82 -27.14
CA VAL A 250 3.79 -26.81 -28.16
C VAL A 250 4.47 -28.14 -27.90
N TYR A 251 3.67 -29.19 -27.83
CA TYR A 251 4.20 -30.52 -27.63
C TYR A 251 4.28 -31.29 -28.95
N LEU A 252 5.49 -31.73 -29.30
CA LEU A 252 5.73 -32.49 -30.53
C LEU A 252 5.94 -33.96 -30.16
N PRO A 253 5.24 -34.86 -30.87
CA PRO A 253 5.55 -36.28 -30.82
C PRO A 253 7.02 -36.52 -31.24
N PRO A 254 7.56 -37.71 -30.99
CA PRO A 254 8.98 -37.94 -31.30
C PRO A 254 9.40 -37.51 -32.71
N ILE A 255 10.54 -36.83 -32.80
CA ILE A 255 10.99 -36.23 -34.05
C ILE A 255 12.16 -36.99 -34.67
N HIS A 256 12.36 -38.22 -34.23
CA HIS A 256 13.51 -39.00 -34.65
C HIS A 256 13.20 -39.90 -35.84
N PRO A 257 14.23 -40.51 -36.46
CA PRO A 257 13.97 -41.50 -37.49
C PRO A 257 13.05 -42.61 -36.99
N ILE A 258 12.27 -43.21 -37.87
CA ILE A 258 11.30 -44.22 -37.49
C ILE A 258 11.68 -45.57 -38.08
N GLY A 259 11.58 -46.62 -37.28
CA GLY A 259 11.96 -47.94 -37.73
C GLY A 259 11.14 -48.45 -38.90
N THR A 260 11.72 -49.39 -39.66
CA THR A 260 11.01 -50.05 -40.75
C THR A 260 10.56 -51.46 -40.42
N THR A 261 11.35 -52.17 -39.61
CA THR A 261 10.98 -53.52 -39.21
C THR A 261 9.68 -53.55 -38.42
N HIS A 262 8.70 -54.29 -38.92
CA HIS A 262 7.40 -54.43 -38.26
C HIS A 262 6.68 -53.09 -38.15
N ARG A 263 7.00 -52.15 -39.03
CA ARG A 263 6.30 -50.88 -39.06
C ARG A 263 4.81 -51.06 -39.23
N LYS A 264 4.04 -50.32 -38.46
CA LYS A 264 2.59 -50.40 -38.51
C LYS A 264 2.01 -49.56 -39.65
N GLY A 265 0.89 -50.03 -40.19
CA GLY A 265 0.22 -49.32 -41.25
C GLY A 265 -0.85 -48.41 -40.72
N ARG A 266 -1.65 -47.85 -41.61
CA ARG A 266 -2.75 -46.95 -41.25
C ARG A 266 -3.77 -47.65 -40.37
N ASN A 267 -4.36 -46.89 -39.46
CA ASN A 267 -5.35 -47.42 -38.52
C ASN A 267 -4.84 -48.56 -37.64
N ASN A 268 -3.56 -48.50 -37.29
CA ASN A 268 -2.93 -49.43 -36.36
C ASN A 268 -2.94 -50.85 -36.89
N THR A 269 -2.75 -50.98 -38.20
CA THR A 269 -2.65 -52.29 -38.83
C THR A 269 -1.24 -52.86 -38.71
N LEU A 270 -1.14 -54.18 -38.76
CA LEU A 270 0.12 -54.84 -38.45
C LEU A 270 1.22 -54.60 -39.47
N SER A 271 0.86 -54.47 -40.74
CA SER A 271 1.87 -54.36 -41.79
C SER A 271 1.75 -53.12 -42.64
N ALA A 272 2.81 -52.33 -42.62
CA ALA A 272 2.91 -51.12 -43.43
C ALA A 272 3.06 -51.46 -44.89
N THR A 273 2.44 -50.68 -45.76
CA THR A 273 2.62 -50.90 -47.17
C THR A 273 2.98 -49.61 -47.88
N GLY A 274 3.78 -49.71 -48.93
CA GLY A 274 4.08 -48.55 -49.73
C GLY A 274 4.82 -47.47 -48.97
N ASP A 275 4.23 -46.28 -49.00
CA ASP A 275 4.82 -45.10 -48.38
C ASP A 275 4.20 -44.74 -47.03
N ASP A 276 3.64 -45.76 -46.35
CA ASP A 276 3.17 -45.63 -44.97
C ASP A 276 4.25 -45.02 -44.09
N VAL A 277 3.87 -44.09 -43.21
CA VAL A 277 4.85 -43.30 -42.48
C VAL A 277 5.21 -43.90 -41.12
N GLY A 278 4.40 -44.82 -40.63
CA GLY A 278 4.65 -45.48 -39.35
C GLY A 278 4.40 -44.63 -38.10
N SER A 279 4.58 -45.23 -36.92
CA SER A 279 4.42 -44.51 -35.65
C SER A 279 5.68 -43.77 -35.25
N PRO A 280 5.55 -42.49 -34.89
CA PRO A 280 6.72 -41.73 -34.41
C PRO A 280 7.34 -42.37 -33.18
N TRP A 281 6.56 -43.14 -32.45
CA TRP A 281 7.05 -43.75 -31.22
C TRP A 281 7.90 -44.99 -31.48
N ALA A 282 7.99 -45.42 -32.73
CA ALA A 282 8.89 -46.52 -33.08
C ALA A 282 10.25 -45.96 -33.41
N ILE A 283 10.96 -45.51 -32.38
CA ILE A 283 12.13 -44.66 -32.56
C ILE A 283 13.38 -45.44 -32.94
N GLY A 284 14.03 -44.98 -33.99
CA GLY A 284 15.39 -45.41 -34.30
C GLY A 284 15.51 -46.15 -35.61
N SER A 285 16.59 -45.84 -36.34
CA SER A 285 16.97 -46.55 -37.54
C SER A 285 18.50 -46.42 -37.66
N PRO A 286 19.10 -47.01 -38.69
CA PRO A 286 20.52 -46.71 -38.94
C PRO A 286 20.81 -45.23 -39.21
N GLU A 287 19.78 -44.44 -39.46
CA GLU A 287 19.94 -43.00 -39.67
C GLU A 287 20.20 -42.25 -38.37
N GLY A 288 20.00 -42.93 -37.24
CA GLY A 288 20.21 -42.32 -35.94
C GLY A 288 19.11 -42.69 -34.96
N GLY A 289 19.33 -42.35 -33.69
CA GLY A 289 18.42 -42.70 -32.61
C GLY A 289 17.81 -41.47 -31.95
N HIS A 290 17.71 -41.51 -30.63
CA HIS A 290 16.98 -40.49 -29.88
C HIS A 290 17.68 -39.14 -29.92
N ASP A 291 18.92 -39.09 -30.41
CA ASP A 291 19.60 -37.81 -30.48
C ASP A 291 19.66 -37.32 -31.91
N SER A 292 18.83 -37.92 -32.76
CA SER A 292 18.82 -37.61 -34.17
C SER A 292 17.44 -37.19 -34.65
N ILE A 293 17.39 -36.61 -35.84
CA ILE A 293 16.13 -36.14 -36.41
C ILE A 293 15.73 -36.96 -37.63
N HIS A 294 14.44 -37.29 -37.69
CA HIS A 294 13.85 -37.91 -38.88
C HIS A 294 14.25 -37.14 -40.13
N PRO A 295 14.83 -37.85 -41.12
CA PRO A 295 15.35 -37.22 -42.33
C PRO A 295 14.30 -36.46 -43.12
N ALA A 296 13.06 -36.91 -43.06
CA ALA A 296 11.97 -36.25 -43.75
C ALA A 296 11.57 -34.95 -43.08
N LEU A 297 11.97 -34.78 -41.82
CA LEU A 297 11.68 -33.55 -41.09
C LEU A 297 12.70 -32.47 -41.38
N GLY A 298 13.88 -32.88 -41.83
CA GLY A 298 14.92 -31.91 -42.16
C GLY A 298 16.16 -32.10 -41.32
N THR A 299 16.86 -31.01 -41.06
CA THR A 299 18.12 -31.09 -40.33
C THR A 299 18.02 -30.51 -38.94
N LEU A 300 19.08 -30.68 -38.16
CA LEU A 300 19.14 -30.09 -36.83
C LEU A 300 19.04 -28.59 -36.91
N ASP A 301 19.64 -28.04 -37.96
CA ASP A 301 19.52 -26.62 -38.28
C ASP A 301 18.07 -26.21 -38.50
N ASP A 302 17.30 -27.06 -39.17
CA ASP A 302 15.90 -26.76 -39.39
C ASP A 302 15.13 -26.79 -38.10
N PHE A 303 15.51 -27.72 -37.22
CA PHE A 303 14.89 -27.81 -35.91
C PHE A 303 15.19 -26.59 -35.07
N ASP A 304 16.45 -26.14 -35.10
CA ASP A 304 16.84 -24.92 -34.40
C ASP A 304 16.03 -23.74 -34.89
N HIS A 305 15.78 -23.69 -36.19
CA HIS A 305 14.95 -22.65 -36.77
C HIS A 305 13.51 -22.69 -36.23
N PHE A 306 12.94 -23.90 -36.19
CA PHE A 306 11.59 -24.09 -35.67
C PHE A 306 11.45 -23.65 -34.22
N VAL A 307 12.42 -24.04 -33.40
CA VAL A 307 12.41 -23.68 -32.01
C VAL A 307 12.57 -22.17 -31.84
N THR A 308 13.40 -21.57 -32.66
CA THR A 308 13.60 -20.12 -32.62
C THR A 308 12.36 -19.35 -33.02
N GLU A 309 11.69 -19.78 -34.08
CA GLU A 309 10.47 -19.12 -34.51
C GLU A 309 9.39 -19.26 -33.44
N ALA A 310 9.32 -20.43 -32.82
CA ALA A 310 8.37 -20.64 -31.73
C ALA A 310 8.64 -19.66 -30.61
N GLY A 311 9.90 -19.54 -30.24
CA GLY A 311 10.29 -18.67 -29.15
C GLY A 311 9.91 -17.24 -29.49
N LYS A 312 10.14 -16.85 -30.74
CA LYS A 312 9.77 -15.52 -31.21
C LYS A 312 8.29 -15.25 -31.02
N LEU A 313 7.50 -16.32 -31.07
CA LEU A 313 6.05 -16.21 -30.97
C LEU A 313 5.61 -16.48 -29.54
N GLY A 314 6.57 -16.66 -28.65
CA GLY A 314 6.25 -16.94 -27.27
C GLY A 314 5.80 -18.37 -26.99
N LEU A 315 6.24 -19.29 -27.84
CA LEU A 315 5.90 -20.70 -27.68
C LEU A 315 7.11 -21.47 -27.19
N GLU A 316 6.93 -22.30 -26.17
CA GLU A 316 7.98 -23.23 -25.76
C GLU A 316 7.75 -24.60 -26.35
N ILE A 317 8.85 -25.30 -26.63
CA ILE A 317 8.73 -26.65 -27.14
C ILE A 317 8.80 -27.69 -26.04
N ALA A 318 7.87 -28.62 -26.09
CA ALA A 318 7.95 -29.82 -25.28
C ALA A 318 8.17 -31.00 -26.20
N LEU A 319 9.30 -31.67 -26.06
CA LEU A 319 9.56 -32.86 -26.86
C LEU A 319 9.12 -34.13 -26.14
N ASP A 320 8.59 -35.08 -26.91
CA ASP A 320 8.27 -36.38 -26.40
C ASP A 320 9.53 -37.17 -26.09
N PHE A 321 9.65 -37.69 -24.87
CA PHE A 321 10.73 -38.62 -24.56
C PHE A 321 10.12 -40.00 -24.31
N ALA A 322 10.36 -40.91 -25.25
CA ALA A 322 9.80 -42.24 -25.19
C ALA A 322 10.93 -43.25 -25.14
N LEU A 323 11.16 -43.82 -23.96
CA LEU A 323 12.32 -44.65 -23.77
C LEU A 323 11.98 -46.06 -24.20
N GLN A 324 12.14 -46.27 -25.51
CA GLN A 324 11.81 -47.52 -26.16
C GLN A 324 12.40 -47.48 -27.55
N CYS A 325 12.45 -48.64 -28.22
CA CYS A 325 13.20 -48.75 -29.47
C CYS A 325 12.44 -49.52 -30.53
N SER A 326 12.51 -49.05 -31.77
CA SER A 326 12.16 -49.87 -32.91
C SER A 326 13.21 -50.96 -33.04
N PRO A 327 12.91 -52.04 -33.77
CA PRO A 327 13.94 -53.08 -33.95
C PRO A 327 15.16 -52.61 -34.74
N ASP A 328 15.05 -51.45 -35.38
CA ASP A 328 16.14 -50.95 -36.20
C ASP A 328 16.98 -49.92 -35.46
N HIS A 329 16.63 -49.66 -34.20
CA HIS A 329 17.39 -48.70 -33.39
C HIS A 329 18.79 -49.27 -33.17
N PRO A 330 19.82 -48.41 -33.29
CA PRO A 330 21.22 -48.81 -33.09
C PRO A 330 21.52 -49.50 -31.76
N TRP A 331 20.80 -49.17 -30.70
CA TRP A 331 21.02 -49.79 -29.39
C TRP A 331 20.83 -51.29 -29.43
N VAL A 332 19.99 -51.77 -30.33
CA VAL A 332 19.62 -53.18 -30.34
C VAL A 332 20.88 -54.01 -30.50
N HIS A 333 21.77 -53.57 -31.39
CA HIS A 333 23.02 -54.28 -31.58
C HIS A 333 24.20 -53.66 -30.83
N LYS A 334 24.12 -52.36 -30.50
CA LYS A 334 25.20 -51.72 -29.77
C LYS A 334 25.16 -52.06 -28.28
N HIS A 335 23.94 -52.18 -27.75
CA HIS A 335 23.68 -52.46 -26.33
C HIS A 335 22.62 -53.54 -26.12
N PRO A 336 22.94 -54.79 -26.45
CA PRO A 336 21.96 -55.88 -26.34
C PRO A 336 21.45 -56.06 -24.92
N GLU A 337 22.26 -55.71 -23.93
CA GLU A 337 21.87 -55.90 -22.55
C GLU A 337 20.84 -54.87 -22.07
N TRP A 338 20.46 -53.94 -22.92
CA TRP A 338 19.38 -52.99 -22.60
C TRP A 338 18.01 -53.52 -22.95
N PHE A 339 17.95 -54.81 -23.29
CA PHE A 339 16.70 -55.44 -23.64
C PHE A 339 16.59 -56.80 -22.97
N HIS A 340 15.37 -57.24 -22.72
CA HIS A 340 15.16 -58.57 -22.19
C HIS A 340 15.07 -59.52 -23.37
N HIS A 341 15.97 -60.49 -23.40
CA HIS A 341 15.98 -61.48 -24.47
C HIS A 341 15.37 -62.81 -24.05
N ARG A 342 14.60 -63.41 -24.94
CA ARG A 342 14.06 -64.75 -24.72
C ARG A 342 15.14 -65.77 -25.06
N PRO A 343 14.98 -67.03 -24.62
CA PRO A 343 16.04 -68.03 -24.81
C PRO A 343 16.56 -68.22 -26.25
N ASP A 344 15.75 -67.87 -27.25
CA ASP A 344 16.20 -68.00 -28.63
C ASP A 344 16.88 -66.74 -29.12
N GLY A 345 17.09 -65.80 -28.21
CA GLY A 345 17.75 -64.55 -28.51
C GLY A 345 16.83 -63.45 -29.00
N THR A 346 15.57 -63.79 -29.24
CA THR A 346 14.62 -62.82 -29.76
C THR A 346 14.11 -61.90 -28.66
N ILE A 347 13.67 -60.71 -29.04
CA ILE A 347 13.09 -59.77 -28.09
C ILE A 347 11.60 -59.60 -28.31
N ALA A 348 10.81 -59.88 -27.28
CA ALA A 348 9.36 -59.80 -27.37
C ALA A 348 8.98 -58.34 -27.54
N HIS A 349 8.00 -58.06 -28.39
CA HIS A 349 7.60 -56.67 -28.60
C HIS A 349 6.94 -56.15 -27.35
N ALA A 350 6.94 -54.83 -27.20
CA ALA A 350 6.36 -54.20 -26.02
C ALA A 350 4.85 -54.32 -26.00
N GLU A 351 4.29 -54.27 -24.81
CA GLU A 351 2.84 -54.29 -24.62
C GLU A 351 2.48 -53.44 -23.43
N ASN A 352 1.25 -52.92 -23.45
CA ASN A 352 0.65 -52.33 -22.27
C ASN A 352 -0.78 -52.83 -22.18
N PRO A 353 -0.95 -54.07 -21.68
CA PRO A 353 -2.19 -54.82 -21.83
C PRO A 353 -3.42 -54.00 -21.46
N PRO A 354 -4.46 -54.01 -22.32
CA PRO A 354 -4.51 -54.87 -23.50
C PRO A 354 -3.88 -54.29 -24.78
N LYS A 355 -3.20 -53.16 -24.70
CA LYS A 355 -2.54 -52.60 -25.89
C LYS A 355 -1.29 -53.40 -26.27
N LYS A 356 -1.12 -53.60 -27.58
CA LYS A 356 0.08 -54.26 -28.10
C LYS A 356 0.87 -53.30 -29.01
N TYR A 357 2.18 -53.26 -28.81
CA TYR A 357 3.05 -52.39 -29.58
C TYR A 357 4.01 -53.23 -30.40
N GLN A 358 3.51 -53.87 -31.44
CA GLN A 358 4.31 -54.80 -32.23
C GLN A 358 5.51 -54.19 -32.93
N ASP A 359 5.53 -52.86 -33.06
CA ASP A 359 6.60 -52.16 -33.78
C ASP A 359 7.77 -51.74 -32.89
N ILE A 360 7.72 -52.05 -31.60
CA ILE A 360 8.81 -51.66 -30.69
C ILE A 360 9.21 -52.73 -29.70
N TYR A 361 10.46 -52.62 -29.24
CA TYR A 361 10.97 -53.37 -28.12
C TYR A 361 10.99 -52.49 -26.88
N PRO A 362 10.60 -53.04 -25.73
CA PRO A 362 10.73 -52.33 -24.45
C PRO A 362 12.12 -52.42 -23.88
N ILE A 363 12.47 -51.45 -23.05
CA ILE A 363 13.79 -51.42 -22.43
C ILE A 363 13.79 -52.29 -21.18
N ALA A 364 14.90 -52.99 -20.96
CA ALA A 364 15.11 -53.72 -19.72
C ALA A 364 16.11 -52.92 -18.90
N PHE A 365 15.84 -52.80 -17.61
CA PHE A 365 16.57 -51.81 -16.82
C PHE A 365 17.53 -52.36 -15.80
N ASP A 366 17.53 -53.67 -15.55
CA ASP A 366 18.33 -54.04 -14.40
C ASP A 366 19.69 -54.52 -14.87
N ALA A 367 19.85 -54.54 -16.19
CA ALA A 367 21.14 -54.77 -16.84
C ALA A 367 21.76 -53.39 -17.11
N ASP A 368 22.94 -53.09 -16.56
CA ASP A 368 23.54 -51.76 -16.78
C ASP A 368 22.61 -50.55 -16.49
N PRO A 369 22.18 -50.39 -15.24
CA PRO A 369 21.29 -49.28 -14.91
C PRO A 369 21.96 -47.92 -15.11
N ASP A 370 23.26 -47.87 -14.87
CA ASP A 370 24.03 -46.64 -15.00
C ASP A 370 24.16 -46.19 -16.45
N GLY A 371 24.41 -47.13 -17.34
CA GLY A 371 24.50 -46.84 -18.75
C GLY A 371 23.22 -46.24 -19.27
N LEU A 372 22.09 -46.82 -18.87
CA LEU A 372 20.81 -46.30 -19.31
C LEU A 372 20.53 -44.90 -18.78
N ALA A 373 20.83 -44.68 -17.50
CA ALA A 373 20.61 -43.38 -16.90
C ALA A 373 21.51 -42.33 -17.54
N THR A 374 22.77 -42.71 -17.74
CA THR A 374 23.76 -41.81 -18.31
C THR A 374 23.38 -41.38 -19.73
N GLU A 375 22.94 -42.33 -20.54
CA GLU A 375 22.59 -42.06 -21.92
C GLU A 375 21.31 -41.24 -21.98
N THR A 376 20.38 -41.55 -21.09
CA THR A 376 19.13 -40.79 -21.03
C THR A 376 19.40 -39.33 -20.75
N VAL A 377 20.20 -39.05 -19.74
CA VAL A 377 20.45 -37.65 -19.40
C VAL A 377 21.34 -36.99 -20.44
N ARG A 378 22.11 -37.81 -21.16
CA ARG A 378 22.92 -37.30 -22.25
C ARG A 378 22.02 -36.81 -23.38
N ILE A 379 21.03 -37.64 -23.72
CA ILE A 379 20.04 -37.30 -24.72
C ILE A 379 19.26 -36.04 -24.37
N LEU A 380 18.76 -36.00 -23.14
CA LEU A 380 18.01 -34.86 -22.66
C LEU A 380 18.85 -33.60 -22.72
N ARG A 381 20.10 -33.70 -22.30
CA ARG A 381 20.96 -32.52 -22.30
C ARG A 381 21.27 -32.05 -23.72
N HIS A 382 21.30 -32.99 -24.66
CA HIS A 382 21.45 -32.63 -26.05
C HIS A 382 20.32 -31.73 -26.53
N TRP A 383 19.09 -32.13 -26.25
CA TRP A 383 17.94 -31.37 -26.70
C TRP A 383 17.80 -30.07 -25.91
N MET A 384 18.18 -30.11 -24.65
CA MET A 384 18.23 -28.89 -23.84
C MET A 384 19.17 -27.87 -24.46
N ASP A 385 20.29 -28.36 -25.00
CA ASP A 385 21.28 -27.49 -25.62
C ASP A 385 20.73 -26.85 -26.88
N HIS A 386 19.67 -27.43 -27.42
CA HIS A 386 18.99 -26.85 -28.56
C HIS A 386 17.64 -26.25 -28.19
N GLY A 387 17.54 -25.81 -26.94
CA GLY A 387 16.45 -24.96 -26.50
C GLY A 387 15.18 -25.61 -25.98
N VAL A 388 15.22 -26.93 -25.81
CA VAL A 388 14.09 -27.65 -25.25
C VAL A 388 14.16 -27.72 -23.72
N ARG A 389 13.22 -27.06 -23.05
CA ARG A 389 13.26 -26.98 -21.60
C ARG A 389 12.06 -27.67 -20.98
N ILE A 390 11.31 -28.39 -21.81
CA ILE A 390 10.17 -29.17 -21.35
C ILE A 390 10.17 -30.51 -22.05
N PHE A 391 9.98 -31.60 -21.30
CA PHE A 391 9.87 -32.91 -21.93
C PHE A 391 8.58 -33.62 -21.51
N ARG A 392 7.83 -34.10 -22.49
CA ARG A 392 6.65 -34.93 -22.23
C ARG A 392 7.06 -36.40 -22.24
N VAL A 393 7.02 -37.04 -21.08
CA VAL A 393 7.57 -38.39 -20.94
C VAL A 393 6.57 -39.54 -21.15
N ASP A 394 6.82 -40.35 -22.18
CA ASP A 394 5.96 -41.46 -22.59
C ASP A 394 5.96 -42.63 -21.61
N ASN A 395 4.77 -43.05 -21.17
CA ASN A 395 4.60 -44.23 -20.30
C ASN A 395 5.66 -44.38 -19.22
N PRO A 396 5.79 -43.38 -18.34
CA PRO A 396 6.89 -43.55 -17.40
C PRO A 396 6.65 -44.73 -16.45
N HIS A 397 5.40 -45.13 -16.30
CA HIS A 397 5.04 -46.17 -15.34
C HIS A 397 5.39 -47.58 -15.81
N THR A 398 5.95 -47.69 -17.01
CA THR A 398 6.45 -48.98 -17.46
C THR A 398 7.97 -48.99 -17.40
N LYS A 399 8.53 -47.97 -16.77
CA LYS A 399 9.96 -47.93 -16.48
C LYS A 399 10.10 -47.77 -14.97
N PRO A 400 11.23 -48.20 -14.40
CA PRO A 400 11.32 -48.16 -12.93
C PRO A 400 11.18 -46.74 -12.40
N VAL A 401 10.42 -46.60 -11.32
CA VAL A 401 10.22 -45.30 -10.67
C VAL A 401 11.53 -44.64 -10.26
N ALA A 402 12.44 -45.42 -9.69
CA ALA A 402 13.70 -44.85 -9.23
C ALA A 402 14.58 -44.42 -10.40
N PHE A 403 14.31 -44.94 -11.58
CA PHE A 403 15.05 -44.51 -12.76
C PHE A 403 14.69 -43.06 -13.06
N TRP A 404 13.39 -42.76 -13.04
CA TRP A 404 12.94 -41.40 -13.29
C TRP A 404 13.39 -40.47 -12.16
N GLU A 405 13.34 -40.98 -10.94
CA GLU A 405 13.73 -40.17 -9.78
C GLU A 405 15.17 -39.74 -9.97
N ARG A 406 15.99 -40.67 -10.43
CA ARG A 406 17.39 -40.41 -10.67
C ARG A 406 17.65 -39.42 -11.80
N VAL A 407 17.00 -39.66 -12.93
CA VAL A 407 17.19 -38.84 -14.11
C VAL A 407 16.74 -37.40 -13.87
N ILE A 408 15.57 -37.24 -13.28
CA ILE A 408 15.02 -35.91 -13.05
C ILE A 408 15.87 -35.16 -12.03
N ALA A 409 16.30 -35.86 -11.00
CA ALA A 409 17.19 -35.28 -10.01
C ALA A 409 18.49 -34.82 -10.64
N ASP A 410 19.00 -35.61 -11.56
CA ASP A 410 20.26 -35.30 -12.23
C ASP A 410 20.11 -34.05 -13.09
N ILE A 411 19.07 -34.03 -13.92
CA ILE A 411 18.83 -32.92 -14.83
C ILE A 411 18.52 -31.61 -14.09
N ASN A 412 17.61 -31.68 -13.12
CA ASN A 412 17.22 -30.48 -12.38
C ASN A 412 18.31 -30.02 -11.44
N GLY A 413 19.23 -30.92 -11.12
CA GLY A 413 20.38 -30.56 -10.31
C GLY A 413 21.23 -29.52 -11.00
N THR A 414 21.31 -29.61 -12.32
CA THR A 414 22.05 -28.63 -13.10
C THR A 414 21.17 -27.60 -13.79
N ASP A 415 19.93 -27.98 -14.08
CA ASP A 415 19.03 -27.17 -14.89
C ASP A 415 17.61 -27.20 -14.33
N PRO A 416 17.39 -26.49 -13.22
CA PRO A 416 16.12 -26.51 -12.49
C PRO A 416 14.92 -25.95 -13.27
N ASP A 417 15.16 -25.28 -14.38
CA ASP A 417 14.07 -24.73 -15.19
C ASP A 417 13.36 -25.79 -16.03
N VAL A 418 13.97 -26.95 -16.19
CA VAL A 418 13.42 -28.01 -17.03
C VAL A 418 12.17 -28.63 -16.43
N ILE A 419 11.12 -28.77 -17.24
CA ILE A 419 9.84 -29.30 -16.77
C ILE A 419 9.59 -30.70 -17.32
N PHE A 420 9.25 -31.65 -16.45
CA PHE A 420 8.92 -33.00 -16.90
C PHE A 420 7.44 -33.31 -16.71
N LEU A 421 6.78 -33.74 -17.79
CA LEU A 421 5.38 -34.12 -17.71
C LEU A 421 5.19 -35.63 -17.80
N ALA A 422 4.58 -36.22 -16.79
CA ALA A 422 4.39 -37.67 -16.72
C ALA A 422 3.11 -38.13 -17.40
N GLU A 423 3.22 -38.81 -18.53
CA GLU A 423 2.05 -39.38 -19.19
C GLU A 423 1.78 -40.77 -18.62
N ALA A 424 1.28 -40.81 -17.40
CA ALA A 424 1.04 -42.08 -16.74
C ALA A 424 -0.44 -42.24 -16.43
N PHE A 425 -1.15 -42.86 -17.35
CA PHE A 425 -2.53 -43.22 -17.12
C PHE A 425 -2.54 -44.62 -16.55
N THR A 426 -2.59 -44.69 -15.23
CA THR A 426 -2.48 -45.95 -14.52
C THR A 426 -3.19 -45.85 -13.18
N ARG A 427 -2.80 -46.68 -12.24
CA ARG A 427 -3.45 -46.71 -10.95
C ARG A 427 -2.99 -45.50 -10.12
N PRO A 428 -3.80 -45.08 -9.13
CA PRO A 428 -3.52 -43.86 -8.39
C PRO A 428 -2.19 -43.88 -7.65
N ALA A 429 -1.81 -45.04 -7.15
CA ALA A 429 -0.59 -45.14 -6.35
C ALA A 429 0.64 -44.78 -7.17
N MET A 430 0.74 -45.36 -8.37
CA MET A 430 1.84 -45.07 -9.27
C MET A 430 1.84 -43.62 -9.74
N MET A 431 0.67 -43.10 -10.12
CA MET A 431 0.55 -41.72 -10.56
C MET A 431 1.04 -40.75 -9.48
N ALA A 432 0.60 -41.01 -8.25
CA ALA A 432 0.98 -40.17 -7.14
C ALA A 432 2.48 -40.27 -6.87
N THR A 433 3.01 -41.49 -6.94
CA THR A 433 4.41 -41.67 -6.60
C THR A 433 5.30 -40.96 -7.62
N LEU A 434 4.93 -41.05 -8.89
CA LEU A 434 5.66 -40.40 -9.95
C LEU A 434 5.71 -38.89 -9.77
N ALA A 435 4.57 -38.30 -9.39
CA ALA A 435 4.51 -36.87 -9.11
C ALA A 435 5.42 -36.54 -7.94
N GLN A 436 5.36 -37.37 -6.90
CA GLN A 436 6.09 -37.13 -5.68
C GLN A 436 7.62 -37.22 -5.86
N ILE A 437 8.08 -38.03 -6.80
CA ILE A 437 9.53 -38.20 -6.97
C ILE A 437 10.20 -37.21 -7.93
N GLY A 438 9.42 -36.28 -8.49
CA GLY A 438 10.05 -35.23 -9.27
C GLY A 438 9.33 -34.69 -10.49
N PHE A 439 8.33 -35.42 -10.99
CA PHE A 439 7.67 -34.94 -12.20
C PHE A 439 6.90 -33.66 -11.94
N GLN A 440 7.23 -32.62 -12.69
CA GLN A 440 6.62 -31.32 -12.47
C GLN A 440 5.14 -31.35 -12.78
N GLN A 441 4.74 -32.13 -13.79
CA GLN A 441 3.34 -32.20 -14.17
C GLN A 441 2.89 -33.65 -14.39
N SER A 442 1.59 -33.88 -14.26
CA SER A 442 1.00 -35.19 -14.51
C SER A 442 -0.23 -35.10 -15.39
N TYR A 443 -0.36 -36.05 -16.32
CA TYR A 443 -1.66 -36.31 -16.92
C TYR A 443 -2.59 -36.88 -15.87
N THR A 444 -3.88 -36.82 -16.13
CA THR A 444 -4.91 -37.09 -15.12
C THR A 444 -6.02 -37.96 -15.64
N TYR A 445 -7.03 -38.20 -14.81
CA TYR A 445 -8.19 -38.98 -15.22
C TYR A 445 -9.24 -38.08 -15.87
N PHE A 446 -8.86 -36.83 -16.14
CA PHE A 446 -9.79 -35.80 -16.61
C PHE A 446 -10.75 -36.22 -17.72
N THR A 447 -10.23 -36.88 -18.75
CA THR A 447 -11.01 -37.24 -19.92
C THR A 447 -12.13 -38.21 -19.58
N TRP A 448 -11.97 -38.89 -18.45
CA TRP A 448 -12.95 -39.86 -17.99
C TRP A 448 -13.74 -39.35 -16.81
N ARG A 449 -13.80 -38.04 -16.66
CA ARG A 449 -14.62 -37.42 -15.62
C ARG A 449 -15.55 -36.42 -16.29
N ASN A 450 -16.79 -36.82 -16.50
CA ASN A 450 -17.67 -36.02 -17.35
C ASN A 450 -18.99 -35.65 -16.70
N THR A 451 -19.41 -36.39 -15.68
CA THR A 451 -20.62 -36.05 -14.95
C THR A 451 -20.31 -35.05 -13.84
N LYS A 452 -21.36 -34.42 -13.28
CA LYS A 452 -21.15 -33.45 -12.22
C LYS A 452 -20.47 -34.08 -11.01
N GLN A 453 -20.92 -35.27 -10.65
CA GLN A 453 -20.34 -35.98 -9.52
C GLN A 453 -18.87 -36.31 -9.76
N GLU A 454 -18.59 -36.83 -10.96
CA GLU A 454 -17.23 -37.18 -11.33
C GLU A 454 -16.28 -35.99 -11.31
N LEU A 455 -16.71 -34.89 -11.93
CA LEU A 455 -15.88 -33.70 -11.99
C LEU A 455 -15.64 -33.10 -10.62
N THR A 456 -16.71 -33.01 -9.83
CA THR A 456 -16.62 -32.42 -8.51
C THR A 456 -15.72 -33.19 -7.58
N GLU A 457 -15.94 -34.50 -7.52
CA GLU A 457 -15.13 -35.34 -6.64
C GLU A 457 -13.67 -35.35 -7.07
N TYR A 458 -13.42 -35.51 -8.36
CA TYR A 458 -12.04 -35.63 -8.82
C TYR A 458 -11.28 -34.32 -8.65
N LEU A 459 -11.92 -33.20 -8.96
CA LEU A 459 -11.25 -31.92 -8.83
C LEU A 459 -11.08 -31.57 -7.36
N THR A 460 -11.98 -32.06 -6.52
CA THR A 460 -11.83 -31.89 -5.08
C THR A 460 -10.58 -32.60 -4.61
N GLU A 461 -10.34 -33.78 -5.18
CA GLU A 461 -9.15 -34.55 -4.90
C GLU A 461 -7.90 -33.81 -5.38
N LEU A 462 -7.88 -33.41 -6.64
CA LEU A 462 -6.68 -32.77 -7.20
C LEU A 462 -6.34 -31.42 -6.59
N SER A 463 -7.34 -30.64 -6.21
CA SER A 463 -7.11 -29.30 -5.65
C SER A 463 -6.89 -29.39 -4.14
N GLY A 464 -7.09 -30.57 -3.58
CA GLY A 464 -6.93 -30.80 -2.16
C GLY A 464 -5.50 -31.18 -1.84
N GLU A 465 -5.32 -32.21 -1.01
CA GLU A 465 -3.98 -32.60 -0.56
C GLU A 465 -3.01 -32.93 -1.69
N ALA A 466 -3.53 -33.52 -2.77
CA ALA A 466 -2.68 -33.88 -3.91
C ALA A 466 -1.90 -32.71 -4.50
N ALA A 467 -2.43 -31.51 -4.37
CA ALA A 467 -1.80 -30.32 -4.94
C ALA A 467 -0.45 -30.01 -4.30
N SER A 468 -0.16 -30.69 -3.20
CA SER A 468 1.12 -30.52 -2.53
C SER A 468 2.27 -31.18 -3.31
N TYR A 469 1.93 -32.10 -4.21
CA TYR A 469 2.96 -32.81 -4.95
C TYR A 469 2.67 -32.99 -6.44
N MET A 470 1.44 -32.74 -6.86
CA MET A 470 1.04 -32.98 -8.24
C MET A 470 0.44 -31.75 -8.91
N ARG A 471 0.90 -31.46 -10.14
CA ARG A 471 0.33 -30.38 -10.95
C ARG A 471 -0.30 -30.96 -12.20
N PRO A 472 -1.62 -30.81 -12.33
CA PRO A 472 -2.38 -31.45 -13.41
C PRO A 472 -2.25 -30.73 -14.75
N ASN A 473 -2.14 -31.50 -15.83
CA ASN A 473 -2.23 -30.94 -17.17
C ASN A 473 -3.44 -31.52 -17.88
N PHE A 474 -4.49 -30.73 -18.00
CA PHE A 474 -5.74 -31.21 -18.56
C PHE A 474 -5.78 -31.17 -20.08
N PHE A 475 -5.28 -32.22 -20.72
CA PHE A 475 -5.53 -32.41 -22.13
C PHE A 475 -6.97 -32.89 -22.26
N ALA A 476 -7.78 -32.16 -23.02
CA ALA A 476 -9.17 -32.55 -23.19
C ALA A 476 -9.25 -33.75 -24.11
N ASN A 477 -8.24 -33.89 -24.96
CA ASN A 477 -8.06 -35.06 -25.80
C ASN A 477 -6.59 -35.34 -26.03
N THR A 478 -6.27 -36.55 -26.51
CA THR A 478 -4.93 -36.83 -26.99
C THR A 478 -5.09 -37.69 -28.24
N PRO A 479 -4.00 -37.96 -28.98
CA PRO A 479 -4.16 -38.84 -30.14
C PRO A 479 -4.58 -40.26 -29.80
N ASP A 480 -4.48 -40.62 -28.52
CA ASP A 480 -4.89 -41.95 -28.07
C ASP A 480 -6.24 -41.96 -27.36
N ILE A 481 -6.82 -40.79 -27.11
CA ILE A 481 -8.05 -40.71 -26.31
C ILE A 481 -9.10 -39.79 -26.92
N LEU A 482 -10.05 -40.37 -27.65
CA LEU A 482 -11.24 -39.65 -28.08
C LEU A 482 -12.45 -40.18 -27.31
N HIS A 483 -12.86 -39.47 -26.26
CA HIS A 483 -13.87 -40.00 -25.34
C HIS A 483 -15.26 -40.01 -25.94
N ALA A 484 -16.06 -40.98 -25.51
CA ALA A 484 -17.45 -41.12 -25.92
C ALA A 484 -18.29 -39.86 -25.76
N TYR A 485 -18.00 -39.07 -24.73
CA TYR A 485 -18.70 -37.81 -24.52
C TYR A 485 -18.60 -36.90 -25.74
N LEU A 486 -17.40 -36.81 -26.28
CA LEU A 486 -17.16 -36.03 -27.49
C LEU A 486 -17.76 -36.69 -28.74
N GLN A 487 -17.72 -38.01 -28.79
CA GLN A 487 -18.24 -38.73 -29.93
C GLN A 487 -19.74 -38.50 -30.09
N HIS A 488 -20.47 -38.52 -28.99
CA HIS A 488 -21.92 -38.43 -29.03
C HIS A 488 -22.38 -36.98 -29.02
N GLY A 489 -21.57 -36.11 -28.45
CA GLY A 489 -21.99 -34.73 -28.25
C GLY A 489 -21.62 -33.73 -29.32
N GLY A 490 -20.68 -34.08 -30.18
CA GLY A 490 -20.29 -33.16 -31.25
C GLY A 490 -19.72 -31.86 -30.74
N ARG A 491 -19.77 -30.83 -31.57
CA ARG A 491 -19.19 -29.53 -31.27
C ARG A 491 -19.57 -28.93 -29.90
N PRO A 492 -20.86 -29.01 -29.51
CA PRO A 492 -21.16 -28.43 -28.21
C PRO A 492 -20.42 -29.11 -27.06
N ALA A 493 -20.15 -30.39 -27.22
CA ALA A 493 -19.39 -31.14 -26.24
C ALA A 493 -17.93 -30.73 -26.23
N PHE A 494 -17.38 -30.44 -27.41
CA PHE A 494 -16.02 -29.95 -27.49
C PHE A 494 -15.91 -28.60 -26.79
N GLU A 495 -16.94 -27.79 -26.94
CA GLU A 495 -16.98 -26.49 -26.28
C GLU A 495 -17.06 -26.65 -24.76
N VAL A 496 -17.90 -27.58 -24.31
CA VAL A 496 -18.04 -27.83 -22.88
C VAL A 496 -16.73 -28.29 -22.26
N ARG A 497 -16.09 -29.25 -22.90
CA ARG A 497 -14.87 -29.83 -22.36
C ARG A 497 -13.73 -28.81 -22.42
N ALA A 498 -13.76 -27.95 -23.43
CA ALA A 498 -12.78 -26.88 -23.52
C ALA A 498 -12.91 -25.92 -22.37
N VAL A 499 -14.13 -25.49 -22.10
CA VAL A 499 -14.39 -24.60 -20.97
C VAL A 499 -13.98 -25.22 -19.66
N LEU A 500 -14.38 -26.48 -19.47
CA LEU A 500 -14.04 -27.19 -18.26
C LEU A 500 -12.53 -27.31 -18.05
N ALA A 501 -11.84 -27.81 -19.06
CA ALA A 501 -10.40 -28.03 -18.96
C ALA A 501 -9.65 -26.73 -18.71
N ALA A 502 -10.05 -25.69 -19.44
CA ALA A 502 -9.35 -24.42 -19.39
C ALA A 502 -9.55 -23.67 -18.08
N THR A 503 -10.68 -23.88 -17.44
CA THR A 503 -11.02 -23.15 -16.22
C THR A 503 -10.83 -23.93 -14.92
N LEU A 504 -10.67 -25.25 -14.99
CA LEU A 504 -10.54 -26.05 -13.79
C LEU A 504 -9.08 -26.31 -13.42
N SER A 505 -8.20 -26.32 -14.41
CA SER A 505 -6.78 -26.47 -14.16
C SER A 505 -6.01 -25.28 -14.73
N PRO A 506 -4.99 -24.84 -14.00
CA PRO A 506 -4.15 -23.75 -14.52
C PRO A 506 -3.32 -24.21 -15.72
N THR A 507 -3.23 -25.52 -15.94
CA THR A 507 -2.62 -26.03 -17.16
C THR A 507 -3.57 -26.95 -17.93
N TRP A 508 -3.79 -26.65 -19.20
CA TRP A 508 -4.61 -27.52 -20.03
C TRP A 508 -4.03 -27.63 -21.45
N GLY A 509 -4.57 -28.54 -22.25
CA GLY A 509 -4.06 -28.73 -23.59
C GLY A 509 -5.05 -29.40 -24.51
N ILE A 510 -4.82 -29.28 -25.81
CA ILE A 510 -5.54 -30.07 -26.80
C ILE A 510 -4.59 -30.65 -27.83
N TYR A 511 -5.05 -31.72 -28.46
CA TYR A 511 -4.35 -32.31 -29.58
C TYR A 511 -5.00 -31.86 -30.86
N SER A 512 -4.17 -31.37 -31.77
CA SER A 512 -4.54 -30.88 -33.09
C SER A 512 -5.71 -31.61 -33.72
N GLY A 513 -6.72 -30.84 -34.13
CA GLY A 513 -7.94 -31.45 -34.64
C GLY A 513 -9.10 -31.34 -33.70
N TYR A 514 -8.81 -31.22 -32.40
CA TYR A 514 -9.83 -30.95 -31.40
C TYR A 514 -10.69 -29.75 -31.77
N GLU A 515 -10.05 -28.67 -32.23
CA GLU A 515 -10.79 -27.45 -32.50
C GLU A 515 -11.67 -27.60 -33.74
N LEU A 516 -11.35 -28.59 -34.57
CA LEU A 516 -12.17 -28.92 -35.74
C LEU A 516 -13.29 -29.89 -35.36
N CYS A 517 -13.36 -30.23 -34.08
CA CYS A 517 -14.32 -31.20 -33.57
C CYS A 517 -14.25 -32.54 -34.27
N GLU A 518 -13.03 -32.97 -34.58
CA GLU A 518 -12.81 -34.30 -35.12
C GLU A 518 -13.28 -35.30 -34.06
N ASN A 519 -14.23 -36.16 -34.39
CA ASN A 519 -14.81 -37.03 -33.37
C ASN A 519 -15.30 -38.38 -33.88
N THR A 520 -14.74 -38.85 -34.99
CA THR A 520 -15.09 -40.17 -35.51
C THR A 520 -14.18 -41.28 -34.96
N PRO A 521 -14.76 -42.20 -34.19
CA PRO A 521 -13.90 -43.24 -33.61
C PRO A 521 -13.52 -44.34 -34.61
N LEU A 522 -12.48 -45.09 -34.27
CA LEU A 522 -12.05 -46.25 -35.04
C LEU A 522 -13.15 -47.29 -35.23
N ARG A 523 -13.90 -47.56 -34.17
CA ARG A 523 -15.05 -48.47 -34.17
C ARG A 523 -15.87 -48.19 -32.93
N GLU A 524 -17.12 -48.66 -32.92
CA GLU A 524 -17.99 -48.45 -31.77
C GLU A 524 -17.35 -49.03 -30.52
N GLY A 525 -17.40 -48.30 -29.43
CA GLY A 525 -16.85 -48.78 -28.17
C GLY A 525 -15.38 -48.45 -28.02
N SER A 526 -14.79 -47.81 -29.03
CA SER A 526 -13.39 -47.42 -28.96
C SER A 526 -13.20 -45.96 -28.58
N GLU A 527 -12.04 -45.65 -28.01
CA GLU A 527 -11.64 -44.27 -27.76
C GLU A 527 -10.54 -43.86 -28.72
N GLU A 528 -10.20 -44.74 -29.66
CA GLU A 528 -9.27 -44.42 -30.73
C GLU A 528 -9.93 -43.63 -31.87
N TYR A 529 -9.14 -42.79 -32.54
CA TYR A 529 -9.61 -42.11 -33.75
C TYR A 529 -9.58 -43.01 -34.98
N LEU A 530 -10.58 -42.87 -35.84
CA LEU A 530 -10.53 -43.45 -37.18
C LEU A 530 -9.46 -42.73 -37.98
N ASP A 531 -8.69 -43.48 -38.78
CA ASP A 531 -7.63 -42.88 -39.60
C ASP A 531 -6.69 -42.05 -38.73
N SER A 532 -6.24 -42.65 -37.63
CA SER A 532 -5.43 -41.95 -36.64
C SER A 532 -4.17 -41.33 -37.23
N GLU A 533 -3.89 -40.10 -36.85
CA GLU A 533 -2.70 -39.37 -37.28
C GLU A 533 -1.41 -40.08 -36.90
N LYS A 534 -1.48 -40.98 -35.93
CA LYS A 534 -0.31 -41.73 -35.48
C LYS A 534 0.30 -42.61 -36.58
N TYR A 535 -0.50 -43.00 -37.56
CA TYR A 535 -0.05 -43.94 -38.58
C TYR A 535 -0.11 -43.40 -40.00
N GLN A 536 -0.51 -42.15 -40.14
CA GLN A 536 -0.61 -41.55 -41.46
C GLN A 536 -0.50 -40.03 -41.40
N LEU A 537 -0.06 -39.43 -42.49
CA LEU A 537 -0.13 -37.98 -42.61
C LEU A 537 -1.59 -37.54 -42.53
N LYS A 538 -1.84 -36.44 -41.84
CA LYS A 538 -3.21 -35.96 -41.64
C LYS A 538 -3.28 -34.48 -42.00
N PRO A 539 -3.24 -34.15 -43.30
CA PRO A 539 -3.31 -32.76 -43.74
C PRO A 539 -4.66 -32.16 -43.41
N ARG A 540 -4.67 -30.94 -42.89
CA ARG A 540 -5.92 -30.26 -42.57
C ARG A 540 -5.99 -28.89 -43.23
N ASP A 541 -7.11 -28.56 -43.84
CA ASP A 541 -7.20 -27.28 -44.54
C ASP A 541 -7.63 -26.22 -43.53
N TRP A 542 -6.69 -25.71 -42.75
CA TRP A 542 -7.00 -24.79 -41.67
C TRP A 542 -7.65 -23.49 -42.14
N THR A 543 -7.21 -22.98 -43.28
CA THR A 543 -7.75 -21.74 -43.81
C THR A 543 -9.21 -21.93 -44.16
N ARG A 544 -9.51 -23.07 -44.77
CA ARG A 544 -10.89 -23.39 -45.10
C ARG A 544 -11.76 -23.59 -43.88
N ALA A 545 -11.24 -24.28 -42.88
CA ALA A 545 -11.99 -24.52 -41.65
C ALA A 545 -12.34 -23.21 -40.99
N ALA A 546 -11.37 -22.31 -40.95
CA ALA A 546 -11.55 -20.99 -40.38
C ALA A 546 -12.60 -20.22 -41.17
N ARG A 547 -12.44 -20.23 -42.48
CA ARG A 547 -13.34 -19.51 -43.39
C ARG A 547 -14.78 -20.00 -43.26
N GLU A 548 -14.96 -21.30 -43.13
CA GLU A 548 -16.30 -21.87 -43.10
C GLU A 548 -16.86 -21.90 -41.69
N GLY A 549 -16.07 -21.46 -40.73
CA GLY A 549 -16.51 -21.38 -39.35
C GLY A 549 -16.83 -22.69 -38.65
N THR A 550 -16.28 -23.79 -39.15
CA THR A 550 -16.51 -25.09 -38.55
C THR A 550 -15.42 -25.40 -37.53
N THR A 551 -15.07 -24.42 -36.70
CA THR A 551 -14.03 -24.61 -35.71
C THR A 551 -14.29 -23.75 -34.47
N ILE A 552 -13.91 -24.27 -33.31
CA ILE A 552 -14.02 -23.50 -32.07
C ILE A 552 -12.72 -22.81 -31.68
N ALA A 553 -11.83 -22.64 -32.65
CA ALA A 553 -10.60 -21.90 -32.43
C ALA A 553 -10.82 -20.52 -31.76
N PRO A 554 -11.89 -19.80 -32.14
CA PRO A 554 -12.09 -18.53 -31.45
C PRO A 554 -12.38 -18.68 -29.98
N LEU A 555 -13.13 -19.73 -29.62
CA LEU A 555 -13.45 -19.99 -28.22
C LEU A 555 -12.20 -20.33 -27.44
N VAL A 556 -11.37 -21.20 -27.99
CA VAL A 556 -10.08 -21.52 -27.40
C VAL A 556 -9.27 -20.26 -27.14
N THR A 557 -9.23 -19.39 -28.15
CA THR A 557 -8.51 -18.13 -28.06
C THR A 557 -9.07 -17.28 -26.92
N ARG A 558 -10.39 -17.22 -26.84
CA ARG A 558 -11.08 -16.44 -25.82
C ARG A 558 -10.79 -16.97 -24.42
N LEU A 559 -10.90 -18.28 -24.25
CA LEU A 559 -10.62 -18.91 -22.96
C LEU A 559 -9.19 -18.65 -22.50
N ASN A 560 -8.23 -18.75 -23.40
CA ASN A 560 -6.84 -18.50 -23.03
C ASN A 560 -6.62 -17.04 -22.71
N THR A 561 -7.35 -16.16 -23.39
CA THR A 561 -7.29 -14.74 -23.10
C THR A 561 -7.84 -14.47 -21.70
N ILE A 562 -8.97 -15.09 -21.37
CA ILE A 562 -9.58 -14.94 -20.06
C ILE A 562 -8.62 -15.39 -18.96
N ARG A 563 -7.96 -16.53 -19.20
CA ARG A 563 -6.97 -17.04 -18.27
C ARG A 563 -5.81 -16.06 -18.11
N ARG A 564 -5.36 -15.50 -19.21
CA ARG A 564 -4.27 -14.55 -19.17
C ARG A 564 -4.66 -13.26 -18.47
N GLU A 565 -5.96 -13.00 -18.42
CA GLU A 565 -6.43 -11.73 -17.86
C GLU A 565 -6.99 -11.85 -16.44
N ASN A 566 -7.09 -13.08 -15.93
CA ASN A 566 -7.69 -13.34 -14.63
C ASN A 566 -6.88 -14.32 -13.79
N PRO A 567 -6.08 -13.78 -12.86
CA PRO A 567 -5.19 -14.54 -11.96
C PRO A 567 -5.84 -15.72 -11.27
N ALA A 568 -7.15 -15.67 -11.03
CA ALA A 568 -7.85 -16.78 -10.41
C ALA A 568 -7.68 -18.07 -11.18
N LEU A 569 -7.59 -17.96 -12.51
CA LEU A 569 -7.50 -19.13 -13.38
C LEU A 569 -6.07 -19.60 -13.59
N ARG A 570 -5.12 -18.90 -13.00
CA ARG A 570 -3.72 -19.26 -13.16
C ARG A 570 -3.17 -19.91 -11.90
N GLN A 571 -4.07 -20.38 -11.04
CA GLN A 571 -3.70 -21.13 -9.85
C GLN A 571 -4.61 -22.34 -9.72
N LEU A 572 -4.31 -23.23 -8.79
CA LEU A 572 -5.02 -24.51 -8.74
C LEU A 572 -5.84 -24.69 -7.48
N ARG A 573 -5.23 -24.35 -6.35
CA ARG A 573 -5.70 -24.76 -5.04
C ARG A 573 -6.98 -24.07 -4.57
N ASP A 574 -7.21 -22.84 -5.02
CA ASP A 574 -8.45 -22.15 -4.65
C ASP A 574 -9.55 -22.45 -5.66
N LEU A 575 -10.46 -23.32 -5.24
CA LEU A 575 -11.56 -23.78 -6.07
C LEU A 575 -12.72 -24.22 -5.18
N HIS A 576 -13.91 -23.69 -5.42
CA HIS A 576 -15.08 -24.09 -4.64
C HIS A 576 -16.30 -24.37 -5.51
N PHE A 577 -16.94 -25.52 -5.29
CA PHE A 577 -18.16 -25.87 -6.03
C PHE A 577 -19.42 -25.39 -5.31
N HIS A 578 -20.29 -24.73 -6.10
CA HIS A 578 -21.54 -24.17 -5.61
C HIS A 578 -22.73 -25.03 -6.06
N PRO A 579 -23.70 -25.24 -5.18
CA PRO A 579 -24.85 -26.12 -5.47
C PRO A 579 -25.77 -25.58 -6.57
N THR A 580 -26.26 -26.47 -7.43
CA THR A 580 -27.33 -26.15 -8.37
C THR A 580 -28.44 -27.17 -8.22
N ASP A 581 -29.61 -26.87 -8.79
CA ASP A 581 -30.74 -27.77 -8.64
C ASP A 581 -30.91 -28.71 -9.84
N LYS A 582 -29.89 -28.78 -10.69
CA LYS A 582 -29.89 -29.70 -11.83
C LYS A 582 -28.60 -30.49 -11.90
N GLU A 583 -28.74 -31.80 -12.05
CA GLU A 583 -27.58 -32.69 -12.10
C GLU A 583 -26.69 -32.31 -13.27
N GLU A 584 -27.32 -31.82 -14.34
CA GLU A 584 -26.62 -31.51 -15.57
C GLU A 584 -25.91 -30.15 -15.55
N VAL A 585 -26.14 -29.37 -14.50
CA VAL A 585 -25.57 -28.01 -14.44
C VAL A 585 -24.58 -27.89 -13.28
N ILE A 586 -23.33 -27.59 -13.59
CA ILE A 586 -22.32 -27.45 -12.55
C ILE A 586 -21.88 -26.00 -12.37
N ALA A 587 -21.51 -25.64 -11.14
CA ALA A 587 -21.09 -24.27 -10.85
C ALA A 587 -19.91 -24.30 -9.89
N TYR A 588 -18.94 -23.44 -10.14
CA TYR A 588 -17.77 -23.36 -9.26
C TYR A 588 -17.11 -21.99 -9.37
N SER A 589 -16.37 -21.62 -8.33
CA SER A 589 -15.64 -20.36 -8.32
C SER A 589 -14.15 -20.55 -8.03
N LYS A 590 -13.33 -19.66 -8.56
CA LYS A 590 -11.92 -19.65 -8.21
C LYS A 590 -11.53 -18.23 -7.89
N ARG A 591 -10.62 -18.07 -6.93
CA ARG A 591 -10.23 -16.76 -6.45
C ARG A 591 -8.73 -16.66 -6.27
N GLN A 592 -8.21 -15.49 -6.61
CA GLN A 592 -6.83 -15.14 -6.33
C GLN A 592 -6.77 -13.65 -6.05
N GLY A 593 -6.45 -13.32 -4.80
CA GLY A 593 -6.56 -11.96 -4.32
C GLY A 593 -7.94 -11.41 -4.60
N SER A 594 -7.98 -10.23 -5.20
CA SER A 594 -9.24 -9.56 -5.47
C SER A 594 -9.95 -10.06 -6.72
N ASN A 595 -9.35 -11.05 -7.40
CA ASN A 595 -9.92 -11.58 -8.62
C ASN A 595 -10.73 -12.83 -8.38
N THR A 596 -11.99 -12.77 -8.79
CA THR A 596 -12.89 -13.91 -8.65
C THR A 596 -13.55 -14.29 -9.97
N VAL A 597 -13.44 -15.55 -10.34
CA VAL A 597 -14.11 -16.05 -11.53
C VAL A 597 -15.16 -17.09 -11.15
N LEU A 598 -16.36 -16.93 -11.68
CA LEU A 598 -17.45 -17.85 -11.41
C LEU A 598 -17.91 -18.53 -12.68
N VAL A 599 -17.91 -19.86 -12.69
CA VAL A 599 -18.22 -20.60 -13.90
C VAL A 599 -19.42 -21.52 -13.75
N VAL A 600 -20.32 -21.46 -14.72
CA VAL A 600 -21.50 -22.32 -14.75
C VAL A 600 -21.53 -23.04 -16.09
N VAL A 601 -21.57 -24.36 -16.04
CA VAL A 601 -21.46 -25.17 -17.24
C VAL A 601 -22.63 -26.12 -17.39
N ASN A 602 -23.21 -26.15 -18.59
CA ASN A 602 -24.22 -27.14 -18.94
C ASN A 602 -23.54 -28.37 -19.48
N LEU A 603 -23.55 -29.44 -18.70
CA LEU A 603 -22.85 -30.65 -19.11
C LEU A 603 -23.63 -31.40 -20.17
N ASP A 604 -24.89 -31.01 -20.38
CA ASP A 604 -25.71 -31.61 -21.42
C ASP A 604 -25.41 -30.93 -22.74
N PRO A 605 -24.79 -31.65 -23.68
CA PRO A 605 -24.43 -31.07 -24.97
C PRO A 605 -25.57 -31.19 -25.98
N ARG A 606 -26.70 -31.71 -25.54
CA ARG A 606 -27.78 -32.00 -26.49
C ARG A 606 -29.11 -31.29 -26.23
N HIS A 607 -29.32 -30.86 -24.98
CA HIS A 607 -30.58 -30.21 -24.64
C HIS A 607 -30.34 -28.92 -23.90
N THR A 608 -31.16 -27.91 -24.19
CA THR A 608 -31.12 -26.69 -23.41
C THR A 608 -31.45 -27.06 -21.98
N GLN A 609 -30.72 -26.49 -21.04
CA GLN A 609 -30.97 -26.72 -19.63
C GLN A 609 -31.19 -25.42 -18.89
N GLU A 610 -32.22 -25.37 -18.06
CA GLU A 610 -32.42 -24.23 -17.18
C GLU A 610 -32.36 -24.71 -15.73
N ALA A 611 -31.73 -23.92 -14.88
CA ALA A 611 -31.50 -24.34 -13.49
C ALA A 611 -31.34 -23.15 -12.56
N THR A 612 -31.48 -23.41 -11.26
CA THR A 612 -31.16 -22.41 -10.26
C THR A 612 -29.81 -22.69 -9.60
N VAL A 613 -28.92 -21.70 -9.64
CA VAL A 613 -27.62 -21.77 -9.01
C VAL A 613 -27.60 -21.02 -7.69
N SER A 614 -27.45 -21.75 -6.58
CA SER A 614 -27.46 -21.13 -5.26
C SER A 614 -26.06 -20.89 -4.74
N LEU A 615 -25.56 -19.67 -4.90
CA LEU A 615 -24.19 -19.36 -4.50
C LEU A 615 -23.92 -19.34 -2.99
N ASP A 616 -22.86 -20.02 -2.59
CA ASP A 616 -22.28 -19.92 -1.26
C ASP A 616 -21.51 -18.62 -1.06
N MET A 617 -22.21 -17.55 -0.68
CA MET A 617 -21.63 -16.21 -0.64
C MET A 617 -20.35 -16.02 0.20
N PRO A 618 -20.27 -16.62 1.42
CA PRO A 618 -19.00 -16.46 2.12
C PRO A 618 -17.78 -16.97 1.36
N GLN A 619 -17.95 -18.02 0.56
CA GLN A 619 -16.84 -18.56 -0.22
C GLN A 619 -16.40 -17.56 -1.30
N LEU A 620 -17.26 -16.60 -1.60
CA LEU A 620 -16.94 -15.56 -2.57
C LEU A 620 -16.44 -14.29 -1.89
N GLY A 621 -16.45 -14.31 -0.57
CA GLY A 621 -16.06 -13.13 0.20
C GLY A 621 -17.19 -12.12 0.25
N LEU A 622 -18.41 -12.61 0.16
CA LEU A 622 -19.58 -11.74 0.18
C LEU A 622 -20.55 -12.13 1.28
N ASP A 623 -21.37 -11.17 1.71
CA ASP A 623 -22.38 -11.44 2.71
C ASP A 623 -23.62 -12.04 2.06
N TRP A 624 -24.40 -12.74 2.86
CA TRP A 624 -25.51 -13.55 2.36
C TRP A 624 -26.60 -12.72 1.70
N HIS A 625 -26.67 -11.45 2.06
CA HIS A 625 -27.72 -10.56 1.56
C HIS A 625 -27.26 -9.76 0.33
N GLU A 626 -25.96 -9.73 0.11
CA GLU A 626 -25.38 -8.95 -0.98
C GLU A 626 -25.86 -9.40 -2.35
N SER A 627 -25.81 -8.49 -3.31
CA SER A 627 -26.14 -8.81 -4.70
C SER A 627 -25.01 -8.23 -5.54
N VAL A 628 -24.38 -9.05 -6.37
CA VAL A 628 -23.19 -8.60 -7.06
C VAL A 628 -23.25 -8.65 -8.59
N PRO A 629 -22.73 -7.62 -9.24
CA PRO A 629 -22.65 -7.55 -10.70
C PRO A 629 -21.60 -8.51 -11.25
N VAL A 630 -21.94 -9.30 -12.26
CA VAL A 630 -20.97 -10.16 -12.91
C VAL A 630 -21.02 -9.98 -14.43
N ARG A 631 -19.89 -10.20 -15.10
CA ARG A 631 -19.89 -10.19 -16.57
C ARG A 631 -19.40 -11.51 -17.13
N ASP A 632 -20.21 -12.10 -18.00
CA ASP A 632 -19.84 -13.33 -18.70
C ASP A 632 -18.84 -13.00 -19.82
N GLU A 633 -17.59 -13.40 -19.63
CA GLU A 633 -16.51 -13.02 -20.54
C GLU A 633 -16.55 -13.78 -21.87
N LEU A 634 -17.46 -14.74 -21.98
CA LEU A 634 -17.66 -15.44 -23.24
C LEU A 634 -18.55 -14.66 -24.19
N THR A 635 -19.32 -13.74 -23.63
CA THR A 635 -20.33 -13.04 -24.42
C THR A 635 -20.21 -11.53 -24.22
N GLY A 636 -19.68 -11.12 -23.07
CA GLY A 636 -19.64 -9.72 -22.73
C GLY A 636 -20.90 -9.30 -22.00
N GLU A 637 -21.87 -10.21 -21.92
CA GLU A 637 -23.12 -9.94 -21.23
C GLU A 637 -22.91 -9.76 -19.72
N THR A 638 -23.67 -8.83 -19.14
CA THR A 638 -23.60 -8.58 -17.70
C THR A 638 -24.89 -9.00 -16.99
N TYR A 639 -24.78 -9.58 -15.80
CA TYR A 639 -25.94 -9.95 -15.01
C TYR A 639 -25.77 -9.44 -13.59
N HIS A 640 -26.83 -9.47 -12.78
CA HIS A 640 -26.69 -9.23 -11.34
C HIS A 640 -27.12 -10.49 -10.59
N TRP A 641 -26.13 -11.11 -9.95
CA TRP A 641 -26.33 -12.39 -9.28
C TRP A 641 -26.23 -12.34 -7.75
N GLY A 642 -27.01 -13.17 -7.07
CA GLY A 642 -27.00 -13.24 -5.62
C GLY A 642 -27.01 -14.66 -5.07
N ARG A 643 -27.69 -14.88 -3.95
CA ARG A 643 -27.69 -16.19 -3.32
C ARG A 643 -28.47 -17.25 -4.10
N ALA A 644 -29.29 -16.82 -5.04
CA ALA A 644 -30.05 -17.76 -5.85
C ALA A 644 -30.31 -17.14 -7.22
N ASN A 645 -29.82 -17.79 -8.26
CA ASN A 645 -29.84 -17.22 -9.59
C ASN A 645 -30.36 -18.15 -10.67
N TYR A 646 -31.25 -17.63 -11.51
CA TYR A 646 -31.73 -18.40 -12.65
C TYR A 646 -30.70 -18.36 -13.76
N VAL A 647 -30.40 -19.51 -14.33
CA VAL A 647 -29.58 -19.58 -15.54
C VAL A 647 -30.26 -20.46 -16.56
N ARG A 648 -30.06 -20.12 -17.83
CA ARG A 648 -30.54 -20.92 -18.94
C ARG A 648 -29.45 -21.09 -19.98
N LEU A 649 -28.99 -22.33 -20.17
CA LEU A 649 -27.85 -22.57 -21.04
C LEU A 649 -28.23 -23.44 -22.23
N GLU A 650 -27.92 -22.94 -23.42
CA GLU A 650 -28.38 -23.53 -24.67
C GLU A 650 -27.23 -24.01 -25.54
N PRO A 651 -27.21 -25.32 -25.84
CA PRO A 651 -26.13 -25.96 -26.61
C PRO A 651 -25.95 -25.35 -28.00
N GLY A 652 -24.69 -25.12 -28.37
CA GLY A 652 -24.34 -24.52 -29.64
C GLY A 652 -24.31 -23.00 -29.63
N ARG A 653 -24.82 -22.40 -28.56
CA ARG A 653 -24.96 -20.96 -28.49
C ARG A 653 -24.27 -20.44 -27.23
N THR A 654 -24.67 -21.00 -26.09
CA THR A 654 -24.10 -20.66 -24.79
C THR A 654 -23.88 -21.94 -24.00
N PRO A 655 -22.72 -22.60 -24.21
CA PRO A 655 -22.36 -23.83 -23.52
C PRO A 655 -22.16 -23.59 -22.03
N ALA A 656 -21.80 -22.35 -21.68
CA ALA A 656 -21.44 -22.03 -20.31
C ALA A 656 -21.35 -20.53 -20.09
N HIS A 657 -21.34 -20.13 -18.82
CA HIS A 657 -20.94 -18.80 -18.42
C HIS A 657 -19.57 -18.85 -17.78
N VAL A 658 -18.66 -18.02 -18.26
CA VAL A 658 -17.38 -17.83 -17.61
C VAL A 658 -17.33 -16.39 -17.16
N CYS A 659 -17.71 -16.17 -15.91
CA CYS A 659 -17.97 -14.84 -15.37
C CYS A 659 -16.87 -14.30 -14.47
N THR A 660 -16.60 -13.01 -14.58
CA THR A 660 -15.76 -12.33 -13.62
C THR A 660 -16.64 -11.48 -12.73
N VAL A 661 -16.27 -11.40 -11.45
CA VAL A 661 -16.95 -10.58 -10.46
C VAL A 661 -16.56 -9.10 -10.46
N LEU A 662 -17.57 -8.24 -10.62
CA LEU A 662 -17.38 -6.79 -10.79
C LEU A 662 -16.59 -6.47 -12.06
N PRO B 15 21.53 -41.65 -3.76
CA PRO B 15 20.53 -42.63 -3.32
C PRO B 15 19.12 -42.10 -3.49
N THR B 16 18.24 -42.97 -3.98
CA THR B 16 16.86 -42.59 -4.24
C THR B 16 15.97 -42.87 -3.04
N VAL B 17 14.89 -42.11 -2.90
CA VAL B 17 13.95 -42.31 -1.81
C VAL B 17 13.14 -43.56 -2.09
N VAL B 18 12.85 -43.80 -3.37
CA VAL B 18 12.09 -44.99 -3.76
C VAL B 18 13.06 -46.08 -4.20
N GLY B 19 12.80 -47.31 -3.78
CA GLY B 19 13.66 -48.44 -4.10
C GLY B 19 13.33 -49.04 -5.44
N ARG B 20 13.98 -50.15 -5.77
CA ARG B 20 13.80 -50.73 -7.10
C ARG B 20 12.36 -51.17 -7.25
N ILE B 21 11.84 -51.83 -6.21
CA ILE B 21 10.42 -52.14 -6.16
C ILE B 21 9.80 -51.31 -5.06
N PRO B 22 8.97 -50.33 -5.45
CA PRO B 22 8.39 -49.38 -4.51
C PRO B 22 7.66 -50.04 -3.33
N VAL B 23 8.05 -49.66 -2.13
CA VAL B 23 7.32 -50.04 -0.92
C VAL B 23 7.14 -48.79 -0.07
N LEU B 24 5.91 -48.32 0.06
CA LEU B 24 5.66 -47.00 0.62
C LEU B 24 4.62 -47.00 1.72
N ASP B 25 4.71 -46.00 2.60
CA ASP B 25 3.69 -45.75 3.60
C ASP B 25 3.40 -46.98 4.42
N VAL B 26 4.46 -47.54 4.99
CA VAL B 26 4.34 -48.69 5.87
C VAL B 26 3.59 -48.28 7.14
N ARG B 27 2.65 -49.12 7.57
CA ARG B 27 1.88 -48.85 8.78
C ARG B 27 1.86 -50.11 9.63
N PRO B 28 1.67 -49.97 10.96
CA PRO B 28 1.42 -48.74 11.70
C PRO B 28 2.66 -47.86 11.78
N VAL B 29 2.44 -46.57 11.95
CA VAL B 29 3.52 -45.63 12.15
C VAL B 29 3.09 -44.57 13.15
N VAL B 30 4.00 -44.14 14.00
CA VAL B 30 3.60 -43.15 14.97
C VAL B 30 4.55 -41.99 14.83
N GLN B 31 3.97 -40.82 14.59
CA GLN B 31 4.71 -39.58 14.41
C GLN B 31 5.89 -39.73 13.46
N ARG B 32 5.60 -40.19 12.24
CA ARG B 32 6.59 -40.34 11.18
C ARG B 32 7.82 -41.14 11.58
N GLY B 33 7.65 -42.05 12.55
CA GLY B 33 8.72 -42.93 12.96
C GLY B 33 9.58 -42.49 14.14
N ARG B 34 9.29 -41.32 14.70
CA ARG B 34 10.10 -40.82 15.81
C ARG B 34 9.70 -41.43 17.14
N ARG B 35 8.51 -42.02 17.16
CA ARG B 35 8.05 -42.75 18.34
C ARG B 35 7.60 -44.13 17.89
N PRO B 36 7.70 -45.14 18.76
CA PRO B 36 7.36 -46.52 18.40
C PRO B 36 5.88 -46.80 18.37
N ALA B 37 5.46 -47.68 17.47
CA ALA B 37 4.15 -48.29 17.57
C ALA B 37 4.18 -49.25 18.74
N LYS B 38 3.01 -49.66 19.20
CA LYS B 38 2.94 -50.46 20.42
C LYS B 38 2.29 -51.81 20.20
N ALA B 39 2.74 -52.77 20.99
CA ALA B 39 2.06 -54.05 21.11
C ALA B 39 2.35 -54.59 22.49
N VAL B 40 1.72 -55.71 22.83
CA VAL B 40 2.13 -56.47 24.01
C VAL B 40 2.43 -57.90 23.65
N THR B 41 3.08 -58.62 24.55
CA THR B 41 3.43 -60.01 24.30
C THR B 41 2.22 -60.82 23.86
N GLY B 42 2.36 -61.52 22.74
CA GLY B 42 1.30 -62.38 22.26
C GLY B 42 0.20 -61.66 21.50
N GLU B 43 0.33 -60.35 21.34
CA GLU B 43 -0.71 -59.60 20.64
C GLU B 43 -0.46 -59.56 19.14
N SER B 44 -1.50 -59.85 18.37
CA SER B 44 -1.41 -59.78 16.91
C SER B 44 -1.92 -58.44 16.40
N PHE B 45 -1.32 -57.97 15.31
CA PHE B 45 -1.81 -56.78 14.62
C PHE B 45 -1.35 -56.80 13.16
N GLU B 46 -1.94 -55.94 12.34
CA GLU B 46 -1.65 -55.93 10.91
C GLU B 46 -0.58 -54.92 10.52
N VAL B 47 0.41 -55.39 9.77
CA VAL B 47 1.37 -54.50 9.14
C VAL B 47 0.99 -54.35 7.67
N SER B 48 0.97 -53.12 7.19
CA SER B 48 0.53 -52.86 5.82
C SER B 48 1.50 -51.91 5.15
N ALA B 49 1.42 -51.89 3.82
CA ALA B 49 2.26 -51.03 3.02
C ALA B 49 1.62 -50.88 1.67
N THR B 50 2.03 -49.85 0.94
CA THR B 50 1.62 -49.69 -0.44
C THR B 50 2.71 -50.26 -1.31
N VAL B 51 2.38 -51.27 -2.09
CA VAL B 51 3.38 -51.98 -2.87
C VAL B 51 2.97 -52.18 -4.32
N PHE B 52 3.88 -51.87 -5.23
CA PHE B 52 3.65 -52.03 -6.65
C PHE B 52 4.96 -51.94 -7.42
N ARG B 53 4.92 -52.25 -8.70
CA ARG B 53 6.09 -52.09 -9.54
C ARG B 53 5.71 -51.50 -10.89
N GLU B 54 6.73 -51.16 -11.66
CA GLU B 54 6.53 -50.69 -13.02
C GLU B 54 6.19 -51.88 -13.91
N GLY B 55 5.47 -51.60 -14.98
CA GLY B 55 5.10 -52.66 -15.89
C GLY B 55 3.94 -53.44 -15.35
N HIS B 56 3.74 -54.62 -15.92
CA HIS B 56 2.51 -55.38 -15.70
C HIS B 56 2.77 -56.68 -14.97
N ASP B 57 4.01 -56.95 -14.60
CA ASP B 57 4.29 -58.23 -13.97
C ASP B 57 3.95 -58.18 -12.49
N ALA B 58 3.96 -59.36 -11.88
CA ALA B 58 3.46 -59.53 -10.53
C ALA B 58 4.44 -59.09 -9.48
N VAL B 59 3.92 -58.69 -8.33
CA VAL B 59 4.74 -58.46 -7.15
C VAL B 59 4.32 -59.37 -6.00
N GLY B 60 5.25 -59.59 -5.08
CA GLY B 60 4.93 -60.22 -3.81
C GLY B 60 5.50 -59.33 -2.73
N ALA B 61 5.17 -59.63 -1.48
CA ALA B 61 5.68 -58.84 -0.37
C ALA B 61 5.63 -59.65 0.91
N ASN B 62 6.46 -59.28 1.86
CA ASN B 62 6.50 -59.97 3.13
C ASN B 62 6.94 -59.05 4.24
N VAL B 63 6.55 -59.36 5.47
CA VAL B 63 6.92 -58.53 6.59
C VAL B 63 8.06 -59.20 7.32
N VAL B 64 9.12 -58.46 7.59
CA VAL B 64 10.23 -58.98 8.37
C VAL B 64 10.27 -58.29 9.73
N LEU B 65 9.88 -59.04 10.75
CA LEU B 65 9.90 -58.56 12.12
C LEU B 65 11.16 -58.99 12.87
N ARG B 66 11.94 -58.04 13.39
CA ARG B 66 13.18 -58.39 14.09
C ARG B 66 13.08 -58.08 15.59
N ASP B 67 13.54 -59.01 16.42
CA ASP B 67 13.38 -58.85 17.87
C ASP B 67 14.49 -57.97 18.47
N PRO B 68 14.46 -57.71 19.80
CA PRO B 68 15.46 -56.78 20.35
C PRO B 68 16.89 -57.26 20.19
N ARG B 69 17.06 -58.56 19.98
CA ARG B 69 18.37 -59.15 19.76
C ARG B 69 18.73 -59.25 18.29
N GLY B 70 17.87 -58.71 17.43
CA GLY B 70 18.10 -58.64 15.99
C GLY B 70 17.67 -59.85 15.17
N ARG B 71 17.08 -60.84 15.83
CA ARG B 71 16.63 -62.06 15.17
C ARG B 71 15.33 -61.91 14.36
N PRO B 72 15.35 -62.31 13.08
CA PRO B 72 14.18 -62.17 12.21
C PRO B 72 13.10 -63.19 12.58
N GLY B 73 11.84 -62.83 12.35
CA GLY B 73 10.74 -63.72 12.65
C GLY B 73 10.48 -64.73 11.56
N PRO B 74 9.31 -65.39 11.63
CA PRO B 74 8.96 -66.42 10.66
C PRO B 74 8.65 -65.80 9.31
N TRP B 75 8.70 -66.61 8.25
CA TRP B 75 8.27 -66.18 6.93
C TRP B 75 6.85 -65.64 7.00
N THR B 76 6.68 -64.38 6.59
CA THR B 76 5.40 -63.72 6.78
C THR B 76 4.94 -62.97 5.52
N PRO B 77 4.40 -63.71 4.54
CA PRO B 77 3.97 -63.10 3.27
C PRO B 77 2.73 -62.21 3.39
N MET B 78 2.69 -61.14 2.61
CA MET B 78 1.54 -60.24 2.58
C MET B 78 0.61 -60.54 1.40
N ARG B 79 -0.58 -59.96 1.43
CA ARG B 79 -1.54 -60.08 0.34
C ARG B 79 -2.11 -58.71 0.00
N GLU B 80 -2.56 -58.53 -1.23
CA GLU B 80 -3.23 -57.29 -1.58
C GLU B 80 -4.58 -57.29 -0.86
N LEU B 81 -4.89 -56.20 -0.16
CA LEU B 81 -6.04 -56.20 0.73
C LEU B 81 -7.34 -55.97 -0.03
N ALA B 82 -7.22 -55.37 -1.20
CA ALA B 82 -8.38 -55.15 -2.05
C ALA B 82 -7.89 -54.91 -3.47
N PRO B 83 -8.61 -55.46 -4.46
CA PRO B 83 -8.21 -55.32 -5.87
C PRO B 83 -8.01 -53.88 -6.33
N GLY B 84 -6.91 -53.64 -7.04
CA GLY B 84 -6.64 -52.35 -7.63
C GLY B 84 -6.13 -51.25 -6.70
N THR B 85 -5.92 -51.58 -5.43
CA THR B 85 -5.57 -50.57 -4.43
C THR B 85 -4.07 -50.47 -4.19
N ASP B 86 -3.37 -51.54 -4.52
CA ASP B 86 -1.94 -51.66 -4.28
C ASP B 86 -1.61 -51.57 -2.79
N ARG B 87 -2.61 -51.84 -1.96
CA ARG B 87 -2.38 -51.88 -0.53
C ARG B 87 -2.24 -53.32 -0.05
N TRP B 88 -1.09 -53.63 0.54
CA TRP B 88 -0.80 -54.99 0.94
C TRP B 88 -0.71 -55.07 2.45
N GLY B 89 -1.00 -56.24 3.01
CA GLY B 89 -1.00 -56.39 4.46
C GLY B 89 -0.76 -57.80 4.94
N ALA B 90 -0.29 -57.93 6.17
CA ALA B 90 -0.21 -59.22 6.85
C ALA B 90 -0.30 -59.09 8.36
N THR B 91 -0.78 -60.14 9.01
CA THR B 91 -0.83 -60.17 10.47
C THR B 91 0.48 -60.66 11.06
N VAL B 92 0.97 -59.95 12.06
CA VAL B 92 2.16 -60.36 12.77
C VAL B 92 1.84 -60.52 14.24
N THR B 93 2.68 -61.25 14.95
CA THR B 93 2.47 -61.45 16.37
C THR B 93 3.74 -61.15 17.16
N ALA B 94 3.59 -60.32 18.18
CA ALA B 94 4.67 -59.87 19.05
C ALA B 94 5.08 -60.97 20.02
N GLY B 95 6.38 -61.13 20.24
CA GLY B 95 6.85 -62.13 21.18
C GLY B 95 7.31 -61.52 22.50
N GLU B 96 8.56 -61.77 22.87
CA GLU B 96 9.10 -61.29 24.13
C GLU B 96 9.09 -59.77 24.19
N THR B 97 9.02 -59.22 25.39
CA THR B 97 8.98 -57.78 25.59
C THR B 97 10.29 -57.14 25.16
N GLY B 98 10.23 -55.89 24.73
CA GLY B 98 11.43 -55.16 24.36
C GLY B 98 11.19 -54.28 23.16
N THR B 99 12.27 -53.72 22.62
CA THR B 99 12.16 -52.89 21.44
C THR B 99 12.44 -53.70 20.18
N TRP B 100 11.40 -53.89 19.37
CA TRP B 100 11.52 -54.60 18.12
C TRP B 100 11.59 -53.60 16.98
N SER B 101 11.75 -54.12 15.78
CA SER B 101 11.67 -53.30 14.58
C SER B 101 11.03 -54.13 13.49
N TYR B 102 10.41 -53.47 12.52
CA TYR B 102 9.87 -54.21 11.39
C TYR B 102 10.11 -53.50 10.07
N THR B 103 10.34 -54.30 9.04
CA THR B 103 10.48 -53.79 7.69
C THR B 103 9.53 -54.55 6.81
N VAL B 104 9.18 -53.96 5.68
CA VAL B 104 8.42 -54.65 4.66
C VAL B 104 9.32 -54.84 3.46
N GLU B 105 9.36 -56.05 2.96
CA GLU B 105 10.12 -56.36 1.76
C GLU B 105 9.19 -56.55 0.57
N ALA B 106 9.52 -55.91 -0.54
CA ALA B 106 8.73 -56.05 -1.74
C ALA B 106 9.62 -56.64 -2.82
N TRP B 107 9.02 -57.35 -3.76
CA TRP B 107 9.81 -58.05 -4.75
C TRP B 107 9.00 -58.43 -5.98
N GLY B 108 9.69 -58.56 -7.11
CA GLY B 108 9.08 -59.15 -8.29
C GLY B 108 8.81 -60.62 -8.09
N ASP B 109 7.67 -61.07 -8.59
CA ASP B 109 7.24 -62.46 -8.47
C ASP B 109 7.17 -63.08 -9.86
N PRO B 110 8.32 -63.47 -10.43
CA PRO B 110 8.35 -63.87 -11.83
C PRO B 110 7.59 -65.17 -12.07
N VAL B 111 7.57 -66.03 -11.06
CA VAL B 111 6.88 -67.30 -11.18
C VAL B 111 5.37 -67.12 -11.37
N THR B 112 4.78 -66.19 -10.61
CA THR B 112 3.36 -65.92 -10.74
C THR B 112 3.02 -65.40 -12.13
N THR B 113 3.89 -64.53 -12.64
CA THR B 113 3.71 -63.94 -13.96
C THR B 113 3.82 -65.03 -15.02
N TRP B 114 4.80 -65.90 -14.85
CA TRP B 114 5.04 -66.95 -15.81
C TRP B 114 3.85 -67.89 -15.85
N ARG B 115 3.33 -68.23 -14.67
CA ARG B 115 2.15 -69.10 -14.59
C ARG B 115 0.97 -68.44 -15.32
N HIS B 116 0.78 -67.15 -15.09
CA HIS B 116 -0.30 -66.42 -15.74
C HIS B 116 -0.24 -66.56 -17.27
N HIS B 117 0.93 -66.28 -17.84
CA HIS B 117 1.10 -66.35 -19.29
C HIS B 117 1.02 -67.79 -19.81
N ALA B 118 1.61 -68.72 -19.06
CA ALA B 118 1.64 -70.12 -19.48
C ALA B 118 0.24 -70.74 -19.53
N ARG B 119 -0.61 -70.39 -18.58
CA ARG B 119 -1.96 -70.94 -18.53
C ARG B 119 -2.76 -70.52 -19.74
N ILE B 120 -2.39 -69.40 -20.33
CA ILE B 120 -3.01 -68.92 -21.56
C ILE B 120 -2.38 -69.51 -22.82
N LYS B 121 -1.06 -69.48 -22.88
CA LYS B 121 -0.32 -69.78 -24.10
C LYS B 121 -0.23 -71.27 -24.47
N ILE B 122 -0.17 -72.15 -23.47
CA ILE B 122 -0.02 -73.57 -23.75
C ILE B 122 -1.25 -74.19 -24.44
N PRO B 123 -2.48 -73.91 -23.95
CA PRO B 123 -3.60 -74.46 -24.71
C PRO B 123 -3.77 -73.82 -26.07
N ALA B 124 -3.14 -72.68 -26.30
CA ALA B 124 -3.24 -71.99 -27.59
C ALA B 124 -2.09 -72.34 -28.52
N GLY B 125 -1.18 -73.19 -28.05
CA GLY B 125 -0.03 -73.61 -28.86
C GLY B 125 0.91 -72.48 -29.20
N LEU B 126 0.95 -71.47 -28.35
CA LEU B 126 1.74 -70.27 -28.61
C LEU B 126 3.10 -70.31 -27.94
N ASP B 127 4.14 -70.44 -28.76
CA ASP B 127 5.54 -70.40 -28.31
C ASP B 127 5.81 -71.38 -27.18
N THR B 128 5.23 -72.57 -27.28
CA THR B 128 5.17 -73.48 -26.14
C THR B 128 6.53 -73.93 -25.68
N ASP B 129 7.42 -74.27 -26.61
CA ASP B 129 8.75 -74.73 -26.22
C ASP B 129 9.50 -73.63 -25.49
N LEU B 130 9.34 -72.41 -25.99
CA LEU B 130 9.93 -71.24 -25.38
C LEU B 130 9.36 -70.92 -24.00
N VAL B 131 8.04 -70.97 -23.87
CA VAL B 131 7.39 -70.71 -22.60
C VAL B 131 7.80 -71.70 -21.53
N LEU B 132 7.84 -72.96 -21.89
CA LEU B 132 8.17 -74.01 -20.95
C LEU B 132 9.63 -73.90 -20.54
N GLU B 133 10.50 -73.54 -21.48
CA GLU B 133 11.90 -73.36 -21.16
C GLU B 133 12.13 -72.17 -20.23
N GLU B 134 11.39 -71.09 -20.44
CA GLU B 134 11.47 -69.94 -19.52
C GLU B 134 11.08 -70.36 -18.12
N GLY B 135 10.05 -71.19 -18.01
CA GLY B 135 9.63 -71.71 -16.73
C GLY B 135 10.68 -72.58 -16.08
N ALA B 136 11.30 -73.45 -16.88
CA ALA B 136 12.34 -74.33 -16.36
C ALA B 136 13.50 -73.52 -15.79
N ARG B 137 13.88 -72.45 -16.49
CA ARG B 137 14.98 -71.61 -16.05
C ARG B 137 14.63 -70.87 -14.77
N LEU B 138 13.36 -70.47 -14.62
CA LEU B 138 12.90 -69.82 -13.39
C LEU B 138 12.94 -70.78 -12.20
N TYR B 139 12.43 -71.98 -12.40
CA TYR B 139 12.34 -72.94 -11.32
C TYR B 139 13.75 -73.36 -10.92
N GLU B 140 14.67 -73.38 -11.88
CA GLU B 140 16.08 -73.61 -11.57
C GLU B 140 16.61 -72.51 -10.64
N ARG B 141 16.30 -71.25 -10.95
CA ARG B 141 16.75 -70.16 -10.11
C ARG B 141 16.10 -70.24 -8.73
N ALA B 142 14.83 -70.62 -8.71
CA ALA B 142 14.10 -70.79 -7.47
C ALA B 142 14.76 -71.85 -6.60
N ALA B 143 15.13 -72.95 -7.24
CA ALA B 143 15.73 -74.08 -6.55
C ALA B 143 17.07 -73.70 -5.96
N ALA B 144 17.73 -72.73 -6.57
CA ALA B 144 19.05 -72.28 -6.14
C ALA B 144 19.02 -71.79 -4.70
N ASP B 145 17.92 -71.19 -4.28
CA ASP B 145 17.83 -70.57 -2.96
C ASP B 145 17.04 -71.40 -1.94
N VAL B 146 16.75 -72.65 -2.25
CA VAL B 146 16.00 -73.48 -1.33
C VAL B 146 16.97 -74.31 -0.50
N PRO B 147 16.94 -74.12 0.82
CA PRO B 147 17.92 -74.70 1.76
C PRO B 147 17.70 -76.19 2.00
N GLY B 148 16.46 -76.66 1.92
CA GLY B 148 16.20 -78.06 2.21
C GLY B 148 16.42 -78.85 0.94
N ARG B 149 17.17 -79.94 1.04
CA ARG B 149 17.58 -80.67 -0.16
C ARG B 149 16.44 -81.40 -0.87
N GLU B 150 15.50 -81.95 -0.13
CA GLU B 150 14.36 -82.63 -0.75
C GLU B 150 13.41 -81.67 -1.46
N ASP B 151 13.14 -80.52 -0.86
CA ASP B 151 12.38 -79.48 -1.52
C ASP B 151 13.06 -79.00 -2.79
N ARG B 152 14.37 -78.81 -2.70
CA ARG B 152 15.15 -78.39 -3.85
C ARG B 152 15.07 -79.42 -4.97
N ARG B 153 15.20 -80.70 -4.61
CA ARG B 153 15.13 -81.79 -5.58
C ARG B 153 13.74 -81.85 -6.20
N GLU B 154 12.72 -81.51 -5.43
CA GLU B 154 11.35 -81.50 -5.94
C GLU B 154 11.23 -80.46 -7.04
N LEU B 155 11.86 -79.31 -6.86
CA LEU B 155 11.81 -78.27 -7.88
C LEU B 155 12.64 -78.66 -9.10
N LEU B 156 13.79 -79.30 -8.88
CA LEU B 156 14.63 -79.69 -9.99
C LEU B 156 13.92 -80.77 -10.81
N ALA B 157 13.14 -81.60 -10.13
CA ALA B 157 12.32 -82.60 -10.78
C ALA B 157 11.23 -81.95 -11.65
N ALA B 158 10.71 -80.82 -11.16
CA ALA B 158 9.74 -80.04 -11.92
C ALA B 158 10.42 -79.44 -13.16
N VAL B 159 11.63 -78.93 -12.97
CA VAL B 159 12.43 -78.42 -14.07
C VAL B 159 12.60 -79.48 -15.14
N ASP B 160 12.99 -80.67 -14.70
CA ASP B 160 13.29 -81.77 -15.60
C ASP B 160 12.05 -82.23 -16.35
N ALA B 161 10.90 -82.20 -15.68
CA ALA B 161 9.68 -82.56 -16.37
C ALA B 161 9.31 -81.48 -17.37
N LEU B 162 9.47 -80.22 -16.98
CA LEU B 162 9.30 -79.11 -17.91
C LEU B 162 10.19 -79.25 -19.14
N ARG B 163 11.41 -79.73 -18.92
CA ARG B 163 12.40 -79.85 -19.98
C ARG B 163 12.30 -81.20 -20.69
N ASP B 164 11.10 -81.58 -21.12
CA ASP B 164 10.94 -82.90 -21.70
C ASP B 164 10.00 -82.88 -22.89
N GLU B 165 10.57 -82.74 -24.08
CA GLU B 165 9.82 -82.56 -25.32
C GLU B 165 9.07 -83.83 -25.75
N SER B 166 9.30 -84.92 -25.02
CA SER B 166 8.64 -86.18 -25.33
C SER B 166 7.29 -86.26 -24.61
N ARG B 167 7.00 -85.25 -23.79
CA ARG B 167 5.73 -85.22 -23.08
C ARG B 167 4.87 -84.15 -23.73
N PRO B 168 3.54 -84.29 -23.63
CA PRO B 168 2.61 -83.29 -24.18
C PRO B 168 2.73 -81.94 -23.48
N ALA B 169 2.51 -80.85 -24.23
CA ALA B 169 2.63 -79.51 -23.67
C ALA B 169 1.82 -79.38 -22.39
N ALA B 170 0.59 -79.91 -22.42
CA ALA B 170 -0.31 -79.82 -21.29
C ALA B 170 0.23 -80.56 -20.06
N SER B 171 0.89 -81.68 -20.30
CA SER B 171 1.50 -82.47 -19.23
C SER B 171 2.73 -81.78 -18.67
N ARG B 172 3.52 -81.20 -19.55
CA ARG B 172 4.71 -80.46 -19.15
C ARG B 172 4.30 -79.29 -18.25
N LEU B 173 3.26 -78.56 -18.65
CA LEU B 173 2.74 -77.46 -17.85
C LEU B 173 2.18 -77.99 -16.53
N ALA B 174 1.37 -79.04 -16.61
CA ALA B 174 0.73 -79.61 -15.44
C ALA B 174 1.75 -79.99 -14.35
N ALA B 175 2.91 -80.48 -14.79
CA ALA B 175 3.97 -80.90 -13.88
C ALA B 175 4.48 -79.73 -13.06
N ALA B 176 4.27 -78.53 -13.58
CA ALA B 176 4.69 -77.29 -12.92
C ALA B 176 3.60 -76.78 -11.98
N LEU B 177 2.47 -77.50 -11.93
CA LEU B 177 1.30 -77.00 -11.23
C LEU B 177 0.82 -77.94 -10.12
N THR B 178 1.68 -78.84 -9.67
CA THR B 178 1.27 -79.79 -8.66
C THR B 178 1.16 -79.09 -7.29
N PRO B 179 0.35 -79.66 -6.37
CA PRO B 179 0.22 -79.14 -5.01
C PRO B 179 1.52 -79.09 -4.22
N GLN B 180 2.41 -80.05 -4.44
CA GLN B 180 3.68 -80.11 -3.71
C GLN B 180 4.60 -78.98 -4.14
N VAL B 181 4.59 -78.71 -5.43
CA VAL B 181 5.34 -77.59 -5.98
C VAL B 181 4.76 -76.28 -5.43
N ASP B 182 3.44 -76.14 -5.48
CA ASP B 182 2.81 -74.94 -4.95
C ASP B 182 3.25 -74.68 -3.52
N ALA B 183 3.33 -75.76 -2.73
CA ALA B 183 3.73 -75.68 -1.33
C ALA B 183 5.17 -75.21 -1.11
N VAL B 184 6.09 -75.71 -1.93
CA VAL B 184 7.49 -75.29 -1.85
C VAL B 184 7.64 -73.84 -2.22
N LEU B 185 7.00 -73.43 -3.31
CA LEU B 185 7.13 -72.08 -3.81
C LEU B 185 6.44 -71.15 -2.83
N ALA B 186 5.47 -71.69 -2.11
CA ALA B 186 4.77 -70.92 -1.10
C ALA B 186 5.71 -70.55 0.04
N ARG B 187 6.55 -71.48 0.47
CA ARG B 187 7.45 -71.22 1.58
C ARG B 187 8.73 -70.49 1.15
N HIS B 188 9.29 -70.87 0.00
CA HIS B 188 10.52 -70.25 -0.53
C HIS B 188 10.35 -69.72 -1.94
N PRO B 189 9.55 -68.66 -2.11
CA PRO B 189 9.37 -68.14 -3.47
C PRO B 189 10.63 -67.56 -4.09
N LEU B 190 10.68 -67.55 -5.42
CA LEU B 190 11.70 -66.81 -6.13
C LEU B 190 11.34 -65.34 -6.13
N ARG B 191 12.13 -64.54 -5.43
CA ARG B 191 11.88 -63.12 -5.30
C ARG B 191 12.87 -62.29 -6.12
N ASP B 192 12.36 -61.56 -7.09
CA ASP B 192 13.21 -60.66 -7.88
C ASP B 192 13.37 -59.30 -7.23
N LEU B 193 14.58 -58.76 -7.28
CA LEU B 193 14.83 -57.35 -6.98
C LEU B 193 14.32 -56.93 -5.62
N VAL B 194 14.60 -57.74 -4.61
CA VAL B 194 14.05 -57.51 -3.28
C VAL B 194 14.41 -56.12 -2.80
N THR B 195 13.38 -55.40 -2.34
CA THR B 195 13.48 -54.02 -1.93
C THR B 195 12.84 -53.90 -0.56
N SER B 196 13.54 -53.23 0.35
CA SER B 196 13.06 -53.12 1.73
C SER B 196 12.69 -51.70 2.13
N SER B 197 11.67 -51.60 2.99
CA SER B 197 11.37 -50.35 3.68
C SER B 197 12.42 -50.03 4.72
N ASP B 198 12.46 -48.77 5.16
CA ASP B 198 13.25 -48.44 6.32
C ASP B 198 12.56 -48.97 7.57
N PRO B 199 13.34 -49.47 8.53
CA PRO B 199 12.77 -50.11 9.72
C PRO B 199 11.94 -49.17 10.57
N LEU B 200 10.84 -49.67 11.13
CA LEU B 200 10.05 -48.89 12.07
C LEU B 200 10.11 -49.55 13.44
N PRO B 201 10.10 -48.72 14.51
CA PRO B 201 10.26 -49.26 15.86
C PRO B 201 8.96 -49.77 16.40
N LEU B 202 9.02 -50.86 17.15
CA LEU B 202 7.85 -51.43 17.81
C LEU B 202 8.19 -51.70 19.25
N LEU B 203 7.37 -51.17 20.17
CA LEU B 203 7.60 -51.39 21.58
C LEU B 203 6.67 -52.44 22.13
N VAL B 204 7.24 -53.57 22.56
CA VAL B 204 6.44 -54.65 23.09
C VAL B 204 6.52 -54.66 24.60
N GLU B 205 5.37 -54.58 25.25
CA GLU B 205 5.36 -54.48 26.69
C GLU B 205 4.58 -55.66 27.23
N ARG B 206 4.52 -55.79 28.55
CA ARG B 206 3.92 -56.98 29.13
C ARG B 206 2.41 -57.01 29.00
N GLU B 207 1.84 -58.20 29.17
CA GLU B 207 0.41 -58.44 28.98
C GLU B 207 -0.48 -57.45 29.72
N ARG B 208 -0.11 -57.14 30.96
CA ARG B 208 -0.96 -56.33 31.82
C ARG B 208 -1.14 -54.93 31.30
N ALA B 209 -0.22 -54.49 30.43
CA ALA B 209 -0.34 -53.18 29.82
C ALA B 209 -1.60 -53.10 28.98
N LEU B 210 -1.98 -54.21 28.35
CA LEU B 210 -3.17 -54.26 27.51
C LEU B 210 -4.36 -54.87 28.23
N TYR B 211 -4.09 -55.90 29.03
CA TYR B 211 -5.16 -56.73 29.56
C TYR B 211 -5.14 -56.77 31.10
N GLY B 212 -6.26 -56.43 31.71
CA GLY B 212 -6.39 -56.53 33.14
C GLY B 212 -7.69 -55.92 33.61
N ALA B 213 -8.15 -56.37 34.78
CA ALA B 213 -9.34 -55.83 35.40
C ALA B 213 -8.95 -55.03 36.64
N TRP B 214 -9.41 -53.79 36.69
CA TRP B 214 -9.03 -52.86 37.73
C TRP B 214 -10.14 -52.58 38.74
N TYR B 215 -9.74 -52.40 40.00
CA TYR B 215 -10.70 -52.08 41.05
C TYR B 215 -10.18 -50.90 41.87
N GLU B 216 -10.97 -49.84 41.96
CA GLU B 216 -10.57 -48.67 42.74
C GLU B 216 -11.29 -48.61 44.09
N PHE B 217 -10.56 -48.43 45.17
CA PHE B 217 -11.20 -48.19 46.46
C PHE B 217 -10.32 -47.36 47.39
N PHE B 218 -10.96 -46.73 48.37
CA PHE B 218 -10.27 -45.90 49.35
C PHE B 218 -9.97 -46.71 50.62
N PRO B 219 -8.69 -47.02 50.86
CA PRO B 219 -8.31 -47.74 52.07
C PRO B 219 -8.83 -47.11 53.37
N ARG B 220 -8.89 -45.78 53.44
CA ARG B 220 -9.29 -45.10 54.68
C ARG B 220 -10.74 -45.38 55.03
N SER B 221 -11.53 -45.74 54.02
CA SER B 221 -12.94 -46.03 54.24
C SER B 221 -13.14 -47.40 54.87
N GLU B 222 -12.11 -48.23 54.82
CA GLU B 222 -12.23 -49.59 55.31
C GLU B 222 -11.63 -49.71 56.71
N GLY B 223 -12.33 -49.15 57.68
CA GLY B 223 -11.81 -49.17 59.03
C GLY B 223 -12.63 -50.11 59.88
N THR B 224 -12.68 -49.83 61.17
CA THR B 224 -13.35 -50.69 62.13
C THR B 224 -14.26 -49.85 63.00
N PRO B 225 -15.19 -50.48 63.73
CA PRO B 225 -16.01 -49.72 64.67
C PRO B 225 -15.14 -48.94 65.63
N HIS B 226 -14.07 -49.57 66.10
CA HIS B 226 -13.17 -48.94 67.06
C HIS B 226 -12.34 -47.86 66.37
N THR B 227 -11.89 -48.16 65.15
CA THR B 227 -11.02 -47.26 64.41
C THR B 227 -11.59 -47.03 63.00
N PRO B 228 -12.51 -46.06 62.85
CA PRO B 228 -13.21 -45.87 61.58
C PRO B 228 -12.29 -45.58 60.40
N HIS B 229 -11.18 -44.89 60.65
CA HIS B 229 -10.24 -44.58 59.59
C HIS B 229 -9.40 -45.82 59.35
N GLY B 230 -9.58 -46.44 58.20
CA GLY B 230 -8.84 -47.65 57.88
C GLY B 230 -7.34 -47.46 57.82
N THR B 231 -6.62 -48.55 58.05
CA THR B 231 -5.19 -48.58 57.85
C THR B 231 -4.92 -49.54 56.71
N PHE B 232 -3.67 -49.64 56.27
CA PHE B 232 -3.30 -50.65 55.30
C PHE B 232 -3.56 -52.01 55.88
N ARG B 233 -3.38 -52.13 57.19
CA ARG B 233 -3.57 -53.37 57.90
C ARG B 233 -5.04 -53.77 57.86
N THR B 234 -5.92 -52.79 58.10
CA THR B 234 -7.34 -53.09 58.13
C THR B 234 -7.89 -53.23 56.73
N ALA B 235 -7.41 -52.38 55.82
CA ALA B 235 -7.89 -52.38 54.45
C ALA B 235 -7.52 -53.66 53.70
N ALA B 236 -6.43 -54.30 54.09
CA ALA B 236 -6.02 -55.50 53.41
C ALA B 236 -7.07 -56.59 53.52
N ARG B 237 -7.91 -56.47 54.54
CA ARG B 237 -9.01 -57.39 54.72
C ARG B 237 -10.03 -57.35 53.58
N ARG B 238 -10.09 -56.22 52.87
CA ARG B 238 -10.97 -56.08 51.71
C ARG B 238 -10.41 -56.79 50.47
N LEU B 239 -9.10 -56.99 50.46
CA LEU B 239 -8.41 -57.50 49.27
C LEU B 239 -8.90 -58.88 48.81
N PRO B 240 -9.16 -59.81 49.75
CA PRO B 240 -9.66 -61.11 49.27
C PRO B 240 -10.97 -61.00 48.51
N ALA B 241 -11.84 -60.09 48.92
CA ALA B 241 -13.11 -59.92 48.24
C ALA B 241 -12.88 -59.38 46.83
N ILE B 242 -11.91 -58.49 46.70
CA ILE B 242 -11.56 -57.92 45.40
C ILE B 242 -10.97 -58.95 44.47
N ALA B 243 -10.07 -59.78 44.99
CA ALA B 243 -9.50 -60.87 44.21
C ALA B 243 -10.58 -61.86 43.79
N ALA B 244 -11.53 -62.11 44.69
CA ALA B 244 -12.59 -63.08 44.42
C ALA B 244 -13.52 -62.58 43.32
N MET B 245 -13.56 -61.28 43.13
CA MET B 245 -14.37 -60.72 42.04
C MET B 245 -13.61 -60.82 40.73
N GLY B 246 -12.38 -61.32 40.79
CA GLY B 246 -11.58 -61.56 39.60
C GLY B 246 -10.77 -60.38 39.08
N PHE B 247 -10.47 -59.42 39.93
CA PHE B 247 -9.63 -58.29 39.52
C PHE B 247 -8.14 -58.63 39.62
N ASP B 248 -7.33 -57.88 38.89
CA ASP B 248 -5.89 -58.14 38.80
C ASP B 248 -5.08 -56.97 39.34
N VAL B 249 -5.67 -55.79 39.30
CA VAL B 249 -4.98 -54.56 39.69
C VAL B 249 -5.86 -53.80 40.65
N VAL B 250 -5.27 -53.33 41.74
CA VAL B 250 -5.94 -52.44 42.65
C VAL B 250 -5.36 -51.04 42.57
N TYR B 251 -6.21 -50.08 42.23
CA TYR B 251 -5.79 -48.70 42.15
C TYR B 251 -6.18 -47.97 43.43
N LEU B 252 -5.17 -47.44 44.13
CA LEU B 252 -5.39 -46.67 45.35
C LEU B 252 -5.23 -45.19 45.08
N PRO B 253 -6.16 -44.38 45.58
CA PRO B 253 -5.99 -42.92 45.62
C PRO B 253 -4.74 -42.56 46.42
N PRO B 254 -4.27 -41.31 46.34
CA PRO B 254 -3.01 -40.98 47.01
C PRO B 254 -2.97 -41.40 48.48
N ILE B 255 -1.85 -41.98 48.90
CA ILE B 255 -1.71 -42.57 50.22
C ILE B 255 -0.84 -41.74 51.13
N HIS B 256 -0.65 -40.47 50.78
CA HIS B 256 0.29 -39.62 51.50
C HIS B 256 -0.44 -38.78 52.54
N PRO B 257 0.32 -38.08 53.42
CA PRO B 257 -0.35 -37.14 54.31
C PRO B 257 -1.16 -36.12 53.54
N ILE B 258 -2.20 -35.57 54.17
CA ILE B 258 -3.10 -34.63 53.51
C ILE B 258 -3.05 -33.27 54.18
N GLY B 259 -2.98 -32.21 53.37
CA GLY B 259 -2.88 -30.86 53.90
C GLY B 259 -4.06 -30.47 54.78
N THR B 260 -3.81 -29.52 55.68
CA THR B 260 -4.85 -28.95 56.52
C THR B 260 -5.31 -27.57 56.08
N THR B 261 -4.40 -26.79 55.53
CA THR B 261 -4.73 -25.46 55.04
C THR B 261 -5.72 -25.51 53.87
N HIS B 262 -6.85 -24.83 54.02
CA HIS B 262 -7.91 -24.81 53.00
C HIS B 262 -8.45 -26.19 52.69
N ARG B 263 -8.37 -27.10 53.65
CA ARG B 263 -8.95 -28.42 53.47
C ARG B 263 -10.43 -28.37 53.14
N LYS B 264 -10.84 -29.20 52.18
CA LYS B 264 -12.23 -29.31 51.77
C LYS B 264 -13.04 -30.10 52.77
N GLY B 265 -14.30 -29.71 52.94
CA GLY B 265 -15.19 -30.45 53.82
C GLY B 265 -16.01 -31.42 53.01
N ARG B 266 -17.00 -32.04 53.64
CA ARG B 266 -17.84 -33.01 52.97
C ARG B 266 -18.55 -32.38 51.78
N ASN B 267 -18.79 -33.20 50.75
CA ASN B 267 -19.46 -32.76 49.54
C ASN B 267 -18.78 -31.57 48.83
N ASN B 268 -17.46 -31.55 48.89
CA ASN B 268 -16.62 -30.56 48.21
C ASN B 268 -16.94 -29.14 48.66
N THR B 269 -17.23 -28.99 49.95
CA THR B 269 -17.37 -27.68 50.57
C THR B 269 -16.02 -27.05 50.89
N LEU B 270 -15.99 -25.73 50.97
CA LEU B 270 -14.72 -25.00 51.05
C LEU B 270 -14.01 -25.11 52.40
N SER B 271 -14.75 -25.22 53.49
CA SER B 271 -14.11 -25.24 54.81
C SER B 271 -14.38 -26.51 55.60
N ALA B 272 -13.32 -27.24 55.89
CA ALA B 272 -13.40 -28.42 56.75
C ALA B 272 -13.77 -28.05 58.18
N THR B 273 -14.59 -28.87 58.82
CA THR B 273 -14.91 -28.67 60.22
C THR B 273 -14.66 -29.96 60.99
N GLY B 274 -14.27 -29.83 62.26
CA GLY B 274 -14.10 -30.98 63.10
C GLY B 274 -13.16 -32.05 62.58
N ASP B 275 -13.74 -33.22 62.34
CA ASP B 275 -12.95 -34.39 61.98
C ASP B 275 -12.93 -34.68 60.49
N ASP B 276 -13.35 -33.72 59.68
CA ASP B 276 -13.31 -33.88 58.23
C ASP B 276 -11.93 -34.35 57.79
N VAL B 277 -11.91 -35.34 56.91
CA VAL B 277 -10.67 -36.04 56.55
C VAL B 277 -9.97 -35.43 55.33
N GLY B 278 -10.69 -34.61 54.56
CA GLY B 278 -10.14 -33.95 53.39
C GLY B 278 -9.87 -34.81 52.16
N SER B 279 -9.42 -34.19 51.07
CA SER B 279 -9.15 -34.91 49.82
C SER B 279 -7.74 -35.47 49.76
N PRO B 280 -7.62 -36.77 49.42
CA PRO B 280 -6.30 -37.40 49.26
C PRO B 280 -5.42 -36.72 48.24
N TRP B 281 -6.02 -35.98 47.31
CA TRP B 281 -5.24 -35.35 46.27
C TRP B 281 -4.59 -34.06 46.75
N ALA B 282 -4.92 -33.63 47.97
CA ALA B 282 -4.27 -32.47 48.55
C ALA B 282 -3.02 -32.93 49.29
N ILE B 283 -2.02 -33.34 48.53
CA ILE B 283 -0.89 -34.11 49.05
C ILE B 283 0.16 -33.26 49.74
N GLY B 284 0.55 -33.65 50.95
CA GLY B 284 1.70 -33.06 51.57
C GLY B 284 1.43 -32.28 52.85
N SER B 285 2.33 -32.44 53.82
CA SER B 285 2.24 -31.72 55.09
C SER B 285 3.63 -31.74 55.72
N PRO B 286 3.80 -31.15 56.91
CA PRO B 286 5.07 -31.31 57.64
C PRO B 286 5.46 -32.76 57.94
N GLU B 287 4.48 -33.67 57.84
CA GLU B 287 4.70 -35.09 58.14
C GLU B 287 5.40 -35.82 57.00
N GLY B 288 5.50 -35.16 55.85
CA GLY B 288 6.20 -35.71 54.71
C GLY B 288 5.43 -35.48 53.43
N GLY B 289 6.04 -35.83 52.31
CA GLY B 289 5.46 -35.57 51.00
C GLY B 289 5.08 -36.82 50.23
N HIS B 290 5.33 -36.79 48.93
CA HIS B 290 4.93 -37.86 48.03
C HIS B 290 5.69 -39.15 48.30
N ASP B 291 6.73 -39.09 49.12
CA ASP B 291 7.43 -40.31 49.46
C ASP B 291 7.04 -40.76 50.85
N SER B 292 5.94 -40.21 51.36
CA SER B 292 5.52 -40.52 52.71
C SER B 292 4.12 -41.12 52.74
N ILE B 293 3.79 -41.78 53.85
CA ILE B 293 2.46 -42.33 54.06
C ILE B 293 1.64 -41.54 55.07
N HIS B 294 0.37 -41.29 54.75
CA HIS B 294 -0.58 -40.73 55.72
C HIS B 294 -0.53 -41.54 57.02
N PRO B 295 -0.32 -40.85 58.15
CA PRO B 295 -0.14 -41.50 59.45
C PRO B 295 -1.33 -42.36 59.89
N ALA B 296 -2.53 -41.97 59.49
CA ALA B 296 -3.72 -42.71 59.86
C ALA B 296 -3.80 -44.02 59.07
N LEU B 297 -2.99 -44.11 58.02
CA LEU B 297 -2.96 -45.33 57.21
C LEU B 297 -1.98 -46.34 57.78
N GLY B 298 -1.08 -45.86 58.64
CA GLY B 298 -0.07 -46.75 59.19
C GLY B 298 1.34 -46.38 58.76
N THR B 299 2.20 -47.39 58.71
CA THR B 299 3.61 -47.15 58.41
C THR B 299 3.98 -47.71 57.07
N LEU B 300 5.22 -47.47 56.66
CA LEU B 300 5.74 -48.04 55.43
C LEU B 300 5.72 -49.55 55.51
N ASP B 301 5.98 -50.07 56.71
CA ASP B 301 5.90 -51.50 56.95
C ASP B 301 4.48 -52.03 56.71
N ASP B 302 3.49 -51.25 57.12
CA ASP B 302 2.10 -51.62 56.88
C ASP B 302 1.78 -51.65 55.40
N PHE B 303 2.28 -50.65 54.67
CA PHE B 303 2.11 -50.62 53.23
C PHE B 303 2.73 -51.84 52.56
N ASP B 304 3.93 -52.18 52.99
CA ASP B 304 4.64 -53.34 52.45
C ASP B 304 3.80 -54.58 52.65
N HIS B 305 3.19 -54.67 53.83
CA HIS B 305 2.29 -55.76 54.17
C HIS B 305 1.10 -55.82 53.21
N PHE B 306 0.50 -54.66 52.95
CA PHE B 306 -0.64 -54.56 52.04
C PHE B 306 -0.30 -55.01 50.64
N VAL B 307 0.86 -54.58 50.16
CA VAL B 307 1.30 -54.93 48.83
C VAL B 307 1.55 -56.43 48.75
N THR B 308 2.13 -56.99 49.79
CA THR B 308 2.43 -58.42 49.83
C THR B 308 1.16 -59.27 49.83
N GLU B 309 0.20 -58.91 50.66
CA GLU B 309 -1.05 -59.64 50.71
C GLU B 309 -1.78 -59.55 49.38
N ALA B 310 -1.70 -58.38 48.74
CA ALA B 310 -2.30 -58.23 47.43
C ALA B 310 -1.61 -59.15 46.44
N GLY B 311 -0.29 -59.19 46.48
CA GLY B 311 0.45 -60.01 45.56
C GLY B 311 0.12 -61.49 45.71
N LYS B 312 -0.05 -61.92 46.96
CA LYS B 312 -0.39 -63.30 47.26
C LYS B 312 -1.76 -63.65 46.69
N LEU B 313 -2.61 -62.64 46.58
CA LEU B 313 -3.96 -62.84 46.05
C LEU B 313 -4.00 -62.58 44.57
N GLY B 314 -2.84 -62.35 43.96
CA GLY B 314 -2.81 -62.09 42.53
C GLY B 314 -3.19 -60.67 42.20
N LEU B 315 -2.97 -59.75 43.13
CA LEU B 315 -3.31 -58.35 42.91
C LEU B 315 -2.05 -57.49 42.83
N GLU B 316 -1.95 -56.72 41.75
CA GLU B 316 -0.92 -55.70 41.65
C GLU B 316 -1.43 -54.36 42.13
N ILE B 317 -0.56 -53.58 42.75
CA ILE B 317 -0.95 -52.26 43.21
C ILE B 317 -0.64 -51.18 42.19
N ALA B 318 -1.63 -50.33 41.93
CA ALA B 318 -1.41 -49.13 41.16
C ALA B 318 -1.59 -47.93 42.08
N LEU B 319 -0.53 -47.16 42.28
CA LEU B 319 -0.66 -45.95 43.09
C LEU B 319 -0.99 -44.74 42.24
N ASP B 320 -1.81 -43.85 42.79
CA ASP B 320 -2.06 -42.57 42.16
C ASP B 320 -0.82 -41.69 42.24
N PHE B 321 -0.43 -41.10 41.11
CA PHE B 321 0.59 -40.06 41.13
C PHE B 321 0.01 -38.73 40.67
N ALA B 322 -0.16 -37.82 41.62
CA ALA B 322 -0.74 -36.52 41.34
C ALA B 322 0.31 -35.46 41.57
N LEU B 323 0.88 -34.93 40.48
CA LEU B 323 1.99 -34.01 40.61
C LEU B 323 1.45 -32.63 40.86
N GLN B 324 1.19 -32.40 42.14
CA GLN B 324 0.59 -31.18 42.65
C GLN B 324 0.80 -31.32 44.14
N CYS B 325 0.51 -30.27 44.89
CA CYS B 325 0.63 -30.38 46.33
C CYS B 325 -0.17 -29.35 47.13
N SER B 326 -0.47 -29.72 48.38
CA SER B 326 -1.18 -28.86 49.33
C SER B 326 -0.28 -27.69 49.75
N PRO B 327 -0.88 -26.63 50.32
CA PRO B 327 -0.07 -25.50 50.82
C PRO B 327 0.89 -25.90 51.94
N ASP B 328 0.70 -27.07 52.51
CA ASP B 328 1.50 -27.51 53.62
C ASP B 328 2.63 -28.44 53.19
N HIS B 329 2.69 -28.76 51.90
CA HIS B 329 3.72 -29.65 51.39
C HIS B 329 5.08 -28.98 51.63
N PRO B 330 6.09 -29.76 52.03
CA PRO B 330 7.47 -29.27 52.22
C PRO B 330 8.05 -28.50 51.04
N TRP B 331 7.68 -28.87 49.82
CA TRP B 331 8.19 -28.22 48.62
C TRP B 331 7.85 -26.74 48.60
N VAL B 332 6.75 -26.38 49.24
CA VAL B 332 6.26 -25.01 49.18
C VAL B 332 7.30 -24.06 49.74
N HIS B 333 7.97 -24.47 50.82
CA HIS B 333 9.06 -23.67 51.37
C HIS B 333 10.45 -24.13 50.93
N LYS B 334 10.59 -25.41 50.58
CA LYS B 334 11.88 -25.95 50.18
C LYS B 334 12.25 -25.60 48.73
N HIS B 335 11.24 -25.51 47.88
CA HIS B 335 11.41 -25.24 46.45
C HIS B 335 10.38 -24.25 45.94
N PRO B 336 10.47 -22.99 46.37
CA PRO B 336 9.50 -21.98 45.95
C PRO B 336 9.42 -21.84 44.43
N GLU B 337 10.53 -22.14 43.75
CA GLU B 337 10.59 -21.91 42.32
C GLU B 337 9.84 -22.99 41.53
N TRP B 338 9.28 -23.96 42.24
CA TRP B 338 8.43 -24.98 41.64
C TRP B 338 6.97 -24.52 41.56
N PHE B 339 6.73 -23.26 41.83
CA PHE B 339 5.37 -22.72 41.79
C PHE B 339 5.33 -21.37 41.10
N HIS B 340 4.20 -21.05 40.48
CA HIS B 340 4.06 -19.72 39.90
C HIS B 340 3.51 -18.81 40.99
N HIS B 341 4.25 -17.75 41.30
CA HIS B 341 3.83 -16.78 42.31
C HIS B 341 3.30 -15.49 41.71
N ARG B 342 2.19 -14.99 42.24
CA ARG B 342 1.67 -13.70 41.79
C ARG B 342 2.56 -12.60 42.40
N PRO B 343 2.38 -11.33 41.97
CA PRO B 343 3.25 -10.26 42.48
C PRO B 343 3.31 -10.07 44.00
N ASP B 344 2.29 -10.47 44.75
CA ASP B 344 2.35 -10.30 46.18
C ASP B 344 2.93 -11.53 46.87
N GLY B 345 3.41 -12.46 46.05
CA GLY B 345 4.05 -13.68 46.52
C GLY B 345 3.10 -14.84 46.79
N THR B 346 1.80 -14.58 46.72
CA THR B 346 0.83 -15.62 47.01
C THR B 346 0.71 -16.56 45.82
N ILE B 347 0.24 -17.78 46.07
CA ILE B 347 0.04 -18.73 44.98
C ILE B 347 -1.43 -19.07 44.78
N ALA B 348 -1.91 -18.86 43.56
CA ALA B 348 -3.30 -19.12 43.23
C ALA B 348 -3.55 -20.61 43.25
N HIS B 349 -4.71 -21.04 43.73
CA HIS B 349 -4.98 -22.47 43.80
C HIS B 349 -5.15 -23.01 42.40
N ALA B 350 -4.99 -24.33 42.24
CA ALA B 350 -5.08 -24.89 40.91
C ALA B 350 -6.50 -25.01 40.39
N GLU B 351 -6.64 -25.07 39.07
CA GLU B 351 -7.94 -25.19 38.43
C GLU B 351 -7.84 -25.96 37.13
N ASN B 352 -8.96 -26.51 36.70
CA ASN B 352 -9.08 -27.09 35.36
C ASN B 352 -10.52 -26.81 34.92
N PRO B 353 -10.80 -25.55 34.57
CA PRO B 353 -12.13 -24.95 34.46
C PRO B 353 -13.10 -25.81 33.67
N PRO B 354 -14.34 -25.96 34.18
CA PRO B 354 -14.82 -25.21 35.34
C PRO B 354 -14.53 -25.80 36.72
N LYS B 355 -13.74 -26.86 36.85
CA LYS B 355 -13.48 -27.38 38.19
C LYS B 355 -12.48 -26.49 38.93
N LYS B 356 -12.72 -26.26 40.22
CA LYS B 356 -11.76 -25.52 41.03
C LYS B 356 -11.18 -26.37 42.17
N TYR B 357 -9.88 -26.24 42.37
CA TYR B 357 -9.18 -27.03 43.38
C TYR B 357 -8.58 -26.12 44.45
N GLN B 358 -9.44 -25.52 45.26
CA GLN B 358 -9.01 -24.56 46.27
C GLN B 358 -8.04 -25.12 47.32
N ASP B 359 -7.96 -26.44 47.42
CA ASP B 359 -7.10 -27.07 48.42
C ASP B 359 -5.67 -27.37 47.97
N ILE B 360 -5.32 -27.02 46.73
CA ILE B 360 -3.98 -27.31 46.22
C ILE B 360 -3.36 -26.20 45.36
N TYR B 361 -2.04 -26.22 45.29
CA TYR B 361 -1.28 -25.38 44.38
C TYR B 361 -0.85 -26.25 43.20
N PRO B 362 -0.87 -25.68 41.98
CA PRO B 362 -0.29 -26.36 40.83
C PRO B 362 1.21 -26.17 40.72
N ILE B 363 1.87 -27.14 40.10
CA ILE B 363 3.31 -27.06 39.87
C ILE B 363 3.64 -26.21 38.65
N ALA B 364 4.70 -25.42 38.76
CA ALA B 364 5.24 -24.68 37.63
C ALA B 364 6.51 -25.38 37.18
N PHE B 365 6.68 -25.53 35.87
CA PHE B 365 7.68 -26.48 35.38
C PHE B 365 8.87 -25.81 34.70
N ASP B 366 8.82 -24.49 34.57
CA ASP B 366 9.79 -23.85 33.69
C ASP B 366 10.95 -23.17 34.43
N ALA B 367 10.94 -23.20 35.75
CA ALA B 367 12.08 -22.73 36.53
C ALA B 367 13.14 -23.78 36.83
N ASP B 368 12.70 -24.98 37.18
CA ASP B 368 13.60 -26.07 37.54
C ASP B 368 13.12 -27.39 36.96
N PRO B 369 13.12 -27.50 35.62
CA PRO B 369 12.60 -28.73 35.03
C PRO B 369 13.46 -29.94 35.36
N ASP B 370 14.77 -29.75 35.51
CA ASP B 370 15.64 -30.87 35.81
C ASP B 370 15.37 -31.38 37.22
N GLY B 371 15.24 -30.45 38.15
CA GLY B 371 14.95 -30.80 39.52
C GLY B 371 13.60 -31.48 39.69
N LEU B 372 12.60 -30.98 38.97
CA LEU B 372 11.28 -31.57 39.04
C LEU B 372 11.26 -32.98 38.49
N ALA B 373 11.94 -33.19 37.36
CA ALA B 373 12.00 -34.49 36.75
C ALA B 373 12.76 -35.47 37.63
N THR B 374 13.88 -35.00 38.16
CA THR B 374 14.74 -35.81 39.03
C THR B 374 14.02 -36.25 40.29
N GLU B 375 13.27 -35.33 40.90
CA GLU B 375 12.55 -35.62 42.13
C GLU B 375 11.38 -36.55 41.84
N THR B 376 10.74 -36.33 40.69
CA THR B 376 9.61 -37.14 40.29
C THR B 376 10.04 -38.58 40.13
N VAL B 377 11.15 -38.80 39.43
CA VAL B 377 11.58 -40.16 39.23
C VAL B 377 12.16 -40.74 40.51
N ARG B 378 12.64 -39.89 41.42
CA ARG B 378 13.08 -40.36 42.72
C ARG B 378 11.91 -40.92 43.51
N ILE B 379 10.79 -40.20 43.50
CA ILE B 379 9.59 -40.64 44.18
C ILE B 379 9.05 -41.95 43.61
N LEU B 380 8.96 -41.99 42.29
CA LEU B 380 8.51 -43.17 41.57
C LEU B 380 9.39 -44.37 41.85
N ARG B 381 10.69 -44.15 41.83
CA ARG B 381 11.64 -45.23 42.05
C ARG B 381 11.53 -45.70 43.49
N HIS B 382 11.11 -44.80 44.37
CA HIS B 382 10.86 -45.15 45.76
C HIS B 382 9.73 -46.15 45.91
N TRP B 383 8.61 -45.85 45.26
CA TRP B 383 7.44 -46.73 45.32
C TRP B 383 7.70 -48.02 44.58
N MET B 384 8.48 -47.94 43.51
CA MET B 384 8.88 -49.13 42.80
C MET B 384 9.70 -50.06 43.70
N ASP B 385 10.52 -49.49 44.56
CA ASP B 385 11.29 -50.29 45.52
C ASP B 385 10.39 -50.97 46.53
N HIS B 386 9.18 -50.48 46.67
CA HIS B 386 8.23 -51.07 47.59
C HIS B 386 7.13 -51.81 46.84
N GLY B 387 7.44 -52.27 45.64
CA GLY B 387 6.60 -53.24 44.96
C GLY B 387 5.54 -52.66 44.03
N VAL B 388 5.58 -51.35 43.85
CA VAL B 388 4.63 -50.69 42.96
C VAL B 388 5.16 -50.60 41.53
N ARG B 389 4.52 -51.34 40.62
CA ARG B 389 4.99 -51.40 39.25
C ARG B 389 3.96 -50.79 38.29
N ILE B 390 2.97 -50.12 38.86
CA ILE B 390 1.94 -49.45 38.07
C ILE B 390 1.64 -48.10 38.69
N PHE B 391 1.56 -47.04 37.89
CA PHE B 391 1.18 -45.75 38.43
C PHE B 391 0.01 -45.16 37.64
N ARG B 392 -1.04 -44.75 38.34
CA ARG B 392 -2.14 -44.02 37.73
C ARG B 392 -1.87 -42.53 37.84
N VAL B 393 -1.57 -41.87 36.73
CA VAL B 393 -1.15 -40.48 36.74
C VAL B 393 -2.28 -39.45 36.58
N ASP B 394 -2.51 -38.68 37.63
CA ASP B 394 -3.55 -37.66 37.72
C ASP B 394 -3.35 -36.47 36.79
N ASN B 395 -4.35 -36.15 35.98
CA ASN B 395 -4.34 -34.95 35.12
C ASN B 395 -3.02 -34.66 34.44
N PRO B 396 -2.50 -35.63 33.66
CA PRO B 396 -1.18 -35.33 33.09
C PRO B 396 -1.23 -34.18 32.08
N HIS B 397 -2.42 -33.88 31.57
CA HIS B 397 -2.54 -32.85 30.55
C HIS B 397 -2.42 -31.43 31.07
N THR B 398 -2.25 -31.29 32.38
CA THR B 398 -2.01 -29.98 32.95
C THR B 398 -0.55 -29.85 33.37
N LYS B 399 0.25 -30.81 32.92
CA LYS B 399 1.70 -30.75 33.06
C LYS B 399 2.30 -30.88 31.67
N PRO B 400 3.53 -30.37 31.45
CA PRO B 400 4.08 -30.39 30.09
C PRO B 400 4.21 -31.80 29.52
N VAL B 401 3.85 -31.96 28.26
CA VAL B 401 3.92 -33.24 27.58
C VAL B 401 5.33 -33.85 27.57
N ALA B 402 6.32 -33.03 27.29
CA ALA B 402 7.68 -33.51 27.22
C ALA B 402 8.21 -33.90 28.59
N PHE B 403 7.62 -33.35 29.65
CA PHE B 403 7.93 -33.79 31.00
C PHE B 403 7.59 -35.26 31.20
N TRP B 404 6.35 -35.65 30.86
CA TRP B 404 5.96 -37.04 30.96
C TRP B 404 6.79 -37.91 30.04
N GLU B 405 7.09 -37.40 28.84
CA GLU B 405 7.88 -38.14 27.87
C GLU B 405 9.23 -38.50 28.47
N ARG B 406 9.85 -37.52 29.12
CA ARG B 406 11.15 -37.69 29.75
C ARG B 406 11.15 -38.64 30.94
N VAL B 407 10.20 -38.43 31.83
CA VAL B 407 10.07 -39.23 33.04
C VAL B 407 9.81 -40.69 32.73
N ILE B 408 8.84 -40.92 31.85
CA ILE B 408 8.50 -42.27 31.43
C ILE B 408 9.68 -42.93 30.74
N ALA B 409 10.38 -42.17 29.89
CA ALA B 409 11.55 -42.70 29.23
C ALA B 409 12.60 -43.09 30.23
N ASP B 410 12.78 -42.28 31.26
CA ASP B 410 13.76 -42.56 32.30
C ASP B 410 13.45 -43.85 33.04
N ILE B 411 12.23 -43.93 33.54
CA ILE B 411 11.79 -45.09 34.31
C ILE B 411 11.78 -46.37 33.49
N ASN B 412 11.15 -46.32 32.31
CA ASN B 412 11.03 -47.51 31.50
C ASN B 412 12.38 -47.86 30.91
N GLY B 413 13.27 -46.87 30.90
CA GLY B 413 14.63 -47.08 30.45
C GLY B 413 15.32 -48.08 31.33
N THR B 414 15.07 -47.96 32.63
CA THR B 414 15.62 -48.89 33.61
C THR B 414 14.63 -49.99 33.98
N ASP B 415 13.35 -49.70 33.88
CA ASP B 415 12.30 -50.59 34.36
C ASP B 415 11.12 -50.67 33.39
N PRO B 416 11.28 -51.45 32.32
CA PRO B 416 10.28 -51.50 31.25
C PRO B 416 8.96 -52.14 31.67
N ASP B 417 8.95 -52.82 32.81
CA ASP B 417 7.72 -53.46 33.30
C ASP B 417 6.73 -52.48 33.92
N VAL B 418 7.21 -51.27 34.25
CA VAL B 418 6.37 -50.27 34.91
C VAL B 418 5.30 -49.75 33.96
N ILE B 419 4.05 -49.75 34.41
CA ILE B 419 2.93 -49.28 33.58
C ILE B 419 2.42 -47.92 34.02
N PHE B 420 2.31 -46.98 33.08
CA PHE B 420 1.73 -45.67 33.38
C PHE B 420 0.36 -45.50 32.74
N LEU B 421 -0.61 -45.08 33.54
CA LEU B 421 -1.96 -44.84 33.03
C LEU B 421 -2.28 -43.35 33.03
N ALA B 422 -2.57 -42.81 31.85
CA ALA B 422 -2.87 -41.39 31.69
C ALA B 422 -4.32 -41.07 31.97
N GLU B 423 -4.59 -40.35 33.05
CA GLU B 423 -5.94 -39.88 33.32
C GLU B 423 -6.19 -38.53 32.66
N ALA B 424 -6.33 -38.51 31.35
CA ALA B 424 -6.49 -37.25 30.65
C ALA B 424 -7.83 -37.20 29.94
N PHE B 425 -8.83 -36.68 30.62
CA PHE B 425 -10.12 -36.42 29.99
C PHE B 425 -10.06 -35.02 29.42
N THR B 426 -9.76 -34.95 28.13
CA THR B 426 -9.49 -33.67 27.50
C THR B 426 -9.73 -33.84 26.01
N ARG B 427 -9.13 -32.98 25.21
CA ARG B 427 -9.37 -33.00 23.77
C ARG B 427 -8.59 -34.14 23.15
N PRO B 428 -9.02 -34.60 21.96
CA PRO B 428 -8.44 -35.80 21.33
C PRO B 428 -6.96 -35.67 21.04
N ALA B 429 -6.54 -34.49 20.61
CA ALA B 429 -5.14 -34.26 20.25
C ALA B 429 -4.21 -34.53 21.42
N MET B 430 -4.52 -33.95 22.58
CA MET B 430 -3.71 -34.11 23.77
C MET B 430 -3.73 -35.55 24.26
N MET B 431 -4.91 -36.17 24.21
CA MET B 431 -5.06 -37.55 24.64
C MET B 431 -4.17 -38.48 23.83
N ALA B 432 -4.20 -38.27 22.51
CA ALA B 432 -3.41 -39.08 21.60
C ALA B 432 -1.93 -38.83 21.79
N THR B 433 -1.55 -37.57 21.97
CA THR B 433 -0.13 -37.25 22.06
C THR B 433 0.46 -37.87 23.32
N LEU B 434 -0.29 -37.82 24.40
CA LEU B 434 0.13 -38.43 25.66
C LEU B 434 0.34 -39.94 25.53
N ALA B 435 -0.58 -40.62 24.84
CA ALA B 435 -0.41 -42.04 24.57
C ALA B 435 0.85 -42.30 23.77
N GLN B 436 1.07 -41.45 22.76
CA GLN B 436 2.18 -41.63 21.84
C GLN B 436 3.56 -41.44 22.47
N ILE B 437 3.68 -40.60 23.49
CA ILE B 437 4.98 -40.36 24.11
C ILE B 437 5.38 -41.30 25.24
N GLY B 438 4.55 -42.29 25.54
CA GLY B 438 4.99 -43.34 26.44
C GLY B 438 3.98 -43.93 27.40
N PHE B 439 2.84 -43.28 27.57
CA PHE B 439 1.84 -43.81 28.48
C PHE B 439 1.31 -45.14 27.99
N GLN B 440 1.45 -46.15 28.84
CA GLN B 440 1.04 -47.49 28.47
C GLN B 440 -0.48 -47.58 28.31
N GLN B 441 -1.21 -46.84 29.14
CA GLN B 441 -2.66 -46.87 29.07
C GLN B 441 -3.25 -45.46 29.14
N SER B 442 -4.48 -45.32 28.64
CA SER B 442 -5.20 -44.05 28.66
C SER B 442 -6.64 -44.25 29.12
N TYR B 443 -7.11 -43.35 29.97
CA TYR B 443 -8.55 -43.22 30.17
C TYR B 443 -9.17 -42.70 28.88
N THR B 444 -10.48 -42.88 28.75
CA THR B 444 -11.15 -42.69 27.47
C THR B 444 -12.47 -41.96 27.63
N TYR B 445 -13.16 -41.77 26.52
CA TYR B 445 -14.48 -41.12 26.52
C TYR B 445 -15.60 -42.12 26.83
N PHE B 446 -15.22 -43.34 27.24
CA PHE B 446 -16.17 -44.44 27.42
C PHE B 446 -17.45 -44.10 28.17
N THR B 447 -17.32 -43.44 29.31
CA THR B 447 -18.46 -43.14 30.17
C THR B 447 -19.48 -42.25 29.49
N TRP B 448 -19.06 -41.54 28.46
CA TRP B 448 -19.93 -40.62 27.72
C TRP B 448 -20.32 -41.20 26.38
N ARG B 449 -20.24 -42.52 26.25
CA ARG B 449 -20.67 -43.21 25.05
C ARG B 449 -21.68 -44.28 25.42
N ASN B 450 -22.95 -43.98 25.21
CA ASN B 450 -24.00 -44.83 25.75
C ASN B 450 -25.02 -45.32 24.72
N THR B 451 -25.19 -44.57 23.63
CA THR B 451 -26.06 -45.03 22.56
C THR B 451 -25.32 -46.00 21.65
N LYS B 452 -26.07 -46.71 20.81
CA LYS B 452 -25.49 -47.68 19.89
C LYS B 452 -24.53 -46.97 18.94
N GLN B 453 -24.93 -45.78 18.51
CA GLN B 453 -24.11 -45.00 17.59
C GLN B 453 -22.82 -44.53 18.25
N GLU B 454 -22.95 -44.05 19.48
CA GLU B 454 -21.81 -43.59 20.25
C GLU B 454 -20.80 -44.70 20.50
N LEU B 455 -21.30 -45.83 20.98
CA LEU B 455 -20.41 -46.96 21.25
C LEU B 455 -19.72 -47.49 20.01
N THR B 456 -20.49 -47.62 18.93
CA THR B 456 -19.98 -48.21 17.72
C THR B 456 -18.92 -47.36 17.06
N GLU B 457 -19.21 -46.07 16.95
CA GLU B 457 -18.28 -45.15 16.31
C GLU B 457 -17.00 -45.04 17.14
N TYR B 458 -17.14 -44.93 18.45
CA TYR B 458 -15.98 -44.72 19.32
C TYR B 458 -15.09 -45.95 19.40
N LEU B 459 -15.70 -47.12 19.52
CA LEU B 459 -14.92 -48.35 19.59
C LEU B 459 -14.30 -48.66 18.23
N THR B 460 -14.97 -48.24 17.17
CA THR B 460 -14.40 -48.36 15.83
C THR B 460 -13.11 -47.56 15.79
N GLU B 461 -13.16 -46.37 16.40
CA GLU B 461 -12.00 -45.50 16.51
C GLU B 461 -10.89 -46.12 17.36
N LEU B 462 -11.23 -46.56 18.57
CA LEU B 462 -10.24 -47.11 19.48
C LEU B 462 -9.56 -48.39 19.00
N SER B 463 -10.32 -49.24 18.33
CA SER B 463 -9.83 -50.54 17.86
C SER B 463 -9.19 -50.40 16.48
N GLY B 464 -9.32 -49.22 15.91
CA GLY B 464 -8.76 -48.94 14.59
C GLY B 464 -7.34 -48.43 14.67
N GLU B 465 -7.06 -47.32 14.00
CA GLU B 465 -5.69 -46.82 13.89
C GLU B 465 -5.06 -46.47 15.23
N ALA B 466 -5.88 -45.98 16.15
CA ALA B 466 -5.41 -45.57 17.48
C ALA B 466 -4.81 -46.70 18.29
N ALA B 467 -5.18 -47.93 17.99
CA ALA B 467 -4.71 -49.10 18.73
C ALA B 467 -3.22 -49.29 18.56
N SER B 468 -2.64 -48.60 17.59
CA SER B 468 -1.21 -48.69 17.35
C SER B 468 -0.41 -47.84 18.35
N TYR B 469 -1.08 -46.99 19.11
CA TYR B 469 -0.36 -46.21 20.10
C TYR B 469 -1.09 -46.07 21.45
N MET B 470 -2.35 -46.47 21.49
CA MET B 470 -3.16 -46.30 22.70
C MET B 470 -3.78 -47.60 23.21
N ARG B 471 -3.69 -47.83 24.51
CA ARG B 471 -4.34 -48.97 25.14
C ARG B 471 -5.38 -48.48 26.13
N PRO B 472 -6.67 -48.75 25.85
CA PRO B 472 -7.76 -48.16 26.63
C PRO B 472 -8.01 -48.88 27.95
N ASN B 473 -8.28 -48.12 29.01
CA ASN B 473 -8.71 -48.68 30.28
C ASN B 473 -10.14 -48.19 30.54
N PHE B 474 -11.10 -49.07 30.37
CA PHE B 474 -12.52 -48.70 30.52
C PHE B 474 -13.02 -48.72 31.94
N PHE B 475 -12.85 -47.63 32.66
CA PHE B 475 -13.49 -47.49 33.96
C PHE B 475 -14.93 -47.13 33.72
N ALA B 476 -15.85 -47.95 34.23
CA ALA B 476 -17.26 -47.72 33.97
C ALA B 476 -17.78 -46.57 34.80
N ASN B 477 -17.07 -46.31 35.89
CA ASN B 477 -17.29 -45.13 36.71
C ASN B 477 -15.99 -44.72 37.38
N THR B 478 -15.93 -43.50 37.91
CA THR B 478 -14.82 -43.12 38.77
C THR B 478 -15.39 -42.25 39.89
N PRO B 479 -14.58 -41.92 40.92
CA PRO B 479 -15.12 -41.05 41.97
C PRO B 479 -15.54 -39.66 41.48
N ASP B 480 -15.09 -39.27 40.30
CA ASP B 480 -15.43 -37.97 39.74
C ASP B 480 -16.51 -38.05 38.68
N ILE B 481 -16.91 -39.26 38.30
CA ILE B 481 -17.82 -39.46 37.17
C ILE B 481 -18.90 -40.49 37.43
N LEU B 482 -20.07 -40.00 37.83
CA LEU B 482 -21.29 -40.82 37.87
C LEU B 482 -22.21 -40.37 36.74
N HIS B 483 -22.19 -41.07 35.61
CA HIS B 483 -22.93 -40.61 34.44
C HIS B 483 -24.43 -40.72 34.64
N ALA B 484 -25.17 -39.84 33.96
CA ALA B 484 -26.63 -39.83 34.00
C ALA B 484 -27.28 -41.16 33.58
N TYR B 485 -26.63 -41.90 32.69
CA TYR B 485 -27.17 -43.19 32.27
C TYR B 485 -27.37 -44.09 33.48
N LEU B 486 -26.39 -44.09 34.37
CA LEU B 486 -26.47 -44.85 35.60
C LEU B 486 -27.43 -44.24 36.62
N GLN B 487 -27.46 -42.92 36.67
CA GLN B 487 -28.34 -42.22 37.61
C GLN B 487 -29.80 -42.51 37.33
N HIS B 488 -30.15 -42.54 36.05
CA HIS B 488 -31.55 -42.70 35.68
C HIS B 488 -31.89 -44.17 35.54
N GLY B 489 -30.89 -44.99 35.26
CA GLY B 489 -31.13 -46.38 34.91
C GLY B 489 -31.08 -47.40 36.03
N GLY B 490 -30.46 -47.04 37.14
CA GLY B 490 -30.34 -47.96 38.26
C GLY B 490 -29.56 -49.21 37.93
N ARG B 491 -29.79 -50.27 38.70
CA ARG B 491 -29.02 -51.51 38.59
C ARG B 491 -28.95 -52.17 37.19
N PRO B 492 -30.07 -52.19 36.44
CA PRO B 492 -29.94 -52.76 35.09
C PRO B 492 -28.92 -52.03 34.23
N ALA B 493 -28.78 -50.72 34.47
CA ALA B 493 -27.82 -49.92 33.75
C ALA B 493 -26.40 -50.24 34.16
N PHE B 494 -26.19 -50.49 35.45
CA PHE B 494 -24.88 -50.89 35.92
C PHE B 494 -24.49 -52.21 35.29
N GLU B 495 -25.47 -53.09 35.12
CA GLU B 495 -25.23 -54.39 34.54
C GLU B 495 -24.84 -54.23 33.06
N VAL B 496 -25.55 -53.35 32.38
CA VAL B 496 -25.27 -53.10 30.98
C VAL B 496 -23.88 -52.52 30.80
N ARG B 497 -23.57 -51.48 31.57
CA ARG B 497 -22.29 -50.81 31.44
C ARG B 497 -21.16 -51.73 31.84
N ALA B 498 -21.43 -52.65 32.76
CA ALA B 498 -20.43 -53.62 33.15
C ALA B 498 -20.14 -54.59 32.03
N VAL B 499 -21.19 -55.10 31.41
CA VAL B 499 -21.03 -56.01 30.29
C VAL B 499 -20.27 -55.32 29.16
N LEU B 500 -20.67 -54.10 28.86
CA LEU B 500 -20.03 -53.33 27.80
C LEU B 500 -18.54 -53.10 28.07
N ALA B 501 -18.23 -52.58 29.25
CA ALA B 501 -16.85 -52.24 29.58
C ALA B 501 -15.97 -53.47 29.57
N ALA B 502 -16.49 -54.55 30.12
CA ALA B 502 -15.74 -55.79 30.31
C ALA B 502 -15.45 -56.49 29.00
N THR B 503 -16.36 -56.39 28.05
CA THR B 503 -16.21 -57.09 26.78
C THR B 503 -15.67 -56.25 25.63
N LEU B 504 -15.66 -54.93 25.77
CA LEU B 504 -15.19 -54.09 24.68
C LEU B 504 -13.71 -53.72 24.78
N SER B 505 -13.16 -53.74 25.99
CA SER B 505 -11.74 -53.47 26.16
C SER B 505 -11.09 -54.60 26.94
N PRO B 506 -9.87 -54.96 26.54
CA PRO B 506 -9.13 -55.98 27.30
C PRO B 506 -8.74 -55.48 28.68
N THR B 507 -8.81 -54.18 28.92
CA THR B 507 -8.68 -53.63 30.26
C THR B 507 -9.89 -52.81 30.69
N TRP B 508 -10.48 -53.15 31.83
CA TRP B 508 -11.60 -52.38 32.35
C TRP B 508 -11.49 -52.23 33.86
N GLY B 509 -12.33 -51.37 34.42
CA GLY B 509 -12.29 -51.14 35.84
C GLY B 509 -13.56 -50.54 36.40
N ILE B 510 -13.71 -50.65 37.72
CA ILE B 510 -14.78 -49.95 38.42
C ILE B 510 -14.25 -49.33 39.70
N TYR B 511 -14.99 -48.34 40.18
CA TYR B 511 -14.68 -47.73 41.45
C TYR B 511 -15.68 -48.24 42.49
N SER B 512 -15.13 -48.72 43.59
CA SER B 512 -15.88 -49.30 44.72
C SER B 512 -17.22 -48.63 44.96
N GLY B 513 -18.27 -49.43 45.06
CA GLY B 513 -19.61 -48.89 45.20
C GLY B 513 -20.42 -49.08 43.95
N TYR B 514 -19.73 -49.20 42.83
CA TYR B 514 -20.36 -49.56 41.57
C TYR B 514 -21.14 -50.87 41.75
N GLU B 515 -20.58 -51.82 42.48
CA GLU B 515 -21.22 -53.11 42.68
C GLU B 515 -22.55 -52.95 43.38
N LEU B 516 -22.63 -51.93 44.23
CA LEU B 516 -23.81 -51.67 45.05
C LEU B 516 -24.79 -50.79 44.30
N CYS B 517 -24.43 -50.46 43.07
CA CYS B 517 -25.25 -49.60 42.23
C CYS B 517 -25.50 -48.26 42.90
N GLU B 518 -24.48 -47.74 43.59
CA GLU B 518 -24.55 -46.41 44.15
C GLU B 518 -24.72 -45.43 42.99
N ASN B 519 -25.80 -44.66 43.01
CA ASN B 519 -26.11 -43.80 41.87
C ASN B 519 -26.84 -42.51 42.22
N THR B 520 -26.63 -42.04 43.44
CA THR B 520 -27.21 -40.76 43.84
C THR B 520 -26.28 -39.59 43.57
N PRO B 521 -26.70 -38.68 42.69
CA PRO B 521 -25.82 -37.55 42.36
C PRO B 521 -25.87 -36.45 43.42
N LEU B 522 -24.84 -35.60 43.42
CA LEU B 522 -24.80 -34.42 44.29
C LEU B 522 -26.04 -33.55 44.06
N ARG B 523 -26.40 -33.38 42.80
CA ARG B 523 -27.62 -32.67 42.42
C ARG B 523 -27.94 -33.03 40.98
N GLU B 524 -29.15 -32.67 40.54
CA GLU B 524 -29.54 -32.91 39.15
C GLU B 524 -28.63 -32.15 38.20
N GLY B 525 -28.13 -32.84 37.18
CA GLY B 525 -27.26 -32.21 36.20
C GLY B 525 -25.79 -32.40 36.52
N SER B 526 -25.51 -33.04 37.66
CA SER B 526 -24.14 -33.28 38.08
C SER B 526 -23.71 -34.71 37.77
N GLU B 527 -22.42 -34.91 37.56
CA GLU B 527 -21.88 -36.26 37.44
C GLU B 527 -21.11 -36.64 38.70
N GLU B 528 -21.19 -35.78 39.73
CA GLU B 528 -20.64 -36.08 41.04
C GLU B 528 -21.54 -36.98 41.88
N TYR B 529 -20.95 -37.82 42.72
CA TYR B 529 -21.73 -38.51 43.74
C TYR B 529 -22.14 -37.60 44.89
N LEU B 530 -23.36 -37.79 45.39
CA LEU B 530 -23.76 -37.21 46.67
C LEU B 530 -22.90 -37.82 47.77
N ASP B 531 -22.50 -37.00 48.74
CA ASP B 531 -21.68 -37.47 49.84
C ASP B 531 -20.43 -38.20 49.33
N SER B 532 -19.74 -37.57 48.37
CA SER B 532 -18.61 -38.19 47.71
C SER B 532 -17.56 -38.69 48.68
N GLU B 533 -17.04 -39.89 48.43
CA GLU B 533 -15.98 -40.51 49.21
C GLU B 533 -14.67 -39.71 49.22
N LYS B 534 -14.52 -38.79 48.27
CA LYS B 534 -13.33 -37.94 48.23
C LYS B 534 -13.13 -37.05 49.43
N TYR B 535 -14.21 -36.72 50.14
CA TYR B 535 -14.14 -35.73 51.21
C TYR B 535 -14.58 -36.30 52.55
N GLN B 536 -14.84 -37.59 52.58
CA GLN B 536 -15.30 -38.23 53.78
C GLN B 536 -15.11 -39.74 53.75
N LEU B 537 -14.99 -40.34 54.93
CA LEU B 537 -14.92 -41.79 55.01
C LEU B 537 -16.26 -42.35 54.54
N LYS B 538 -16.23 -43.43 53.77
CA LYS B 538 -17.47 -44.01 53.29
C LYS B 538 -17.42 -45.51 53.56
N PRO B 539 -17.70 -45.90 54.81
CA PRO B 539 -17.75 -47.32 55.19
C PRO B 539 -18.91 -48.02 54.51
N ARG B 540 -18.71 -49.26 54.10
CA ARG B 540 -19.76 -49.98 53.42
C ARG B 540 -19.97 -51.33 54.08
N ASP B 541 -21.22 -51.73 54.24
CA ASP B 541 -21.50 -53.02 54.83
C ASP B 541 -21.47 -54.07 53.74
N TRP B 542 -20.28 -54.51 53.36
CA TRP B 542 -20.16 -55.46 52.25
C TRP B 542 -20.82 -56.80 52.54
N THR B 543 -20.70 -57.26 53.78
CA THR B 543 -21.24 -58.56 54.15
C THR B 543 -22.75 -58.52 54.00
N ARG B 544 -23.36 -57.46 54.49
CA ARG B 544 -24.80 -57.31 54.42
C ARG B 544 -25.30 -57.20 53.00
N ALA B 545 -24.57 -56.44 52.17
CA ALA B 545 -24.97 -56.26 50.78
C ALA B 545 -24.93 -57.60 50.06
N ALA B 546 -23.93 -58.40 50.42
CA ALA B 546 -23.76 -59.71 49.82
C ALA B 546 -24.94 -60.59 50.20
N ARG B 547 -25.26 -60.57 51.50
CA ARG B 547 -26.31 -61.39 52.07
C ARG B 547 -27.68 -60.98 51.54
N GLU B 548 -27.89 -59.68 51.33
CA GLU B 548 -29.19 -59.21 50.89
C GLU B 548 -29.28 -59.16 49.37
N GLY B 549 -28.19 -59.55 48.70
CA GLY B 549 -28.16 -59.60 47.26
C GLY B 549 -28.35 -58.32 46.47
N THR B 550 -28.01 -57.19 47.09
CA THR B 550 -28.14 -55.90 46.43
C THR B 550 -26.81 -55.48 45.80
N THR B 551 -26.07 -56.46 45.30
CA THR B 551 -24.82 -56.20 44.59
C THR B 551 -24.72 -57.02 43.31
N ILE B 552 -24.06 -56.45 42.29
CA ILE B 552 -23.78 -57.18 41.07
C ILE B 552 -22.37 -57.76 41.03
N ALA B 553 -21.77 -57.89 42.21
CA ALA B 553 -20.48 -58.56 42.33
C ALA B 553 -20.42 -59.95 41.65
N PRO B 554 -21.50 -60.76 41.76
CA PRO B 554 -21.45 -62.04 41.04
C PRO B 554 -21.33 -61.89 39.54
N LEU B 555 -22.06 -60.93 38.98
CA LEU B 555 -21.96 -60.66 37.55
C LEU B 555 -20.57 -60.19 37.17
N VAL B 556 -20.00 -59.31 37.98
CA VAL B 556 -18.64 -58.84 37.76
C VAL B 556 -17.66 -60.00 37.77
N THR B 557 -17.80 -60.87 38.76
CA THR B 557 -16.97 -62.06 38.84
C THR B 557 -17.09 -62.94 37.60
N ARG B 558 -18.32 -63.14 37.14
CA ARG B 558 -18.56 -64.00 35.99
C ARG B 558 -17.94 -63.37 34.75
N LEU B 559 -18.10 -62.06 34.60
CA LEU B 559 -17.54 -61.37 33.43
C LEU B 559 -16.01 -61.51 33.40
N ASN B 560 -15.37 -61.38 34.55
CA ASN B 560 -13.92 -61.52 34.60
C ASN B 560 -13.48 -62.95 34.37
N THR B 561 -14.30 -63.90 34.79
CA THR B 561 -14.02 -65.31 34.53
C THR B 561 -14.12 -65.59 33.04
N ILE B 562 -15.17 -65.04 32.41
CA ILE B 562 -15.36 -65.20 30.98
C ILE B 562 -14.17 -64.64 30.23
N ARG B 563 -13.67 -63.49 30.67
CA ARG B 563 -12.50 -62.88 30.07
C ARG B 563 -11.29 -63.78 30.25
N ARG B 564 -11.16 -64.37 31.43
CA ARG B 564 -10.03 -65.23 31.73
C ARG B 564 -10.08 -66.54 30.96
N GLU B 565 -11.26 -66.90 30.47
CA GLU B 565 -11.42 -68.19 29.81
C GLU B 565 -11.50 -68.07 28.29
N ASN B 566 -11.54 -66.84 27.79
CA ASN B 566 -11.76 -66.58 26.37
C ASN B 566 -10.79 -65.53 25.83
N PRO B 567 -9.72 -65.97 25.17
CA PRO B 567 -8.65 -65.12 24.60
C PRO B 567 -9.18 -63.97 23.76
N ALA B 568 -10.35 -64.13 23.15
CA ALA B 568 -10.91 -63.07 22.33
C ALA B 568 -11.15 -61.80 23.13
N LEU B 569 -11.44 -61.94 24.42
CA LEU B 569 -11.72 -60.78 25.26
C LEU B 569 -10.47 -60.17 25.89
N ARG B 570 -9.32 -60.76 25.61
CA ARG B 570 -8.07 -60.28 26.17
C ARG B 570 -7.27 -59.54 25.12
N GLN B 571 -7.93 -59.17 24.02
CA GLN B 571 -7.30 -58.36 22.99
C GLN B 571 -8.22 -57.22 22.56
N LEU B 572 -7.71 -56.33 21.73
CA LEU B 572 -8.43 -55.10 21.42
C LEU B 572 -8.79 -54.93 19.96
N ARG B 573 -7.85 -55.25 19.09
CA ARG B 573 -7.90 -54.86 17.69
C ARG B 573 -8.90 -55.66 16.86
N ASP B 574 -9.18 -56.89 17.25
CA ASP B 574 -10.15 -57.71 16.53
C ASP B 574 -11.54 -57.53 17.14
N LEU B 575 -12.36 -56.77 16.43
CA LEU B 575 -13.69 -56.40 16.89
C LEU B 575 -14.57 -56.04 15.72
N HIS B 576 -15.76 -56.63 15.64
CA HIS B 576 -16.69 -56.31 14.56
C HIS B 576 -18.13 -56.16 15.04
N PHE B 577 -18.78 -55.09 14.63
CA PHE B 577 -20.18 -54.84 14.95
C PHE B 577 -21.13 -55.42 13.91
N HIS B 578 -22.17 -56.12 14.39
CA HIS B 578 -23.20 -56.71 13.56
C HIS B 578 -24.50 -55.93 13.64
N PRO B 579 -25.20 -55.77 12.50
CA PRO B 579 -26.43 -54.97 12.44
C PRO B 579 -27.61 -55.59 13.19
N THR B 580 -28.40 -54.76 13.85
CA THR B 580 -29.67 -55.18 14.44
C THR B 580 -30.77 -54.25 13.94
N ASP B 581 -32.01 -54.64 14.14
CA ASP B 581 -33.12 -53.82 13.67
C ASP B 581 -33.72 -52.99 14.80
N LYS B 582 -32.99 -52.87 15.90
CA LYS B 582 -33.43 -52.04 17.01
C LYS B 582 -32.31 -51.13 17.49
N GLU B 583 -32.62 -49.85 17.66
CA GLU B 583 -31.61 -48.87 18.01
C GLU B 583 -31.03 -49.16 19.39
N GLU B 584 -31.87 -49.72 20.25
CA GLU B 584 -31.48 -50.03 21.62
C GLU B 584 -30.67 -51.30 21.79
N VAL B 585 -30.59 -52.12 20.74
CA VAL B 585 -29.90 -53.39 20.88
C VAL B 585 -28.67 -53.43 20.01
N ILE B 586 -27.52 -53.65 20.63
CA ILE B 586 -26.25 -53.65 19.91
C ILE B 586 -25.68 -55.05 19.90
N ALA B 587 -24.97 -55.41 18.84
CA ALA B 587 -24.34 -56.71 18.74
C ALA B 587 -22.94 -56.57 18.16
N TYR B 588 -22.00 -57.32 18.70
CA TYR B 588 -20.63 -57.30 18.21
C TYR B 588 -19.91 -58.59 18.54
N SER B 589 -18.84 -58.88 17.82
CA SER B 589 -18.06 -60.08 18.05
C SER B 589 -16.57 -59.80 18.17
N LYS B 590 -15.87 -60.62 18.94
CA LYS B 590 -14.42 -60.52 18.98
C LYS B 590 -13.84 -61.92 18.83
N ARG B 591 -12.73 -62.01 18.10
CA ARG B 591 -12.12 -63.30 17.84
C ARG B 591 -10.63 -63.26 18.10
N GLN B 592 -10.11 -64.37 18.63
CA GLN B 592 -8.68 -64.59 18.78
C GLN B 592 -8.38 -66.06 18.57
N GLY B 593 -7.72 -66.37 17.46
CA GLY B 593 -7.53 -67.75 17.04
C GLY B 593 -8.87 -68.43 16.90
N SER B 594 -9.00 -69.62 17.48
CA SER B 594 -10.23 -70.38 17.32
C SER B 594 -11.31 -69.94 18.31
N ASN B 595 -11.00 -68.94 19.11
CA ASN B 595 -11.92 -68.44 20.11
C ASN B 595 -12.75 -67.28 19.57
N THR B 596 -14.06 -67.47 19.55
CA THR B 596 -14.98 -66.43 19.09
C THR B 596 -16.06 -66.12 20.14
N VAL B 597 -16.17 -64.85 20.51
CA VAL B 597 -17.19 -64.42 21.45
C VAL B 597 -18.19 -63.46 20.80
N LEU B 598 -19.48 -63.72 20.98
CA LEU B 598 -20.53 -62.88 20.44
C LEU B 598 -21.32 -62.22 21.56
N VAL B 599 -21.41 -60.91 21.52
CA VAL B 599 -22.12 -60.21 22.59
C VAL B 599 -23.31 -59.43 22.02
N VAL B 600 -24.45 -59.57 22.68
CA VAL B 600 -25.63 -58.79 22.36
C VAL B 600 -26.10 -58.08 23.62
N VAL B 601 -26.17 -56.75 23.56
CA VAL B 601 -26.53 -55.97 24.73
C VAL B 601 -27.77 -55.12 24.46
N ASN B 602 -28.71 -55.16 25.40
CA ASN B 602 -29.84 -54.26 25.40
C ASN B 602 -29.47 -52.98 26.14
N LEU B 603 -29.33 -51.89 25.40
CA LEU B 603 -28.90 -50.65 26.03
C LEU B 603 -30.06 -49.97 26.74
N ASP B 604 -31.27 -50.46 26.51
CA ASP B 604 -32.45 -49.95 27.21
C ASP B 604 -32.55 -50.65 28.56
N PRO B 605 -32.32 -49.90 29.66
CA PRO B 605 -32.34 -50.46 31.01
C PRO B 605 -33.73 -50.49 31.62
N ARG B 606 -34.74 -50.06 30.86
CA ARG B 606 -36.07 -49.90 31.41
C ARG B 606 -37.15 -50.76 30.81
N HIS B 607 -36.98 -51.11 29.53
CA HIS B 607 -37.99 -51.86 28.82
C HIS B 607 -37.41 -53.11 28.21
N THR B 608 -38.20 -54.18 28.20
CA THR B 608 -37.80 -55.40 27.51
C THR B 608 -37.65 -55.05 26.05
N GLN B 609 -36.60 -55.56 25.42
CA GLN B 609 -36.41 -55.32 24.00
C GLN B 609 -36.25 -56.60 23.22
N GLU B 610 -37.02 -56.73 22.15
CA GLU B 610 -36.83 -57.81 21.21
C GLU B 610 -36.32 -57.23 19.89
N ALA B 611 -35.38 -57.91 19.26
CA ALA B 611 -34.82 -57.43 18.00
C ALA B 611 -34.41 -58.62 17.14
N THR B 612 -34.31 -58.42 15.83
CA THR B 612 -33.61 -59.42 15.03
C THR B 612 -32.16 -59.02 14.73
N VAL B 613 -31.23 -59.92 15.06
CA VAL B 613 -29.82 -59.71 14.79
C VAL B 613 -29.33 -60.45 13.54
N SER B 614 -28.91 -59.70 12.53
CA SER B 614 -28.44 -60.29 11.27
C SER B 614 -26.92 -60.36 11.25
N LEU B 615 -26.37 -61.52 11.59
CA LEU B 615 -24.92 -61.69 11.69
C LEU B 615 -24.13 -61.70 10.36
N ASP B 616 -23.04 -60.95 10.34
CA ASP B 616 -22.08 -60.98 9.24
C ASP B 616 -21.22 -62.22 9.34
N MET B 617 -21.69 -63.31 8.76
CA MET B 617 -21.11 -64.63 8.93
C MET B 617 -19.64 -64.82 8.53
N PRO B 618 -19.18 -64.21 7.42
CA PRO B 618 -17.75 -64.40 7.10
C PRO B 618 -16.80 -63.81 8.14
N GLN B 619 -17.24 -62.80 8.88
CA GLN B 619 -16.42 -62.25 9.95
C GLN B 619 -16.28 -63.24 11.10
N LEU B 620 -17.21 -64.17 11.19
CA LEU B 620 -17.15 -65.21 12.19
C LEU B 620 -16.45 -66.44 11.63
N GLY B 621 -16.06 -66.37 10.36
CA GLY B 621 -15.42 -67.49 9.70
C GLY B 621 -16.40 -68.55 9.23
N LEU B 622 -17.60 -68.11 8.87
CA LEU B 622 -18.65 -69.04 8.47
C LEU B 622 -19.28 -68.67 7.13
N ASP B 623 -19.94 -69.65 6.52
CA ASP B 623 -20.70 -69.39 5.30
C ASP B 623 -22.07 -68.82 5.65
N TRP B 624 -22.63 -68.06 4.72
CA TRP B 624 -23.87 -67.34 4.95
C TRP B 624 -25.03 -68.28 5.26
N HIS B 625 -24.97 -69.48 4.72
CA HIS B 625 -26.03 -70.47 4.87
C HIS B 625 -25.85 -71.29 6.14
N GLU B 626 -24.66 -71.18 6.74
CA GLU B 626 -24.29 -72.01 7.87
C GLU B 626 -25.03 -71.62 9.15
N SER B 627 -25.28 -72.59 10.02
CA SER B 627 -25.87 -72.32 11.32
C SER B 627 -25.01 -72.93 12.41
N VAL B 628 -24.67 -72.15 13.43
CA VAL B 628 -23.77 -72.61 14.48
C VAL B 628 -24.33 -72.52 15.90
N PRO B 629 -23.94 -73.48 16.76
CA PRO B 629 -24.31 -73.52 18.17
C PRO B 629 -23.55 -72.48 19.00
N VAL B 630 -24.26 -71.76 19.87
CA VAL B 630 -23.61 -70.85 20.81
C VAL B 630 -24.07 -71.09 22.24
N ARG B 631 -23.20 -70.79 23.21
CA ARG B 631 -23.57 -70.84 24.62
C ARG B 631 -23.49 -69.47 25.29
N ASP B 632 -24.59 -69.03 25.89
CA ASP B 632 -24.60 -67.79 26.66
C ASP B 632 -23.89 -68.04 27.98
N GLU B 633 -22.70 -67.49 28.15
CA GLU B 633 -21.90 -67.78 29.35
C GLU B 633 -22.46 -67.10 30.60
N LEU B 634 -23.39 -66.17 30.43
CA LEU B 634 -24.03 -65.55 31.59
C LEU B 634 -25.10 -66.44 32.21
N THR B 635 -25.59 -67.41 31.43
CA THR B 635 -26.72 -68.21 31.89
C THR B 635 -26.49 -69.70 31.64
N GLY B 636 -25.60 -70.02 30.72
CA GLY B 636 -25.33 -71.40 30.38
C GLY B 636 -26.27 -71.93 29.30
N GLU B 637 -27.24 -71.13 28.89
CA GLU B 637 -28.17 -71.54 27.85
C GLU B 637 -27.49 -71.66 26.48
N THR B 638 -27.94 -72.64 25.70
CA THR B 638 -27.43 -72.87 24.36
C THR B 638 -28.44 -72.51 23.27
N TYR B 639 -27.99 -71.89 22.18
CA TYR B 639 -28.86 -71.59 21.04
C TYR B 639 -28.21 -72.06 19.74
N HIS B 640 -28.99 -72.10 18.66
CA HIS B 640 -28.42 -72.33 17.34
C HIS B 640 -28.72 -71.12 16.47
N TRP B 641 -27.67 -70.40 16.15
CA TRP B 641 -27.77 -69.12 15.47
C TRP B 641 -27.21 -69.12 14.04
N GLY B 642 -27.95 -68.47 13.14
CA GLY B 642 -27.55 -68.31 11.76
C GLY B 642 -27.53 -66.87 11.26
N ARG B 643 -27.87 -66.69 9.99
CA ARG B 643 -27.81 -65.38 9.34
C ARG B 643 -28.85 -64.40 9.89
N ALA B 644 -29.85 -64.93 10.58
CA ALA B 644 -30.92 -64.10 11.15
C ALA B 644 -31.40 -64.67 12.47
N ASN B 645 -31.15 -63.97 13.57
CA ASN B 645 -31.43 -64.53 14.89
C ASN B 645 -32.30 -63.64 15.76
N TYR B 646 -33.29 -64.23 16.40
CA TYR B 646 -34.18 -63.49 17.28
C TYR B 646 -33.67 -63.39 18.71
N VAL B 647 -33.74 -62.18 19.27
CA VAL B 647 -33.40 -61.90 20.66
C VAL B 647 -34.47 -60.98 21.27
N ARG B 648 -34.89 -61.03 22.55
CA ARG B 648 -34.80 -62.05 23.63
C ARG B 648 -34.28 -61.40 24.94
N LEU B 649 -34.22 -60.06 25.03
CA LEU B 649 -33.58 -59.51 26.23
C LEU B 649 -34.44 -58.65 27.18
N GLU B 650 -34.63 -59.18 28.39
CA GLU B 650 -35.45 -58.55 29.43
C GLU B 650 -34.62 -57.88 30.54
N PRO B 651 -34.70 -56.55 30.68
CA PRO B 651 -33.89 -55.89 31.71
C PRO B 651 -34.22 -56.36 33.11
N GLY B 652 -33.20 -56.66 33.89
CA GLY B 652 -33.36 -57.17 35.24
C GLY B 652 -33.15 -58.67 35.33
N ARG B 653 -33.75 -59.41 34.39
CA ARG B 653 -33.56 -60.84 34.35
C ARG B 653 -32.24 -61.08 33.63
N THR B 654 -32.07 -60.41 32.49
CA THR B 654 -30.82 -60.44 31.74
C THR B 654 -30.65 -59.21 30.83
N PRO B 655 -29.51 -58.53 30.99
CA PRO B 655 -29.17 -57.30 30.27
C PRO B 655 -28.63 -57.59 28.89
N ALA B 656 -28.13 -58.81 28.72
CA ALA B 656 -27.30 -59.13 27.58
C ALA B 656 -27.01 -60.63 27.47
N HIS B 657 -26.61 -61.05 26.29
CA HIS B 657 -25.92 -62.32 26.08
C HIS B 657 -24.43 -62.12 25.88
N VAL B 658 -23.64 -62.87 26.62
CA VAL B 658 -22.20 -62.93 26.39
C VAL B 658 -21.88 -64.36 26.02
N CYS B 659 -21.87 -64.62 24.72
CA CYS B 659 -21.83 -65.97 24.16
C CYS B 659 -20.48 -66.40 23.58
N THR B 660 -20.14 -67.66 23.78
CA THR B 660 -19.01 -68.24 23.06
C THR B 660 -19.54 -69.11 21.93
N VAL B 661 -18.83 -69.12 20.80
CA VAL B 661 -19.15 -70.01 19.68
C VAL B 661 -18.65 -71.44 19.84
N LEU B 662 -19.58 -72.38 19.79
CA LEU B 662 -19.26 -73.79 20.03
C LEU B 662 -18.69 -74.44 18.77
N PRO C 15 28.49 34.29 -18.12
CA PRO C 15 27.71 34.54 -16.91
C PRO C 15 26.30 35.05 -17.19
N THR C 16 25.38 34.14 -17.46
CA THR C 16 23.98 34.51 -17.73
C THR C 16 23.14 34.40 -16.46
N VAL C 17 22.04 35.15 -16.41
CA VAL C 17 21.15 35.12 -15.26
C VAL C 17 20.31 33.85 -15.25
N VAL C 18 19.88 33.42 -16.43
CA VAL C 18 19.11 32.19 -16.53
C VAL C 18 20.04 31.03 -16.84
N GLY C 19 19.76 29.87 -16.27
CA GLY C 19 20.61 28.71 -16.45
C GLY C 19 20.25 27.90 -17.67
N ARG C 20 20.88 26.74 -17.82
CA ARG C 20 20.65 25.91 -19.00
C ARG C 20 19.18 25.53 -19.06
N ILE C 21 18.65 25.11 -17.92
CA ILE C 21 17.22 24.87 -17.84
C ILE C 21 16.66 25.90 -16.89
N PRO C 22 15.93 26.87 -17.43
CA PRO C 22 15.41 27.98 -16.62
C PRO C 22 14.66 27.52 -15.39
N VAL C 23 15.05 28.05 -14.23
CA VAL C 23 14.30 27.87 -13.00
C VAL C 23 14.20 29.25 -12.34
N LEU C 24 12.98 29.76 -12.27
CA LEU C 24 12.73 31.15 -11.96
C LEU C 24 11.67 31.33 -10.89
N ASP C 25 11.74 32.48 -10.22
CA ASP C 25 10.76 32.89 -9.22
C ASP C 25 10.45 31.77 -8.23
N VAL C 26 11.49 31.32 -7.54
CA VAL C 26 11.36 30.33 -6.49
C VAL C 26 10.61 30.94 -5.32
N ARG C 27 9.62 30.23 -4.81
CA ARG C 27 8.87 30.71 -3.65
C ARG C 27 8.81 29.63 -2.58
N PRO C 28 8.62 30.03 -1.30
CA PRO C 28 8.41 31.37 -0.76
C PRO C 28 9.64 32.26 -0.83
N VAL C 29 9.39 33.57 -0.85
CA VAL C 29 10.46 34.56 -0.86
C VAL C 29 10.01 35.79 -0.07
N VAL C 30 10.94 36.38 0.66
CA VAL C 30 10.62 37.53 1.50
C VAL C 30 11.56 38.68 1.18
N GLN C 31 10.99 39.81 0.81
CA GLN C 31 11.73 41.01 0.45
C GLN C 31 12.83 40.69 -0.55
N ARG C 32 12.43 39.94 -1.56
CA ARG C 32 13.28 39.57 -2.68
C ARG C 32 14.58 38.88 -2.28
N GLY C 33 14.54 38.20 -1.13
CA GLY C 33 15.67 37.43 -0.64
C GLY C 33 16.53 38.06 0.42
N ARG C 34 16.21 39.29 0.81
CA ARG C 34 17.01 40.00 1.81
C ARG C 34 16.64 39.62 3.24
N ARG C 35 15.48 39.01 3.41
CA ARG C 35 15.07 38.44 4.69
C ARG C 35 14.64 36.99 4.48
N PRO C 36 14.71 36.17 5.54
CA PRO C 36 14.33 34.76 5.43
C PRO C 36 12.83 34.52 5.42
N ALA C 37 12.40 33.51 4.66
CA ALA C 37 11.10 32.91 4.86
C ALA C 37 11.12 32.16 6.17
N LYS C 38 9.95 31.86 6.71
CA LYS C 38 9.88 31.28 8.05
C LYS C 38 9.19 29.92 8.06
N ALA C 39 9.57 29.12 9.06
CA ALA C 39 8.91 27.88 9.39
C ALA C 39 9.17 27.54 10.86
N VAL C 40 8.52 26.49 11.37
CA VAL C 40 8.91 25.95 12.67
C VAL C 40 9.25 24.47 12.52
N THR C 41 9.95 23.93 13.52
CA THR C 41 10.29 22.51 13.54
C THR C 41 9.11 21.59 13.26
N GLY C 42 9.27 20.68 12.30
CA GLY C 42 8.24 19.72 11.98
C GLY C 42 7.19 20.20 11.00
N GLU C 43 7.26 21.47 10.62
CA GLU C 43 6.24 22.05 9.76
C GLU C 43 6.50 21.84 8.29
N SER C 44 5.45 21.45 7.59
CA SER C 44 5.54 21.27 6.15
C SER C 44 5.02 22.51 5.46
N PHE C 45 5.60 22.80 4.29
CA PHE C 45 5.13 23.88 3.46
C PHE C 45 5.59 23.64 2.05
N GLU C 46 5.01 24.37 1.09
CA GLU C 46 5.31 24.12 -0.31
C GLU C 46 6.38 25.04 -0.87
N VAL C 47 7.38 24.46 -1.50
CA VAL C 47 8.34 25.21 -2.29
C VAL C 47 7.96 25.11 -3.76
N SER C 48 7.95 26.23 -4.46
CA SER C 48 7.50 26.24 -5.83
C SER C 48 8.42 27.08 -6.69
N ALA C 49 8.33 26.87 -7.99
CA ALA C 49 9.17 27.57 -8.95
C ALA C 49 8.53 27.48 -10.32
N THR C 50 8.96 28.35 -11.22
CA THR C 50 8.56 28.25 -12.60
C THR C 50 9.65 27.52 -13.35
N VAL C 51 9.29 26.39 -13.94
CA VAL C 51 10.25 25.51 -14.56
C VAL C 51 9.76 25.06 -15.92
N PHE C 52 10.64 25.20 -16.91
CA PHE C 52 10.36 24.80 -18.28
C PHE C 52 11.65 24.72 -19.08
N ARG C 53 11.56 24.21 -20.29
CA ARG C 53 12.72 24.19 -21.18
C ARG C 53 12.35 24.60 -22.59
N GLU C 54 13.37 24.77 -23.43
CA GLU C 54 13.17 25.02 -24.84
C GLU C 54 12.70 23.74 -25.51
N GLY C 55 12.00 23.88 -26.62
CA GLY C 55 11.55 22.71 -27.35
C GLY C 55 10.36 22.12 -26.62
N HIS C 56 10.08 20.85 -26.90
CA HIS C 56 8.85 20.21 -26.47
C HIS C 56 9.12 19.04 -25.54
N ASP C 57 10.39 18.85 -25.17
CA ASP C 57 10.73 17.71 -24.32
C ASP C 57 10.40 17.92 -22.84
N ALA C 58 10.36 16.82 -22.10
CA ALA C 58 9.91 16.85 -20.72
C ALA C 58 10.97 17.39 -19.77
N VAL C 59 10.51 17.98 -18.67
CA VAL C 59 11.39 18.39 -17.58
C VAL C 59 11.07 17.70 -16.27
N GLY C 60 12.03 17.73 -15.36
CA GLY C 60 11.84 17.21 -14.01
C GLY C 60 12.36 18.27 -13.06
N ALA C 61 11.97 18.19 -11.80
CA ALA C 61 12.45 19.15 -10.81
C ALA C 61 12.47 18.56 -9.42
N ASN C 62 13.30 19.12 -8.56
CA ASN C 62 13.38 18.65 -7.18
C ASN C 62 13.82 19.77 -6.27
N VAL C 63 13.45 19.65 -5.00
CA VAL C 63 13.79 20.65 -4.01
C VAL C 63 14.96 20.12 -3.19
N VAL C 64 15.98 20.94 -3.02
CA VAL C 64 17.11 20.58 -2.18
C VAL C 64 17.12 21.43 -0.93
N LEU C 65 16.72 20.82 0.19
CA LEU C 65 16.68 21.53 1.45
C LEU C 65 17.93 21.22 2.26
N ARG C 66 18.67 22.26 2.64
CA ARG C 66 19.91 22.04 3.38
C ARG C 66 19.79 22.59 4.80
N ASP C 67 20.22 21.79 5.78
CA ASP C 67 20.07 22.18 7.17
C ASP C 67 21.18 23.17 7.61
N PRO C 68 21.17 23.62 8.88
CA PRO C 68 22.18 24.62 9.26
C PRO C 68 23.62 24.17 9.13
N ARG C 69 23.88 22.87 9.09
CA ARG C 69 25.23 22.37 8.89
C ARG C 69 25.49 22.02 7.42
N GLY C 70 24.55 22.35 6.55
CA GLY C 70 24.72 22.20 5.12
C GLY C 70 24.32 20.83 4.59
N ARG C 71 23.81 20.00 5.48
CA ARG C 71 23.42 18.64 5.09
C ARG C 71 22.08 18.65 4.37
N PRO C 72 22.06 18.10 3.14
CA PRO C 72 20.87 18.07 2.29
C PRO C 72 19.83 17.08 2.78
N GLY C 73 18.56 17.36 2.53
CA GLY C 73 17.49 16.47 2.92
C GLY C 73 17.24 15.36 1.91
N PRO C 74 16.12 14.65 2.06
CA PRO C 74 15.82 13.53 1.18
C PRO C 74 15.45 13.96 -0.24
N TRP C 75 15.46 13.02 -1.17
CA TRP C 75 14.99 13.26 -2.52
C TRP C 75 13.57 13.81 -2.49
N THR C 76 13.37 14.99 -3.05
CA THR C 76 12.08 15.66 -2.97
C THR C 76 11.66 16.14 -4.35
N PRO C 77 11.08 15.24 -5.16
CA PRO C 77 10.69 15.56 -6.53
C PRO C 77 9.49 16.48 -6.59
N MET C 78 9.51 17.40 -7.55
CA MET C 78 8.38 18.29 -7.79
C MET C 78 7.43 17.78 -8.88
N ARG C 79 6.24 18.38 -8.92
CA ARG C 79 5.25 18.06 -9.93
C ARG C 79 4.70 19.37 -10.46
N GLU C 80 4.22 19.39 -11.70
CA GLU C 80 3.59 20.59 -12.22
C GLU C 80 2.25 20.74 -11.52
N LEU C 81 2.01 21.92 -10.94
CA LEU C 81 0.86 22.12 -10.07
C LEU C 81 -0.44 22.27 -10.86
N ALA C 82 -0.34 22.82 -12.06
CA ALA C 82 -1.49 22.94 -12.95
C ALA C 82 -1.04 22.87 -14.40
N PRO C 83 -1.85 22.22 -15.26
CA PRO C 83 -1.49 22.06 -16.68
C PRO C 83 -1.23 23.39 -17.39
N GLY C 84 -0.18 23.43 -18.21
CA GLY C 84 0.08 24.60 -19.03
C GLY C 84 0.58 25.83 -18.31
N THR C 85 0.85 25.72 -17.01
CA THR C 85 1.26 26.87 -16.21
C THR C 85 2.76 26.98 -16.00
N ASP C 86 3.45 25.86 -16.15
CA ASP C 86 4.88 25.77 -15.90
C ASP C 86 5.22 26.11 -14.45
N ARG C 87 4.24 26.01 -13.56
CA ARG C 87 4.51 26.17 -12.14
C ARG C 87 4.63 24.81 -11.48
N TRP C 88 5.78 24.57 -10.86
CA TRP C 88 6.06 23.27 -10.27
C TRP C 88 6.17 23.44 -8.77
N GLY C 89 5.87 22.39 -8.02
CA GLY C 89 5.90 22.47 -6.58
C GLY C 89 6.15 21.14 -5.89
N ALA C 90 6.70 21.21 -4.67
CA ALA C 90 6.82 20.05 -3.80
C ALA C 90 6.71 20.46 -2.34
N THR C 91 6.19 19.56 -1.51
CA THR C 91 6.14 19.80 -0.08
C THR C 91 7.45 19.46 0.58
N VAL C 92 7.93 20.36 1.45
CA VAL C 92 9.10 20.07 2.27
C VAL C 92 8.71 20.23 3.73
N THR C 93 9.54 19.66 4.61
CA THR C 93 9.30 19.72 6.06
C THR C 93 10.56 20.16 6.81
N ALA C 94 10.40 21.17 7.66
CA ALA C 94 11.50 21.71 8.44
C ALA C 94 11.87 20.78 9.60
N GLY C 95 13.15 20.66 9.88
CA GLY C 95 13.59 19.83 10.98
C GLY C 95 14.01 20.65 12.19
N GLU C 96 15.23 20.44 12.67
CA GLU C 96 15.71 21.14 13.86
C GLU C 96 15.75 22.64 13.62
N THR C 97 15.67 23.43 14.68
CA THR C 97 15.68 24.89 14.56
C THR C 97 17.01 25.40 14.06
N GLY C 98 16.96 26.56 13.41
CA GLY C 98 18.15 27.23 12.92
C GLY C 98 17.88 27.82 11.56
N THR C 99 18.93 28.25 10.87
CA THR C 99 18.78 28.83 9.54
C THR C 99 19.11 27.78 8.48
N TRP C 100 18.10 27.41 7.71
CA TRP C 100 18.22 26.45 6.64
C TRP C 100 18.30 27.19 5.31
N SER C 101 18.49 26.46 4.23
CA SER C 101 18.41 27.05 2.90
C SER C 101 17.78 26.05 1.96
N TYR C 102 17.16 26.55 0.89
CA TYR C 102 16.62 25.66 -0.13
C TYR C 102 16.90 26.14 -1.55
N THR C 103 17.09 25.19 -2.45
CA THR C 103 17.28 25.45 -3.87
C THR C 103 16.37 24.54 -4.67
N VAL C 104 16.05 24.93 -5.89
CA VAL C 104 15.34 24.05 -6.78
C VAL C 104 16.24 23.63 -7.92
N GLU C 105 16.30 22.32 -8.19
CA GLU C 105 17.03 21.81 -9.33
C GLU C 105 16.11 21.37 -10.46
N ALA C 106 16.44 21.77 -11.68
CA ALA C 106 15.61 21.43 -12.83
C ALA C 106 16.50 20.66 -13.81
N TRP C 107 15.90 19.75 -14.56
CA TRP C 107 16.66 18.88 -15.45
C TRP C 107 15.75 18.35 -16.55
N GLY C 108 16.34 17.95 -17.66
CA GLY C 108 15.63 17.21 -18.70
C GLY C 108 15.31 15.80 -18.19
N ASP C 109 14.10 15.35 -18.51
CA ASP C 109 13.61 14.04 -18.12
C ASP C 109 13.43 13.15 -19.35
N PRO C 110 14.55 12.62 -19.87
CA PRO C 110 14.54 11.93 -21.16
C PRO C 110 13.74 10.64 -21.14
N VAL C 111 13.64 9.99 -19.98
CA VAL C 111 12.91 8.75 -19.90
C VAL C 111 11.42 9.00 -20.08
N THR C 112 10.92 10.06 -19.45
CA THR C 112 9.53 10.46 -19.63
C THR C 112 9.25 10.80 -21.09
N THR C 113 10.18 11.52 -21.69
CA THR C 113 10.07 11.92 -23.09
C THR C 113 10.00 10.71 -24.00
N TRP C 114 10.93 9.78 -23.79
CA TRP C 114 11.01 8.59 -24.61
C TRP C 114 9.76 7.74 -24.44
N ARG C 115 9.32 7.55 -23.21
CA ARG C 115 8.11 6.79 -22.93
C ARG C 115 6.91 7.39 -23.66
N HIS C 116 6.82 8.72 -23.63
CA HIS C 116 5.76 9.45 -24.29
C HIS C 116 5.67 9.14 -25.78
N HIS C 117 6.80 9.24 -26.49
CA HIS C 117 6.79 8.95 -27.92
C HIS C 117 6.46 7.47 -28.17
N ALA C 118 7.01 6.57 -27.38
CA ALA C 118 6.70 5.19 -27.63
C ALA C 118 5.20 5.06 -27.91
N ASP C 127 9.67 3.85 -38.10
CA ASP C 127 10.93 3.80 -37.35
C ASP C 127 10.74 3.41 -35.89
N THR C 128 10.31 2.17 -35.68
CA THR C 128 9.90 1.73 -34.36
C THR C 128 11.03 0.91 -33.73
N ASP C 129 11.73 0.18 -34.58
CA ASP C 129 12.87 -0.65 -34.19
C ASP C 129 13.96 0.22 -33.54
N LEU C 130 14.14 1.38 -34.15
CA LEU C 130 15.09 2.41 -33.79
C LEU C 130 14.85 3.03 -32.41
N VAL C 131 13.60 3.38 -32.12
CA VAL C 131 13.21 3.97 -30.84
C VAL C 131 13.53 3.12 -29.62
N LEU C 132 13.36 1.80 -29.72
CA LEU C 132 13.58 0.92 -28.59
C LEU C 132 15.08 0.83 -28.32
N GLU C 133 15.89 0.89 -29.38
CA GLU C 133 17.34 0.92 -29.20
C GLU C 133 17.72 2.23 -28.49
N GLU C 134 17.05 3.33 -28.82
CA GLU C 134 17.28 4.59 -28.12
C GLU C 134 16.96 4.43 -26.63
N GLY C 135 15.87 3.72 -26.35
CA GLY C 135 15.46 3.45 -24.99
C GLY C 135 16.48 2.60 -24.25
N ALA C 136 17.00 1.59 -24.93
CA ALA C 136 17.99 0.70 -24.35
C ALA C 136 19.22 1.49 -23.94
N ARG C 137 19.64 2.40 -24.82
CA ARG C 137 20.81 3.23 -24.58
C ARG C 137 20.55 4.15 -23.41
N LEU C 138 19.32 4.63 -23.29
CA LEU C 138 18.91 5.45 -22.16
C LEU C 138 18.99 4.70 -20.84
N TYR C 139 18.44 3.48 -20.82
CA TYR C 139 18.43 2.71 -19.60
C TYR C 139 19.85 2.31 -19.23
N GLU C 140 20.70 2.16 -20.25
CA GLU C 140 22.11 1.93 -20.02
C GLU C 140 22.76 3.11 -19.28
N ARG C 141 22.43 4.32 -19.70
CA ARG C 141 22.90 5.52 -19.00
C ARG C 141 22.40 5.55 -17.55
N ALA C 142 21.12 5.27 -17.39
CA ALA C 142 20.45 5.29 -16.09
C ALA C 142 21.04 4.28 -15.10
N ALA C 143 21.41 3.11 -15.61
CA ALA C 143 21.94 2.04 -14.76
C ALA C 143 23.27 2.38 -14.10
N ALA C 144 24.15 3.06 -14.83
CA ALA C 144 25.48 3.36 -14.32
C ALA C 144 25.45 4.21 -13.04
N ASP C 145 24.44 5.07 -12.93
CA ASP C 145 24.37 5.99 -11.78
C ASP C 145 23.69 5.33 -10.58
N VAL C 146 22.76 4.43 -10.85
CA VAL C 146 22.02 3.69 -9.82
C VAL C 146 22.98 2.95 -8.91
N PRO C 147 22.87 3.18 -7.59
CA PRO C 147 23.76 2.52 -6.63
C PRO C 147 23.44 1.06 -6.34
N GLY C 148 22.18 0.68 -6.19
CA GLY C 148 21.87 -0.71 -5.86
C GLY C 148 22.27 -1.69 -6.94
N ARG C 149 23.03 -2.71 -6.54
CA ARG C 149 23.49 -3.76 -7.45
C ARG C 149 22.32 -4.51 -8.07
N GLU C 150 21.34 -4.84 -7.23
CA GLU C 150 20.14 -5.55 -7.65
C GLU C 150 19.31 -4.64 -8.53
N ASP C 151 19.27 -3.37 -8.15
CA ASP C 151 18.57 -2.34 -8.91
C ASP C 151 19.27 -2.19 -10.25
N ARG C 152 20.59 -2.37 -10.24
CA ARG C 152 21.40 -2.27 -11.44
C ARG C 152 21.04 -3.41 -12.36
N ARG C 153 20.88 -4.60 -11.78
CA ARG C 153 20.55 -5.79 -12.54
C ARG C 153 19.14 -5.66 -13.10
N GLU C 154 18.26 -5.00 -12.35
CA GLU C 154 16.90 -4.75 -12.81
C GLU C 154 16.83 -3.86 -14.05
N LEU C 155 17.60 -2.79 -14.06
CA LEU C 155 17.66 -1.90 -15.21
C LEU C 155 18.34 -2.54 -16.41
N LEU C 156 19.43 -3.26 -16.15
CA LEU C 156 20.19 -3.90 -17.21
C LEU C 156 19.36 -5.02 -17.81
N ALA C 157 18.46 -5.57 -17.02
CA ALA C 157 17.52 -6.57 -17.50
C ALA C 157 16.51 -5.92 -18.43
N ALA C 158 16.13 -4.70 -18.10
CA ALA C 158 15.24 -3.92 -18.95
C ALA C 158 15.97 -3.60 -20.26
N VAL C 159 17.25 -3.33 -20.13
CA VAL C 159 18.15 -3.09 -21.26
C VAL C 159 18.18 -4.28 -22.21
N ASP C 160 18.31 -5.47 -21.66
CA ASP C 160 18.40 -6.69 -22.44
C ASP C 160 17.11 -6.99 -23.20
N ALA C 161 15.97 -6.71 -22.57
CA ALA C 161 14.69 -6.87 -23.24
C ALA C 161 14.53 -5.89 -24.40
N PRO C 168 11.41 -10.79 -31.60
CA PRO C 168 10.71 -9.63 -31.03
C PRO C 168 9.33 -9.37 -31.63
N ALA C 169 8.46 -8.65 -30.91
CA ALA C 169 7.15 -8.29 -31.45
C ALA C 169 6.56 -7.04 -30.81
N ALA C 170 5.73 -7.23 -29.80
CA ALA C 170 5.03 -6.11 -29.17
C ALA C 170 5.39 -5.94 -27.69
N SER C 171 5.67 -7.05 -27.01
CA SER C 171 6.01 -7.03 -25.59
C SER C 171 7.43 -6.54 -25.36
N ARG C 172 8.06 -6.06 -26.43
CA ARG C 172 9.37 -5.48 -26.34
C ARG C 172 9.34 -4.25 -25.44
N LEU C 173 8.31 -3.44 -25.64
CA LEU C 173 8.08 -2.21 -24.89
C LEU C 173 7.69 -2.42 -23.43
N ALA C 174 6.81 -3.38 -23.20
CA ALA C 174 6.27 -3.66 -21.87
C ALA C 174 7.30 -3.99 -20.79
N ALA C 175 8.37 -4.70 -21.15
CA ALA C 175 9.40 -5.01 -20.16
C ALA C 175 10.06 -3.75 -19.59
N ALA C 176 9.96 -2.65 -20.31
CA ALA C 176 10.57 -1.37 -19.90
C ALA C 176 9.64 -0.49 -19.09
N LEU C 177 8.39 -0.94 -18.92
CA LEU C 177 7.35 -0.11 -18.31
C LEU C 177 6.75 -0.76 -17.07
N THR C 178 7.45 -1.75 -16.53
CA THR C 178 6.94 -2.47 -15.37
C THR C 178 7.00 -1.55 -14.14
N PRO C 179 6.19 -1.87 -13.11
CA PRO C 179 6.23 -1.13 -11.85
C PRO C 179 7.58 -1.17 -11.13
N GLN C 180 8.28 -2.30 -11.17
CA GLN C 180 9.62 -2.38 -10.59
C GLN C 180 10.53 -1.34 -11.19
N VAL C 181 10.41 -1.16 -12.50
CA VAL C 181 11.20 -0.17 -13.21
C VAL C 181 10.74 1.24 -12.87
N ASP C 182 9.43 1.44 -12.81
CA ASP C 182 8.92 2.75 -12.44
C ASP C 182 9.52 3.15 -11.10
N ALA C 183 9.51 2.21 -10.15
CA ALA C 183 10.00 2.44 -8.80
C ALA C 183 11.50 2.80 -8.74
N VAL C 184 12.29 2.10 -9.55
CA VAL C 184 13.73 2.35 -9.65
C VAL C 184 14.03 3.73 -10.20
N LEU C 185 13.37 4.08 -11.30
CA LEU C 185 13.64 5.35 -11.96
C LEU C 185 13.08 6.46 -11.05
N ALA C 186 12.08 6.08 -10.24
CA ALA C 186 11.48 6.98 -9.28
C ALA C 186 12.47 7.35 -8.17
N ARG C 187 13.38 6.45 -7.85
CA ARG C 187 14.36 6.73 -6.79
C ARG C 187 15.61 7.39 -7.33
N HIS C 188 16.08 6.94 -8.48
CA HIS C 188 17.33 7.44 -9.04
C HIS C 188 17.15 7.80 -10.51
N PRO C 189 16.41 8.89 -10.77
CA PRO C 189 16.10 9.24 -12.17
C PRO C 189 17.32 9.72 -12.95
N LEU C 190 17.26 9.56 -14.27
CA LEU C 190 18.29 10.11 -15.14
C LEU C 190 18.01 11.59 -15.39
N ARG C 191 18.90 12.45 -14.93
CA ARG C 191 18.71 13.89 -15.05
C ARG C 191 19.68 14.51 -16.05
N ASP C 192 19.15 15.11 -17.12
CA ASP C 192 19.99 15.81 -18.09
C ASP C 192 20.14 17.28 -17.73
N LEU C 193 21.35 17.82 -17.88
CA LEU C 193 21.57 19.27 -17.89
C LEU C 193 21.07 19.95 -16.64
N VAL C 194 21.35 19.34 -15.48
CA VAL C 194 20.86 19.82 -14.20
C VAL C 194 21.23 21.26 -13.93
N THR C 195 20.23 22.04 -13.57
CA THR C 195 20.35 23.48 -13.40
C THR C 195 19.73 23.84 -12.05
N SER C 196 20.45 24.67 -11.29
CA SER C 196 20.03 24.97 -9.94
C SER C 196 19.66 26.43 -9.76
N SER C 197 18.69 26.67 -8.90
CA SER C 197 18.35 28.01 -8.43
C SER C 197 19.39 28.50 -7.44
N ASP C 198 19.40 29.81 -7.19
CA ASP C 198 20.18 30.35 -6.08
C ASP C 198 19.51 30.00 -4.75
N PRO C 199 20.31 29.74 -3.71
CA PRO C 199 19.72 29.35 -2.43
C PRO C 199 18.85 30.45 -1.84
N LEU C 200 17.76 30.08 -1.19
CA LEU C 200 16.96 31.03 -0.43
C LEU C 200 16.99 30.67 1.04
N PRO C 201 16.95 31.69 1.91
CA PRO C 201 17.05 31.42 3.35
C PRO C 201 15.73 31.02 3.99
N LEU C 202 15.82 30.09 4.94
CA LEU C 202 14.68 29.67 5.73
C LEU C 202 15.00 29.73 7.22
N LEU C 203 14.21 30.46 8.00
CA LEU C 203 14.43 30.53 9.44
C LEU C 203 13.48 29.58 10.16
N VAL C 204 14.03 28.55 10.78
CA VAL C 204 13.22 27.59 11.51
C VAL C 204 13.29 27.85 13.01
N GLU C 205 12.12 28.02 13.61
CA GLU C 205 12.00 28.37 15.02
C GLU C 205 11.19 27.30 15.73
N ARG C 206 11.04 27.41 17.06
CA ARG C 206 10.43 26.32 17.81
C ARG C 206 8.92 26.24 17.59
N GLU C 207 8.36 25.09 17.94
CA GLU C 207 6.93 24.77 17.72
C GLU C 207 5.98 25.86 18.20
N ARG C 208 6.24 26.40 19.39
CA ARG C 208 5.32 27.32 20.04
C ARG C 208 5.20 28.64 19.28
N ALA C 209 6.16 28.91 18.41
CA ALA C 209 6.13 30.11 17.59
C ALA C 209 4.92 30.11 16.66
N LEU C 210 4.52 28.94 16.20
CA LEU C 210 3.39 28.80 15.30
C LEU C 210 2.13 28.34 16.02
N TYR C 211 2.30 27.47 17.01
CA TYR C 211 1.19 26.72 17.60
C TYR C 211 1.12 26.92 19.11
N GLY C 212 -0.06 27.28 19.58
CA GLY C 212 -0.29 27.40 21.01
C GLY C 212 -1.59 28.11 21.30
N ALA C 213 -2.11 27.89 22.50
CA ALA C 213 -3.35 28.51 22.92
C ALA C 213 -3.08 29.53 24.02
N TRP C 214 -3.60 30.75 23.83
CA TRP C 214 -3.29 31.85 24.73
C TRP C 214 -4.43 32.34 25.61
N TYR C 215 -4.08 32.75 26.83
CA TYR C 215 -5.07 33.27 27.75
C TYR C 215 -4.56 34.54 28.39
N GLU C 216 -5.29 35.64 28.21
CA GLU C 216 -4.92 36.91 28.80
C GLU C 216 -5.74 37.21 30.05
N PHE C 217 -5.07 37.54 31.16
CA PHE C 217 -5.81 37.98 32.34
C PHE C 217 -4.99 38.95 33.17
N PHE C 218 -5.69 39.69 34.03
CA PHE C 218 -5.07 40.70 34.89
C PHE C 218 -4.88 40.11 36.28
N PRO C 219 -3.63 39.90 36.69
CA PRO C 219 -3.33 39.35 38.01
C PRO C 219 -3.99 40.14 39.15
N ARG C 220 -4.07 41.46 38.98
CA ARG C 220 -4.63 42.32 40.03
C ARG C 220 -6.11 42.05 40.29
N SER C 221 -6.82 41.48 39.32
CA SER C 221 -8.23 41.19 39.51
C SER C 221 -8.45 39.95 40.38
N GLU C 222 -7.43 39.12 40.51
CA GLU C 222 -7.53 37.87 41.26
C GLU C 222 -7.03 38.01 42.69
N GLY C 223 -7.79 38.78 43.47
CA GLY C 223 -7.43 39.08 44.84
C GLY C 223 -8.30 38.29 45.79
N THR C 224 -8.51 38.85 46.97
CA THR C 224 -9.20 38.17 48.06
C THR C 224 -10.20 39.14 48.66
N PRO C 225 -11.20 38.62 49.39
CA PRO C 225 -12.14 39.49 50.11
C PRO C 225 -11.45 40.50 51.01
N HIS C 226 -10.41 40.08 51.71
CA HIS C 226 -9.71 40.96 52.65
C HIS C 226 -8.68 41.84 51.95
N THR C 227 -8.21 41.39 50.78
CA THR C 227 -7.24 42.15 50.01
C THR C 227 -7.63 42.12 48.53
N PRO C 228 -8.49 43.06 48.12
CA PRO C 228 -9.06 43.08 46.76
C PRO C 228 -8.01 43.11 45.65
N HIS C 229 -6.92 43.83 45.84
CA HIS C 229 -5.88 43.88 44.81
C HIS C 229 -5.03 42.64 44.88
N GLY C 230 -5.13 41.81 43.85
CA GLY C 230 -4.40 40.55 43.76
C GLY C 230 -2.89 40.68 43.81
N THR C 231 -2.24 39.62 44.27
CA THR C 231 -0.79 39.52 44.24
C THR C 231 -0.46 38.40 43.27
N PHE C 232 0.81 38.24 42.94
CA PHE C 232 1.22 37.10 42.13
C PHE C 232 0.88 35.80 42.85
N ARG C 233 0.92 35.82 44.19
CA ARG C 233 0.61 34.62 44.95
C ARG C 233 -0.90 34.30 44.94
N THR C 234 -1.74 35.32 44.97
CA THR C 234 -3.17 35.05 44.89
C THR C 234 -3.59 34.70 43.47
N ALA C 235 -3.01 35.41 42.51
CA ALA C 235 -3.32 35.22 41.10
C ALA C 235 -2.87 33.85 40.59
N ALA C 236 -1.83 33.31 41.21
CA ALA C 236 -1.35 31.97 40.89
C ALA C 236 -2.37 30.86 41.08
N ARG C 237 -3.35 31.08 41.96
CA ARG C 237 -4.37 30.05 42.17
C ARG C 237 -5.37 30.02 41.03
N ARG C 238 -5.32 31.04 40.18
CA ARG C 238 -6.16 31.05 38.99
C ARG C 238 -5.50 30.20 37.90
N LEU C 239 -4.19 29.99 38.00
CA LEU C 239 -3.45 29.33 36.94
C LEU C 239 -3.88 27.89 36.70
N PRO C 240 -4.15 27.11 37.77
CA PRO C 240 -4.58 25.73 37.53
C PRO C 240 -5.80 25.64 36.62
N ALA C 241 -6.75 26.54 36.83
CA ALA C 241 -7.96 26.55 36.02
C ALA C 241 -7.61 26.86 34.57
N ILE C 242 -6.64 27.74 34.36
CA ILE C 242 -6.20 28.08 33.02
C ILE C 242 -5.57 26.88 32.33
N ALA C 243 -4.72 26.17 33.04
CA ALA C 243 -4.11 24.95 32.52
C ALA C 243 -5.20 23.92 32.24
N ALA C 244 -6.20 23.88 33.11
CA ALA C 244 -7.30 22.93 32.97
C ALA C 244 -8.13 23.21 31.72
N MET C 245 -8.15 24.46 31.28
CA MET C 245 -8.81 24.80 30.03
C MET C 245 -7.99 24.44 28.80
N GLY C 246 -6.76 23.99 28.99
CA GLY C 246 -5.95 23.51 27.88
C GLY C 246 -5.09 24.57 27.21
N PHE C 247 -4.84 25.68 27.89
CA PHE C 247 -3.99 26.72 27.34
C PHE C 247 -2.51 26.42 27.54
N ASP C 248 -1.68 27.01 26.68
CA ASP C 248 -0.26 26.72 26.71
C ASP C 248 0.51 27.97 27.12
N VAL C 249 -0.09 29.13 26.89
CA VAL C 249 0.57 30.42 27.13
C VAL C 249 -0.37 31.36 27.88
N VAL C 250 0.12 32.00 28.92
CA VAL C 250 -0.63 33.09 29.54
C VAL C 250 0.02 34.46 29.32
N TYR C 251 -0.76 35.39 28.77
CA TYR C 251 -0.29 36.74 28.55
C TYR C 251 -0.77 37.68 29.64
N LEU C 252 0.18 38.31 30.32
CA LEU C 252 -0.12 39.27 31.39
C LEU C 252 0.09 40.68 30.90
N PRO C 253 -0.87 41.57 31.15
CA PRO C 253 -0.65 43.00 30.97
C PRO C 253 0.55 43.46 31.80
N PRO C 254 1.07 44.67 31.54
CA PRO C 254 2.26 45.13 32.25
C PRO C 254 2.21 44.96 33.77
N ILE C 255 3.30 44.46 34.32
CA ILE C 255 3.35 44.10 35.72
C ILE C 255 4.17 45.11 36.51
N HIS C 256 4.40 46.29 35.92
CA HIS C 256 5.28 47.26 36.53
C HIS C 256 4.47 48.24 37.39
N PRO C 257 5.16 49.06 38.20
CA PRO C 257 4.48 50.14 38.91
C PRO C 257 3.72 51.03 37.93
N ILE C 258 2.64 51.63 38.37
CA ILE C 258 1.79 52.43 37.51
C ILE C 258 1.84 53.89 37.95
N GLY C 259 1.97 54.79 36.98
CA GLY C 259 2.08 56.20 37.27
C GLY C 259 0.85 56.73 37.98
N THR C 260 1.03 57.82 38.71
CA THR C 260 -0.07 58.51 39.36
C THR C 260 -0.47 59.79 38.66
N THR C 261 0.51 60.48 38.09
CA THR C 261 0.23 61.70 37.36
C THR C 261 -0.66 61.39 36.17
N HIS C 262 -1.82 62.03 36.13
CA HIS C 262 -2.79 61.84 35.03
C HIS C 262 -3.29 60.41 34.95
N ARG C 263 -3.25 59.69 36.06
CA ARG C 263 -3.80 58.35 36.10
C ARG C 263 -5.26 58.40 35.67
N LYS C 264 -5.65 57.47 34.83
CA LYS C 264 -7.02 57.39 34.34
C LYS C 264 -7.93 56.70 35.34
N GLY C 265 -9.20 57.11 35.34
CA GLY C 265 -10.17 56.53 36.24
C GLY C 265 -10.92 55.41 35.56
N ARG C 266 -11.97 54.92 36.21
CA ARG C 266 -12.79 53.85 35.68
C ARG C 266 -13.43 54.26 34.36
N ASN C 267 -13.59 53.30 33.47
CA ASN C 267 -14.16 53.54 32.15
C ASN C 267 -13.42 54.58 31.32
N ASN C 268 -12.11 54.65 31.51
CA ASN C 268 -11.23 55.52 30.72
C ASN C 268 -11.54 56.99 30.92
N THR C 269 -11.90 57.36 32.15
CA THR C 269 -12.15 58.74 32.47
C THR C 269 -10.82 59.45 32.76
N LEU C 270 -10.83 60.77 32.58
CA LEU C 270 -9.60 61.54 32.60
C LEU C 270 -8.91 61.63 33.96
N SER C 271 -9.68 61.65 35.05
CA SER C 271 -9.08 61.86 36.36
C SER C 271 -9.40 60.75 37.35
N ALA C 272 -8.35 60.10 37.82
CA ALA C 272 -8.45 59.05 38.83
C ALA C 272 -8.82 59.63 40.17
N THR C 273 -9.63 58.92 40.93
CA THR C 273 -9.96 59.38 42.27
C THR C 273 -9.77 58.27 43.28
N GLY C 274 -9.39 58.65 44.48
CA GLY C 274 -9.29 57.71 45.58
C GLY C 274 -8.25 56.64 45.32
N ASP C 275 -8.69 55.39 45.41
CA ASP C 275 -7.81 54.26 45.26
C ASP C 275 -7.90 53.57 43.89
N ASP C 276 -8.32 54.32 42.86
CA ASP C 276 -8.30 53.84 41.48
C ASP C 276 -6.93 53.25 41.15
N VAL C 277 -6.91 52.12 40.45
CA VAL C 277 -5.67 51.37 40.27
C VAL C 277 -4.94 51.75 38.98
N GLY C 278 -5.66 52.41 38.08
CA GLY C 278 -5.08 52.87 36.82
C GLY C 278 -4.80 51.82 35.76
N SER C 279 -4.30 52.28 34.61
CA SER C 279 -3.93 51.38 33.52
C SER C 279 -2.51 50.86 33.68
N PRO C 280 -2.32 49.54 33.55
CA PRO C 280 -0.98 48.94 33.60
C PRO C 280 -0.05 49.48 32.52
N TRP C 281 -0.61 50.01 31.44
CA TRP C 281 0.20 50.50 30.35
C TRP C 281 0.77 51.88 30.68
N ALA C 282 0.37 52.43 31.81
CA ALA C 282 0.94 53.69 32.27
C ALA C 282 2.15 53.38 33.14
N ILE C 283 3.23 52.95 32.49
CA ILE C 283 4.34 52.33 33.20
C ILE C 283 5.26 53.34 33.86
N GLY C 284 5.54 53.11 35.13
CA GLY C 284 6.61 53.80 35.82
C GLY C 284 6.16 54.68 36.97
N SER C 285 6.93 54.64 38.05
CA SER C 285 6.75 55.54 39.17
C SER C 285 8.12 55.69 39.84
N PRO C 286 8.21 56.50 40.92
CA PRO C 286 9.47 56.47 41.65
C PRO C 286 9.82 55.10 42.25
N GLU C 287 8.86 54.19 42.28
CA GLU C 287 9.08 52.83 42.75
C GLU C 287 9.83 51.96 41.75
N GLY C 288 10.01 52.45 40.53
CA GLY C 288 10.71 51.68 39.52
C GLY C 288 10.08 51.71 38.15
N GLY C 289 10.82 51.19 37.17
CA GLY C 289 10.38 51.20 35.78
C GLY C 289 10.17 49.83 35.18
N HIS C 290 10.59 49.64 33.93
CA HIS C 290 10.27 48.42 33.19
C HIS C 290 10.98 47.18 33.71
N ASP C 291 11.92 47.35 34.62
CA ASP C 291 12.59 46.20 35.19
C ASP C 291 12.11 45.96 36.61
N SER C 292 11.00 46.59 36.95
CA SER C 292 10.47 46.52 38.31
C SER C 292 9.04 46.02 38.34
N ILE C 293 8.59 45.65 39.53
CA ILE C 293 7.25 45.12 39.73
C ILE C 293 6.37 46.06 40.52
N HIS C 294 5.13 46.22 40.07
CA HIS C 294 4.12 46.93 40.83
C HIS C 294 4.11 46.44 42.27
N PRO C 295 4.24 47.38 43.23
CA PRO C 295 4.35 47.04 44.65
C PRO C 295 3.15 46.27 45.16
N ALA C 296 1.98 46.52 44.58
CA ALA C 296 0.77 45.82 45.00
C ALA C 296 0.74 44.38 44.52
N LEU C 297 1.55 44.05 43.52
CA LEU C 297 1.62 42.68 43.03
C LEU C 297 2.58 41.83 43.85
N GLY C 298 3.51 42.48 44.54
CA GLY C 298 4.47 41.78 45.38
C GLY C 298 5.90 42.00 44.94
N THR C 299 6.74 41.00 45.16
CA THR C 299 8.16 41.12 44.86
C THR C 299 8.60 40.27 43.68
N LEU C 300 9.85 40.46 43.27
CA LEU C 300 10.46 39.65 42.22
C LEU C 300 10.49 38.17 42.58
N ASP C 301 10.72 37.88 43.85
CA ASP C 301 10.64 36.53 44.38
C ASP C 301 9.25 35.93 44.18
N ASP C 302 8.22 36.75 44.38
CA ASP C 302 6.86 36.29 44.18
C ASP C 302 6.61 36.01 42.71
N PHE C 303 7.19 36.83 41.85
CA PHE C 303 7.08 36.63 40.42
C PHE C 303 7.77 35.34 39.99
N ASP C 304 8.95 35.10 40.53
CA ASP C 304 9.66 33.85 40.26
C ASP C 304 8.81 32.66 40.67
N HIS C 305 8.13 32.78 41.81
CA HIS C 305 7.22 31.74 42.26
C HIS C 305 6.07 31.55 41.28
N PHE C 306 5.50 32.65 40.82
CA PHE C 306 4.41 32.61 39.84
C PHE C 306 4.81 31.96 38.52
N VAL C 307 5.97 32.33 38.02
CA VAL C 307 6.48 31.78 36.78
C VAL C 307 6.78 30.29 36.92
N THR C 308 7.32 29.92 38.06
CA THR C 308 7.62 28.52 38.34
C THR C 308 6.36 27.68 38.42
N GLU C 309 5.35 28.18 39.12
CA GLU C 309 4.09 27.48 39.22
C GLU C 309 3.44 27.35 37.86
N ALA C 310 3.53 28.40 37.06
CA ALA C 310 2.99 28.36 35.71
C ALA C 310 3.69 27.24 34.94
N GLY C 311 5.01 27.18 35.06
CA GLY C 311 5.80 26.19 34.36
C GLY C 311 5.36 24.82 34.81
N LYS C 312 5.12 24.69 36.11
CA LYS C 312 4.65 23.44 36.70
C LYS C 312 3.32 22.99 36.06
N LEU C 313 2.53 23.95 35.61
CA LEU C 313 1.23 23.67 35.02
C LEU C 313 1.31 23.60 33.49
N GLY C 314 2.52 23.70 32.95
CA GLY C 314 2.72 23.68 31.51
C GLY C 314 2.35 24.98 30.83
N LEU C 315 2.41 26.07 31.58
CA LEU C 315 2.09 27.39 31.07
C LEU C 315 3.37 28.21 30.92
N GLU C 316 3.51 28.87 29.77
CA GLU C 316 4.58 29.83 29.57
C GLU C 316 4.07 31.24 29.81
N ILE C 317 4.94 32.12 30.31
CA ILE C 317 4.54 33.50 30.51
C ILE C 317 4.90 34.37 29.32
N ALA C 318 3.94 35.17 28.87
CA ALA C 318 4.21 36.24 27.93
C ALA C 318 3.98 37.59 28.58
N LEU C 319 5.03 38.39 28.70
CA LEU C 319 4.86 39.73 29.26
C LEU C 319 4.60 40.77 28.18
N ASP C 320 3.74 41.73 28.51
CA ASP C 320 3.50 42.86 27.65
C ASP C 320 4.75 43.75 27.68
N PHE C 321 5.31 44.07 26.52
CA PHE C 321 6.36 45.06 26.47
C PHE C 321 5.86 46.32 25.76
N ALA C 322 5.67 47.39 26.52
CA ALA C 322 5.12 48.62 26.00
C ALA C 322 6.11 49.76 26.14
N LEU C 323 6.73 50.16 25.03
CA LEU C 323 7.83 51.10 25.11
C LEU C 323 7.27 52.51 25.12
N GLN C 324 6.94 52.93 26.33
CA GLN C 324 6.32 54.21 26.62
C GLN C 324 6.39 54.41 28.13
N CYS C 325 6.13 55.63 28.59
CA CYS C 325 6.37 55.97 30.00
C CYS C 325 5.24 56.79 30.58
N SER C 326 4.87 56.50 31.82
CA SER C 326 4.08 57.44 32.61
C SER C 326 4.97 58.63 32.92
N PRO C 327 4.37 59.77 33.31
CA PRO C 327 5.18 60.93 33.68
C PRO C 327 6.03 60.70 34.93
N ASP C 328 5.76 59.64 35.66
CA ASP C 328 6.50 59.37 36.89
C ASP C 328 7.62 58.38 36.63
N HIS C 329 7.77 57.95 35.38
CA HIS C 329 8.84 57.02 35.05
C HIS C 329 10.19 57.72 35.27
N PRO C 330 11.14 57.01 35.90
CA PRO C 330 12.50 57.53 36.16
C PRO C 330 13.25 58.05 34.93
N TRP C 331 12.99 57.45 33.77
CA TRP C 331 13.65 57.85 32.52
C TRP C 331 13.40 59.31 32.19
N VAL C 332 12.26 59.82 32.63
CA VAL C 332 11.83 61.16 32.25
C VAL C 332 12.91 62.13 32.69
N HIS C 333 13.44 61.94 33.88
CA HIS C 333 14.50 62.80 34.35
C HIS C 333 15.89 62.18 34.16
N LYS C 334 15.97 60.85 34.07
CA LYS C 334 17.28 60.22 33.85
C LYS C 334 17.75 60.33 32.41
N HIS C 335 16.80 60.24 31.48
CA HIS C 335 17.12 60.27 30.05
C HIS C 335 16.13 61.20 29.34
N PRO C 336 16.22 62.51 29.59
CA PRO C 336 15.28 63.45 28.99
C PRO C 336 15.30 63.47 27.47
N GLU C 337 16.45 63.14 26.89
CA GLU C 337 16.60 63.18 25.43
C GLU C 337 15.91 62.01 24.73
N TRP C 338 15.29 61.13 25.52
CA TRP C 338 14.48 60.03 25.00
C TRP C 338 13.04 60.49 24.79
N PHE C 339 12.82 61.79 24.89
CA PHE C 339 11.48 62.34 24.72
C PHE C 339 11.51 63.59 23.85
N HIS C 340 10.41 63.84 23.16
CA HIS C 340 10.27 65.07 22.39
C HIS C 340 9.68 66.14 23.29
N HIS C 341 10.42 67.22 23.47
CA HIS C 341 9.94 68.33 24.27
C HIS C 341 9.46 69.47 23.41
N ARG C 342 8.35 70.08 23.80
CA ARG C 342 7.89 71.27 23.09
C ARG C 342 8.71 72.43 23.65
N PRO C 343 8.68 73.60 22.98
CA PRO C 343 9.52 74.73 23.39
C PRO C 343 9.38 75.16 24.86
N ASP C 344 8.26 74.86 25.50
CA ASP C 344 8.08 75.24 26.91
C ASP C 344 8.57 74.14 27.85
N GLY C 345 9.21 73.13 27.28
CA GLY C 345 9.74 72.02 28.04
C GLY C 345 8.76 70.89 28.28
N THR C 346 7.51 71.11 27.92
CA THR C 346 6.48 70.11 28.17
C THR C 346 6.53 68.99 27.13
N ILE C 347 6.02 67.83 27.52
CA ILE C 347 5.90 66.67 26.65
C ILE C 347 4.45 66.36 26.29
N ALA C 348 4.14 66.31 25.00
CA ALA C 348 2.78 66.06 24.55
C ALA C 348 2.50 64.63 24.98
N HIS C 349 1.29 64.38 25.47
CA HIS C 349 0.95 63.05 25.96
C HIS C 349 0.81 61.86 25.01
N ALA C 350 -0.01 61.89 23.97
CA ALA C 350 -0.07 60.66 23.20
C ALA C 350 -0.46 60.68 21.74
N GLU C 351 0.00 59.62 21.10
CA GLU C 351 -0.24 59.32 19.72
C GLU C 351 -1.46 58.46 19.43
N ASN C 352 -1.56 58.13 18.14
CA ASN C 352 -2.39 57.13 17.49
C ASN C 352 -3.93 57.18 17.42
N PRO C 353 -4.44 58.05 16.52
CA PRO C 353 -5.76 58.60 16.23
C PRO C 353 -6.89 57.56 16.08
N PRO C 354 -8.06 57.72 16.70
CA PRO C 354 -8.58 58.80 17.55
C PRO C 354 -8.27 58.52 19.01
N LYS C 355 -7.48 57.50 19.30
CA LYS C 355 -7.16 57.24 20.69
C LYS C 355 -6.18 58.23 21.28
N LYS C 356 -6.47 58.63 22.50
CA LYS C 356 -5.57 59.49 23.24
C LYS C 356 -5.12 58.75 24.47
N TYR C 357 -3.83 58.78 24.77
CA TYR C 357 -3.30 58.08 25.92
C TYR C 357 -2.72 59.15 26.84
N GLN C 358 -3.59 59.89 27.51
CA GLN C 358 -3.17 61.03 28.33
C GLN C 358 -2.29 60.66 29.52
N ASP C 359 -2.27 59.39 29.87
CA ASP C 359 -1.53 58.93 31.04
C ASP C 359 -0.08 58.54 30.77
N ILE C 360 0.35 58.66 29.52
CA ILE C 360 1.72 58.30 29.15
C ILE C 360 2.38 59.29 28.22
N TYR C 361 3.71 59.33 28.24
CA TYR C 361 4.51 60.03 27.23
C TYR C 361 5.08 59.03 26.25
N PRO C 362 5.07 59.38 24.94
CA PRO C 362 5.75 58.56 23.94
C PRO C 362 7.24 58.80 23.87
N ILE C 363 7.96 57.80 23.39
CA ILE C 363 9.40 57.87 23.25
C ILE C 363 9.81 58.54 21.95
N ALA C 364 10.88 59.32 22.00
CA ALA C 364 11.49 59.86 20.80
C ALA C 364 12.76 59.06 20.52
N PHE C 365 12.98 58.72 19.26
CA PHE C 365 13.99 57.73 18.92
C PHE C 365 15.18 58.30 18.20
N ASP C 366 15.12 59.56 17.83
CA ASP C 366 16.14 60.08 16.94
C ASP C 366 17.24 60.85 17.65
N ALA C 367 17.16 60.98 18.98
CA ALA C 367 18.29 61.56 19.71
C ALA C 367 19.31 60.54 20.21
N ASP C 368 18.83 59.42 20.74
CA ASP C 368 19.70 58.40 21.30
C ASP C 368 19.24 56.99 20.95
N PRO C 369 19.24 56.63 19.67
CA PRO C 369 18.75 55.30 19.33
C PRO C 369 19.57 54.17 19.96
N ASP C 370 20.87 54.35 20.10
CA ASP C 370 21.70 53.30 20.68
C ASP C 370 21.40 53.10 22.17
N GLY C 371 21.23 54.20 22.89
CA GLY C 371 20.88 54.14 24.30
C GLY C 371 19.56 53.43 24.54
N LEU C 372 18.57 53.75 23.71
CA LEU C 372 17.26 53.14 23.81
C LEU C 372 17.31 51.65 23.51
N ALA C 373 18.05 51.30 22.46
CA ALA C 373 18.18 49.90 22.07
C ALA C 373 18.88 49.10 23.17
N THR C 374 19.95 49.68 23.70
CA THR C 374 20.73 49.02 24.74
C THR C 374 19.90 48.77 25.99
N GLU C 375 19.12 49.76 26.40
CA GLU C 375 18.30 49.63 27.59
C GLU C 375 17.17 48.66 27.34
N THR C 376 16.61 48.71 26.13
CA THR C 376 15.54 47.81 25.75
C THR C 376 16.02 46.38 25.87
N VAL C 377 17.17 46.09 25.27
CA VAL C 377 17.65 44.73 25.29
C VAL C 377 18.11 44.34 26.69
N ARG C 378 18.49 45.33 27.50
CA ARG C 378 18.85 45.02 28.88
C ARG C 378 17.62 44.57 29.66
N ILE C 379 16.53 45.31 29.48
CA ILE C 379 15.27 44.96 30.12
C ILE C 379 14.75 43.59 29.74
N LEU C 380 14.70 43.33 28.44
CA LEU C 380 14.25 42.05 27.95
C LEU C 380 15.10 40.92 28.50
N ARG C 381 16.41 41.14 28.50
CA ARG C 381 17.34 40.12 28.95
C ARG C 381 17.16 39.87 30.45
N HIS C 382 16.77 40.93 31.18
CA HIS C 382 16.43 40.81 32.60
C HIS C 382 15.27 39.85 32.84
N TRP C 383 14.19 40.03 32.09
CA TRP C 383 13.00 39.19 32.24
C TRP C 383 13.28 37.80 31.71
N MET C 384 14.11 37.73 30.67
CA MET C 384 14.55 36.45 30.18
C MET C 384 15.26 35.73 31.32
N ASP C 385 16.01 36.49 32.12
CA ASP C 385 16.74 35.93 33.25
C ASP C 385 15.78 35.43 34.33
N HIS C 386 14.53 35.88 34.29
CA HIS C 386 13.52 35.38 35.21
C HIS C 386 12.51 34.47 34.53
N GLY C 387 12.94 33.81 33.45
CA GLY C 387 12.20 32.69 32.87
C GLY C 387 11.16 33.05 31.82
N VAL C 388 11.13 34.31 31.44
CA VAL C 388 10.23 34.79 30.40
C VAL C 388 10.85 34.67 29.01
N ARG C 389 10.28 33.81 28.17
CA ARG C 389 10.85 33.53 26.87
C ARG C 389 9.92 33.98 25.75
N ILE C 390 8.88 34.72 26.14
CA ILE C 390 7.95 35.29 25.19
C ILE C 390 7.61 36.72 25.58
N PHE C 391 7.63 37.63 24.61
CA PHE C 391 7.22 39.00 24.87
C PHE C 391 6.13 39.42 23.89
N ARG C 392 5.05 39.95 24.44
CA ARG C 392 3.99 40.54 23.64
C ARG C 392 4.28 42.02 23.49
N VAL C 393 4.62 42.45 22.28
CA VAL C 393 5.10 43.81 22.12
C VAL C 393 3.97 44.76 21.78
N ASP C 394 3.74 45.70 22.69
CA ASP C 394 2.66 46.66 22.57
C ASP C 394 2.84 47.71 21.50
N ASN C 395 1.84 47.82 20.63
CA ASN C 395 1.80 48.86 19.60
C ASN C 395 3.15 49.15 18.93
N PRO C 396 3.75 48.14 18.30
CA PRO C 396 5.09 48.33 17.72
C PRO C 396 5.14 49.32 16.56
N HIS C 397 4.01 49.57 15.92
CA HIS C 397 3.99 50.43 14.73
C HIS C 397 4.12 51.92 15.00
N THR C 398 4.22 52.29 16.28
CA THR C 398 4.51 53.67 16.64
C THR C 398 5.95 53.82 17.10
N LYS C 399 6.73 52.77 16.89
CA LYS C 399 8.16 52.83 17.12
C LYS C 399 8.82 52.47 15.79
N PRO C 400 10.07 52.93 15.56
CA PRO C 400 10.70 52.74 14.26
C PRO C 400 10.87 51.26 13.91
N VAL C 401 10.59 50.91 12.66
CA VAL C 401 10.72 49.55 12.19
C VAL C 401 12.13 48.99 12.40
N ALA C 402 13.14 49.78 12.09
CA ALA C 402 14.51 49.31 12.23
C ALA C 402 14.90 49.15 13.69
N PHE C 403 14.18 49.82 14.58
CA PHE C 403 14.42 49.65 15.99
C PHE C 403 14.05 48.25 16.43
N TRP C 404 12.87 47.79 16.02
CA TRP C 404 12.45 46.45 16.36
C TRP C 404 13.33 45.42 15.67
N GLU C 405 13.71 45.68 14.42
CA GLU C 405 14.54 44.73 13.69
C GLU C 405 15.84 44.54 14.45
N ARG C 406 16.38 45.64 14.96
CA ARG C 406 17.64 45.59 15.71
C ARG C 406 17.52 44.85 17.03
N VAL C 407 16.49 45.19 17.80
CA VAL C 407 16.30 44.58 19.11
C VAL C 407 16.10 43.09 18.96
N ILE C 408 15.23 42.70 18.03
CA ILE C 408 14.92 41.29 17.83
C ILE C 408 16.14 40.52 17.32
N ALA C 409 16.88 41.11 16.39
CA ALA C 409 18.11 40.48 15.91
C ALA C 409 19.11 40.28 17.04
N ASP C 410 19.19 41.28 17.91
CA ASP C 410 20.11 41.23 19.05
C ASP C 410 19.73 40.13 20.02
N ILE C 411 18.46 40.11 20.42
CA ILE C 411 17.97 39.13 21.38
C ILE C 411 18.06 37.70 20.85
N ASN C 412 17.55 37.50 19.64
CA ASN C 412 17.52 36.17 19.04
C ASN C 412 18.91 35.72 18.63
N GLY C 413 19.83 36.67 18.51
CA GLY C 413 21.21 36.34 18.22
C GLY C 413 21.81 35.49 19.32
N THR C 414 21.42 35.73 20.56
CA THR C 414 21.90 34.92 21.67
C THR C 414 20.86 33.90 22.11
N ASP C 415 19.60 34.20 21.88
CA ASP C 415 18.49 33.38 22.39
C ASP C 415 17.39 33.23 21.36
N PRO C 416 17.63 32.41 20.33
CA PRO C 416 16.70 32.26 19.20
C PRO C 416 15.35 31.67 19.59
N ASP C 417 15.24 31.11 20.79
CA ASP C 417 13.97 30.54 21.24
C ASP C 417 12.98 31.62 21.67
N VAL C 418 13.47 32.84 21.87
CA VAL C 418 12.62 33.92 22.35
C VAL C 418 11.62 34.30 21.28
N ILE C 419 10.35 34.41 21.66
CA ILE C 419 9.28 34.72 20.71
C ILE C 419 8.73 36.14 20.90
N PHE C 420 8.66 36.91 19.82
CA PHE C 420 8.07 38.25 19.89
C PHE C 420 6.74 38.33 19.15
N LEU C 421 5.70 38.80 19.83
CA LEU C 421 4.39 38.97 19.21
C LEU C 421 4.04 40.44 18.98
N ALA C 422 3.77 40.79 17.73
CA ALA C 422 3.49 42.17 17.32
C ALA C 422 2.01 42.54 17.43
N GLU C 423 1.67 43.41 18.37
CA GLU C 423 0.29 43.91 18.47
C GLU C 423 0.11 45.12 17.59
N ALA C 424 0.06 44.91 16.28
CA ALA C 424 -0.03 46.04 15.36
C ALA C 424 -1.31 46.00 14.54
N PHE C 425 -2.34 46.65 15.05
CA PHE C 425 -3.58 46.84 14.31
C PHE C 425 -3.43 48.14 13.56
N THR C 426 -3.00 48.02 12.32
CA THR C 426 -2.67 49.17 11.51
C THR C 426 -2.84 48.80 10.05
N ARG C 427 -2.15 49.50 9.16
CA ARG C 427 -2.31 49.25 7.75
C ARG C 427 -1.56 47.96 7.41
N PRO C 428 -1.95 47.27 6.33
CA PRO C 428 -1.40 45.95 6.02
C PRO C 428 0.11 45.95 5.78
N ALA C 429 0.60 47.03 5.19
CA ALA C 429 2.01 47.12 4.82
C ALA C 429 2.90 47.10 6.03
N MET C 430 2.55 47.89 7.03
CA MET C 430 3.29 47.93 8.26
C MET C 430 3.23 46.58 8.95
N MET C 431 2.04 45.99 9.01
CA MET C 431 1.86 44.69 9.64
C MET C 431 2.76 43.65 9.00
N ALA C 432 2.77 43.65 7.67
CA ALA C 432 3.60 42.70 6.95
C ALA C 432 5.07 42.96 7.19
N THR C 433 5.47 44.22 7.19
CA THR C 433 6.89 44.55 7.33
C THR C 433 7.39 44.13 8.69
N LEU C 434 6.58 44.36 9.72
CA LEU C 434 6.93 44.00 11.08
C LEU C 434 7.13 42.50 11.21
N ALA C 435 6.27 41.72 10.58
CA ALA C 435 6.39 40.28 10.57
C ALA C 435 7.69 39.88 9.87
N GLN C 436 7.94 40.52 8.74
CA GLN C 436 9.08 40.21 7.89
C GLN C 436 10.44 40.52 8.51
N ILE C 437 10.49 41.51 9.40
CA ILE C 437 11.77 41.90 9.99
C ILE C 437 12.12 41.13 11.26
N GLY C 438 11.26 40.21 11.67
CA GLY C 438 11.63 39.35 12.78
C GLY C 438 10.55 38.92 13.76
N PHE C 439 9.40 39.58 13.77
CA PHE C 439 8.38 39.22 14.74
C PHE C 439 7.83 37.84 14.45
N GLN C 440 7.92 36.96 15.45
CA GLN C 440 7.49 35.58 15.26
C GLN C 440 5.99 35.48 15.05
N GLN C 441 5.23 36.34 15.70
CA GLN C 441 3.77 36.30 15.56
C GLN C 441 3.20 37.68 15.34
N SER C 442 2.02 37.73 14.73
CA SER C 442 1.32 38.99 14.49
C SER C 442 -0.13 38.90 14.93
N TYR C 443 -0.64 39.93 15.58
CA TYR C 443 -2.08 40.10 15.66
C TYR C 443 -2.63 40.36 14.27
N THR C 444 -3.93 40.15 14.10
CA THR C 444 -4.53 40.13 12.77
C THR C 444 -5.84 40.92 12.72
N TYR C 445 -6.49 40.89 11.57
CA TYR C 445 -7.78 41.54 11.39
C TYR C 445 -8.93 40.62 11.77
N PHE C 446 -8.60 39.50 12.40
CA PHE C 446 -9.56 38.43 12.70
C PHE C 446 -10.89 38.90 13.28
N THR C 447 -10.83 39.78 14.27
CA THR C 447 -12.05 40.21 14.96
C THR C 447 -13.03 40.95 14.05
N TRP C 448 -12.51 41.49 12.95
CA TRP C 448 -13.35 42.22 12.00
C TRP C 448 -13.59 41.43 10.76
N ARG C 449 -13.47 40.11 10.87
CA ARG C 449 -13.79 39.24 9.76
C ARG C 449 -14.80 38.22 10.25
N ASN C 450 -16.06 38.45 9.95
CA ASN C 450 -17.12 37.67 10.56
C ASN C 450 -18.08 37.03 9.57
N THR C 451 -18.13 37.57 8.35
CA THR C 451 -18.96 36.97 7.32
C THR C 451 -18.18 35.88 6.61
N LYS C 452 -18.88 35.05 5.84
CA LYS C 452 -18.23 33.96 5.12
C LYS C 452 -17.18 34.49 4.16
N GLN C 453 -17.52 35.55 3.43
CA GLN C 453 -16.59 36.13 2.47
C GLN C 453 -15.36 36.68 3.17
N GLU C 454 -15.57 37.40 4.26
CA GLU C 454 -14.48 37.98 5.03
C GLU C 454 -13.53 36.92 5.56
N LEU C 455 -14.10 35.90 6.18
CA LEU C 455 -13.29 34.83 6.75
C LEU C 455 -12.53 34.05 5.69
N THR C 456 -13.24 33.73 4.61
CA THR C 456 -12.62 32.95 3.54
C THR C 456 -11.48 33.69 2.86
N GLU C 457 -11.71 34.93 2.48
CA GLU C 457 -10.68 35.71 1.80
C GLU C 457 -9.48 35.95 2.70
N TYR C 458 -9.72 36.35 3.93
CA TYR C 458 -8.63 36.70 4.81
C TYR C 458 -7.80 35.48 5.19
N LEU C 459 -8.45 34.35 5.48
CA LEU C 459 -7.70 33.16 5.86
C LEU C 459 -6.98 32.56 4.66
N THR C 460 -7.55 32.74 3.48
CA THR C 460 -6.88 32.32 2.26
C THR C 460 -5.58 33.09 2.09
N GLU C 461 -5.65 34.38 2.39
CA GLU C 461 -4.48 35.24 2.34
C GLU C 461 -3.44 34.83 3.38
N LEU C 462 -3.86 34.69 4.63
CA LEU C 462 -2.91 34.37 5.69
C LEU C 462 -2.30 32.99 5.51
N SER C 463 -3.07 32.05 4.97
CA SER C 463 -2.60 30.68 4.78
C SER C 463 -1.86 30.57 3.44
N GLY C 464 -1.95 31.65 2.66
CA GLY C 464 -1.32 31.72 1.35
C GLY C 464 0.09 32.26 1.51
N GLU C 465 0.45 33.21 0.65
CA GLU C 465 1.81 33.75 0.65
C GLU C 465 2.23 34.35 1.98
N ALA C 466 1.28 34.95 2.69
CA ALA C 466 1.58 35.58 3.98
C ALA C 466 2.21 34.62 4.98
N ALA C 467 1.89 33.33 4.85
CA ALA C 467 2.40 32.33 5.78
C ALA C 467 3.92 32.17 5.66
N SER C 468 4.51 32.75 4.63
CA SER C 468 5.96 32.73 4.45
C SER C 468 6.74 33.60 5.42
N TYR C 469 6.07 34.57 6.02
CA TYR C 469 6.73 35.50 6.92
C TYR C 469 5.94 35.85 8.17
N MET C 470 4.67 35.50 8.19
CA MET C 470 3.79 35.87 9.28
C MET C 470 3.08 34.69 9.92
N ARG C 471 3.08 34.66 11.24
CA ARG C 471 2.34 33.63 11.97
C ARG C 471 1.25 34.30 12.77
N PRO C 472 -0.01 34.00 12.45
CA PRO C 472 -1.16 34.70 13.03
C PRO C 472 -1.47 34.22 14.42
N ASN C 473 -1.83 35.15 15.30
CA ASN C 473 -2.36 34.81 16.60
C ASN C 473 -3.79 35.33 16.68
N PHE C 474 -4.76 34.43 16.56
CA PHE C 474 -6.16 34.80 16.52
C PHE C 474 -6.79 35.01 17.90
N PHE C 475 -6.67 36.19 18.45
CA PHE C 475 -7.47 36.55 19.61
C PHE C 475 -8.90 36.86 19.20
N ALA C 476 -9.86 36.14 19.77
CA ALA C 476 -11.26 36.37 19.44
C ALA C 476 -11.71 37.66 20.10
N ASN C 477 -11.03 38.03 21.18
CA ASN C 477 -11.21 39.31 21.82
C ASN C 477 -9.90 39.84 22.43
N THR C 478 -9.88 41.13 22.76
CA THR C 478 -8.80 41.69 23.57
C THR C 478 -9.45 42.67 24.52
N PRO C 479 -8.69 43.20 25.50
CA PRO C 479 -9.33 44.20 26.36
C PRO C 479 -9.74 45.47 25.63
N ASP C 480 -9.23 45.65 24.42
CA ASP C 480 -9.57 46.80 23.59
C ASP C 480 -10.57 46.50 22.48
N ILE C 481 -10.91 45.23 22.27
CA ILE C 481 -11.77 44.86 21.15
C ILE C 481 -12.88 43.89 21.53
N LEU C 482 -14.07 44.44 21.77
CA LEU C 482 -15.29 43.64 21.90
C LEU C 482 -16.18 43.91 20.69
N HIS C 483 -16.14 43.02 19.70
CA HIS C 483 -16.80 43.30 18.43
C HIS C 483 -18.32 43.20 18.50
N ALA C 484 -18.98 44.00 17.67
CA ALA C 484 -20.43 44.02 17.55
C ALA C 484 -21.07 42.65 17.34
N TYR C 485 -20.38 41.77 16.62
CA TYR C 485 -20.87 40.42 16.40
C TYR C 485 -21.15 39.71 17.71
N LEU C 486 -20.23 39.84 18.65
CA LEU C 486 -20.39 39.28 19.98
C LEU C 486 -21.41 40.04 20.81
N GLN C 487 -21.47 41.36 20.63
CA GLN C 487 -22.41 42.17 21.40
C GLN C 487 -23.84 41.79 21.06
N HIS C 488 -24.11 41.60 19.78
CA HIS C 488 -25.47 41.37 19.31
C HIS C 488 -25.83 39.89 19.37
N GLY C 489 -24.81 39.02 19.27
CA GLY C 489 -25.03 37.60 19.16
C GLY C 489 -25.04 36.82 20.46
N GLY C 490 -24.51 37.42 21.53
CA GLY C 490 -24.46 36.75 22.82
C GLY C 490 -23.65 35.47 22.79
N ARG C 491 -23.93 34.58 23.74
CA ARG C 491 -23.19 33.33 23.91
C ARG C 491 -22.98 32.49 22.64
N PRO C 492 -24.02 32.33 21.81
CA PRO C 492 -23.76 31.52 20.61
C PRO C 492 -22.68 32.10 19.70
N ALA C 493 -22.57 33.42 19.70
CA ALA C 493 -21.55 34.09 18.92
C ALA C 493 -20.17 33.87 19.51
N PHE C 494 -20.08 33.85 20.83
CA PHE C 494 -18.81 33.54 21.50
C PHE C 494 -18.37 32.13 21.17
N GLU C 495 -19.33 31.22 21.10
CA GLU C 495 -19.05 29.84 20.73
C GLU C 495 -18.56 29.76 19.29
N VAL C 496 -19.23 30.48 18.40
CA VAL C 496 -18.84 30.48 16.99
C VAL C 496 -17.43 31.00 16.80
N ARG C 497 -17.12 32.12 17.43
CA ARG C 497 -15.82 32.75 17.26
C ARG C 497 -14.73 31.90 17.91
N ALA C 498 -15.08 31.20 18.98
CA ALA C 498 -14.14 30.29 19.59
C ALA C 498 -13.78 29.15 18.65
N VAL C 499 -14.80 28.53 18.06
CA VAL C 499 -14.59 27.47 17.08
C VAL C 499 -13.76 27.94 15.88
N LEU C 500 -14.13 29.10 15.34
CA LEU C 500 -13.41 29.64 14.21
C LEU C 500 -11.95 29.89 14.53
N ALA C 501 -11.69 30.61 15.62
CA ALA C 501 -10.33 30.97 15.98
C ALA C 501 -9.50 29.73 16.25
N ALA C 502 -10.09 28.77 16.97
CA ALA C 502 -9.37 27.59 17.40
C ALA C 502 -9.04 26.66 16.26
N THR C 503 -9.87 26.65 15.23
CA THR C 503 -9.67 25.73 14.10
C THR C 503 -9.04 26.34 12.85
N LEU C 504 -9.01 27.66 12.76
CA LEU C 504 -8.46 28.28 11.56
C LEU C 504 -7.00 28.69 11.70
N SER C 505 -6.57 28.98 12.93
CA SER C 505 -5.16 29.29 13.17
C SER C 505 -4.56 28.32 14.19
N PRO C 506 -3.30 27.93 13.97
CA PRO C 506 -2.61 27.09 14.95
C PRO C 506 -2.30 27.81 16.25
N THR C 507 -2.37 29.14 16.26
CA THR C 507 -2.28 29.90 17.50
C THR C 507 -3.52 30.78 17.63
N TRP C 508 -4.19 30.67 18.76
CA TRP C 508 -5.33 31.51 19.05
C TRP C 508 -5.31 31.91 20.51
N GLY C 509 -6.18 32.83 20.89
CA GLY C 509 -6.20 33.28 22.27
C GLY C 509 -7.52 33.92 22.63
N ILE C 510 -7.78 34.00 23.92
CA ILE C 510 -8.88 34.80 24.42
C ILE C 510 -8.43 35.63 25.60
N TYR C 511 -9.16 36.71 25.86
CA TYR C 511 -8.95 37.51 27.06
C TYR C 511 -10.01 37.16 28.10
N SER C 512 -9.55 36.86 29.31
CA SER C 512 -10.36 36.53 30.48
C SER C 512 -11.71 37.25 30.53
N GLY C 513 -12.78 36.48 30.69
CA GLY C 513 -14.13 37.04 30.64
C GLY C 513 -14.85 36.68 29.37
N TYR C 514 -14.11 36.40 28.31
CA TYR C 514 -14.68 35.88 27.08
C TYR C 514 -15.56 34.66 27.36
N GLU C 515 -15.05 33.76 28.20
CA GLU C 515 -15.74 32.51 28.48
C GLU C 515 -16.99 32.73 29.31
N LEU C 516 -17.09 33.87 29.97
CA LEU C 516 -18.31 34.24 30.69
C LEU C 516 -19.27 34.93 29.73
N CYS C 517 -18.86 35.04 28.47
CA CYS C 517 -19.61 35.74 27.43
C CYS C 517 -19.95 37.18 27.77
N GLU C 518 -19.01 37.85 28.41
CA GLU C 518 -19.12 39.29 28.68
C GLU C 518 -19.20 40.06 27.37
N ASN C 519 -20.27 40.82 27.16
CA ASN C 519 -20.49 41.48 25.89
C ASN C 519 -21.23 42.82 25.99
N THR C 520 -21.15 43.46 27.14
CA THR C 520 -21.75 44.77 27.32
C THR C 520 -20.75 45.86 26.95
N PRO C 521 -21.02 46.61 25.88
CA PRO C 521 -20.08 47.63 25.45
C PRO C 521 -20.12 48.89 26.29
N LEU C 522 -19.07 49.71 26.18
CA LEU C 522 -19.02 51.01 26.83
C LEU C 522 -20.19 51.89 26.43
N ARG C 523 -20.52 51.85 25.15
CA ARG C 523 -21.67 52.56 24.57
C ARG C 523 -21.97 51.97 23.21
N GLU C 524 -23.16 52.23 22.69
CA GLU C 524 -23.54 51.70 21.38
C GLU C 524 -22.53 52.21 20.35
N GLY C 525 -22.10 51.35 19.45
CA GLY C 525 -21.16 51.75 18.41
C GLY C 525 -19.71 51.65 18.83
N SER C 526 -19.48 51.25 20.07
CA SER C 526 -18.12 51.09 20.59
C SER C 526 -17.63 49.65 20.55
N GLU C 527 -16.31 49.49 20.52
CA GLU C 527 -15.73 48.16 20.67
C GLU C 527 -15.03 48.01 22.02
N GLU C 528 -15.15 49.03 22.86
CA GLU C 528 -14.69 48.94 24.24
C GLU C 528 -15.66 48.20 25.16
N TYR C 529 -15.13 47.55 26.19
CA TYR C 529 -15.99 46.97 27.21
C TYR C 529 -16.49 48.06 28.16
N LEU C 530 -17.74 47.95 28.60
CA LEU C 530 -18.23 48.74 29.72
C LEU C 530 -17.51 48.33 31.00
N ASP C 531 -17.16 49.30 31.84
CA ASP C 531 -16.46 49.01 33.11
C ASP C 531 -15.22 48.18 32.84
N SER C 532 -14.43 48.62 31.87
CA SER C 532 -13.26 47.88 31.40
C SER C 532 -12.28 47.53 32.51
N GLU C 533 -11.81 46.29 32.49
CA GLU C 533 -10.81 45.80 33.44
C GLU C 533 -9.50 46.59 33.40
N LYS C 534 -9.26 47.32 32.31
CA LYS C 534 -8.05 48.12 32.18
C LYS C 534 -7.95 49.22 33.23
N TYR C 535 -9.08 49.64 33.77
CA TYR C 535 -9.09 50.77 34.69
C TYR C 535 -9.66 50.42 36.06
N GLN C 536 -9.99 49.15 36.25
CA GLN C 536 -10.54 48.72 37.52
C GLN C 536 -10.32 47.23 37.76
N LEU C 537 -10.30 46.85 39.03
CA LEU C 537 -10.31 45.45 39.39
C LEU C 537 -11.60 44.84 38.87
N LYS C 538 -11.50 43.62 38.35
CA LYS C 538 -12.65 42.98 37.75
C LYS C 538 -12.80 41.58 38.32
N PRO C 539 -13.25 41.48 39.58
CA PRO C 539 -13.42 40.16 40.21
C PRO C 539 -14.52 39.41 39.50
N ARG C 540 -14.28 38.13 39.24
CA ARG C 540 -15.26 37.28 38.61
C ARG C 540 -15.51 36.05 39.45
N ASP C 541 -16.77 35.70 39.65
CA ASP C 541 -17.10 34.58 40.51
C ASP C 541 -17.04 33.32 39.66
N TRP C 542 -15.82 32.81 39.46
CA TRP C 542 -15.61 31.67 38.56
C TRP C 542 -16.34 30.42 39.01
N THR C 543 -16.36 30.20 40.32
CA THR C 543 -17.00 29.02 40.89
C THR C 543 -18.51 29.02 40.66
N ARG C 544 -19.14 30.17 40.85
CA ARG C 544 -20.57 30.31 40.61
C ARG C 544 -20.86 30.12 39.13
N ALA C 545 -20.03 30.71 38.27
CA ALA C 545 -20.23 30.58 36.83
C ALA C 545 -20.15 29.11 36.42
N ALA C 546 -19.17 28.40 36.98
CA ALA C 546 -18.99 26.99 36.69
C ALA C 546 -20.20 26.18 37.15
N ARG C 547 -20.60 26.44 38.40
CA ARG C 547 -21.73 25.74 39.00
C ARG C 547 -23.02 25.95 38.22
N GLU C 548 -23.23 27.19 37.77
CA GLU C 548 -24.47 27.56 37.10
C GLU C 548 -24.40 27.28 35.61
N GLY C 549 -23.25 26.81 35.15
CA GLY C 549 -23.08 26.46 33.75
C GLY C 549 -23.17 27.65 32.82
N THR C 550 -22.92 28.85 33.36
CA THR C 550 -22.95 30.06 32.57
C THR C 550 -21.56 30.39 32.02
N THR C 551 -20.88 29.37 31.50
CA THR C 551 -19.53 29.57 30.95
C THR C 551 -19.26 28.60 29.82
N ILE C 552 -18.51 29.04 28.82
CA ILE C 552 -18.12 28.13 27.75
C ILE C 552 -16.72 27.55 27.96
N ALA C 553 -16.26 27.58 29.20
CA ALA C 553 -14.99 26.95 29.56
C ALA C 553 -14.89 25.49 29.09
N PRO C 554 -15.99 24.71 29.19
CA PRO C 554 -15.87 23.34 28.69
C PRO C 554 -15.62 23.28 27.18
N LEU C 555 -16.28 24.17 26.44
CA LEU C 555 -16.09 24.21 25.00
C LEU C 555 -14.67 24.59 24.64
N VAL C 556 -14.16 25.64 25.28
CA VAL C 556 -12.77 26.04 25.10
C VAL C 556 -11.83 24.88 25.37
N THR C 557 -12.05 24.20 26.49
CA THR C 557 -11.22 23.06 26.88
C THR C 557 -11.26 21.96 25.84
N ARG C 558 -12.45 21.66 25.36
CA ARG C 558 -12.68 20.62 24.37
C ARG C 558 -11.98 20.98 23.06
N LEU C 559 -12.09 22.25 22.67
CA LEU C 559 -11.43 22.73 21.46
C LEU C 559 -9.91 22.56 21.53
N ASN C 560 -9.34 22.90 22.68
CA ASN C 560 -7.89 22.76 22.86
C ASN C 560 -7.46 21.31 22.90
N THR C 561 -8.31 20.44 23.44
CA THR C 561 -8.04 19.01 23.44
C THR C 561 -8.04 18.50 22.00
N ILE C 562 -9.03 18.92 21.23
CA ILE C 562 -9.15 18.52 19.84
C ILE C 562 -7.91 18.96 19.07
N ARG C 563 -7.45 20.18 19.32
CA ARG C 563 -6.24 20.68 18.71
C ARG C 563 -5.03 19.86 19.10
N ARG C 564 -4.93 19.51 20.38
CA ARG C 564 -3.81 18.71 20.85
C ARG C 564 -3.82 17.30 20.30
N GLU C 565 -4.99 16.84 19.88
CA GLU C 565 -5.13 15.46 19.43
C GLU C 565 -5.17 15.33 17.91
N ASN C 566 -5.19 16.47 17.23
CA ASN C 566 -5.32 16.46 15.78
C ASN C 566 -4.35 17.41 15.11
N PRO C 567 -3.23 16.86 14.62
CA PRO C 567 -2.12 17.57 13.96
C PRO C 567 -2.54 18.52 12.85
N ALA C 568 -3.66 18.25 12.21
CA ALA C 568 -4.17 19.15 11.17
C ALA C 568 -4.37 20.55 11.72
N LEU C 569 -4.76 20.61 12.99
CA LEU C 569 -5.07 21.88 13.63
C LEU C 569 -3.85 22.56 14.24
N ARG C 570 -2.70 21.91 14.15
CA ARG C 570 -1.48 22.49 14.71
C ARG C 570 -0.58 23.04 13.63
N GLN C 571 -1.15 23.24 12.45
CA GLN C 571 -0.44 23.87 11.35
C GLN C 571 -1.34 24.92 10.68
N LEU C 572 -0.78 25.70 9.76
CA LEU C 572 -1.52 26.84 9.23
C LEU C 572 -1.82 26.74 7.74
N ARG C 573 -0.83 26.34 6.97
CA ARG C 573 -0.84 26.53 5.53
C ARG C 573 -1.78 25.61 4.77
N ASP C 574 -2.05 24.42 5.30
CA ASP C 574 -3.00 23.55 4.63
C ASP C 574 -4.41 23.80 5.13
N LEU C 575 -5.18 24.46 4.27
CA LEU C 575 -6.54 24.87 4.54
C LEU C 575 -7.29 25.01 3.24
N HIS C 576 -8.44 24.34 3.13
CA HIS C 576 -9.25 24.46 1.92
C HIS C 576 -10.72 24.67 2.30
N PHE C 577 -11.34 25.67 1.69
CA PHE C 577 -12.75 25.95 1.91
C PHE C 577 -13.67 25.23 0.93
N HIS C 578 -14.70 24.58 1.46
CA HIS C 578 -15.66 23.83 0.66
C HIS C 578 -16.96 24.62 0.57
N PRO C 579 -17.56 24.66 -0.63
CA PRO C 579 -18.79 25.43 -0.90
C PRO C 579 -20.01 24.91 -0.16
N THR C 580 -20.85 25.83 0.32
CA THR C 580 -22.18 25.50 0.84
C THR C 580 -23.22 26.36 0.14
N ASP C 581 -24.50 25.99 0.26
CA ASP C 581 -25.54 26.76 -0.42
C ASP C 581 -26.22 27.79 0.47
N LYS C 582 -25.61 28.07 1.61
CA LYS C 582 -26.13 29.11 2.51
C LYS C 582 -24.99 30.04 2.90
N GLU C 583 -25.24 31.34 2.78
CA GLU C 583 -24.22 32.34 3.06
C GLU C 583 -23.70 32.28 4.50
N GLU C 584 -24.58 31.89 5.42
CA GLU C 584 -24.24 31.91 6.84
C GLU C 584 -23.49 30.67 7.30
N VAL C 585 -23.36 29.70 6.42
CA VAL C 585 -22.71 28.45 6.82
C VAL C 585 -21.43 28.29 6.04
N ILE C 586 -20.31 28.23 6.76
CA ILE C 586 -19.02 28.08 6.13
C ILE C 586 -18.46 26.69 6.42
N ALA C 587 -17.70 26.15 5.48
CA ALA C 587 -17.12 24.83 5.65
C ALA C 587 -15.70 24.81 5.13
N TYR C 588 -14.82 24.13 5.85
CA TYR C 588 -13.43 24.03 5.43
C TYR C 588 -12.77 22.80 6.03
N SER C 589 -11.69 22.35 5.39
CA SER C 589 -10.93 21.22 5.90
C SER C 589 -9.47 21.59 6.06
N LYS C 590 -8.80 20.95 7.03
CA LYS C 590 -7.37 21.09 7.18
C LYS C 590 -6.80 19.68 7.33
N ARG C 591 -5.61 19.48 6.80
CA ARG C 591 -5.01 18.16 6.81
C ARG C 591 -3.53 18.20 7.16
N GLN C 592 -3.08 17.19 7.90
CA GLN C 592 -1.66 16.98 8.18
C GLN C 592 -1.38 15.50 8.27
N GLY C 593 -0.60 15.00 7.31
CA GLY C 593 -0.39 13.58 7.11
C GLY C 593 -1.69 12.82 6.99
N SER C 594 -1.83 11.76 7.78
CA SER C 594 -3.02 10.93 7.69
C SER C 594 -4.18 11.52 8.48
N ASN C 595 -3.95 12.69 9.09
CA ASN C 595 -4.98 13.32 9.91
C ASN C 595 -5.74 14.37 9.11
N THR C 596 -7.06 14.21 9.04
CA THR C 596 -7.91 15.17 8.34
C THR C 596 -9.03 15.66 9.24
N VAL C 597 -9.16 16.98 9.36
CA VAL C 597 -10.25 17.57 10.12
C VAL C 597 -11.18 18.38 9.23
N LEU C 598 -12.48 18.17 9.37
CA LEU C 598 -13.46 18.88 8.58
C LEU C 598 -14.36 19.70 9.49
N VAL C 599 -14.45 21.01 9.23
CA VAL C 599 -15.19 21.90 10.12
C VAL C 599 -16.31 22.63 9.40
N VAL C 600 -17.50 22.62 10.02
CA VAL C 600 -18.66 23.34 9.49
C VAL C 600 -19.25 24.26 10.53
N VAL C 601 -19.35 25.55 10.23
CA VAL C 601 -19.78 26.52 11.22
C VAL C 601 -20.98 27.33 10.76
N ASN C 602 -21.98 27.45 11.64
CA ASN C 602 -23.10 28.35 11.40
C ASN C 602 -22.77 29.72 11.96
N LEU C 603 -22.53 30.67 11.07
CA LEU C 603 -22.11 32.01 11.47
C LEU C 603 -23.28 32.84 11.99
N ASP C 604 -24.50 32.36 11.78
CA ASP C 604 -25.68 33.03 12.31
C ASP C 604 -25.88 32.64 13.77
N PRO C 605 -25.69 33.58 14.70
CA PRO C 605 -25.84 33.29 16.12
C PRO C 605 -27.27 33.45 16.63
N ARG C 606 -28.20 33.75 15.73
CA ARG C 606 -29.56 34.06 16.14
C ARG C 606 -30.60 33.14 15.53
N HIS C 607 -30.27 32.50 14.41
CA HIS C 607 -31.22 31.65 13.74
C HIS C 607 -30.62 30.31 13.41
N THR C 608 -31.40 29.24 13.56
CA THR C 608 -30.97 27.94 13.10
C THR C 608 -30.75 28.01 11.60
N GLN C 609 -29.67 27.41 11.12
CA GLN C 609 -29.41 27.37 9.69
C GLN C 609 -29.26 25.94 9.24
N GLU C 610 -29.91 25.61 8.13
CA GLU C 610 -29.73 24.32 7.48
C GLU C 610 -29.20 24.49 6.06
N ALA C 611 -28.29 23.62 5.66
CA ALA C 611 -27.62 23.76 4.38
C ALA C 611 -27.11 22.43 3.83
N THR C 612 -26.82 22.42 2.54
CA THR C 612 -26.13 21.30 1.91
C THR C 612 -24.66 21.65 1.68
N VAL C 613 -23.76 20.81 2.18
CA VAL C 613 -22.33 21.00 1.97
C VAL C 613 -21.76 20.12 0.87
N SER C 614 -21.31 20.75 -0.22
CA SER C 614 -20.77 20.02 -1.35
C SER C 614 -19.25 20.00 -1.30
N LEU C 615 -18.69 18.90 -0.78
CA LEU C 615 -17.25 18.78 -0.60
C LEU C 615 -16.42 18.65 -1.87
N ASP C 616 -15.35 19.45 -1.94
CA ASP C 616 -14.30 19.28 -2.93
C ASP C 616 -13.48 18.05 -2.51
N MET C 617 -13.93 16.87 -2.91
CA MET C 617 -13.38 15.58 -2.45
C MET C 617 -11.87 15.28 -2.62
N PRO C 618 -11.26 15.66 -3.76
CA PRO C 618 -9.81 15.43 -3.90
C PRO C 618 -8.95 16.10 -2.84
N GLN C 619 -9.38 17.24 -2.32
CA GLN C 619 -8.62 17.94 -1.30
C GLN C 619 -8.59 17.16 0.00
N LEU C 620 -9.49 16.19 0.15
CA LEU C 620 -9.52 15.34 1.34
C LEU C 620 -8.79 14.03 1.10
N GLY C 621 -8.32 13.83 -0.13
CA GLY C 621 -7.65 12.60 -0.48
C GLY C 621 -8.65 11.50 -0.75
N LEU C 622 -9.83 11.88 -1.20
CA LEU C 622 -10.89 10.91 -1.48
C LEU C 622 -11.40 11.03 -2.90
N ASP C 623 -11.79 9.89 -3.47
CA ASP C 623 -12.42 9.85 -4.77
C ASP C 623 -13.83 10.40 -4.64
N TRP C 624 -14.35 10.95 -5.73
CA TRP C 624 -15.64 11.63 -5.72
C TRP C 624 -16.81 10.77 -5.24
N HIS C 625 -16.71 9.46 -5.48
CA HIS C 625 -17.81 8.56 -5.17
C HIS C 625 -17.73 8.00 -3.75
N GLU C 626 -16.57 8.15 -3.12
CA GLU C 626 -16.37 7.60 -1.79
C GLU C 626 -17.31 8.19 -0.78
N SER C 627 -17.56 7.44 0.28
CA SER C 627 -18.37 7.90 1.40
C SER C 627 -17.60 7.59 2.65
N VAL C 628 -17.37 8.59 3.49
CA VAL C 628 -16.48 8.42 4.63
C VAL C 628 -17.14 8.69 5.99
N PRO C 629 -16.83 7.83 6.98
CA PRO C 629 -17.31 8.00 8.34
C PRO C 629 -16.59 9.16 9.00
N VAL C 630 -17.33 10.04 9.67
CA VAL C 630 -16.71 11.14 10.40
C VAL C 630 -17.25 11.21 11.82
N ARG C 631 -16.44 11.71 12.74
CA ARG C 631 -16.90 11.91 14.11
C ARG C 631 -16.80 13.38 14.52
N ASP C 632 -17.94 13.91 14.96
CA ASP C 632 -17.99 15.25 15.50
C ASP C 632 -17.39 15.24 16.89
N GLU C 633 -16.22 15.83 17.02
CA GLU C 633 -15.47 15.73 18.27
C GLU C 633 -16.07 16.63 19.34
N LEU C 634 -17.05 17.43 18.98
CA LEU C 634 -17.75 18.23 19.98
C LEU C 634 -18.82 17.43 20.68
N THR C 635 -19.28 16.35 20.05
CA THR C 635 -20.42 15.60 20.58
C THR C 635 -20.16 14.11 20.68
N GLY C 636 -19.24 13.59 19.88
CA GLY C 636 -19.01 12.17 19.84
C GLY C 636 -19.90 11.46 18.83
N GLU C 637 -20.82 12.22 18.24
CA GLU C 637 -21.72 11.68 17.23
C GLU C 637 -20.94 11.29 15.99
N THR C 638 -21.36 10.20 15.37
CA THR C 638 -20.72 9.74 14.14
C THR C 638 -21.70 9.91 12.99
N TYR C 639 -21.19 10.34 11.82
CA TYR C 639 -22.04 10.47 10.65
C TYR C 639 -21.37 9.79 9.47
N HIS C 640 -22.12 9.61 8.37
CA HIS C 640 -21.50 9.18 7.12
C HIS C 640 -21.67 10.27 6.06
N TRP C 641 -20.56 10.86 5.67
CA TRP C 641 -20.53 11.98 4.75
C TRP C 641 -19.90 11.64 3.40
N GLY C 642 -20.40 12.27 2.34
CA GLY C 642 -19.86 12.05 1.01
C GLY C 642 -19.71 13.36 0.25
N ARG C 643 -19.95 13.37 -1.06
CA ARG C 643 -19.72 14.59 -1.81
C ARG C 643 -20.74 15.70 -1.52
N ALA C 644 -21.86 15.33 -0.91
CA ALA C 644 -22.87 16.32 -0.56
C ALA C 644 -23.64 15.88 0.67
N ASN C 645 -23.59 16.69 1.72
CA ASN C 645 -24.15 16.29 3.00
C ASN C 645 -25.03 17.37 3.62
N TYR C 646 -26.20 16.97 4.10
CA TYR C 646 -27.10 17.87 4.80
C TYR C 646 -26.66 18.08 6.23
N VAL C 647 -26.64 19.34 6.66
CA VAL C 647 -26.41 19.70 8.05
C VAL C 647 -27.47 20.70 8.53
N ARG C 648 -27.78 20.61 9.82
CA ARG C 648 -28.69 21.55 10.46
C ARG C 648 -28.05 21.99 11.79
N LEU C 649 -27.73 23.27 11.87
CA LEU C 649 -26.99 23.81 13.01
C LEU C 649 -27.80 24.84 13.78
N GLU C 650 -27.88 24.59 15.08
CA GLU C 650 -28.74 25.31 16.00
C GLU C 650 -27.95 26.03 17.06
N PRO C 651 -28.11 27.36 17.14
CA PRO C 651 -27.37 28.18 18.09
C PRO C 651 -27.67 27.64 19.48
N GLY C 652 -26.62 27.50 20.29
CA GLY C 652 -26.73 26.94 21.62
C GLY C 652 -26.53 25.44 21.49
N ARG C 653 -27.32 24.74 20.68
CA ARG C 653 -27.20 23.28 20.63
C ARG C 653 -25.91 22.83 19.96
N THR C 654 -25.76 23.28 18.72
CA THR C 654 -24.64 23.00 17.85
C THR C 654 -24.12 24.19 17.05
N PRO C 655 -23.21 24.97 17.63
CA PRO C 655 -22.70 26.12 16.88
C PRO C 655 -21.94 25.66 15.64
N ALA C 656 -21.40 24.45 15.66
CA ALA C 656 -20.54 23.97 14.60
C ALA C 656 -20.31 22.47 14.70
N HIS C 657 -19.82 21.88 13.62
CA HIS C 657 -19.25 20.53 13.65
C HIS C 657 -17.74 20.60 13.55
N VAL C 658 -17.05 19.95 14.47
CA VAL C 658 -15.61 19.79 14.33
C VAL C 658 -15.31 18.31 14.21
N CYS C 659 -15.21 17.86 12.97
CA CYS C 659 -15.17 16.43 12.64
C CYS C 659 -13.78 15.95 12.26
N THR C 660 -13.44 14.74 12.69
CA THR C 660 -12.24 14.11 12.16
C THR C 660 -12.70 13.02 11.21
N VAL C 661 -11.95 12.84 10.12
CA VAL C 661 -12.28 11.77 9.18
C VAL C 661 -11.79 10.36 9.51
N LEU C 662 -12.73 9.43 9.63
CA LEU C 662 -12.42 8.07 10.06
C LEU C 662 -11.95 7.24 8.87
N ARG C 663 -11.07 6.26 9.09
CA ARG C 663 -10.51 5.45 8.00
C ARG C 663 -10.02 4.12 8.54
N PRO D 15 24.30 45.94 10.31
CA PRO D 15 23.47 46.70 9.36
C PRO D 15 22.03 46.18 9.32
N THR D 16 21.07 47.09 9.30
CA THR D 16 19.66 46.71 9.28
C THR D 16 19.15 46.58 7.83
N VAL D 17 18.16 45.72 7.60
CA VAL D 17 17.60 45.56 6.26
C VAL D 17 16.69 46.73 5.87
N VAL D 18 15.96 47.24 6.85
CA VAL D 18 15.05 48.36 6.64
C VAL D 18 15.73 49.66 7.07
N GLY D 19 15.55 50.71 6.29
CA GLY D 19 16.20 51.97 6.61
C GLY D 19 15.36 52.72 7.62
N ARG D 20 15.77 53.95 7.93
CA ARG D 20 15.12 54.71 8.98
C ARG D 20 13.66 54.96 8.61
N ILE D 21 13.45 55.38 7.37
CA ILE D 21 12.10 55.47 6.86
C ILE D 21 11.97 54.37 5.83
N PRO D 22 11.18 53.34 6.16
CA PRO D 22 11.05 52.17 5.29
C PRO D 22 10.69 52.55 3.87
N VAL D 23 11.49 52.11 2.91
CA VAL D 23 11.11 52.22 1.52
C VAL D 23 11.35 50.85 0.89
N LEU D 24 10.25 50.21 0.51
CA LEU D 24 10.27 48.79 0.15
C LEU D 24 9.59 48.54 -1.17
N ASP D 25 9.98 47.44 -1.80
CA ASP D 25 9.30 46.93 -2.98
C ASP D 25 9.17 47.97 -4.08
N VAL D 26 10.31 48.55 -4.45
CA VAL D 26 10.37 49.49 -5.54
C VAL D 26 10.10 48.84 -6.89
N ARG D 27 9.29 49.49 -7.72
CA ARG D 27 8.96 48.99 -9.05
C ARG D 27 9.11 50.10 -10.10
N PRO D 28 9.36 49.73 -11.36
CA PRO D 28 9.46 48.37 -11.90
C PRO D 28 10.71 47.62 -11.45
N VAL D 29 10.61 46.31 -11.45
CA VAL D 29 11.73 45.43 -11.16
C VAL D 29 11.62 44.17 -12.03
N VAL D 30 12.75 43.66 -12.51
CA VAL D 30 12.70 42.49 -13.36
C VAL D 30 13.59 41.42 -12.77
N GLN D 31 13.02 40.23 -12.55
CA GLN D 31 13.71 39.09 -11.98
C GLN D 31 14.51 39.47 -10.73
N ARG D 32 13.81 40.15 -9.84
CA ARG D 32 14.34 40.58 -8.55
C ARG D 32 15.63 41.35 -8.62
N GLY D 33 15.82 42.11 -9.70
CA GLY D 33 16.98 42.96 -9.84
C GLY D 33 18.17 42.37 -10.55
N ARG D 34 18.08 41.13 -11.00
CA ARG D 34 19.23 40.53 -11.67
C ARG D 34 19.30 40.94 -13.14
N ARG D 35 18.18 41.43 -13.66
CA ARG D 35 18.10 41.98 -15.01
C ARG D 35 17.46 43.36 -14.99
N PRO D 36 17.79 44.21 -15.97
CA PRO D 36 17.25 45.58 -15.98
C PRO D 36 15.82 45.68 -16.48
N ALA D 37 15.08 46.63 -15.93
CA ALA D 37 13.83 47.08 -16.52
C ALA D 37 14.16 47.84 -17.79
N LYS D 38 13.15 48.04 -18.64
CA LYS D 38 13.40 48.61 -19.96
C LYS D 38 12.66 49.92 -20.19
N ALA D 39 13.28 50.78 -20.99
CA ALA D 39 12.63 51.97 -21.54
C ALA D 39 13.27 52.34 -22.87
N VAL D 40 12.72 53.34 -23.55
CA VAL D 40 13.42 53.96 -24.67
C VAL D 40 13.53 55.45 -24.44
N THR D 41 14.39 56.10 -25.22
CA THR D 41 14.61 57.53 -25.12
C THR D 41 13.32 58.36 -25.18
N GLY D 42 13.13 59.24 -24.20
CA GLY D 42 11.98 60.12 -24.18
C GLY D 42 10.71 59.48 -23.65
N GLU D 43 10.81 58.23 -23.24
CA GLU D 43 9.65 57.52 -22.71
C GLU D 43 9.47 57.74 -21.24
N SER D 44 8.24 58.06 -20.86
CA SER D 44 7.90 58.25 -19.47
C SER D 44 7.32 56.95 -18.93
N PHE D 45 7.58 56.69 -17.65
CA PHE D 45 6.96 55.57 -16.96
C PHE D 45 6.93 55.85 -15.47
N GLU D 46 6.16 55.07 -14.73
CA GLU D 46 5.98 55.33 -13.32
C GLU D 46 6.93 54.52 -12.46
N VAL D 47 7.61 55.21 -11.56
CA VAL D 47 8.39 54.54 -10.53
C VAL D 47 7.58 54.57 -9.24
N SER D 48 7.47 53.42 -8.59
CA SER D 48 6.63 53.33 -7.41
C SER D 48 7.37 52.59 -6.31
N ALA D 49 6.87 52.76 -5.11
CA ALA D 49 7.44 52.14 -3.93
C ALA D 49 6.40 52.15 -2.84
N THR D 50 6.60 51.30 -1.84
CA THR D 50 5.75 51.32 -0.66
C THR D 50 6.47 52.16 0.38
N VAL D 51 5.83 53.25 0.79
CA VAL D 51 6.47 54.19 1.68
C VAL D 51 5.56 54.58 2.83
N PHE D 52 6.15 54.54 4.02
CA PHE D 52 5.47 54.87 5.26
C PHE D 52 6.50 55.06 6.36
N ARG D 53 6.05 55.54 7.51
CA ARG D 53 6.92 55.65 8.66
C ARG D 53 6.20 55.16 9.90
N GLU D 54 6.94 55.05 10.99
CA GLU D 54 6.34 54.70 12.25
C GLU D 54 5.61 55.91 12.79
N GLY D 55 4.60 55.67 13.60
CA GLY D 55 3.85 56.78 14.15
C GLY D 55 2.89 57.31 13.11
N HIS D 56 2.41 58.51 13.36
CA HIS D 56 1.29 59.08 12.64
C HIS D 56 1.67 60.32 11.83
N ASP D 57 2.95 60.68 11.86
CA ASP D 57 3.37 61.90 11.17
C ASP D 57 3.59 61.66 9.68
N ALA D 58 3.78 62.75 8.94
CA ALA D 58 3.78 62.69 7.48
C ALA D 58 5.10 62.20 6.91
N VAL D 59 5.02 61.59 5.73
CA VAL D 59 6.19 61.26 4.92
C VAL D 59 6.18 61.94 3.56
N GLY D 60 7.36 62.06 2.98
CA GLY D 60 7.48 62.45 1.58
C GLY D 60 8.39 61.47 0.85
N ALA D 61 8.45 61.60 -0.46
CA ALA D 61 9.29 60.72 -1.23
C ALA D 61 9.66 61.33 -2.53
N ASN D 62 10.76 60.86 -3.10
CA ASN D 62 11.21 61.39 -4.39
C ASN D 62 11.98 60.35 -5.17
N VAL D 63 11.99 60.48 -6.49
CA VAL D 63 12.70 59.52 -7.35
C VAL D 63 14.03 60.14 -7.79
N VAL D 64 15.12 59.39 -7.62
CA VAL D 64 16.39 59.87 -8.12
C VAL D 64 16.81 59.01 -9.30
N LEU D 65 16.71 59.59 -10.51
CA LEU D 65 17.12 58.88 -11.71
C LEU D 65 18.52 59.25 -12.15
N ARG D 66 19.41 58.29 -12.25
CA ARG D 66 20.78 58.58 -12.64
C ARG D 66 21.15 58.02 -14.01
N ASP D 67 21.82 58.83 -14.82
CA ASP D 67 22.13 58.50 -16.20
C ASP D 67 23.41 57.64 -16.26
N PRO D 68 23.85 57.23 -17.47
CA PRO D 68 24.99 56.29 -17.47
C PRO D 68 26.26 56.84 -16.82
N ARG D 69 26.41 58.16 -16.72
CA ARG D 69 27.58 58.72 -16.06
C ARG D 69 27.30 58.98 -14.59
N GLY D 70 26.12 58.56 -14.13
CA GLY D 70 25.79 58.69 -12.74
C GLY D 70 25.19 60.04 -12.39
N ARG D 71 24.98 60.88 -13.40
CA ARG D 71 24.42 62.20 -13.14
C ARG D 71 22.93 62.08 -12.86
N PRO D 72 22.49 62.64 -11.72
CA PRO D 72 21.09 62.58 -11.29
C PRO D 72 20.19 63.52 -12.09
N GLY D 73 18.94 63.13 -12.23
CA GLY D 73 17.96 63.92 -12.95
C GLY D 73 17.36 65.04 -12.12
N PRO D 74 16.26 65.62 -12.61
CA PRO D 74 15.57 66.72 -11.93
C PRO D 74 14.85 66.24 -10.68
N TRP D 75 14.52 67.17 -9.79
CA TRP D 75 13.71 66.87 -8.61
C TRP D 75 12.39 66.22 -9.01
N THR D 76 12.12 65.03 -8.49
CA THR D 76 10.98 64.24 -8.94
C THR D 76 10.20 63.68 -7.75
N PRO D 77 9.37 64.51 -7.12
CA PRO D 77 8.61 64.11 -5.94
C PRO D 77 7.50 63.11 -6.24
N MET D 78 7.26 62.18 -5.32
CA MET D 78 6.20 61.20 -5.48
C MET D 78 4.94 61.59 -4.69
N ARG D 79 3.83 60.92 -4.97
CA ARG D 79 2.59 61.12 -4.24
C ARG D 79 2.02 59.76 -3.88
N GLU D 80 1.22 59.67 -2.82
CA GLU D 80 0.55 58.42 -2.52
C GLU D 80 -0.51 58.19 -3.59
N LEU D 81 -0.50 56.99 -4.18
CA LEU D 81 -1.31 56.71 -5.36
C LEU D 81 -2.76 56.43 -5.00
N ALA D 82 -2.99 56.01 -3.76
CA ALA D 82 -4.34 55.77 -3.26
C ALA D 82 -4.33 55.80 -1.73
N PRO D 83 -5.36 56.40 -1.12
CA PRO D 83 -5.45 56.51 0.33
C PRO D 83 -5.33 55.19 1.07
N GLY D 84 -4.53 55.17 2.13
CA GLY D 84 -4.41 54.01 2.98
C GLY D 84 -3.58 52.87 2.43
N THR D 85 -3.00 53.07 1.26
CA THR D 85 -2.28 51.98 0.57
C THR D 85 -0.79 52.03 0.82
N ASP D 86 -0.30 53.21 1.18
CA ASP D 86 1.13 53.45 1.37
C ASP D 86 1.91 53.19 0.08
N ARG D 87 1.21 53.24 -1.04
CA ARG D 87 1.87 53.10 -2.32
C ARG D 87 2.08 54.46 -2.96
N TRP D 88 3.34 54.78 -3.21
CA TRP D 88 3.70 56.09 -3.72
C TRP D 88 4.28 55.95 -5.11
N GLY D 89 4.15 56.98 -5.93
CA GLY D 89 4.63 56.93 -7.30
C GLY D 89 4.96 58.28 -7.89
N ALA D 90 5.81 58.28 -8.91
CA ALA D 90 6.05 59.48 -9.72
C ALA D 90 6.45 59.09 -11.13
N THR D 91 6.19 59.97 -12.08
CA THR D 91 6.60 59.73 -13.45
C THR D 91 8.01 60.21 -13.72
N VAL D 92 8.80 59.37 -14.38
CA VAL D 92 10.14 59.75 -14.79
C VAL D 92 10.23 59.58 -16.30
N THR D 93 11.22 60.25 -16.90
CA THR D 93 11.43 60.16 -18.34
C THR D 93 12.88 59.86 -18.71
N ALA D 94 13.06 58.85 -19.55
CA ALA D 94 14.38 58.39 -19.99
C ALA D 94 15.00 59.32 -21.03
N GLY D 95 16.30 59.56 -20.92
CA GLY D 95 16.98 60.41 -21.88
C GLY D 95 17.82 59.63 -22.87
N GLU D 96 19.12 59.93 -22.94
CA GLU D 96 20.00 59.28 -23.89
C GLU D 96 20.05 57.78 -23.61
N THR D 97 20.33 56.99 -24.65
CA THR D 97 20.40 55.54 -24.53
C THR D 97 21.56 55.14 -23.64
N GLY D 98 21.41 53.99 -22.99
CA GLY D 98 22.47 53.47 -22.15
C GLY D 98 21.92 52.82 -20.90
N THR D 99 22.80 52.48 -19.97
CA THR D 99 22.38 51.88 -18.71
C THR D 99 22.25 52.92 -17.62
N TRP D 100 21.01 53.13 -17.20
CA TRP D 100 20.67 54.07 -16.13
C TRP D 100 20.42 53.31 -14.84
N SER D 101 20.16 54.04 -13.76
CA SER D 101 19.73 53.44 -12.52
C SER D 101 18.74 54.38 -11.86
N TYR D 102 17.87 53.84 -11.01
CA TYR D 102 16.97 54.70 -10.26
C TYR D 102 16.82 54.24 -8.83
N THR D 103 16.69 55.21 -7.93
CA THR D 103 16.45 54.95 -6.52
C THR D 103 15.26 55.76 -6.05
N VAL D 104 14.64 55.33 -4.95
CA VAL D 104 13.61 56.12 -4.33
C VAL D 104 14.09 56.60 -2.98
N GLU D 105 13.94 57.89 -2.71
CA GLU D 105 14.30 58.42 -1.39
C GLU D 105 13.04 58.73 -0.61
N ALA D 106 13.00 58.30 0.65
CA ALA D 106 11.85 58.59 1.49
C ALA D 106 12.37 59.36 2.68
N TRP D 107 11.53 60.19 3.28
CA TRP D 107 11.95 61.07 4.35
C TRP D 107 10.72 61.53 5.11
N GLY D 108 10.91 61.88 6.38
CA GLY D 108 9.89 62.56 7.15
C GLY D 108 9.65 63.96 6.60
N ASP D 109 8.39 64.36 6.57
CA ASP D 109 7.94 65.65 6.04
C ASP D 109 7.33 66.47 7.17
N PRO D 110 8.18 67.10 7.99
CA PRO D 110 7.73 67.75 9.22
C PRO D 110 6.87 68.98 8.93
N VAL D 111 7.14 69.65 7.82
CA VAL D 111 6.38 70.84 7.48
C VAL D 111 4.91 70.48 7.23
N THR D 112 4.69 69.38 6.51
CA THR D 112 3.33 68.93 6.25
C THR D 112 2.61 68.59 7.55
N THR D 113 3.31 67.92 8.45
CA THR D 113 2.72 67.55 9.72
C THR D 113 2.41 68.77 10.57
N TRP D 114 3.34 69.72 10.60
CA TRP D 114 3.14 70.91 11.40
C TRP D 114 1.98 71.72 10.86
N ARG D 115 1.92 71.82 9.53
CA ARG D 115 0.82 72.53 8.90
C ARG D 115 -0.50 71.87 9.25
N HIS D 116 -0.54 70.54 9.22
CA HIS D 116 -1.76 69.82 9.56
C HIS D 116 -2.29 70.25 10.92
N HIS D 117 -1.44 70.21 11.93
CA HIS D 117 -1.86 70.61 13.26
C HIS D 117 -2.15 72.10 13.35
N ALA D 118 -1.33 72.91 12.68
CA ALA D 118 -1.46 74.37 12.72
C ALA D 118 -2.73 74.94 12.10
N ARG D 119 -3.18 74.40 10.96
CA ARG D 119 -4.38 74.92 10.32
C ARG D 119 -5.60 74.70 11.22
N ILE D 120 -5.51 73.70 12.08
CA ILE D 120 -6.58 73.45 13.04
C ILE D 120 -6.44 74.28 14.32
N LYS D 121 -5.24 74.28 14.91
CA LYS D 121 -5.06 74.87 16.24
C LYS D 121 -5.00 76.40 16.33
N ILE D 122 -4.47 77.06 15.31
CA ILE D 122 -4.32 78.52 15.35
C ILE D 122 -5.67 79.28 15.34
N PRO D 123 -6.59 78.93 14.42
CA PRO D 123 -7.87 79.64 14.53
C PRO D 123 -8.66 79.27 15.78
N ALA D 124 -8.27 78.18 16.44
CA ALA D 124 -8.93 77.71 17.65
C ALA D 124 -8.25 78.21 18.91
N GLY D 125 -7.19 78.99 18.75
CA GLY D 125 -6.45 79.54 19.88
C GLY D 125 -5.79 78.48 20.73
N LEU D 126 -5.43 77.34 20.13
CA LEU D 126 -4.86 76.24 20.89
C LEU D 126 -3.34 76.23 20.84
N ASP D 127 -2.73 76.52 21.98
CA ASP D 127 -1.28 76.50 22.16
C ASP D 127 -0.58 77.33 21.10
N THR D 128 -1.14 78.49 20.79
CA THR D 128 -0.75 79.22 19.60
C THR D 128 0.68 79.69 19.64
N ASP D 129 1.11 80.21 20.79
CA ASP D 129 2.48 80.69 20.92
C ASP D 129 3.44 79.53 20.72
N LEU D 130 3.08 78.39 21.29
CA LEU D 130 3.85 77.18 21.15
C LEU D 130 3.89 76.66 19.71
N VAL D 131 2.72 76.64 19.07
CA VAL D 131 2.61 76.20 17.69
C VAL D 131 3.38 77.08 16.72
N LEU D 132 3.25 78.39 16.90
CA LEU D 132 3.92 79.32 16.01
C LEU D 132 5.44 79.28 16.19
N GLU D 133 5.88 79.11 17.43
CA GLU D 133 7.31 79.00 17.67
C GLU D 133 7.87 77.72 17.07
N GLU D 134 7.12 76.62 17.19
CA GLU D 134 7.53 75.37 16.56
C GLU D 134 7.65 75.53 15.05
N GLY D 135 6.70 76.25 14.47
CA GLY D 135 6.74 76.55 13.05
C GLY D 135 7.92 77.40 12.65
N ALA D 136 8.18 78.44 13.45
CA ALA D 136 9.31 79.32 13.18
C ALA D 136 10.62 78.55 13.19
N ARG D 137 10.76 77.65 14.15
CA ARG D 137 11.97 76.87 14.29
C ARG D 137 12.13 75.91 13.12
N LEU D 138 11.00 75.37 12.63
CA LEU D 138 11.03 74.50 11.46
C LEU D 138 11.42 75.28 10.23
N TYR D 139 10.82 76.46 10.05
CA TYR D 139 11.10 77.24 8.87
C TYR D 139 12.53 77.73 8.90
N GLU D 140 13.05 77.98 10.10
CA GLU D 140 14.45 78.31 10.23
C GLU D 140 15.35 77.16 9.75
N ARG D 141 15.02 75.94 10.17
CA ARG D 141 15.81 74.78 9.76
C ARG D 141 15.68 74.55 8.25
N ALA D 142 14.48 74.75 7.73
CA ALA D 142 14.25 74.61 6.31
C ALA D 142 15.09 75.61 5.53
N ALA D 143 15.11 76.86 6.01
CA ALA D 143 15.82 77.92 5.31
C ALA D 143 17.33 77.69 5.29
N ALA D 144 17.83 77.00 6.31
CA ALA D 144 19.26 76.73 6.40
C ALA D 144 19.79 75.96 5.20
N ASP D 145 18.93 75.07 4.69
CA ASP D 145 19.30 74.16 3.61
C ASP D 145 18.74 74.55 2.24
N VAL D 146 18.25 75.77 2.12
CA VAL D 146 17.69 76.26 0.87
C VAL D 146 18.74 77.04 0.10
N PRO D 147 19.05 76.57 -1.11
CA PRO D 147 20.17 77.08 -1.93
C PRO D 147 19.93 78.44 -2.57
N GLY D 148 18.70 78.80 -2.93
CA GLY D 148 18.52 80.07 -3.60
C GLY D 148 18.36 81.18 -2.57
N ARG D 149 19.10 82.27 -2.77
CA ARG D 149 19.16 83.34 -1.78
C ARG D 149 17.86 84.12 -1.69
N GLU D 150 17.20 84.30 -2.83
CA GLU D 150 15.92 85.00 -2.86
C GLU D 150 14.89 84.15 -2.16
N ASP D 151 14.96 82.84 -2.41
CA ASP D 151 14.15 81.87 -1.69
C ASP D 151 14.42 81.91 -0.19
N ARG D 152 15.69 82.01 0.20
CA ARG D 152 16.03 82.10 1.62
C ARG D 152 15.40 83.34 2.21
N ARG D 153 15.48 84.45 1.48
CA ARG D 153 14.92 85.71 1.93
C ARG D 153 13.40 85.58 2.07
N GLU D 154 12.78 84.81 1.19
CA GLU D 154 11.34 84.58 1.27
C GLU D 154 10.94 83.83 2.54
N LEU D 155 11.74 82.81 2.87
CA LEU D 155 11.50 82.00 4.06
C LEU D 155 11.84 82.75 5.34
N LEU D 156 12.92 83.52 5.30
CA LEU D 156 13.35 84.26 6.47
C LEU D 156 12.30 85.33 6.77
N ALA D 157 11.68 85.83 5.71
CA ALA D 157 10.59 86.78 5.84
C ALA D 157 9.39 86.11 6.51
N ALA D 158 9.20 84.83 6.19
CA ALA D 158 8.16 84.04 6.84
C ALA D 158 8.48 83.82 8.31
N VAL D 159 9.75 83.51 8.59
CA VAL D 159 10.21 83.37 9.97
C VAL D 159 9.93 84.64 10.77
N ASP D 160 10.33 85.78 10.19
CA ASP D 160 10.22 87.06 10.86
C ASP D 160 8.77 87.43 11.09
N ALA D 161 7.92 87.07 10.14
CA ALA D 161 6.49 87.32 10.29
C ALA D 161 5.87 86.42 11.35
N LEU D 162 6.26 85.15 11.36
CA LEU D 162 5.82 84.24 12.41
C LEU D 162 6.13 84.73 13.82
N ARG D 163 7.31 85.33 13.97
CA ARG D 163 7.77 85.77 15.29
C ARG D 163 7.32 87.20 15.63
N ASP D 164 6.64 87.84 14.69
CA ASP D 164 6.25 89.23 14.88
C ASP D 164 5.03 89.30 15.79
N GLU D 165 5.27 89.47 17.09
CA GLU D 165 4.22 89.43 18.10
C GLU D 165 3.29 90.63 18.01
N SER D 166 3.62 91.59 17.15
CA SER D 166 2.81 92.78 16.97
C SER D 166 1.71 92.57 15.92
N ARG D 167 1.71 91.42 15.29
CA ARG D 167 0.69 91.11 14.30
C ARG D 167 -0.28 90.09 14.87
N PRO D 168 -1.53 90.08 14.37
CA PRO D 168 -2.54 89.11 14.84
C PRO D 168 -2.18 87.66 14.52
N ALA D 169 -2.58 86.74 15.41
CA ALA D 169 -2.27 85.32 15.27
C ALA D 169 -2.63 84.77 13.88
N ALA D 170 -3.80 85.15 13.38
CA ALA D 170 -4.29 84.68 12.10
C ALA D 170 -3.37 85.12 10.96
N SER D 171 -2.84 86.33 11.10
CA SER D 171 -1.93 86.90 10.11
C SER D 171 -0.58 86.21 10.16
N ARG D 172 -0.11 85.93 11.38
CA ARG D 172 1.15 85.21 11.56
C ARG D 172 1.07 83.83 10.90
N LEU D 173 -0.03 83.10 11.11
CA LEU D 173 -0.19 81.82 10.44
C LEU D 173 -0.26 81.99 8.92
N ALA D 174 -1.09 82.93 8.48
CA ALA D 174 -1.30 83.18 7.06
C ALA D 174 -0.02 83.46 6.27
N ALA D 175 0.90 84.19 6.90
CA ALA D 175 2.17 84.54 6.27
C ALA D 175 3.04 83.33 5.91
N ALA D 176 2.80 82.22 6.61
CA ALA D 176 3.55 80.99 6.39
C ALA D 176 2.92 80.10 5.32
N LEU D 177 1.79 80.55 4.79
CA LEU D 177 0.99 79.70 3.90
C LEU D 177 0.79 80.37 2.54
N THR D 178 1.66 81.32 2.23
CA THR D 178 1.54 82.05 0.97
C THR D 178 1.97 81.16 -0.19
N PRO D 179 1.51 81.47 -1.41
CA PRO D 179 1.92 80.74 -2.60
C PRO D 179 3.42 80.73 -2.84
N GLN D 180 4.11 81.82 -2.50
CA GLN D 180 5.55 81.89 -2.72
C GLN D 180 6.26 80.94 -1.79
N VAL D 181 5.79 80.90 -0.54
CA VAL D 181 6.32 79.94 0.42
C VAL D 181 6.00 78.52 0.00
N ASP D 182 4.74 78.26 -0.35
CA ASP D 182 4.35 76.93 -0.79
C ASP D 182 5.24 76.46 -1.94
N ALA D 183 5.53 77.39 -2.85
CA ALA D 183 6.36 77.10 -4.01
C ALA D 183 7.81 76.75 -3.66
N VAL D 184 8.38 77.50 -2.71
CA VAL D 184 9.74 77.23 -2.25
C VAL D 184 9.82 75.91 -1.53
N LEU D 185 8.88 75.65 -0.63
CA LEU D 185 8.95 74.43 0.16
C LEU D 185 8.66 73.25 -0.76
N ALA D 186 7.90 73.50 -1.81
CA ALA D 186 7.59 72.47 -2.80
C ALA D 186 8.85 72.06 -3.55
N ARG D 187 9.65 73.05 -3.93
CA ARG D 187 10.86 72.79 -4.70
C ARG D 187 12.03 72.38 -3.78
N HIS D 188 12.13 73.03 -2.62
CA HIS D 188 13.21 72.74 -1.67
C HIS D 188 12.68 72.38 -0.28
N PRO D 189 12.02 71.24 -0.13
CA PRO D 189 11.46 70.85 1.17
C PRO D 189 12.50 70.55 2.24
N LEU D 190 12.10 70.71 3.50
CA LEU D 190 12.89 70.22 4.61
C LEU D 190 12.68 68.71 4.74
N ARG D 191 13.72 67.93 4.47
CA ARG D 191 13.59 66.48 4.55
C ARG D 191 14.29 65.89 5.76
N ASP D 192 13.50 65.28 6.65
CA ASP D 192 14.03 64.60 7.82
C ASP D 192 14.40 63.15 7.52
N LEU D 193 15.51 62.69 8.08
CA LEU D 193 15.84 61.26 8.12
C LEU D 193 15.82 60.57 6.77
N VAL D 194 16.44 61.21 5.78
CA VAL D 194 16.39 60.72 4.41
C VAL D 194 16.91 59.28 4.30
N THR D 195 16.12 58.45 3.65
CA THR D 195 16.40 57.01 3.51
C THR D 195 16.27 56.61 2.04
N SER D 196 17.26 55.88 1.55
CA SER D 196 17.26 55.53 0.14
C SER D 196 17.08 54.04 -0.11
N SER D 197 16.40 53.73 -1.21
CA SER D 197 16.36 52.38 -1.77
C SER D 197 17.67 51.98 -2.40
N ASP D 198 17.86 50.68 -2.62
CA ASP D 198 18.95 50.22 -3.44
C ASP D 198 18.67 50.51 -4.91
N PRO D 199 19.70 50.88 -5.67
CA PRO D 199 19.52 51.27 -7.06
C PRO D 199 18.97 50.13 -7.89
N LEU D 200 18.09 50.43 -8.83
CA LEU D 200 17.62 49.40 -9.75
C LEU D 200 18.07 49.75 -11.15
N PRO D 201 18.38 48.73 -11.95
CA PRO D 201 18.93 48.99 -13.27
C PRO D 201 17.84 49.28 -14.29
N LEU D 202 18.14 50.20 -15.19
CA LEU D 202 17.23 50.56 -16.28
C LEU D 202 17.99 50.58 -17.61
N LEU D 203 17.48 49.85 -18.60
CA LEU D 203 18.13 49.82 -19.89
C LEU D 203 17.37 50.70 -20.86
N VAL D 204 18.01 51.77 -21.32
CA VAL D 204 17.40 52.70 -22.25
C VAL D 204 17.89 52.46 -23.66
N GLU D 205 16.96 52.21 -24.58
CA GLU D 205 17.29 51.88 -25.96
C GLU D 205 16.65 52.90 -26.88
N ARG D 206 16.92 52.79 -28.19
CA ARG D 206 16.46 53.81 -29.13
C ARG D 206 14.96 53.78 -29.38
N GLU D 207 14.45 54.89 -29.91
CA GLU D 207 13.01 55.09 -30.12
C GLU D 207 12.33 53.93 -30.84
N ARG D 208 12.98 53.42 -31.87
CA ARG D 208 12.39 52.42 -32.75
C ARG D 208 12.14 51.10 -32.03
N ALA D 209 12.83 50.88 -30.91
CA ALA D 209 12.62 49.67 -30.11
C ALA D 209 11.19 49.58 -29.60
N LEU D 210 10.59 50.72 -29.28
CA LEU D 210 9.22 50.77 -28.78
C LEU D 210 8.22 51.12 -29.86
N TYR D 211 8.62 52.03 -30.74
CA TYR D 211 7.71 52.68 -31.67
C TYR D 211 8.12 52.50 -33.13
N GLY D 212 7.19 52.00 -33.93
CA GLY D 212 7.41 51.86 -35.35
C GLY D 212 6.29 51.10 -36.01
N ALA D 213 6.12 51.30 -37.32
CA ALA D 213 5.12 50.57 -38.07
C ALA D 213 5.81 49.60 -39.02
N TRP D 214 5.41 48.34 -38.92
CA TRP D 214 6.07 47.27 -39.66
C TRP D 214 5.28 46.72 -40.84
N TYR D 215 5.99 46.37 -41.91
CA TYR D 215 5.36 45.78 -43.07
C TYR D 215 6.13 44.56 -43.52
N GLU D 216 5.44 43.43 -43.62
CA GLU D 216 6.06 42.18 -44.05
C GLU D 216 5.70 41.86 -45.49
N PHE D 217 6.69 41.56 -46.32
CA PHE D 217 6.40 41.07 -47.66
C PHE D 217 7.51 40.17 -48.21
N PHE D 218 7.14 39.36 -49.18
CA PHE D 218 8.05 38.43 -49.83
C PHE D 218 8.59 39.03 -51.11
N PRO D 219 9.89 39.39 -51.13
CA PRO D 219 10.50 39.94 -52.34
C PRO D 219 10.28 39.07 -53.58
N ARG D 220 10.27 37.75 -53.42
CA ARG D 220 10.16 36.86 -54.57
C ARG D 220 8.80 36.97 -55.25
N SER D 221 7.80 37.44 -54.51
CA SER D 221 6.46 37.58 -55.06
C SER D 221 6.34 38.78 -55.98
N GLU D 222 7.29 39.70 -55.88
CA GLU D 222 7.25 40.94 -56.63
C GLU D 222 8.15 40.90 -57.86
N GLY D 223 7.74 40.13 -58.86
CA GLY D 223 8.56 39.98 -60.05
C GLY D 223 7.95 40.67 -61.26
N THR D 224 8.26 40.14 -62.44
CA THR D 224 7.85 40.71 -63.72
C THR D 224 7.27 39.59 -64.58
N PRO D 225 6.57 39.95 -65.65
CA PRO D 225 6.05 38.94 -66.59
C PRO D 225 7.13 38.01 -67.14
N HIS D 226 8.29 38.57 -67.48
CA HIS D 226 9.37 37.76 -68.05
C HIS D 226 10.03 36.89 -66.99
N THR D 227 10.17 37.45 -65.79
CA THR D 227 10.85 36.77 -64.69
C THR D 227 9.97 36.81 -63.44
N PRO D 228 9.06 35.83 -63.31
CA PRO D 228 8.06 35.84 -62.22
C PRO D 228 8.70 35.87 -60.84
N HIS D 229 9.86 35.23 -60.67
CA HIS D 229 10.53 35.23 -59.38
C HIS D 229 11.23 36.57 -59.22
N GLY D 230 10.73 37.39 -58.31
CA GLY D 230 11.31 38.69 -58.08
C GLY D 230 12.75 38.65 -57.63
N THR D 231 13.45 39.74 -57.89
CA THR D 231 14.79 39.95 -57.37
C THR D 231 14.74 41.12 -56.40
N PHE D 232 15.85 41.40 -55.73
CA PHE D 232 15.91 42.59 -54.90
C PHE D 232 15.69 43.81 -55.79
N ARG D 233 16.17 43.73 -57.03
CA ARG D 233 16.05 44.84 -57.96
C ARG D 233 14.58 45.09 -58.32
N THR D 234 13.83 44.03 -58.58
CA THR D 234 12.44 44.19 -58.97
C THR D 234 11.57 44.50 -57.76
N ALA D 235 11.86 43.84 -56.65
CA ALA D 235 11.08 44.01 -55.43
C ALA D 235 11.21 45.40 -54.85
N ALA D 236 12.33 46.06 -55.13
CA ALA D 236 12.58 47.41 -54.62
C ALA D 236 11.55 48.41 -55.12
N ARG D 237 10.89 48.07 -56.22
CA ARG D 237 9.82 48.90 -56.76
C ARG D 237 8.65 49.05 -55.79
N ARG D 238 8.50 48.09 -54.88
CA ARG D 238 7.45 48.15 -53.88
C ARG D 238 7.78 49.12 -52.75
N LEU D 239 9.06 49.42 -52.57
CA LEU D 239 9.49 50.21 -51.43
C LEU D 239 8.84 51.60 -51.38
N PRO D 240 8.71 52.30 -52.52
CA PRO D 240 8.08 53.61 -52.42
C PRO D 240 6.63 53.52 -51.92
N ALA D 241 5.94 52.46 -52.32
CA ALA D 241 4.56 52.26 -51.91
C ALA D 241 4.50 52.00 -50.42
N ILE D 242 5.50 51.27 -49.91
CA ILE D 242 5.57 50.96 -48.50
C ILE D 242 5.83 52.21 -47.68
N ALA D 243 6.75 53.04 -48.16
CA ALA D 243 7.02 54.31 -47.51
C ALA D 243 5.80 55.21 -47.54
N ALA D 244 5.06 55.16 -48.65
CA ALA D 244 3.89 56.01 -48.80
C ALA D 244 2.77 55.63 -47.85
N MET D 245 2.76 54.38 -47.41
CA MET D 245 1.77 53.97 -46.42
C MET D 245 2.16 54.37 -45.00
N GLY D 246 3.35 54.96 -44.85
CA GLY D 246 3.76 55.46 -43.55
C GLY D 246 4.43 54.43 -42.66
N PHE D 247 4.99 53.39 -43.25
CA PHE D 247 5.72 52.39 -42.46
C PHE D 247 7.14 52.80 -42.19
N ASP D 248 7.73 52.19 -41.16
CA ASP D 248 9.08 52.55 -40.75
C ASP D 248 10.04 51.38 -40.90
N VAL D 249 9.50 50.17 -40.84
CA VAL D 249 10.32 48.97 -40.88
C VAL D 249 9.77 47.99 -41.91
N VAL D 250 10.65 47.43 -42.73
CA VAL D 250 10.23 46.36 -43.62
C VAL D 250 10.82 45.03 -43.18
N TYR D 251 9.96 44.07 -42.88
CA TYR D 251 10.41 42.76 -42.47
C TYR D 251 10.36 41.76 -43.64
N LEU D 252 11.52 41.20 -43.97
CA LEU D 252 11.61 40.20 -45.04
C LEU D 252 11.77 38.81 -44.47
N PRO D 253 11.01 37.84 -44.97
CA PRO D 253 11.23 36.42 -44.70
C PRO D 253 12.64 36.03 -45.13
N PRO D 254 13.14 34.85 -44.74
CA PRO D 254 14.53 34.52 -45.05
C PRO D 254 14.88 34.70 -46.52
N ILE D 255 16.05 35.29 -46.75
CA ILE D 255 16.46 35.68 -48.10
C ILE D 255 17.56 34.73 -48.60
N HIS D 256 17.68 33.59 -47.96
CA HIS D 256 18.78 32.68 -48.26
C HIS D 256 18.31 31.62 -49.24
N PRO D 257 19.24 30.82 -49.78
CA PRO D 257 18.83 29.67 -50.61
C PRO D 257 17.89 28.72 -49.88
N ILE D 258 17.06 28.01 -50.62
CA ILE D 258 16.07 27.11 -50.05
C ILE D 258 16.38 25.69 -50.46
N GLY D 259 16.31 24.79 -49.49
CA GLY D 259 16.63 23.39 -49.72
C GLY D 259 15.73 22.79 -50.77
N THR D 260 16.25 21.76 -51.42
CA THR D 260 15.49 20.98 -52.38
C THR D 260 15.01 19.66 -51.81
N THR D 261 15.83 19.07 -50.94
CA THR D 261 15.46 17.82 -50.31
C THR D 261 14.23 18.02 -49.45
N HIS D 262 13.18 17.25 -49.72
CA HIS D 262 11.92 17.36 -48.96
C HIS D 262 11.34 18.76 -49.05
N ARG D 263 11.65 19.48 -50.12
CA ARG D 263 11.05 20.79 -50.35
C ARG D 263 9.53 20.65 -50.35
N LYS D 264 8.88 21.60 -49.69
CA LYS D 264 7.43 21.63 -49.62
C LYS D 264 6.83 22.14 -50.91
N GLY D 265 5.66 21.61 -51.26
CA GLY D 265 4.95 22.08 -52.42
C GLY D 265 3.92 23.10 -52.01
N ARG D 266 3.08 23.49 -52.96
CA ARG D 266 2.04 24.48 -52.70
C ARG D 266 1.10 24.04 -51.59
N ASN D 267 0.61 25.00 -50.81
CA ASN D 267 -0.30 24.73 -49.71
C ASN D 267 0.22 23.72 -48.68
N ASN D 268 1.53 23.76 -48.43
CA ASN D 268 2.17 22.91 -47.43
C ASN D 268 1.99 21.43 -47.71
N THR D 269 2.04 21.07 -48.99
CA THR D 269 2.06 19.67 -49.39
C THR D 269 3.46 19.10 -49.23
N LEU D 270 3.56 17.78 -49.06
CA LEU D 270 4.83 17.16 -48.69
C LEU D 270 5.87 17.11 -49.80
N SER D 271 5.42 16.98 -51.05
CA SER D 271 6.37 16.85 -52.15
C SER D 271 6.24 17.95 -53.18
N ALA D 272 7.31 18.73 -53.32
CA ALA D 272 7.40 19.76 -54.35
C ALA D 272 7.43 19.14 -55.73
N THR D 273 6.78 19.79 -56.68
CA THR D 273 6.86 19.32 -58.06
C THR D 273 7.27 20.46 -58.97
N GLY D 274 8.00 20.12 -60.03
CA GLY D 274 8.37 21.10 -61.02
C GLY D 274 9.10 22.31 -60.49
N ASP D 275 8.46 23.46 -60.65
CA ASP D 275 9.09 24.73 -60.33
C ASP D 275 8.67 25.30 -58.99
N ASP D 276 8.06 24.48 -58.13
CA ASP D 276 7.67 24.92 -56.79
C ASP D 276 8.84 25.58 -56.08
N VAL D 277 8.58 26.71 -55.43
CA VAL D 277 9.66 27.54 -54.92
C VAL D 277 10.07 27.22 -53.48
N GLY D 278 9.21 26.49 -52.76
CA GLY D 278 9.49 26.10 -51.39
C GLY D 278 9.41 27.18 -50.32
N SER D 279 9.61 26.77 -49.07
CA SER D 279 9.56 27.70 -47.94
C SER D 279 10.90 28.36 -47.70
N PRO D 280 10.92 29.70 -47.59
CA PRO D 280 12.15 30.43 -47.27
C PRO D 280 12.77 29.98 -45.96
N TRP D 281 11.97 29.38 -45.10
CA TRP D 281 12.46 28.95 -43.81
C TRP D 281 13.23 27.65 -43.93
N ALA D 282 13.22 27.07 -45.12
CA ALA D 282 14.01 25.88 -45.37
C ALA D 282 15.40 26.29 -45.83
N ILE D 283 16.20 26.83 -44.91
CA ILE D 283 17.42 27.55 -45.28
C ILE D 283 18.59 26.63 -45.59
N GLY D 284 19.23 26.88 -46.73
CA GLY D 284 20.50 26.25 -47.05
C GLY D 284 20.53 25.31 -48.23
N SER D 285 21.61 25.41 -49.00
CA SER D 285 21.83 24.56 -50.17
C SER D 285 23.33 24.58 -50.52
N PRO D 286 23.74 23.85 -51.57
CA PRO D 286 25.14 24.03 -51.99
C PRO D 286 25.53 25.46 -52.36
N GLU D 287 24.55 26.32 -52.65
CA GLU D 287 24.81 27.71 -53.04
C GLU D 287 25.14 28.57 -51.83
N GLY D 288 24.90 28.04 -50.64
CA GLY D 288 25.24 28.74 -49.42
C GLY D 288 24.20 28.66 -48.32
N GLY D 289 24.55 29.18 -47.15
CA GLY D 289 23.69 29.11 -45.98
C GLY D 289 23.17 30.46 -45.48
N HIS D 290 23.14 30.64 -44.17
CA HIS D 290 22.56 31.82 -43.58
C HIS D 290 23.37 33.07 -43.89
N ASP D 291 24.56 32.89 -44.44
CA ASP D 291 25.35 34.04 -44.82
C ASP D 291 25.30 34.25 -46.32
N SER D 292 24.34 33.59 -46.96
CA SER D 292 24.24 33.65 -48.41
C SER D 292 22.89 34.18 -48.86
N ILE D 293 22.84 34.63 -50.11
CA ILE D 293 21.60 35.09 -50.71
C ILE D 293 21.05 34.06 -51.69
N HIS D 294 19.76 33.82 -51.63
CA HIS D 294 19.09 33.03 -52.66
C HIS D 294 19.48 33.55 -54.04
N PRO D 295 19.97 32.66 -54.90
CA PRO D 295 20.45 33.08 -56.23
C PRO D 295 19.39 33.74 -57.08
N ALA D 296 18.14 33.34 -56.91
CA ALA D 296 17.04 33.92 -57.67
C ALA D 296 16.70 35.34 -57.21
N LEU D 297 17.21 35.72 -56.05
CA LEU D 297 16.99 37.07 -55.54
C LEU D 297 18.05 38.03 -56.08
N GLY D 298 19.16 37.49 -56.56
CA GLY D 298 20.25 38.32 -57.01
C GLY D 298 21.48 38.13 -56.16
N THR D 299 22.31 39.16 -56.07
CA THR D 299 23.57 39.06 -55.35
C THR D 299 23.57 39.89 -54.08
N LEU D 300 24.66 39.78 -53.33
CA LEU D 300 24.86 40.59 -52.13
C LEU D 300 24.90 42.07 -52.50
N ASP D 301 25.46 42.38 -53.66
CA ASP D 301 25.47 43.74 -54.19
C ASP D 301 24.06 44.24 -54.42
N ASP D 302 23.20 43.35 -54.92
CA ASP D 302 21.80 43.68 -55.13
C ASP D 302 21.10 43.96 -53.81
N PHE D 303 21.39 43.14 -52.81
CA PHE D 303 20.85 43.38 -51.48
C PHE D 303 21.26 44.73 -50.95
N ASP D 304 22.53 45.08 -51.10
CA ASP D 304 23.03 46.36 -50.62
C ASP D 304 22.28 47.50 -51.30
N HIS D 305 22.03 47.35 -52.59
CA HIS D 305 21.25 48.34 -53.35
C HIS D 305 19.84 48.45 -52.76
N PHE D 306 19.22 47.31 -52.50
CA PHE D 306 17.88 47.28 -51.92
C PHE D 306 17.85 47.95 -50.56
N VAL D 307 18.83 47.64 -49.72
CA VAL D 307 18.88 48.21 -48.39
C VAL D 307 19.09 49.72 -48.43
N THR D 308 19.97 50.17 -49.32
CA THR D 308 20.26 51.59 -49.41
C THR D 308 19.02 52.36 -49.88
N GLU D 309 18.36 51.86 -50.92
CA GLU D 309 17.15 52.51 -51.43
C GLU D 309 16.04 52.52 -50.39
N ALA D 310 15.94 51.44 -49.63
CA ALA D 310 14.94 51.39 -48.56
C ALA D 310 15.28 52.45 -47.53
N GLY D 311 16.56 52.55 -47.20
CA GLY D 311 17.03 53.51 -46.23
C GLY D 311 16.71 54.90 -46.71
N LYS D 312 16.85 55.12 -48.02
CA LYS D 312 16.57 56.42 -48.62
C LYS D 312 15.10 56.79 -48.48
N LEU D 313 14.23 55.79 -48.40
CA LEU D 313 12.80 56.01 -48.26
C LEU D 313 12.36 56.02 -46.80
N GLY D 314 13.34 55.96 -45.89
CA GLY D 314 13.04 55.95 -44.47
C GLY D 314 12.58 54.59 -43.98
N LEU D 315 13.04 53.55 -44.65
CA LEU D 315 12.66 52.19 -44.28
C LEU D 315 13.89 51.44 -43.77
N GLU D 316 13.77 50.86 -42.58
CA GLU D 316 14.79 49.96 -42.07
C GLU D 316 14.43 48.53 -42.42
N ILE D 317 15.44 47.71 -42.68
CA ILE D 317 15.20 46.31 -42.99
C ILE D 317 15.30 45.44 -41.74
N ALA D 318 14.31 44.59 -41.55
CA ALA D 318 14.37 43.56 -40.52
C ALA D 318 14.45 42.19 -41.20
N LEU D 319 15.56 41.48 -40.97
CA LEU D 319 15.68 40.14 -41.51
C LEU D 319 15.19 39.05 -40.56
N ASP D 320 14.60 38.02 -41.14
CA ASP D 320 14.25 36.82 -40.40
C ASP D 320 15.52 36.10 -40.00
N PHE D 321 15.65 35.72 -38.73
CA PHE D 321 16.73 34.82 -38.35
C PHE D 321 16.15 33.51 -37.85
N ALA D 322 16.28 32.45 -38.64
CA ALA D 322 15.73 31.16 -38.27
C ALA D 322 16.81 30.12 -38.05
N LEU D 323 17.08 29.83 -36.79
CA LEU D 323 18.21 28.96 -36.47
C LEU D 323 17.75 27.51 -36.61
N GLN D 324 17.82 27.06 -37.85
CA GLN D 324 17.37 25.76 -38.29
C GLN D 324 17.95 25.64 -39.69
N CYS D 325 17.86 24.47 -40.32
CA CYS D 325 18.33 24.35 -41.69
C CYS D 325 17.74 23.20 -42.48
N SER D 326 17.75 23.36 -43.80
CA SER D 326 17.31 22.35 -44.74
C SER D 326 18.31 21.20 -44.72
N PRO D 327 17.93 20.02 -45.21
CA PRO D 327 18.88 18.91 -45.29
C PRO D 327 20.07 19.19 -46.19
N ASP D 328 19.99 20.23 -47.01
CA ASP D 328 21.05 20.53 -47.95
C ASP D 328 22.01 21.60 -47.47
N HIS D 329 21.77 22.15 -46.27
CA HIS D 329 22.63 23.18 -45.72
C HIS D 329 24.04 22.59 -45.51
N PRO D 330 25.09 23.38 -45.82
CA PRO D 330 26.50 23.01 -45.60
C PRO D 330 26.85 22.53 -44.21
N TRP D 331 26.19 23.06 -43.18
CA TRP D 331 26.49 22.68 -41.80
C TRP D 331 26.31 21.20 -41.53
N VAL D 332 25.41 20.58 -42.29
CA VAL D 332 25.06 19.19 -42.05
C VAL D 332 26.30 18.31 -42.19
N HIS D 333 27.16 18.62 -43.16
CA HIS D 333 28.41 17.88 -43.28
C HIS D 333 29.55 18.65 -42.62
N LYS D 334 29.43 19.97 -42.50
CA LYS D 334 30.53 20.74 -41.90
C LYS D 334 30.54 20.63 -40.38
N HIS D 335 29.36 20.54 -39.78
CA HIS D 335 29.21 20.47 -38.33
C HIS D 335 28.14 19.46 -37.94
N PRO D 336 28.39 18.17 -38.18
CA PRO D 336 27.39 17.13 -37.86
C PRO D 336 26.96 17.16 -36.41
N GLU D 337 27.85 17.62 -35.53
CA GLU D 337 27.58 17.55 -34.10
C GLU D 337 26.61 18.65 -33.64
N TRP D 338 26.18 19.48 -34.58
CA TRP D 338 25.14 20.48 -34.32
C TRP D 338 23.75 19.92 -34.53
N PHE D 339 23.66 18.61 -34.67
CA PHE D 339 22.37 17.96 -34.88
C PHE D 339 22.26 16.70 -34.03
N HIS D 340 21.05 16.34 -33.63
CA HIS D 340 20.83 15.08 -32.94
C HIS D 340 20.58 13.99 -33.96
N HIS D 341 21.42 12.97 -33.94
CA HIS D 341 21.29 11.84 -34.85
C HIS D 341 20.70 10.61 -34.16
N ARG D 342 19.78 9.94 -34.85
CA ARG D 342 19.21 8.72 -34.32
C ARG D 342 20.27 7.63 -34.49
N PRO D 343 20.07 6.45 -33.87
CA PRO D 343 21.09 5.38 -33.95
C PRO D 343 21.49 4.96 -35.37
N ASP D 344 20.63 5.17 -36.36
CA ASP D 344 20.98 4.78 -37.72
C ASP D 344 21.63 5.95 -38.46
N GLY D 345 21.90 7.02 -37.72
CA GLY D 345 22.54 8.21 -38.24
C GLY D 345 21.63 9.25 -38.86
N THR D 346 20.34 8.92 -38.99
CA THR D 346 19.42 9.87 -39.62
C THR D 346 19.02 10.96 -38.63
N ILE D 347 18.57 12.08 -39.17
CA ILE D 347 18.11 13.19 -38.34
C ILE D 347 16.62 13.40 -38.52
N ALA D 348 15.87 13.37 -37.42
CA ALA D 348 14.43 13.54 -37.50
C ALA D 348 14.14 14.99 -37.87
N HIS D 349 13.13 15.23 -38.70
CA HIS D 349 12.86 16.59 -39.11
C HIS D 349 12.29 17.34 -37.92
N ALA D 350 12.37 18.66 -37.94
CA ALA D 350 11.90 19.41 -36.79
C ALA D 350 10.40 19.51 -36.67
N GLU D 351 9.95 19.72 -35.44
CA GLU D 351 8.53 19.85 -35.17
C GLU D 351 8.37 20.78 -33.97
N ASN D 352 7.20 21.38 -33.83
CA ASN D 352 6.81 22.12 -32.65
C ASN D 352 5.33 21.88 -32.46
N PRO D 353 4.98 20.68 -32.00
CA PRO D 353 3.63 20.09 -32.09
C PRO D 353 2.54 21.05 -31.64
N PRO D 354 1.44 21.12 -32.40
CA PRO D 354 1.24 20.21 -33.53
C PRO D 354 1.84 20.59 -34.88
N LYS D 355 2.63 21.64 -34.99
CA LYS D 355 3.18 21.96 -36.30
C LYS D 355 4.32 21.01 -36.66
N LYS D 356 4.36 20.56 -37.91
CA LYS D 356 5.45 19.73 -38.40
C LYS D 356 6.24 20.41 -39.50
N TYR D 357 7.55 20.29 -39.44
CA TYR D 357 8.43 20.93 -40.42
C TYR D 357 9.22 19.88 -41.18
N GLN D 358 8.54 19.11 -42.04
CA GLN D 358 9.20 18.02 -42.74
C GLN D 358 10.37 18.43 -43.63
N ASP D 359 10.46 19.72 -43.96
CA ASP D 359 11.53 20.18 -44.85
C ASP D 359 12.81 20.63 -44.17
N ILE D 360 12.87 20.55 -42.84
CA ILE D 360 14.06 21.01 -42.13
C ILE D 360 14.51 20.16 -40.95
N TYR D 361 15.79 20.31 -40.63
CA TYR D 361 16.34 19.73 -39.42
C TYR D 361 16.49 20.85 -38.38
N PRO D 362 16.19 20.51 -37.12
CA PRO D 362 16.45 21.40 -35.97
C PRO D 362 17.88 21.30 -35.49
N ILE D 363 18.35 22.38 -34.88
CA ILE D 363 19.67 22.43 -34.31
C ILE D 363 19.70 21.78 -32.94
N ALA D 364 20.77 21.03 -32.67
CA ALA D 364 21.00 20.48 -31.35
C ALA D 364 22.10 21.33 -30.72
N PHE D 365 21.92 21.66 -29.44
CA PHE D 365 22.72 22.74 -28.87
C PHE D 365 23.71 22.24 -27.83
N ASP D 366 23.67 20.95 -27.55
CA ASP D 366 24.39 20.47 -26.38
C ASP D 366 25.73 19.82 -26.70
N ALA D 367 26.08 19.69 -27.97
CA ALA D 367 27.42 19.22 -28.30
C ALA D 367 28.45 20.35 -28.44
N ASP D 368 28.06 21.42 -29.11
CA ASP D 368 28.97 22.54 -29.35
C ASP D 368 28.26 23.88 -29.20
N PRO D 369 27.82 24.21 -27.98
CA PRO D 369 27.09 25.47 -27.83
C PRO D 369 27.98 26.68 -28.12
N ASP D 370 29.27 26.59 -27.85
CA ASP D 370 30.16 27.70 -28.10
C ASP D 370 30.30 27.96 -29.60
N GLY D 371 30.45 26.89 -30.36
CA GLY D 371 30.55 27.01 -31.80
C GLY D 371 29.28 27.58 -32.41
N LEU D 372 28.13 27.15 -31.92
CA LEU D 372 26.87 27.67 -32.42
C LEU D 372 26.69 29.16 -32.11
N ALA D 373 27.04 29.57 -30.91
CA ALA D 373 26.93 30.97 -30.51
C ALA D 373 27.88 31.83 -31.34
N THR D 374 29.10 31.34 -31.48
CA THR D 374 30.13 32.05 -32.22
C THR D 374 29.71 32.21 -33.67
N GLU D 375 29.15 31.15 -34.23
CA GLU D 375 28.74 31.17 -35.62
C GLU D 375 27.52 32.07 -35.79
N THR D 376 26.62 32.05 -34.81
CA THR D 376 25.42 32.87 -34.86
C THR D 376 25.77 34.34 -34.88
N VAL D 377 26.65 34.75 -33.98
CA VAL D 377 27.01 36.15 -33.94
C VAL D 377 27.88 36.55 -35.12
N ARG D 378 28.60 35.60 -35.73
CA ARG D 378 29.32 35.96 -36.95
C ARG D 378 28.35 36.32 -38.05
N ILE D 379 27.31 35.49 -38.19
CA ILE D 379 26.28 35.72 -39.19
C ILE D 379 25.52 37.02 -39.02
N LEU D 380 25.06 37.26 -37.80
CA LEU D 380 24.36 38.48 -37.49
C LEU D 380 25.24 39.69 -37.76
N ARG D 381 26.49 39.63 -37.34
CA ARG D 381 27.42 40.73 -37.52
C ARG D 381 27.73 40.94 -39.00
N HIS D 382 27.63 39.88 -39.79
CA HIS D 382 27.80 39.97 -41.24
C HIS D 382 26.71 40.84 -41.87
N TRP D 383 25.47 40.53 -41.51
CA TRP D 383 24.32 41.28 -42.02
C TRP D 383 24.31 42.68 -41.43
N MET D 384 24.76 42.80 -40.20
CA MET D 384 24.90 44.12 -39.60
C MET D 384 25.89 44.93 -40.41
N ASP D 385 26.92 44.26 -40.91
CA ASP D 385 27.91 44.91 -41.77
C ASP D 385 27.28 45.35 -43.07
N HIS D 386 26.14 44.77 -43.43
CA HIS D 386 25.44 45.14 -44.65
C HIS D 386 24.18 45.95 -44.36
N GLY D 387 24.16 46.64 -43.22
CA GLY D 387 23.17 47.68 -42.95
C GLY D 387 21.91 47.24 -42.24
N VAL D 388 21.87 45.98 -41.82
CA VAL D 388 20.73 45.42 -41.10
C VAL D 388 20.90 45.58 -39.59
N ARG D 389 20.05 46.39 -38.97
CA ARG D 389 20.17 46.69 -37.55
C ARG D 389 18.99 46.15 -36.75
N ILE D 390 18.17 45.34 -37.40
CA ILE D 390 17.02 44.73 -36.75
C ILE D 390 16.89 43.27 -37.19
N PHE D 391 16.66 42.37 -36.23
CA PHE D 391 16.44 40.99 -36.57
C PHE D 391 15.15 40.45 -35.97
N ARG D 392 14.32 39.86 -36.82
CA ARG D 392 13.13 39.14 -36.39
C ARG D 392 13.51 37.69 -36.18
N VAL D 393 13.52 37.26 -34.92
CA VAL D 393 14.02 35.94 -34.60
C VAL D 393 12.94 34.85 -34.59
N ASP D 394 13.08 33.94 -35.55
CA ASP D 394 12.15 32.84 -35.75
C ASP D 394 12.17 31.83 -34.60
N ASN D 395 10.99 31.57 -34.04
CA ASN D 395 10.80 30.54 -33.02
C ASN D 395 11.88 30.48 -31.96
N PRO D 396 12.14 31.59 -31.25
CA PRO D 396 13.23 31.51 -30.29
C PRO D 396 12.93 30.55 -29.13
N HIS D 397 11.66 30.22 -28.92
CA HIS D 397 11.30 29.37 -27.79
C HIS D 397 11.64 27.91 -28.05
N THR D 398 12.18 27.61 -29.23
CA THR D 398 12.63 26.26 -29.52
C THR D 398 14.14 26.18 -29.52
N LYS D 399 14.77 27.25 -29.05
CA LYS D 399 16.20 27.26 -28.80
C LYS D 399 16.40 27.63 -27.33
N PRO D 400 17.54 27.24 -26.73
CA PRO D 400 17.75 27.46 -25.31
C PRO D 400 17.73 28.96 -24.97
N VAL D 401 17.08 29.30 -23.86
CA VAL D 401 16.98 30.67 -23.42
C VAL D 401 18.33 31.36 -23.22
N ALA D 402 19.27 30.67 -22.59
CA ALA D 402 20.57 31.25 -22.31
C ALA D 402 21.38 31.41 -23.57
N PHE D 403 21.05 30.66 -24.61
CA PHE D 403 21.64 30.87 -25.90
C PHE D 403 21.31 32.25 -26.44
N TRP D 404 20.03 32.59 -26.44
CA TRP D 404 19.61 33.91 -26.88
C TRP D 404 20.19 34.99 -25.97
N GLU D 405 20.22 34.71 -24.67
CA GLU D 405 20.74 35.67 -23.71
C GLU D 405 22.18 36.03 -24.03
N ARG D 406 22.98 35.01 -24.34
CA ARG D 406 24.39 35.20 -24.65
C ARG D 406 24.59 35.94 -25.96
N VAL D 407 23.88 35.50 -26.99
CA VAL D 407 23.99 36.09 -28.32
C VAL D 407 23.61 37.56 -28.31
N ILE D 408 22.47 37.87 -27.71
CA ILE D 408 22.01 39.25 -27.62
C ILE D 408 22.98 40.12 -26.82
N ALA D 409 23.48 39.60 -25.71
CA ALA D 409 24.45 40.32 -24.91
C ALA D 409 25.70 40.59 -25.72
N ASP D 410 26.10 39.60 -26.50
CA ASP D 410 27.29 39.67 -27.34
C ASP D 410 27.15 40.79 -28.37
N ILE D 411 26.06 40.76 -29.11
CA ILE D 411 25.82 41.75 -30.16
C ILE D 411 25.65 43.16 -29.58
N ASN D 412 24.82 43.28 -28.56
CA ASN D 412 24.51 44.59 -27.98
C ASN D 412 25.67 45.18 -27.20
N GLY D 413 26.62 44.33 -26.80
CA GLY D 413 27.80 44.80 -26.12
C GLY D 413 28.59 45.75 -27.01
N THR D 414 28.67 45.41 -28.30
CA THR D 414 29.33 46.26 -29.28
C THR D 414 28.36 47.17 -30.03
N ASP D 415 27.12 46.73 -30.16
CA ASP D 415 26.14 47.42 -31.00
C ASP D 415 24.78 47.49 -30.32
N PRO D 416 24.63 48.41 -29.36
CA PRO D 416 23.42 48.49 -28.53
C PRO D 416 22.19 48.94 -29.29
N ASP D 417 22.38 49.46 -30.50
CA ASP D 417 21.27 49.90 -31.34
C ASP D 417 20.55 48.74 -31.98
N VAL D 418 21.18 47.56 -31.99
CA VAL D 418 20.58 46.40 -32.65
C VAL D 418 19.34 45.94 -31.91
N ILE D 419 18.25 45.76 -32.66
CA ILE D 419 16.99 45.33 -32.09
C ILE D 419 16.65 43.88 -32.42
N PHE D 420 16.33 43.08 -31.41
CA PHE D 420 15.90 41.70 -31.63
C PHE D 420 14.42 41.51 -31.33
N LEU D 421 13.70 40.90 -32.27
CA LEU D 421 12.27 40.63 -32.06
C LEU D 421 11.95 39.14 -31.91
N ALA D 422 11.36 38.79 -30.77
CA ALA D 422 11.04 37.39 -30.48
C ALA D 422 9.69 36.98 -31.06
N GLU D 423 9.71 36.08 -32.03
CA GLU D 423 8.49 35.50 -32.57
C GLU D 423 8.13 34.26 -31.77
N ALA D 424 7.65 34.44 -30.54
CA ALA D 424 7.37 33.31 -29.69
C ALA D 424 5.91 33.20 -29.29
N PHE D 425 5.15 32.45 -30.09
CA PHE D 425 3.77 32.12 -29.75
C PHE D 425 3.79 30.83 -28.97
N THR D 426 3.75 30.97 -27.65
CA THR D 426 3.97 29.87 -26.73
C THR D 426 3.32 30.21 -25.41
N ARG D 427 3.77 29.57 -24.35
CA ARG D 427 3.17 29.78 -23.05
C ARG D 427 3.67 31.12 -22.51
N PRO D 428 2.92 31.73 -21.57
CA PRO D 428 3.24 33.08 -21.10
C PRO D 428 4.61 33.21 -20.45
N ALA D 429 4.99 32.18 -19.70
CA ALA D 429 6.24 32.17 -18.97
C ALA D 429 7.44 32.33 -19.88
N MET D 430 7.48 31.53 -20.93
CA MET D 430 8.58 31.57 -21.87
C MET D 430 8.58 32.91 -22.58
N MET D 431 7.40 33.40 -22.95
CA MET D 431 7.31 34.67 -23.66
C MET D 431 7.89 35.79 -22.82
N ALA D 432 7.53 35.79 -21.54
CA ALA D 432 8.02 36.82 -20.65
C ALA D 432 9.52 36.68 -20.42
N THR D 433 9.98 35.45 -20.25
CA THR D 433 11.38 35.24 -19.93
C THR D 433 12.27 35.67 -21.08
N LEU D 434 11.83 35.36 -22.30
CA LEU D 434 12.53 35.78 -23.51
C LEU D 434 12.64 37.30 -23.61
N ALA D 435 11.55 37.99 -23.31
CA ALA D 435 11.56 39.44 -23.27
C ALA D 435 12.54 39.94 -22.22
N GLN D 436 12.51 39.29 -21.07
CA GLN D 436 13.30 39.70 -19.92
C GLN D 436 14.80 39.54 -20.11
N ILE D 437 15.22 38.56 -20.92
CA ILE D 437 16.65 38.32 -21.12
C ILE D 437 17.29 39.11 -22.25
N GLY D 438 16.53 39.97 -22.91
CA GLY D 438 17.16 40.90 -23.82
C GLY D 438 16.41 41.26 -25.10
N PHE D 439 15.39 40.50 -25.44
CA PHE D 439 14.64 40.79 -26.66
C PHE D 439 13.95 42.13 -26.58
N GLN D 440 14.27 43.01 -27.53
CA GLN D 440 13.70 44.35 -27.53
C GLN D 440 12.19 44.33 -27.76
N GLN D 441 11.74 43.42 -28.60
CA GLN D 441 10.32 43.33 -28.91
C GLN D 441 9.80 41.90 -28.88
N SER D 442 8.50 41.75 -28.67
CA SER D 442 7.85 40.44 -28.64
C SER D 442 6.57 40.40 -29.46
N TYR D 443 6.38 39.34 -30.23
CA TYR D 443 5.04 39.05 -30.72
C TYR D 443 4.16 38.69 -29.54
N THR D 444 2.84 38.77 -29.73
CA THR D 444 1.89 38.72 -28.63
C THR D 444 0.68 37.87 -28.98
N TYR D 445 -0.27 37.78 -28.04
CA TYR D 445 -1.50 37.04 -28.26
C TYR D 445 -2.53 37.89 -28.98
N PHE D 446 -2.12 39.05 -29.48
CA PHE D 446 -3.02 40.05 -30.05
C PHE D 446 -4.08 39.51 -31.01
N THR D 447 -3.66 38.68 -31.96
CA THR D 447 -4.56 38.18 -32.99
C THR D 447 -5.68 37.33 -32.41
N TRP D 448 -5.47 36.82 -31.21
CA TRP D 448 -6.47 35.98 -30.55
C TRP D 448 -7.17 36.73 -29.45
N ARG D 449 -7.16 38.05 -29.54
CA ARG D 449 -7.87 38.89 -28.60
C ARG D 449 -8.78 39.81 -29.37
N ASN D 450 -10.05 39.48 -29.43
CA ASN D 450 -10.95 40.16 -30.34
C ASN D 450 -12.20 40.73 -29.67
N THR D 451 -12.61 40.13 -28.56
CA THR D 451 -13.75 40.67 -27.80
C THR D 451 -13.28 41.81 -26.92
N LYS D 452 -14.22 42.59 -26.40
CA LYS D 452 -13.89 43.73 -25.55
C LYS D 452 -13.17 43.28 -24.29
N GLN D 453 -13.60 42.16 -23.71
CA GLN D 453 -12.97 41.68 -22.50
C GLN D 453 -11.55 41.22 -22.78
N GLU D 454 -11.38 40.48 -23.87
CA GLU D 454 -10.06 40.00 -24.25
C GLU D 454 -9.09 41.15 -24.49
N LEU D 455 -9.53 42.12 -25.30
CA LEU D 455 -8.70 43.27 -25.60
C LEU D 455 -8.37 44.08 -24.36
N THR D 456 -9.37 44.32 -23.52
CA THR D 456 -9.17 45.16 -22.36
C THR D 456 -8.22 44.53 -21.35
N GLU D 457 -8.47 43.26 -21.05
CA GLU D 457 -7.65 42.55 -20.09
C GLU D 457 -6.22 42.39 -20.55
N TYR D 458 -6.04 42.04 -21.81
CA TYR D 458 -4.70 41.78 -22.31
C TYR D 458 -3.90 43.06 -22.41
N LEU D 459 -4.51 44.14 -22.89
CA LEU D 459 -3.78 45.40 -23.01
C LEU D 459 -3.52 46.01 -21.64
N THR D 460 -4.40 45.74 -20.68
CA THR D 460 -4.15 46.17 -19.32
C THR D 460 -2.88 45.51 -18.80
N GLU D 461 -2.75 44.22 -19.12
CA GLU D 461 -1.58 43.45 -18.77
C GLU D 461 -0.33 43.96 -19.49
N LEU D 462 -0.38 44.08 -20.80
CA LEU D 462 0.80 44.50 -21.57
C LEU D 462 1.24 45.91 -21.20
N SER D 463 0.27 46.79 -20.94
CA SER D 463 0.59 48.18 -20.64
C SER D 463 0.84 48.35 -19.14
N GLY D 464 0.59 47.29 -18.39
CA GLY D 464 0.80 47.31 -16.96
C GLY D 464 2.22 46.88 -16.66
N GLU D 465 2.37 45.93 -15.75
CA GLU D 465 3.71 45.54 -15.29
C GLU D 465 4.59 44.98 -16.39
N ALA D 466 3.98 44.27 -17.35
CA ALA D 466 4.73 43.65 -18.44
C ALA D 466 5.48 44.67 -19.27
N ALA D 467 5.02 45.92 -19.25
CA ALA D 467 5.61 46.99 -20.04
C ALA D 467 7.01 47.32 -19.57
N SER D 468 7.37 46.83 -18.38
CA SER D 468 8.70 47.06 -17.83
C SER D 468 9.79 46.18 -18.41
N TYR D 469 9.42 45.13 -19.15
CA TYR D 469 10.43 44.29 -19.77
C TYR D 469 10.07 43.87 -21.18
N MET D 470 8.83 44.12 -21.58
CA MET D 470 8.35 43.69 -22.88
C MET D 470 7.79 44.84 -23.71
N ARG D 471 8.18 44.88 -24.98
CA ARG D 471 7.64 45.85 -25.92
C ARG D 471 6.89 45.11 -27.01
N PRO D 472 5.57 45.31 -27.06
CA PRO D 472 4.72 44.51 -27.94
C PRO D 472 4.77 45.00 -29.37
N ASN D 473 4.78 44.05 -30.31
CA ASN D 473 4.66 44.36 -31.71
C ASN D 473 3.36 43.73 -32.21
N PHE D 474 2.35 44.56 -32.43
CA PHE D 474 1.03 44.09 -32.81
C PHE D 474 0.86 43.83 -34.30
N PHE D 475 1.22 42.63 -34.74
CA PHE D 475 0.90 42.23 -36.10
C PHE D 475 -0.56 41.80 -36.16
N ALA D 476 -1.34 42.45 -37.01
CA ALA D 476 -2.76 42.16 -37.08
C ALA D 476 -2.96 40.85 -37.82
N ASN D 477 -1.95 40.51 -38.63
CA ASN D 477 -1.85 39.21 -39.27
C ASN D 477 -0.39 38.84 -39.50
N THR D 478 -0.15 37.57 -39.80
CA THR D 478 1.16 37.12 -40.26
C THR D 478 0.90 36.08 -41.33
N PRO D 479 1.94 35.63 -42.06
CA PRO D 479 1.69 34.58 -43.06
C PRO D 479 1.17 33.28 -42.46
N ASP D 480 1.32 33.15 -41.14
CA ASP D 480 0.88 31.95 -40.42
C ASP D 480 -0.44 32.15 -39.66
N ILE D 481 -0.94 33.38 -39.64
CA ILE D 481 -2.11 33.68 -38.80
C ILE D 481 -3.14 34.56 -39.52
N LEU D 482 -4.15 33.90 -40.08
CA LEU D 482 -5.35 34.56 -40.57
C LEU D 482 -6.48 34.22 -39.61
N HIS D 483 -6.76 35.09 -38.65
CA HIS D 483 -7.73 34.76 -37.61
C HIS D 483 -9.15 34.69 -38.13
N ALA D 484 -9.96 33.86 -37.48
CA ALA D 484 -11.36 33.71 -37.84
C ALA D 484 -12.15 35.02 -37.84
N TYR D 485 -11.75 35.96 -36.99
CA TYR D 485 -12.43 37.25 -36.95
C TYR D 485 -12.38 37.95 -38.30
N LEU D 486 -11.22 37.92 -38.94
CA LEU D 486 -11.07 38.50 -40.26
C LEU D 486 -11.71 37.70 -41.39
N GLN D 487 -11.62 36.38 -41.28
CA GLN D 487 -12.19 35.49 -42.29
C GLN D 487 -13.71 35.67 -42.33
N HIS D 488 -14.35 35.83 -41.17
CA HIS D 488 -15.81 35.92 -41.09
C HIS D 488 -16.27 37.36 -41.23
N GLY D 489 -15.39 38.30 -40.90
CA GLY D 489 -15.76 39.70 -40.80
C GLY D 489 -15.55 40.50 -42.08
N GLY D 490 -14.72 39.97 -42.98
CA GLY D 490 -14.40 40.65 -44.21
C GLY D 490 -13.73 42.00 -44.00
N ARG D 491 -13.83 42.88 -44.99
CA ARG D 491 -13.12 44.16 -44.95
C ARG D 491 -13.35 45.03 -43.70
N PRO D 492 -14.60 45.12 -43.21
CA PRO D 492 -14.77 45.91 -41.99
C PRO D 492 -13.95 45.40 -40.81
N ALA D 493 -13.73 44.09 -40.77
CA ALA D 493 -12.94 43.49 -39.73
C ALA D 493 -11.47 43.85 -39.88
N PHE D 494 -10.98 43.89 -41.12
CA PHE D 494 -9.62 44.31 -41.36
C PHE D 494 -9.42 45.74 -40.90
N GLU D 495 -10.43 46.57 -41.11
CA GLU D 495 -10.36 47.97 -40.72
C GLU D 495 -10.34 48.11 -39.20
N VAL D 496 -11.16 47.32 -38.52
CA VAL D 496 -11.22 47.35 -37.06
C VAL D 496 -9.89 46.90 -36.46
N ARG D 497 -9.37 45.79 -36.93
CA ARG D 497 -8.13 45.25 -36.37
C ARG D 497 -6.97 46.18 -36.65
N ALA D 498 -7.03 46.90 -37.76
CA ALA D 498 -6.01 47.88 -38.07
C ALA D 498 -6.07 49.04 -37.08
N VAL D 499 -7.28 49.53 -36.83
CA VAL D 499 -7.47 50.61 -35.87
C VAL D 499 -6.98 50.19 -34.48
N LEU D 500 -7.37 48.99 -34.07
CA LEU D 500 -6.99 48.49 -32.77
C LEU D 500 -5.48 48.36 -32.64
N ALA D 501 -4.86 47.69 -33.60
CA ALA D 501 -3.42 47.45 -33.55
C ALA D 501 -2.66 48.76 -33.56
N ALA D 502 -3.10 49.67 -34.42
CA ALA D 502 -2.39 50.93 -34.63
C ALA D 502 -2.47 51.85 -33.42
N THR D 503 -3.59 51.80 -32.71
CA THR D 503 -3.79 52.70 -31.58
C THR D 503 -3.51 52.11 -30.20
N LEU D 504 -3.40 50.79 -30.09
CA LEU D 504 -3.19 50.19 -28.79
C LEU D 504 -1.71 49.93 -28.49
N SER D 505 -0.89 49.79 -29.53
CA SER D 505 0.54 49.60 -29.35
C SER D 505 1.35 50.61 -30.16
N PRO D 506 2.44 51.13 -29.58
CA PRO D 506 3.31 52.02 -30.33
C PRO D 506 4.07 51.34 -31.47
N THR D 507 4.13 50.01 -31.44
CA THR D 507 4.62 49.25 -32.59
C THR D 507 3.56 48.28 -33.06
N TRP D 508 3.25 48.35 -34.34
CA TRP D 508 2.30 47.44 -34.94
C TRP D 508 2.80 47.06 -36.32
N GLY D 509 2.18 46.07 -36.93
CA GLY D 509 2.61 45.62 -38.23
C GLY D 509 1.53 44.87 -38.96
N ILE D 510 1.69 44.73 -40.27
CA ILE D 510 0.84 43.87 -41.05
C ILE D 510 1.65 43.09 -42.07
N TYR D 511 1.06 41.98 -42.54
CA TYR D 511 1.68 41.19 -43.59
C TYR D 511 0.99 41.44 -44.91
N SER D 512 1.77 41.78 -45.93
CA SER D 512 1.31 42.08 -47.29
C SER D 512 0.10 41.25 -47.74
N GLY D 513 -0.92 41.93 -48.25
CA GLY D 513 -2.15 41.24 -48.62
C GLY D 513 -3.28 41.59 -47.66
N TYR D 514 -2.90 41.96 -46.44
CA TYR D 514 -3.84 42.50 -45.47
C TYR D 514 -4.60 43.68 -46.06
N GLU D 515 -3.89 44.53 -46.80
CA GLU D 515 -4.51 45.72 -47.38
C GLU D 515 -5.63 45.32 -48.32
N LEU D 516 -5.48 44.16 -48.94
CA LEU D 516 -6.44 43.68 -49.93
C LEU D 516 -7.55 42.88 -49.27
N CYS D 517 -7.50 42.80 -47.94
CA CYS D 517 -8.47 42.04 -47.16
C CYS D 517 -8.54 40.57 -47.58
N GLU D 518 -7.39 40.00 -47.90
CA GLU D 518 -7.30 38.58 -48.19
C GLU D 518 -7.72 37.79 -46.95
N ASN D 519 -8.74 36.95 -47.07
CA ASN D 519 -9.29 36.27 -45.92
C ASN D 519 -9.85 34.89 -46.23
N THR D 520 -9.32 34.26 -47.26
CA THR D 520 -9.72 32.90 -47.60
C THR D 520 -8.82 31.91 -46.87
N PRO D 521 -9.39 31.12 -45.97
CA PRO D 521 -8.60 30.17 -45.20
C PRO D 521 -8.28 28.90 -45.97
N LEU D 522 -7.24 28.18 -45.54
CA LEU D 522 -6.91 26.88 -46.12
C LEU D 522 -8.11 25.95 -46.05
N ARG D 523 -8.79 25.96 -44.92
CA ARG D 523 -10.04 25.24 -44.72
C ARG D 523 -10.76 25.79 -43.51
N GLU D 524 -12.03 25.42 -43.33
CA GLU D 524 -12.78 25.86 -42.16
C GLU D 524 -12.10 25.36 -40.89
N GLY D 525 -11.89 26.25 -39.93
CA GLY D 525 -11.28 25.87 -38.67
C GLY D 525 -9.79 26.11 -38.64
N SER D 526 -9.24 26.53 -39.78
CA SER D 526 -7.81 26.77 -39.92
C SER D 526 -7.46 28.26 -39.82
N GLU D 527 -6.25 28.57 -39.36
CA GLU D 527 -5.80 29.95 -39.41
C GLU D 527 -4.75 30.18 -40.51
N GLU D 528 -4.55 29.19 -41.36
CA GLU D 528 -3.70 29.34 -42.54
C GLU D 528 -4.44 30.00 -43.70
N TYR D 529 -3.72 30.76 -44.52
CA TYR D 529 -4.28 31.21 -45.79
C TYR D 529 -4.36 30.07 -46.79
N LEU D 530 -5.42 30.04 -47.59
CA LEU D 530 -5.48 29.21 -48.79
C LEU D 530 -4.41 29.67 -49.78
N ASP D 531 -3.74 28.71 -50.43
CA ASP D 531 -2.70 29.01 -51.41
C ASP D 531 -1.67 29.95 -50.81
N SER D 532 -1.21 29.61 -49.61
CA SER D 532 -0.32 30.47 -48.84
C SER D 532 0.93 30.88 -49.62
N GLU D 533 1.29 32.15 -49.49
CA GLU D 533 2.48 32.73 -50.11
C GLU D 533 3.78 32.08 -49.65
N LYS D 534 3.74 31.36 -48.54
CA LYS D 534 4.91 30.63 -48.05
C LYS D 534 5.41 29.56 -49.02
N TYR D 535 4.53 29.06 -49.87
CA TYR D 535 4.88 27.92 -50.71
C TYR D 535 4.73 28.24 -52.18
N GLN D 536 4.44 29.50 -52.49
CA GLN D 536 4.25 29.91 -53.87
C GLN D 536 4.37 31.39 -54.05
N LEU D 537 4.77 31.81 -55.25
CA LEU D 537 4.81 33.21 -55.58
C LEU D 537 3.38 33.73 -55.58
N LYS D 538 3.17 34.91 -55.02
CA LYS D 538 1.82 35.44 -54.99
C LYS D 538 1.85 36.87 -55.48
N PRO D 539 1.90 37.05 -56.80
CA PRO D 539 1.88 38.39 -57.39
C PRO D 539 0.53 39.02 -57.13
N ARG D 540 0.52 40.32 -56.89
CA ARG D 540 -0.70 41.03 -56.60
C ARG D 540 -0.82 42.23 -57.52
N ASP D 541 -2.02 42.47 -58.02
CA ASP D 541 -2.25 43.60 -58.90
C ASP D 541 -2.52 44.81 -58.02
N TRP D 542 -1.45 45.41 -57.50
CA TRP D 542 -1.58 46.53 -56.59
C TRP D 542 -2.22 47.74 -57.25
N THR D 543 -1.87 47.96 -58.52
CA THR D 543 -2.38 49.11 -59.26
C THR D 543 -3.89 49.00 -59.44
N ARG D 544 -4.36 47.83 -59.80
CA ARG D 544 -5.79 47.62 -60.02
C ARG D 544 -6.56 47.77 -58.71
N ALA D 545 -6.01 47.25 -57.63
CA ALA D 545 -6.67 47.35 -56.33
C ALA D 545 -6.79 48.81 -55.92
N ALA D 546 -5.76 49.59 -56.24
CA ALA D 546 -5.72 51.00 -55.92
C ALA D 546 -6.82 51.71 -56.69
N ARG D 547 -6.90 51.40 -57.99
CA ARG D 547 -7.84 52.04 -58.89
C ARG D 547 -9.29 51.70 -58.54
N GLU D 548 -9.52 50.46 -58.12
CA GLU D 548 -10.88 50.02 -57.84
C GLU D 548 -11.25 50.26 -56.38
N GLY D 549 -10.31 50.83 -55.62
CA GLY D 549 -10.57 51.15 -54.23
C GLY D 549 -10.85 49.95 -53.35
N THR D 550 -10.36 48.79 -53.76
CA THR D 550 -10.56 47.55 -53.01
C THR D 550 -9.36 47.31 -52.10
N THR D 551 -8.81 48.39 -51.57
CA THR D 551 -7.72 48.32 -50.60
C THR D 551 -7.97 49.27 -49.44
N ILE D 552 -7.52 48.89 -48.25
CA ILE D 552 -7.58 49.80 -47.11
C ILE D 552 -6.25 50.50 -46.88
N ALA D 553 -5.41 50.52 -47.91
CA ALA D 553 -4.17 51.29 -47.88
C ALA D 553 -4.34 52.75 -47.44
N PRO D 554 -5.41 53.43 -47.91
CA PRO D 554 -5.59 54.82 -47.42
C PRO D 554 -5.81 54.90 -45.92
N LEU D 555 -6.60 53.98 -45.36
CA LEU D 555 -6.80 53.94 -43.92
C LEU D 555 -5.52 53.64 -43.16
N VAL D 556 -4.75 52.67 -43.66
CA VAL D 556 -3.47 52.37 -43.04
C VAL D 556 -2.56 53.59 -43.05
N THR D 557 -2.48 54.27 -44.20
CA THR D 557 -1.70 55.48 -44.32
C THR D 557 -2.15 56.55 -43.33
N ARG D 558 -3.46 56.72 -43.22
CA ARG D 558 -4.01 57.75 -42.35
C ARG D 558 -3.67 57.40 -40.90
N LEU D 559 -3.79 56.12 -40.55
CA LEU D 559 -3.49 55.68 -39.20
C LEU D 559 -2.04 55.95 -38.83
N ASN D 560 -1.13 55.69 -39.77
CA ASN D 560 0.28 55.94 -39.53
C ASN D 560 0.59 57.43 -39.45
N THR D 561 -0.14 58.22 -40.22
CA THR D 561 0.00 59.67 -40.15
C THR D 561 -0.47 60.18 -38.79
N ILE D 562 -1.59 59.67 -38.33
CA ILE D 562 -2.12 60.04 -37.03
C ILE D 562 -1.12 59.69 -35.95
N ARG D 563 -0.50 58.53 -36.06
CA ARG D 563 0.52 58.12 -35.12
C ARG D 563 1.72 59.06 -35.18
N ARG D 564 2.08 59.47 -36.40
CA ARG D 564 3.23 60.33 -36.56
C ARG D 564 2.94 61.73 -36.02
N GLU D 565 1.67 62.06 -35.89
CA GLU D 565 1.29 63.42 -35.48
C GLU D 565 0.82 63.51 -34.03
N ASN D 566 0.70 62.37 -33.37
CA ASN D 566 0.13 62.34 -32.04
C ASN D 566 0.96 61.48 -31.11
N PRO D 567 1.82 62.14 -30.31
CA PRO D 567 2.73 61.53 -29.35
C PRO D 567 2.07 60.52 -28.42
N ALA D 568 0.79 60.68 -28.15
CA ALA D 568 0.09 59.76 -27.27
C ALA D 568 0.14 58.35 -27.85
N LEU D 569 0.18 58.27 -29.17
CA LEU D 569 0.19 56.98 -29.85
C LEU D 569 1.59 56.43 -30.07
N ARG D 570 2.61 57.14 -29.62
CA ARG D 570 3.98 56.68 -29.80
C ARG D 570 4.54 56.14 -28.50
N GLN D 571 3.65 55.90 -27.55
CA GLN D 571 4.01 55.29 -26.28
C GLN D 571 3.02 54.18 -25.90
N LEU D 572 3.31 53.45 -24.82
CA LEU D 572 2.55 52.25 -24.51
C LEU D 572 1.82 52.28 -23.18
N ARG D 573 2.51 52.78 -22.16
CA ARG D 573 2.10 52.60 -20.78
C ARG D 573 0.90 53.45 -20.36
N ASP D 574 0.71 54.60 -21.00
CA ASP D 574 -0.43 55.42 -20.65
C ASP D 574 -1.61 55.08 -21.54
N LEU D 575 -2.54 54.34 -20.94
CA LEU D 575 -3.70 53.80 -21.61
C LEU D 575 -4.78 53.54 -20.57
N HIS D 576 -5.98 54.04 -20.82
CA HIS D 576 -7.08 53.82 -19.90
C HIS D 576 -8.36 53.50 -20.66
N PHE D 577 -9.05 52.44 -20.26
CA PHE D 577 -10.32 52.07 -20.87
C PHE D 577 -11.52 52.73 -20.19
N HIS D 578 -12.40 53.28 -21.01
CA HIS D 578 -13.63 53.91 -20.54
C HIS D 578 -14.83 53.03 -20.81
N PRO D 579 -15.77 52.97 -19.86
CA PRO D 579 -16.95 52.11 -19.95
C PRO D 579 -17.91 52.58 -21.03
N THR D 580 -18.51 51.62 -21.73
CA THR D 580 -19.60 51.88 -22.65
C THR D 580 -20.79 51.01 -22.28
N ASP D 581 -21.96 51.31 -22.83
CA ASP D 581 -23.15 50.54 -22.50
C ASP D 581 -23.48 49.49 -23.54
N LYS D 582 -22.51 49.18 -24.40
CA LYS D 582 -22.69 48.12 -25.39
C LYS D 582 -21.48 47.22 -25.38
N GLU D 583 -21.72 45.91 -25.32
CA GLU D 583 -20.65 44.94 -25.18
C GLU D 583 -19.74 44.94 -26.40
N GLU D 584 -20.33 45.25 -27.56
CA GLU D 584 -19.60 45.24 -28.83
C GLU D 584 -18.77 46.48 -29.07
N VAL D 585 -18.92 47.49 -28.22
CA VAL D 585 -18.24 48.75 -28.43
C VAL D 585 -17.23 49.06 -27.34
N ILE D 586 -15.97 49.24 -27.72
CA ILE D 586 -14.92 49.48 -26.74
C ILE D 586 -14.41 50.91 -26.88
N ALA D 587 -14.01 51.51 -25.77
CA ALA D 587 -13.47 52.86 -25.77
C ALA D 587 -12.28 52.98 -24.83
N TYR D 588 -11.27 53.73 -25.25
CA TYR D 588 -10.08 53.95 -24.44
C TYR D 588 -9.37 55.23 -24.83
N SER D 589 -8.53 55.76 -23.93
CA SER D 589 -7.80 56.98 -24.21
C SER D 589 -6.32 56.76 -23.92
N LYS D 590 -5.47 57.48 -24.64
CA LYS D 590 -4.04 57.48 -24.34
C LYS D 590 -3.51 58.90 -24.31
N ARG D 591 -2.58 59.16 -23.42
CA ARG D 591 -2.05 60.50 -23.26
C ARG D 591 -0.53 60.54 -23.21
N GLN D 592 0.03 61.59 -23.80
CA GLN D 592 1.45 61.88 -23.68
C GLN D 592 1.62 63.39 -23.68
N GLY D 593 2.00 63.93 -22.52
CA GLY D 593 2.03 65.35 -22.32
C GLY D 593 0.66 65.97 -22.57
N SER D 594 0.65 67.05 -23.35
CA SER D 594 -0.59 67.77 -23.58
C SER D 594 -1.38 67.10 -24.70
N ASN D 595 -0.85 66.02 -25.23
CA ASN D 595 -1.50 65.31 -26.32
C ASN D 595 -2.37 64.20 -25.76
N THR D 596 -3.66 64.29 -26.06
CA THR D 596 -4.62 63.28 -25.64
C THR D 596 -5.39 62.74 -26.83
N VAL D 597 -5.36 61.43 -26.99
CA VAL D 597 -6.12 60.78 -28.06
C VAL D 597 -7.19 59.88 -27.49
N LEU D 598 -8.41 60.03 -27.98
CA LEU D 598 -9.52 59.21 -27.52
C LEU D 598 -10.04 58.34 -28.65
N VAL D 599 -10.09 57.02 -28.44
CA VAL D 599 -10.55 56.09 -29.47
C VAL D 599 -11.77 55.28 -29.06
N VAL D 600 -12.76 55.22 -29.96
CA VAL D 600 -13.93 54.37 -29.79
C VAL D 600 -14.10 53.44 -30.98
N VAL D 601 -14.12 52.13 -30.73
CA VAL D 601 -14.18 51.14 -31.79
C VAL D 601 -15.40 50.22 -31.71
N ASN D 602 -16.08 50.04 -32.84
CA ASN D 602 -17.11 49.03 -32.96
C ASN D 602 -16.51 47.70 -33.38
N LEU D 603 -16.48 46.76 -32.44
CA LEU D 603 -15.86 45.47 -32.68
C LEU D 603 -16.75 44.55 -33.51
N ASP D 604 -17.99 44.96 -33.72
CA ASP D 604 -18.90 44.22 -34.57
C ASP D 604 -18.70 44.61 -36.03
N PRO D 605 -18.16 43.68 -36.85
CA PRO D 605 -17.88 44.00 -38.25
C PRO D 605 -19.08 43.77 -39.17
N ARG D 606 -20.21 43.36 -38.60
CA ARG D 606 -21.35 42.97 -39.43
C ARG D 606 -22.60 43.82 -39.21
N HIS D 607 -22.76 44.36 -38.01
CA HIS D 607 -23.94 45.13 -37.68
C HIS D 607 -23.59 46.49 -37.14
N THR D 608 -24.39 47.49 -37.48
CA THR D 608 -24.22 48.82 -36.92
C THR D 608 -24.45 48.78 -35.41
N GLN D 609 -23.61 49.47 -34.64
CA GLN D 609 -23.79 49.53 -33.20
C GLN D 609 -23.84 50.96 -32.71
N GLU D 610 -24.84 51.29 -31.90
CA GLU D 610 -24.91 52.57 -31.22
C GLU D 610 -24.73 52.38 -29.71
N ALA D 611 -24.01 53.29 -29.07
CA ALA D 611 -23.75 53.19 -27.62
C ALA D 611 -23.60 54.54 -26.93
N THR D 612 -23.82 54.56 -25.62
CA THR D 612 -23.41 55.70 -24.79
C THR D 612 -22.07 55.44 -24.09
N VAL D 613 -21.11 56.34 -24.28
CA VAL D 613 -19.82 56.26 -23.62
C VAL D 613 -19.65 57.15 -22.37
N SER D 614 -19.47 56.55 -21.20
CA SER D 614 -19.31 57.35 -20.00
C SER D 614 -17.83 57.51 -19.61
N LEU D 615 -17.24 58.62 -20.02
CA LEU D 615 -15.82 58.88 -19.82
C LEU D 615 -15.36 59.17 -18.40
N ASP D 616 -14.26 58.53 -18.01
CA ASP D 616 -13.59 58.82 -16.75
C ASP D 616 -12.80 60.10 -16.96
N MET D 617 -13.43 61.24 -16.71
CA MET D 617 -12.88 62.56 -17.06
C MET D 617 -11.51 62.92 -16.45
N PRO D 618 -11.27 62.60 -15.17
CA PRO D 618 -9.94 62.93 -14.64
C PRO D 618 -8.80 62.19 -15.32
N GLN D 619 -9.07 61.02 -15.90
CA GLN D 619 -8.03 60.29 -16.63
C GLN D 619 -7.64 61.05 -17.90
N LEU D 620 -8.54 61.90 -18.38
CA LEU D 620 -8.25 62.73 -19.54
C LEU D 620 -7.70 64.08 -19.10
N GLY D 621 -7.60 64.27 -17.78
CA GLY D 621 -7.12 65.51 -17.22
C GLY D 621 -8.16 66.61 -17.18
N LEU D 622 -9.42 66.21 -17.01
CA LEU D 622 -10.53 67.17 -17.00
C LEU D 622 -11.41 67.03 -15.77
N ASP D 623 -12.18 68.06 -15.49
CA ASP D 623 -13.17 68.01 -14.42
C ASP D 623 -14.42 67.34 -14.97
N TRP D 624 -15.19 66.72 -14.09
CA TRP D 624 -16.34 65.93 -14.51
C TRP D 624 -17.38 66.77 -15.24
N HIS D 625 -17.46 68.05 -14.89
CA HIS D 625 -18.46 68.94 -15.47
C HIS D 625 -17.96 69.55 -16.77
N GLU D 626 -16.67 69.40 -17.03
CA GLU D 626 -16.05 70.07 -18.16
C GLU D 626 -16.49 69.40 -19.47
N SER D 627 -16.57 70.18 -20.54
CA SER D 627 -16.87 69.65 -21.85
C SER D 627 -15.83 70.07 -22.87
N VAL D 628 -15.30 69.12 -23.63
CA VAL D 628 -14.24 69.42 -24.58
C VAL D 628 -14.54 69.05 -26.03
N PRO D 629 -14.02 69.86 -26.96
CA PRO D 629 -14.11 69.66 -28.41
C PRO D 629 -13.17 68.55 -28.85
N VAL D 630 -13.63 67.64 -29.70
CA VAL D 630 -12.75 66.63 -30.26
C VAL D 630 -12.84 66.60 -31.78
N ARG D 631 -11.75 66.19 -32.42
CA ARG D 631 -11.74 65.99 -33.86
C ARG D 631 -11.49 64.55 -34.25
N ASP D 632 -12.41 63.99 -35.03
CA ASP D 632 -12.25 62.65 -35.57
C ASP D 632 -11.22 62.70 -36.68
N GLU D 633 -10.03 62.14 -36.43
CA GLU D 633 -8.96 62.24 -37.39
C GLU D 633 -9.20 61.34 -38.59
N LEU D 634 -10.16 60.44 -38.51
CA LEU D 634 -10.48 59.62 -39.68
C LEU D 634 -11.35 60.34 -40.69
N THR D 635 -12.04 61.40 -40.26
CA THR D 635 -12.99 62.09 -41.13
C THR D 635 -12.85 63.60 -41.09
N GLY D 636 -12.23 64.13 -40.04
CA GLY D 636 -12.10 65.57 -39.90
C GLY D 636 -13.28 66.22 -39.21
N GLU D 637 -14.31 65.44 -38.91
CA GLU D 637 -15.49 65.96 -38.23
C GLU D 637 -15.15 66.37 -36.81
N THR D 638 -15.80 67.42 -36.35
CA THR D 638 -15.61 67.91 -34.99
C THR D 638 -16.85 67.62 -34.14
N TYR D 639 -16.66 67.23 -32.89
CA TYR D 639 -17.77 67.00 -31.99
C TYR D 639 -17.53 67.70 -30.66
N HIS D 640 -18.57 67.81 -29.83
CA HIS D 640 -18.40 68.31 -28.46
C HIS D 640 -18.80 67.25 -27.47
N TRP D 641 -17.81 66.74 -26.76
CA TRP D 641 -17.96 65.61 -25.85
C TRP D 641 -17.77 65.94 -24.37
N GLY D 642 -18.65 65.38 -23.53
CA GLY D 642 -18.52 65.55 -22.10
C GLY D 642 -18.47 64.20 -21.40
N ARG D 643 -19.02 64.11 -20.18
CA ARG D 643 -18.90 62.85 -19.46
C ARG D 643 -19.73 61.71 -20.04
N ALA D 644 -20.69 62.02 -20.90
CA ALA D 644 -21.52 60.98 -21.49
C ALA D 644 -21.90 61.32 -22.92
N ASN D 645 -21.38 60.55 -23.85
CA ASN D 645 -21.52 60.86 -25.26
C ASN D 645 -22.07 59.70 -26.11
N TYR D 646 -23.00 60.03 -26.98
CA TYR D 646 -23.63 59.07 -27.88
C TYR D 646 -22.80 58.93 -29.15
N VAL D 647 -22.62 57.68 -29.56
CA VAL D 647 -21.92 57.33 -30.79
C VAL D 647 -22.71 56.28 -31.56
N ARG D 648 -22.62 56.38 -32.88
CA ARG D 648 -23.23 55.42 -33.79
C ARG D 648 -22.26 55.02 -34.89
N LEU D 649 -21.86 53.75 -34.87
CA LEU D 649 -20.83 53.26 -35.78
C LEU D 649 -21.32 52.19 -36.73
N GLU D 650 -21.28 52.54 -38.02
CA GLU D 650 -21.76 51.70 -39.10
C GLU D 650 -20.59 51.03 -39.81
N PRO D 651 -20.52 49.69 -39.74
CA PRO D 651 -19.39 48.96 -40.35
C PRO D 651 -19.31 49.17 -41.85
N GLY D 652 -18.10 49.44 -42.34
CA GLY D 652 -17.90 49.72 -43.75
C GLY D 652 -17.77 51.20 -44.01
N ARG D 653 -18.66 51.97 -43.40
CA ARG D 653 -18.65 53.42 -43.51
C ARG D 653 -17.61 53.97 -42.55
N THR D 654 -17.65 53.50 -41.31
CA THR D 654 -16.65 53.87 -40.33
C THR D 654 -16.56 52.82 -39.22
N PRO D 655 -15.34 52.33 -38.96
CA PRO D 655 -15.07 51.29 -37.97
C PRO D 655 -14.98 51.84 -36.56
N ALA D 656 -14.68 53.13 -36.45
CA ALA D 656 -14.23 53.70 -35.19
C ALA D 656 -14.16 55.21 -35.27
N HIS D 657 -14.12 55.86 -34.11
CA HIS D 657 -13.67 57.24 -34.03
C HIS D 657 -12.26 57.25 -33.47
N VAL D 658 -11.36 57.95 -34.16
CA VAL D 658 -10.04 58.18 -33.62
C VAL D 658 -9.86 59.68 -33.45
N CYS D 659 -10.16 60.15 -32.24
CA CYS D 659 -10.27 61.58 -31.97
C CYS D 659 -9.11 62.16 -31.18
N THR D 660 -8.72 63.39 -31.51
CA THR D 660 -7.79 64.10 -30.65
C THR D 660 -8.55 65.15 -29.84
N VAL D 661 -8.15 65.35 -28.59
CA VAL D 661 -8.73 66.40 -27.76
C VAL D 661 -8.19 67.82 -27.97
N LEU D 662 -9.08 68.74 -28.33
CA LEU D 662 -8.68 70.11 -28.65
C LEU D 662 -8.54 71.01 -27.41
N ARG D 663 -7.57 71.92 -27.45
CA ARG D 663 -7.16 72.79 -26.33
C ARG D 663 -5.75 73.32 -26.57
C20 9KJ E . 3.91 -45.39 -27.32
C2 9KJ E . 0.16 -46.47 -31.34
C3 9KJ E . 0.30 -48.00 -31.30
C4 9KJ E . 1.75 -48.43 -31.54
O4 9KJ E . 1.90 -49.85 -31.31
O6 9KJ E . 4.79 -46.87 -31.40
C6 9KJ E . 4.15 -48.06 -30.92
C5 9KJ E . 2.71 -47.65 -30.63
O5 9KJ E . 2.59 -46.23 -30.77
C1 9KJ E . 1.25 -45.73 -30.57
O1 9KJ E . 0.93 -45.79 -29.19
C07 9KJ E . 1.75 -44.85 -28.50
C08 9KJ E . 0.96 -43.65 -27.94
O09 9KJ E . 0.98 -42.53 -28.81
C10 9KJ E . 1.84 -43.38 -26.72
C11 9KJ E . 1.23 -42.28 -25.83
O12 9KJ E . 2.32 -41.51 -25.34
N13 9KJ E . 1.85 -44.72 -26.12
C14 9KJ E . 0.48 -45.21 -25.90
P15 9KJ E . -0.07 -44.91 -24.12
O16 9KJ E . -1.33 -44.06 -24.04
O17 9KJ E . 1.05 -44.21 -23.43
O18 9KJ E . -0.32 -46.24 -23.47
C19 9KJ E . 2.38 -45.50 -27.25
O21 9KJ E . 4.40 -45.63 -26.01
O2 9KJ E . -1.08 -46.13 -30.68
O3 9KJ E . -0.52 -48.57 -32.33
C20 9KJ F . -7.12 -34.03 41.47
C2 9KJ F . -12.08 -33.09 44.06
C3 9KJ F . -11.86 -31.57 44.18
C4 9KJ F . -10.59 -31.25 44.98
O4 9KJ F . -10.31 -29.84 44.94
O6 9KJ F . -7.71 -32.69 45.95
C6 9KJ F . -8.11 -31.62 45.10
C5 9KJ F . -9.41 -32.03 44.38
O5 9KJ F . -9.62 -33.44 44.45
C1 9KJ F . -10.80 -33.89 43.76
O1 9KJ F . -10.59 -33.85 42.35
C07 9KJ F . -9.46 -34.68 42.04
C08 9KJ F . -9.90 -36.02 41.40
O09 9KJ F . -9.82 -37.09 42.32
C10 9KJ F . -8.77 -36.15 40.36
C11 9KJ F . -9.07 -37.27 39.36
O12 9KJ F . -8.07 -38.27 39.53
N13 9KJ F . -8.75 -34.81 39.78
C14 9KJ F . -10.08 -34.48 39.22
P15 9KJ F . -10.02 -34.63 37.33
O16 9KJ F . -8.66 -35.22 37.01
O17 9KJ F . -10.14 -33.28 36.71
O18 9KJ F . -11.10 -35.54 36.81
C19 9KJ F . -8.59 -33.99 40.99
O21 9KJ F . -6.31 -33.50 40.44
O2 9KJ F . -12.98 -33.31 42.97
O3 9KJ F . -12.99 -30.99 44.83
C20 9KJ G . -1.35 51.01 25.41
C2 9KJ G . -6.39 52.62 26.96
C3 9KJ G . -5.96 54.09 26.94
C4 9KJ G . -4.79 54.33 27.91
O4 9KJ G . -4.35 55.70 27.82
O6 9KJ G . -2.43 52.93 29.58
C6 9KJ G . -2.41 53.72 28.39
C5 9KJ G . -3.66 53.37 27.55
O5 9KJ G . -4.04 52.01 27.72
C1 9KJ G . -5.23 51.61 26.99
O1 9KJ G . -4.90 51.26 25.64
C07 9KJ G . -3.77 50.39 25.66
C08 9KJ G . -4.07 48.99 25.09
O09 9KJ G . -4.07 47.99 26.09
C10 9KJ G . -2.85 48.81 24.19
C11 9KJ G . -3.01 47.64 23.21
O12 9KJ G . -1.99 46.69 23.51
N13 9KJ G . -2.75 50.12 23.54
C14 9KJ G . -3.98 50.43 22.81
P15 9KJ G . -3.77 50.03 20.98
O16 9KJ G . -4.67 48.84 20.64
O17 9KJ G . -2.34 49.67 20.73
O18 9KJ G . -4.17 51.22 20.16
C19 9KJ G . -2.72 51.00 24.71
O21 9KJ G . -0.35 51.05 24.40
O2 9KJ G . -7.14 52.39 25.75
O3 9KJ G . -7.07 54.91 27.31
C20 9KJ H . 9.73 28.19 -39.34
C2 9KJ H . 5.53 26.59 -42.77
C3 9KJ H . 5.80 25.09 -42.56
C4 9KJ H . 7.21 24.70 -43.04
O4 9KJ H . 7.48 23.32 -42.68
O6 9KJ H . 10.18 26.17 -43.71
C6 9KJ H . 9.65 25.19 -42.82
C5 9KJ H . 8.25 25.61 -42.38
O5 9KJ H . 8.02 27.00 -42.70
C1 9KJ H . 6.71 27.48 -42.34
O1 9KJ H . 6.59 27.65 -40.94
C07 9KJ H . 7.57 28.59 -40.53
C08 9KJ H . 6.97 29.99 -40.22
O09 9KJ H . 7.29 30.93 -41.24
C10 9KJ H . 7.74 30.34 -38.95
C11 9KJ H . 7.10 31.52 -38.24
O12 9KJ H . 8.03 32.61 -38.40
N13 9KJ H . 7.68 29.07 -38.19
C14 9KJ H . 6.27 28.72 -37.93
P15 9KJ H . 5.73 29.02 -36.14
O16 9KJ H . 4.24 29.36 -36.13
O17 9KJ H . 6.48 30.17 -35.54
O18 9KJ H . 5.98 27.78 -35.32
C19 9KJ H . 8.20 28.13 -39.19
O21 9KJ H . 10.30 28.37 -38.05
O2 9KJ H . 4.41 26.93 -41.92
O3 9KJ H . 4.82 24.35 -43.30
#